data_8Q04
#
_entry.id   8Q04
#
_cell.length_a   1.00
_cell.length_b   1.00
_cell.length_c   1.00
_cell.angle_alpha   90.00
_cell.angle_beta   90.00
_cell.angle_gamma   90.00
#
_symmetry.space_group_name_H-M   'P 1'
#
loop_
_entity.id
_entity.type
_entity.pdbx_description
1 polymer 'Ribulose bisphosphate carboxylase large chain'
2 polymer 'Ribulose bisphosphate carboxylase small subunit, chloroplastic'
3 water water
#
loop_
_entity_poly.entity_id
_entity_poly.type
_entity_poly.pdbx_seq_one_letter_code
_entity_poly.pdbx_strand_id
1 'polypeptide(L)'
;MAPQTETRAGAGFKAGVKDYRLTYYTPDYQPKDTDILAAFRMTPQPGVPPEEAGAAVAAESSTGTWTTVWTDGLTSLDRY
KGRCYDIEPVPGEENQYIAYIAYPLDLFEEGSVTNLFTSIVGNVFGFKALRALRLEDLRIPPAYVKTFQGPPHGIQVERD
KLNKYGRGLLGCTIKPKLGLSAKNYGRAVYECLRGGLDFTKDDENVNSQPFMRWRDRFLFVAEAIYKSQAETGEIKGHYL
NATAATAEEMLKRAECAKDLGVPIIMHDYLTGGFTANTSLAHYCRDNGLLLHIHRAMHAVIDRQRNHGIHFRVLAKALRL
SGGDHLHSGTVVGKLEGEREVTLGFVDLMRDDYIEKDRSRGIYFTQDWVSLPGTMPVASGGIHVWHMPALVEIFGDDACL
QFGGGTLGHPWGNAPGAAANRVALEACTQARNEGRDLAREGGDVIRAACKWSPELAAACEVWKEIKFEFETIDTL
;
A,B,D,F,H,J,L,N
2 'polypeptide(L)'
;MACTIAAVAPVAVRPVAATPLKQARNTFAARTVSNATIKKTTAMQVWTPLNNKFFETFSYLPPMTDAEISRQVDYIVSNG
WTPCLEFAGAESAYTSNENCVRMQNTTCLYYDNRYWTMWKLPMFGCTDGGQVLREVQACRRAFPDAYIRVVGFDPVRQVQ
VSGFLVNRPASVRDYQGPSTRSV
;
P,C,E,G,I,K,M,O
#
# COMPACT_ATOMS: atom_id res chain seq x y z
N LEU A 22 17.65 -13.64 -54.87
CA LEU A 22 16.88 -13.15 -53.74
C LEU A 22 17.13 -14.00 -52.50
N THR A 23 17.74 -13.38 -51.48
CA THR A 23 18.01 -14.11 -50.24
C THR A 23 16.75 -14.31 -49.42
N TYR A 24 15.67 -13.59 -49.73
CA TYR A 24 14.46 -13.59 -48.91
C TYR A 24 13.30 -14.32 -49.58
N TYR A 25 13.47 -14.79 -50.80
CA TYR A 25 12.49 -15.64 -51.47
C TYR A 25 13.08 -17.04 -51.55
N THR A 26 12.51 -17.97 -50.78
CA THR A 26 13.00 -19.34 -50.69
C THR A 26 11.85 -20.30 -50.97
N PRO A 27 11.52 -20.52 -52.24
CA PRO A 27 10.38 -21.39 -52.56
C PRO A 27 10.55 -22.83 -52.12
N ASP A 28 11.77 -23.27 -51.80
CA ASP A 28 11.99 -24.62 -51.31
C ASP A 28 11.94 -24.72 -49.80
N TYR A 29 11.69 -23.61 -49.10
CA TYR A 29 11.67 -23.63 -47.64
C TYR A 29 10.41 -24.29 -47.12
N GLN A 30 10.57 -25.14 -46.11
CA GLN A 30 9.45 -25.78 -45.45
C GLN A 30 9.21 -25.10 -44.11
N PRO A 31 8.06 -24.44 -43.92
CA PRO A 31 7.85 -23.71 -42.67
C PRO A 31 7.90 -24.63 -41.46
N LYS A 32 8.47 -24.13 -40.37
CA LYS A 32 8.61 -24.89 -39.15
C LYS A 32 7.30 -24.95 -38.39
N ASP A 33 7.24 -25.82 -37.38
CA ASP A 33 5.99 -25.97 -36.58
C ASP A 33 5.82 -24.75 -35.67
N THR A 34 6.87 -23.94 -35.50
CA THR A 34 6.80 -22.79 -34.63
C THR A 34 6.80 -21.47 -35.38
N ASP A 35 6.84 -21.49 -36.71
CA ASP A 35 6.82 -20.26 -37.48
C ASP A 35 5.45 -19.59 -37.42
N ILE A 36 5.45 -18.27 -37.41
CA ILE A 36 4.24 -17.49 -37.62
C ILE A 36 4.14 -17.22 -39.12
N LEU A 37 3.02 -17.59 -39.72
CA LEU A 37 2.84 -17.51 -41.15
C LEU A 37 1.81 -16.44 -41.48
N ALA A 38 2.10 -15.64 -42.50
CA ALA A 38 1.20 -14.62 -42.99
C ALA A 38 0.94 -14.85 -44.47
N ALA A 39 -0.29 -14.61 -44.90
CA ALA A 39 -0.68 -14.72 -46.30
C ALA A 39 -1.07 -13.33 -46.78
N PHE A 40 -0.19 -12.71 -47.55
CA PHE A 40 -0.40 -11.36 -48.06
C PHE A 40 -0.95 -11.42 -49.47
N ARG A 41 -2.03 -10.68 -49.72
CA ARG A 41 -2.54 -10.46 -51.07
C ARG A 41 -1.96 -9.14 -51.55
N MET A 42 -1.04 -9.23 -52.51
CA MET A 42 -0.32 -8.00 -52.95
C MET A 42 -0.45 -7.77 -54.45
N THR A 43 -0.57 -6.50 -54.85
CA THR A 43 -0.56 -6.11 -56.26
C THR A 43 0.66 -5.24 -56.51
N PRO A 44 1.73 -5.80 -57.08
CA PRO A 44 2.93 -4.99 -57.31
C PRO A 44 2.76 -4.01 -58.46
N GLN A 45 3.60 -2.98 -58.44
CA GLN A 45 3.59 -2.00 -59.52
C GLN A 45 4.03 -2.69 -60.81
N PRO A 46 3.55 -2.20 -61.96
CA PRO A 46 3.95 -2.83 -63.23
C PRO A 46 5.45 -2.76 -63.43
N GLY A 47 6.01 -3.87 -63.92
CA GLY A 47 7.43 -4.02 -64.07
C GLY A 47 8.11 -4.73 -62.91
N VAL A 48 7.46 -4.79 -61.76
CA VAL A 48 8.00 -5.47 -60.59
C VAL A 48 7.52 -6.92 -60.62
N PRO A 49 8.42 -7.90 -60.73
CA PRO A 49 7.98 -9.29 -60.71
C PRO A 49 7.43 -9.66 -59.35
N PRO A 50 6.48 -10.61 -59.29
CA PRO A 50 5.92 -10.99 -57.98
C PRO A 50 6.96 -11.52 -57.01
N GLU A 51 7.97 -12.21 -57.52
CA GLU A 51 9.03 -12.79 -56.63
C GLU A 51 9.75 -11.66 -55.92
N GLU A 52 10.06 -10.57 -56.62
CA GLU A 52 10.75 -9.43 -56.02
C GLU A 52 9.89 -8.77 -54.96
N ALA A 53 8.59 -8.63 -55.21
CA ALA A 53 7.70 -8.00 -54.24
C ALA A 53 7.56 -8.85 -52.98
N GLY A 54 7.38 -10.17 -53.16
CA GLY A 54 7.35 -11.04 -51.99
C GLY A 54 8.64 -11.01 -51.21
N ALA A 55 9.76 -10.94 -51.92
CA ALA A 55 11.08 -10.84 -51.23
C ALA A 55 11.10 -9.57 -50.37
N ALA A 56 10.59 -8.46 -50.90
CA ALA A 56 10.61 -7.17 -50.16
C ALA A 56 9.76 -7.28 -48.89
N VAL A 57 8.54 -7.82 -49.01
CA VAL A 57 7.64 -7.99 -47.82
C VAL A 57 8.35 -8.88 -46.81
N ALA A 58 8.97 -9.97 -47.27
CA ALA A 58 9.70 -10.88 -46.36
C ALA A 58 10.83 -10.12 -45.66
N ALA A 59 11.56 -9.29 -46.40
CA ALA A 59 12.69 -8.53 -45.81
C ALA A 59 12.16 -7.50 -44.81
N ARG A 79 18.67 -15.82 -39.75
CA ARG A 79 18.15 -16.58 -38.57
C ARG A 79 16.88 -15.91 -38.06
N TYR A 80 16.83 -14.56 -38.08
CA TYR A 80 15.64 -13.82 -37.63
C TYR A 80 15.00 -13.11 -38.82
N LYS A 81 15.32 -13.56 -40.02
CA LYS A 81 14.80 -12.88 -41.23
C LYS A 81 13.48 -13.52 -41.66
N GLY A 82 12.49 -12.70 -42.00
CA GLY A 82 11.25 -13.25 -42.54
C GLY A 82 11.51 -13.68 -43.98
N ARG A 83 10.90 -14.77 -44.44
CA ARG A 83 11.21 -15.23 -45.78
C ARG A 83 9.92 -15.60 -46.50
N CYS A 84 9.90 -15.30 -47.80
CA CYS A 84 8.80 -15.67 -48.66
C CYS A 84 9.05 -17.08 -49.17
N TYR A 85 8.20 -18.03 -48.77
CA TYR A 85 8.43 -19.45 -49.14
C TYR A 85 7.45 -19.90 -50.22
N ASP A 86 6.40 -19.12 -50.48
CA ASP A 86 5.40 -19.54 -51.45
C ASP A 86 4.72 -18.31 -52.04
N ILE A 87 4.51 -18.34 -53.36
CA ILE A 87 3.78 -17.30 -54.07
C ILE A 87 2.83 -17.98 -55.04
N GLU A 88 1.55 -17.64 -54.93
CA GLU A 88 0.55 -18.19 -55.87
C GLU A 88 -0.20 -17.02 -56.52
N PRO A 89 -0.40 -17.00 -57.84
CA PRO A 89 -1.22 -15.96 -58.47
C PRO A 89 -2.68 -16.13 -58.15
N VAL A 90 -3.40 -15.00 -58.13
CA VAL A 90 -4.83 -14.99 -57.86
C VAL A 90 -5.55 -15.23 -59.19
N PRO A 91 -6.29 -16.33 -59.35
CA PRO A 91 -7.01 -16.58 -60.60
C PRO A 91 -8.32 -15.78 -60.63
N GLY A 92 -8.32 -14.73 -61.44
CA GLY A 92 -9.49 -13.87 -61.51
C GLY A 92 -9.16 -12.40 -61.41
N GLU A 93 -7.96 -12.09 -60.92
CA GLU A 93 -7.48 -10.72 -60.78
C GLU A 93 -6.14 -10.58 -61.48
N GLU A 94 -5.97 -9.46 -62.18
CA GLU A 94 -4.74 -9.23 -62.92
C GLU A 94 -3.62 -8.75 -61.98
N ASN A 95 -2.43 -9.31 -62.17
CA ASN A 95 -1.24 -8.94 -61.40
C ASN A 95 -1.50 -9.02 -59.89
N GLN A 96 -2.17 -10.08 -59.46
CA GLN A 96 -2.49 -10.29 -58.05
C GLN A 96 -1.93 -11.62 -57.59
N TYR A 97 -1.16 -11.59 -56.51
CA TYR A 97 -0.53 -12.79 -55.98
C TYR A 97 -0.75 -12.87 -54.48
N ILE A 98 -0.75 -14.10 -53.98
CA ILE A 98 -0.76 -14.36 -52.55
C ILE A 98 0.66 -14.75 -52.14
N ALA A 99 1.25 -13.97 -51.24
CA ALA A 99 2.63 -14.23 -50.78
C ALA A 99 2.61 -14.81 -49.37
N TYR A 100 3.23 -15.97 -49.19
CA TYR A 100 3.25 -16.64 -47.85
C TYR A 100 4.58 -16.33 -47.17
N ILE A 101 4.54 -15.70 -45.99
CA ILE A 101 5.78 -15.31 -45.27
C ILE A 101 5.93 -16.12 -44.00
N ALA A 102 7.15 -16.57 -43.68
CA ALA A 102 7.41 -17.33 -42.48
C ALA A 102 8.30 -16.52 -41.55
N TYR A 103 7.82 -16.27 -40.33
CA TYR A 103 8.58 -15.54 -39.34
C TYR A 103 9.01 -16.47 -38.22
N PRO A 104 10.27 -16.42 -37.80
CA PRO A 104 10.70 -17.25 -36.67
C PRO A 104 10.00 -16.86 -35.38
N LEU A 105 9.78 -17.85 -34.53
CA LEU A 105 9.07 -17.62 -33.27
C LEU A 105 9.81 -16.67 -32.35
N ASP A 106 11.15 -16.61 -32.46
CA ASP A 106 11.99 -15.77 -31.57
C ASP A 106 11.78 -14.28 -31.85
N LEU A 107 11.07 -13.92 -32.91
CA LEU A 107 10.94 -12.53 -33.29
C LEU A 107 9.96 -11.75 -32.42
N PHE A 108 9.06 -12.43 -31.73
CA PHE A 108 7.93 -11.79 -31.08
C PHE A 108 8.02 -11.92 -29.56
N GLU A 109 7.35 -10.97 -28.89
CA GLU A 109 7.30 -10.99 -27.41
C GLU A 109 6.13 -11.89 -26.99
N GLU A 110 6.36 -12.74 -25.99
CA GLU A 110 5.34 -13.67 -25.52
C GLU A 110 4.09 -12.93 -25.07
N GLY A 111 2.94 -13.39 -25.53
CA GLY A 111 1.67 -12.85 -25.09
C GLY A 111 1.43 -11.40 -25.42
N SER A 112 1.95 -10.92 -26.54
CA SER A 112 1.85 -9.51 -26.91
C SER A 112 1.27 -9.40 -28.32
N VAL A 113 -0.02 -9.11 -28.42
CA VAL A 113 -0.63 -8.82 -29.71
C VAL A 113 -0.06 -7.54 -30.29
N THR A 114 0.23 -6.56 -29.44
CA THR A 114 0.82 -5.31 -29.88
C THR A 114 2.10 -5.56 -30.66
N ASN A 115 2.99 -6.38 -30.08
CA ASN A 115 4.29 -6.67 -30.76
C ASN A 115 4.03 -7.44 -32.06
N LEU A 116 3.12 -8.40 -32.03
CA LEU A 116 2.85 -9.18 -33.24
C LEU A 116 2.43 -8.26 -34.38
N PHE A 117 1.51 -7.33 -34.10
CA PHE A 117 1.08 -6.40 -35.15
C PHE A 117 2.18 -5.43 -35.53
N THR A 118 3.01 -5.02 -34.57
CA THR A 118 4.15 -4.16 -34.91
C THR A 118 5.12 -4.87 -35.84
N SER A 119 5.37 -6.16 -35.59
CA SER A 119 6.33 -6.88 -36.42
C SER A 119 5.76 -7.18 -37.80
N ILE A 120 4.52 -7.67 -37.87
CA ILE A 120 4.00 -8.15 -39.14
C ILE A 120 3.59 -7.00 -40.04
N VAL A 121 2.81 -6.07 -39.50
CA VAL A 121 2.25 -4.99 -40.37
C VAL A 121 2.70 -3.61 -39.90
N GLY A 122 3.84 -3.52 -39.20
CA GLY A 122 4.35 -2.22 -38.74
C GLY A 122 4.59 -1.26 -39.88
N ASN A 123 5.61 -1.51 -40.71
CA ASN A 123 5.85 -0.67 -41.87
C ASN A 123 6.04 -1.58 -43.08
N VAL A 124 4.93 -2.05 -43.64
CA VAL A 124 4.97 -2.79 -44.89
C VAL A 124 3.90 -2.33 -45.87
N PHE A 125 2.90 -1.61 -45.37
CA PHE A 125 1.81 -1.10 -46.25
C PHE A 125 2.26 0.19 -46.93
N GLY A 126 3.41 0.75 -46.52
CA GLY A 126 3.96 1.94 -47.12
C GLY A 126 5.03 1.68 -48.17
N PHE A 127 5.18 0.45 -48.64
CA PHE A 127 6.16 0.17 -49.68
C PHE A 127 5.69 0.71 -51.03
N LYS A 128 6.55 1.49 -51.68
CA LYS A 128 6.17 2.09 -52.99
C LYS A 128 6.08 1.00 -54.06
N ALA A 129 6.83 -0.10 -53.90
CA ALA A 129 6.85 -1.14 -54.92
C ALA A 129 5.52 -1.89 -55.01
N LEU A 130 4.62 -1.68 -54.08
CA LEU A 130 3.34 -2.38 -54.05
C LEU A 130 2.22 -1.38 -54.32
N ARG A 131 1.45 -1.62 -55.38
CA ARG A 131 0.28 -0.80 -55.62
C ARG A 131 -0.74 -0.97 -54.50
N ALA A 132 -0.99 -2.21 -54.09
CA ALA A 132 -1.90 -2.49 -52.98
C ALA A 132 -1.39 -3.72 -52.24
N LEU A 133 -1.68 -3.77 -50.94
CA LEU A 133 -1.26 -4.87 -50.09
C LEU A 133 -2.35 -5.16 -49.08
N ARG A 134 -2.67 -6.44 -48.89
CA ARG A 134 -3.75 -6.83 -47.95
C ARG A 134 -3.36 -8.10 -47.18
N LEU A 135 -3.23 -8.01 -45.86
CA LEU A 135 -3.00 -9.19 -45.04
C LEU A 135 -4.29 -9.98 -44.94
N GLU A 136 -4.25 -11.23 -45.39
CA GLU A 136 -5.45 -12.05 -45.45
C GLU A 136 -5.60 -12.99 -44.27
N ASP A 137 -4.50 -13.61 -43.83
CA ASP A 137 -4.58 -14.61 -42.78
C ASP A 137 -3.27 -14.65 -42.01
N LEU A 138 -3.34 -15.22 -40.81
CA LEU A 138 -2.17 -15.48 -39.99
C LEU A 138 -2.24 -16.93 -39.49
N ARG A 139 -1.08 -17.53 -39.32
CA ARG A 139 -0.97 -18.83 -38.66
C ARG A 139 -0.22 -18.63 -37.36
N ILE A 140 -0.95 -18.74 -36.24
CA ILE A 140 -0.34 -18.63 -34.91
C ILE A 140 0.04 -20.03 -34.46
N PRO A 141 1.33 -20.35 -34.35
CA PRO A 141 1.72 -21.68 -33.92
C PRO A 141 1.27 -21.93 -32.49
N PRO A 142 0.94 -23.18 -32.08
CA PRO A 142 0.57 -23.46 -30.69
C PRO A 142 1.60 -22.90 -29.69
N ALA A 143 2.89 -23.00 -30.00
CA ALA A 143 3.95 -22.50 -29.09
C ALA A 143 3.66 -21.04 -28.73
N TYR A 144 3.29 -20.23 -29.72
CA TYR A 144 2.93 -18.81 -29.45
C TYR A 144 1.58 -18.75 -28.74
N VAL A 145 0.60 -19.55 -29.19
CA VAL A 145 -0.72 -19.45 -28.58
C VAL A 145 -0.66 -19.69 -27.08
N LYS A 146 0.19 -20.64 -26.66
CA LYS A 146 0.26 -20.98 -25.24
C LYS A 146 0.78 -19.83 -24.39
N THR A 147 1.42 -18.83 -24.99
CA THR A 147 1.90 -17.69 -24.21
C THR A 147 0.82 -16.65 -23.94
N PHE A 148 -0.36 -16.81 -24.52
CA PHE A 148 -1.46 -15.88 -24.32
C PHE A 148 -2.47 -16.46 -23.35
N GLN A 149 -3.07 -15.58 -22.52
CA GLN A 149 -4.16 -16.01 -21.67
C GLN A 149 -5.41 -16.33 -22.47
N GLY A 150 -5.72 -15.53 -23.47
CA GLY A 150 -6.92 -15.71 -24.25
C GLY A 150 -8.12 -15.04 -23.61
N PRO A 151 -9.32 -15.41 -24.08
CA PRO A 151 -10.52 -14.81 -23.52
C PRO A 151 -10.66 -15.17 -22.06
N PRO A 152 -11.22 -14.28 -21.24
CA PRO A 152 -11.30 -14.54 -19.80
C PRO A 152 -12.08 -15.80 -19.45
N HIS A 153 -13.18 -16.05 -20.14
CA HIS A 153 -14.02 -17.21 -19.74
C HIS A 153 -14.19 -18.10 -20.97
N GLY A 154 -14.65 -17.53 -22.07
CA GLY A 154 -14.92 -18.34 -23.27
C GLY A 154 -16.41 -18.61 -23.39
N ILE A 155 -16.81 -19.42 -24.37
CA ILE A 155 -18.22 -19.67 -24.62
C ILE A 155 -18.80 -20.64 -23.58
N GLN A 156 -18.12 -21.75 -23.34
CA GLN A 156 -18.68 -22.77 -22.45
C GLN A 156 -18.76 -22.26 -21.02
N VAL A 157 -17.72 -21.59 -20.55
CA VAL A 157 -17.75 -21.03 -19.17
C VAL A 157 -18.83 -19.95 -19.10
N GLU A 158 -19.00 -19.16 -20.18
CA GLU A 158 -20.08 -18.14 -20.17
C GLU A 158 -21.42 -18.84 -20.00
N ARG A 159 -21.69 -19.87 -20.82
CA ARG A 159 -22.98 -20.59 -20.74
C ARG A 159 -23.18 -21.15 -19.33
N ASP A 160 -22.12 -21.73 -18.73
CA ASP A 160 -22.26 -22.31 -17.40
C ASP A 160 -22.56 -21.23 -16.36
N LYS A 161 -21.90 -20.08 -16.47
CA LYS A 161 -22.08 -18.99 -15.49
C LYS A 161 -23.50 -18.42 -15.63
N LEU A 162 -23.97 -18.24 -16.87
CA LEU A 162 -25.29 -17.66 -17.11
C LEU A 162 -26.39 -18.71 -17.06
N ASN A 163 -26.04 -20.00 -17.05
CA ASN A 163 -27.05 -21.10 -16.94
C ASN A 163 -28.02 -21.05 -18.13
N LYS A 164 -27.53 -20.70 -19.32
CA LYS A 164 -28.34 -20.66 -20.52
C LYS A 164 -27.76 -21.61 -21.54
N TYR A 165 -28.56 -22.58 -21.99
CA TYR A 165 -28.09 -23.63 -22.88
C TYR A 165 -29.06 -23.81 -24.04
N GLY A 166 -28.51 -24.27 -25.16
CA GLY A 166 -29.34 -24.72 -26.27
C GLY A 166 -29.96 -23.64 -27.12
N ARG A 167 -29.52 -22.40 -26.98
CA ARG A 167 -30.12 -21.32 -27.73
C ARG A 167 -29.13 -20.16 -27.82
N GLY A 168 -29.32 -19.32 -28.82
CA GLY A 168 -28.54 -18.12 -28.93
C GLY A 168 -28.93 -17.11 -27.87
N LEU A 169 -28.02 -16.18 -27.60
CA LEU A 169 -28.29 -15.12 -26.66
C LEU A 169 -28.84 -13.90 -27.39
N LEU A 170 -29.55 -13.06 -26.65
CA LEU A 170 -30.23 -11.90 -27.21
C LEU A 170 -29.79 -10.64 -26.50
N GLY A 171 -29.59 -9.57 -27.27
CA GLY A 171 -29.18 -8.31 -26.72
C GLY A 171 -29.81 -7.14 -27.46
N CYS A 172 -29.84 -5.99 -26.78
CA CYS A 172 -30.36 -4.77 -27.35
C CYS A 172 -29.42 -3.62 -27.06
N THR A 173 -29.36 -2.66 -27.98
CA THR A 173 -28.56 -1.43 -27.74
C THR A 173 -29.52 -0.33 -27.29
N ILE A 174 -29.35 0.17 -26.05
CA ILE A 174 -30.31 1.17 -25.51
C ILE A 174 -30.36 2.38 -26.44
N LYS A 175 -31.54 2.77 -26.91
CA LYS A 175 -31.69 3.89 -27.86
C LYS A 175 -32.72 4.88 -27.30
N PRO A 176 -32.44 6.21 -27.25
CA PRO A 176 -31.57 6.88 -28.23
C PRO A 176 -30.08 6.69 -27.94
N LYS A 177 -29.24 6.88 -28.96
CA LYS A 177 -27.77 6.67 -28.80
C LYS A 177 -27.24 7.56 -27.68
N LEU A 178 -27.55 8.85 -27.70
CA LEU A 178 -26.97 9.79 -26.69
C LEU A 178 -28.03 10.77 -26.18
N GLY A 179 -27.71 11.55 -25.15
CA GLY A 179 -28.65 12.54 -24.61
C GLY A 179 -29.44 12.02 -23.44
N LEU A 180 -29.59 10.70 -23.32
CA LEU A 180 -30.43 10.11 -22.25
C LEU A 180 -29.73 10.26 -20.90
N SER A 181 -30.49 10.57 -19.83
CA SER A 181 -29.90 10.65 -18.48
C SER A 181 -29.65 9.24 -17.94
N ALA A 182 -28.76 9.10 -16.96
CA ALA A 182 -28.45 7.78 -16.37
C ALA A 182 -29.74 7.11 -15.87
N LYS A 183 -30.63 7.89 -15.24
CA LYS A 183 -31.92 7.34 -14.74
C LYS A 183 -32.71 6.78 -15.92
N ASN A 184 -32.88 7.58 -16.98
CA ASN A 184 -33.68 7.12 -18.12
C ASN A 184 -32.99 5.97 -18.85
N TYR A 185 -31.66 6.00 -18.88
CA TYR A 185 -30.92 4.87 -19.48
C TYR A 185 -31.23 3.60 -18.67
N GLY A 186 -31.16 3.69 -17.34
CA GLY A 186 -31.48 2.53 -16.53
C GLY A 186 -32.91 2.06 -16.70
N ARG A 187 -33.84 3.01 -16.86
CA ARG A 187 -35.26 2.65 -17.06
C ARG A 187 -35.39 1.86 -18.36
N ALA A 188 -34.75 2.34 -19.44
CA ALA A 188 -34.80 1.63 -20.71
C ALA A 188 -34.17 0.24 -20.59
N VAL A 189 -33.06 0.14 -19.86
CA VAL A 189 -32.40 -1.15 -19.66
C VAL A 189 -33.35 -2.12 -18.95
N TYR A 190 -33.99 -1.66 -17.87
CA TYR A 190 -34.89 -2.53 -17.13
C TYR A 190 -36.08 -2.95 -17.97
N GLU A 191 -36.65 -2.02 -18.74
CA GLU A 191 -37.79 -2.35 -19.57
C GLU A 191 -37.44 -3.38 -20.62
N CYS A 192 -36.27 -3.24 -21.24
CA CYS A 192 -35.88 -4.19 -22.32
C CYS A 192 -35.51 -5.55 -21.71
N LEU A 193 -34.84 -5.56 -20.55
CA LEU A 193 -34.39 -6.85 -19.97
C LEU A 193 -35.58 -7.65 -19.42
N ARG A 194 -36.55 -6.98 -18.80
CA ARG A 194 -37.70 -7.68 -18.17
C ARG A 194 -38.51 -8.42 -19.24
N GLY A 195 -38.43 -7.98 -20.49
CA GLY A 195 -39.20 -8.60 -21.59
C GLY A 195 -38.73 -10.01 -21.89
N GLY A 196 -37.46 -10.31 -21.64
CA GLY A 196 -36.90 -11.65 -21.92
C GLY A 196 -35.53 -11.58 -22.58
N LEU A 197 -35.03 -10.37 -22.85
CA LEU A 197 -33.67 -10.22 -23.43
C LEU A 197 -32.64 -10.65 -22.39
N ASP A 198 -31.54 -11.26 -22.84
CA ASP A 198 -30.48 -11.74 -21.92
C ASP A 198 -29.51 -10.61 -21.63
N PHE A 199 -29.35 -9.67 -22.57
CA PHE A 199 -28.37 -8.61 -22.41
C PHE A 199 -28.91 -7.30 -22.94
N THR A 200 -28.38 -6.21 -22.40
CA THR A 200 -28.45 -4.89 -23.00
C THR A 200 -27.03 -4.34 -23.06
N LYS A 201 -26.84 -3.26 -23.79
CA LYS A 201 -25.45 -2.74 -23.95
C LYS A 201 -25.45 -1.21 -24.04
N ASP A 202 -24.35 -0.58 -23.59
CA ASP A 202 -24.23 0.90 -23.76
C ASP A 202 -23.93 1.17 -25.23
N ASP A 203 -24.27 2.35 -25.73
CA ASP A 203 -23.90 2.70 -27.12
C ASP A 203 -22.38 2.77 -27.23
N GLU A 204 -21.83 2.53 -28.42
CA GLU A 204 -20.38 2.48 -28.58
C GLU A 204 -19.72 3.79 -28.18
N ASN A 205 -20.40 4.92 -28.38
CA ASN A 205 -19.82 6.22 -28.06
C ASN A 205 -20.21 6.72 -26.67
N VAL A 206 -20.89 5.89 -25.89
CA VAL A 206 -21.29 6.25 -24.53
C VAL A 206 -20.20 5.74 -23.59
N ASN A 207 -19.36 6.66 -23.13
CA ASN A 207 -18.31 6.31 -22.15
C ASN A 207 -18.56 7.12 -20.89
N SER A 208 -18.42 8.45 -20.97
CA SER A 208 -18.63 9.34 -19.84
C SER A 208 -18.78 10.75 -20.39
N GLN A 209 -19.98 11.31 -20.29
CA GLN A 209 -20.22 12.62 -20.93
C GLN A 209 -20.93 13.54 -19.93
N PRO A 210 -20.96 14.88 -20.15
CA PRO A 210 -21.69 15.79 -19.25
C PRO A 210 -23.14 15.34 -19.07
N PHE A 211 -23.77 14.79 -20.12
CA PHE A 211 -25.20 14.41 -20.04
C PHE A 211 -25.37 13.17 -19.16
N MET A 212 -24.37 12.27 -19.14
CA MET A 212 -24.48 11.02 -18.37
C MET A 212 -23.10 10.56 -17.93
N ARG A 213 -22.71 10.88 -16.71
CA ARG A 213 -21.44 10.40 -16.18
C ARG A 213 -21.50 8.90 -15.99
N TRP A 214 -20.32 8.28 -15.98
CA TRP A 214 -20.25 6.83 -16.07
C TRP A 214 -20.70 6.14 -14.77
N ARG A 215 -20.39 6.73 -13.61
CA ARG A 215 -20.73 6.07 -12.36
C ARG A 215 -22.23 6.11 -12.09
N ASP A 216 -22.89 7.22 -12.44
CA ASP A 216 -24.34 7.26 -12.33
C ASP A 216 -24.98 6.19 -13.21
N ARG A 217 -24.49 6.06 -14.45
CA ARG A 217 -25.02 5.04 -15.35
C ARG A 217 -24.78 3.64 -14.79
N PHE A 218 -23.59 3.40 -14.23
CA PHE A 218 -23.30 2.07 -13.68
C PHE A 218 -24.27 1.75 -12.54
N LEU A 219 -24.51 2.70 -11.65
CA LEU A 219 -25.41 2.46 -10.53
C LEU A 219 -26.85 2.22 -10.98
N PHE A 220 -27.36 3.07 -11.89
CA PHE A 220 -28.74 2.89 -12.33
C PHE A 220 -28.91 1.61 -13.13
N VAL A 221 -27.91 1.25 -13.95
CA VAL A 221 -27.97 0.02 -14.70
C VAL A 221 -27.91 -1.18 -13.77
N ALA A 222 -27.13 -1.09 -12.69
CA ALA A 222 -27.09 -2.17 -11.71
C ALA A 222 -28.46 -2.37 -11.05
N GLU A 223 -29.11 -1.26 -10.68
CA GLU A 223 -30.45 -1.37 -10.11
C GLU A 223 -31.42 -2.00 -11.11
N ALA A 224 -31.34 -1.58 -12.36
CA ALA A 224 -32.22 -2.13 -13.38
C ALA A 224 -31.97 -3.61 -13.61
N ILE A 225 -30.70 -4.01 -13.66
CA ILE A 225 -30.35 -5.42 -13.85
C ILE A 225 -30.92 -6.25 -12.71
N TYR A 226 -30.75 -5.78 -11.48
CA TYR A 226 -31.22 -6.56 -10.35
C TYR A 226 -32.74 -6.62 -10.29
N LYS A 227 -33.41 -5.52 -10.64
CA LYS A 227 -34.87 -5.54 -10.70
C LYS A 227 -35.38 -6.54 -11.74
N SER A 228 -34.77 -6.53 -12.94
CA SER A 228 -35.20 -7.45 -13.98
C SER A 228 -34.90 -8.89 -13.60
N GLN A 229 -33.77 -9.13 -12.93
CA GLN A 229 -33.46 -10.47 -12.46
C GLN A 229 -34.51 -10.96 -11.46
N ALA A 230 -34.84 -10.12 -10.49
CA ALA A 230 -35.84 -10.52 -9.50
C ALA A 230 -37.19 -10.77 -10.16
N GLU A 231 -37.56 -9.95 -11.14
CA GLU A 231 -38.87 -10.10 -11.76
C GLU A 231 -38.96 -11.36 -12.60
N THR A 232 -37.96 -11.61 -13.45
CA THR A 232 -38.07 -12.74 -14.37
C THR A 232 -37.51 -14.04 -13.81
N GLY A 233 -36.57 -13.96 -12.86
CA GLY A 233 -35.93 -15.15 -12.35
C GLY A 233 -34.79 -15.68 -13.18
N GLU A 234 -34.46 -15.03 -14.29
CA GLU A 234 -33.32 -15.39 -15.12
C GLU A 234 -32.18 -14.42 -14.87
N ILE A 235 -30.95 -14.92 -15.04
CA ILE A 235 -29.78 -14.07 -14.87
C ILE A 235 -29.72 -13.09 -16.03
N LYS A 236 -29.56 -11.81 -15.67
CA LYS A 236 -29.54 -10.74 -16.71
C LYS A 236 -28.18 -10.06 -16.68
N GLY A 237 -27.93 -9.18 -17.65
CA GLY A 237 -26.67 -8.47 -17.75
C GLY A 237 -26.78 -7.29 -18.69
N HIS A 238 -25.80 -6.40 -18.57
CA HIS A 238 -25.70 -5.22 -19.42
C HIS A 238 -24.24 -4.95 -19.73
N TYR A 239 -23.91 -4.80 -21.01
CA TYR A 239 -22.51 -4.53 -21.43
C TYR A 239 -22.12 -3.11 -21.01
N LEU A 240 -21.55 -2.96 -19.81
CA LEU A 240 -21.16 -1.62 -19.32
C LEU A 240 -19.86 -1.19 -20.02
N ASN A 241 -19.87 -0.01 -20.65
CA ASN A 241 -18.68 0.43 -21.44
C ASN A 241 -17.57 0.88 -20.49
N ALA A 242 -16.44 0.16 -20.47
CA ALA A 242 -15.30 0.56 -19.68
C ALA A 242 -14.27 1.36 -20.48
N THR A 243 -14.51 1.56 -21.77
CA THR A 243 -13.55 2.25 -22.62
C THR A 243 -13.31 3.66 -22.12
N ALA A 244 -12.04 4.01 -21.91
CA ALA A 244 -11.72 5.26 -21.25
C ALA A 244 -10.44 5.83 -21.86
N ALA A 245 -10.08 7.03 -21.39
CA ALA A 245 -8.88 7.72 -21.91
C ALA A 245 -7.59 7.04 -21.42
N THR A 246 -7.51 6.72 -20.13
CA THR A 246 -6.27 6.13 -19.57
C THR A 246 -6.56 4.73 -19.04
N ALA A 247 -5.55 3.86 -19.04
CA ALA A 247 -5.74 2.48 -18.55
C ALA A 247 -6.21 2.54 -17.10
N GLU A 248 -5.73 3.51 -16.35
CA GLU A 248 -6.13 3.63 -14.95
C GLU A 248 -7.62 3.87 -14.82
N GLU A 249 -8.17 4.77 -15.64
CA GLU A 249 -9.60 5.04 -15.62
C GLU A 249 -10.40 3.82 -16.07
N MET A 250 -9.91 3.11 -17.08
CA MET A 250 -10.59 1.90 -17.55
C MET A 250 -10.63 0.83 -16.47
N LEU A 251 -9.51 0.64 -15.78
CA LEU A 251 -9.49 -0.32 -14.67
C LEU A 251 -10.37 0.14 -13.52
N LYS A 252 -10.48 1.44 -13.29
CA LYS A 252 -11.38 1.93 -12.25
C LYS A 252 -12.84 1.63 -12.59
N ARG A 253 -13.22 1.80 -13.86
CA ARG A 253 -14.59 1.47 -14.26
C ARG A 253 -14.84 -0.03 -14.16
N ALA A 254 -13.86 -0.85 -14.55
CA ALA A 254 -13.99 -2.29 -14.36
C ALA A 254 -14.13 -2.64 -12.89
N GLU A 255 -13.39 -1.94 -12.03
CA GLU A 255 -13.45 -2.16 -10.60
C GLU A 255 -14.81 -1.81 -10.03
N CYS A 256 -15.41 -0.71 -10.51
CA CYS A 256 -16.76 -0.37 -10.10
C CYS A 256 -17.75 -1.44 -10.51
N ALA A 257 -17.63 -1.94 -11.74
CA ALA A 257 -18.52 -3.01 -12.18
C ALA A 257 -18.35 -4.25 -11.32
N LYS A 258 -17.11 -4.58 -10.95
CA LYS A 258 -16.86 -5.70 -10.07
C LYS A 258 -17.46 -5.48 -8.69
N ASP A 259 -17.40 -4.25 -8.20
CA ASP A 259 -17.94 -3.93 -6.83
C ASP A 259 -19.47 -3.96 -6.84
N LEU A 260 -20.11 -3.66 -7.97
CA LEU A 260 -21.56 -3.78 -8.07
C LEU A 260 -22.03 -5.22 -8.21
N GLY A 261 -21.15 -6.15 -8.55
CA GLY A 261 -21.54 -7.53 -8.76
C GLY A 261 -22.20 -7.82 -10.09
N VAL A 262 -22.20 -6.85 -11.00
CA VAL A 262 -22.82 -7.00 -12.31
C VAL A 262 -21.99 -7.99 -13.14
N PRO A 263 -22.57 -8.65 -14.13
CA PRO A 263 -21.85 -9.74 -14.79
C PRO A 263 -20.81 -9.35 -15.84
N ILE A 264 -21.01 -8.29 -16.62
CA ILE A 264 -20.27 -8.12 -17.87
C ILE A 264 -19.97 -6.64 -18.13
N ILE A 265 -18.84 -6.40 -18.80
CA ILE A 265 -18.44 -5.07 -19.26
C ILE A 265 -18.12 -5.14 -20.75
N MET A 266 -17.81 -3.99 -21.33
CA MET A 266 -17.58 -3.83 -22.76
C MET A 266 -16.31 -3.03 -22.99
N HIS A 267 -15.67 -3.26 -24.15
CA HIS A 267 -14.46 -2.53 -24.50
C HIS A 267 -14.38 -2.36 -26.01
N ASP A 268 -13.81 -1.24 -26.45
CA ASP A 268 -13.52 -0.96 -27.85
C ASP A 268 -12.05 -1.21 -28.09
N TYR A 269 -11.71 -2.39 -28.59
CA TYR A 269 -10.31 -2.78 -28.64
C TYR A 269 -9.53 -2.12 -29.77
N LEU A 270 -10.19 -1.81 -30.88
CA LEU A 270 -9.45 -1.24 -32.04
C LEU A 270 -9.21 0.26 -31.82
N THR A 271 -9.97 0.88 -30.92
CA THR A 271 -9.76 2.32 -30.62
C THR A 271 -9.00 2.47 -29.29
N GLY A 272 -9.32 1.63 -28.29
CA GLY A 272 -8.60 1.65 -27.01
C GLY A 272 -7.19 1.11 -27.17
N GLY A 273 -7.02 0.08 -28.01
CA GLY A 273 -5.69 -0.50 -28.25
C GLY A 273 -5.55 -1.90 -27.67
N PHE A 274 -4.66 -2.70 -28.25
CA PHE A 274 -4.46 -4.11 -27.77
C PHE A 274 -3.88 -4.09 -26.36
N THR A 275 -2.99 -3.14 -26.08
CA THR A 275 -2.35 -3.06 -24.73
C THR A 275 -3.44 -2.85 -23.68
N ALA A 276 -4.36 -1.91 -23.91
CA ALA A 276 -5.48 -1.66 -22.97
C ALA A 276 -6.38 -2.89 -22.91
N ASN A 277 -6.68 -3.49 -24.06
CA ASN A 277 -7.57 -4.68 -24.10
C ASN A 277 -6.95 -5.81 -23.28
N THR A 278 -5.65 -6.09 -23.48
CA THR A 278 -5.03 -7.20 -22.77
C THR A 278 -5.06 -6.96 -21.27
N SER A 279 -4.84 -5.72 -20.84
CA SER A 279 -4.96 -5.41 -19.41
C SER A 279 -6.38 -5.70 -18.92
N LEU A 280 -7.38 -5.27 -19.67
CA LEU A 280 -8.76 -5.50 -19.25
C LEU A 280 -9.11 -6.98 -19.23
N ALA A 281 -8.61 -7.75 -20.21
CA ALA A 281 -8.89 -9.17 -20.23
C ALA A 281 -8.23 -9.90 -19.06
N HIS A 282 -7.00 -9.51 -18.72
CA HIS A 282 -6.36 -10.09 -17.54
C HIS A 282 -7.13 -9.75 -16.28
N TYR A 283 -7.59 -8.51 -16.17
CA TYR A 283 -8.39 -8.11 -15.01
C TYR A 283 -9.68 -8.92 -14.93
N CYS A 284 -10.36 -9.10 -16.07
CA CYS A 284 -11.62 -9.82 -16.09
C CYS A 284 -11.44 -11.28 -15.72
N ARG A 285 -10.34 -11.90 -16.18
CA ARG A 285 -10.03 -13.25 -15.74
C ARG A 285 -9.78 -13.30 -14.24
N ASP A 286 -9.05 -12.32 -13.71
CA ASP A 286 -8.73 -12.30 -12.28
C ASP A 286 -9.97 -12.12 -11.42
N ASN A 287 -10.94 -11.35 -11.88
CA ASN A 287 -12.06 -10.97 -11.02
C ASN A 287 -13.39 -11.59 -11.45
N GLY A 288 -13.38 -12.52 -12.39
CA GLY A 288 -14.58 -13.20 -12.81
C GLY A 288 -15.61 -12.33 -13.51
N LEU A 289 -15.18 -11.48 -14.44
CA LEU A 289 -16.07 -10.64 -15.22
C LEU A 289 -16.05 -11.09 -16.68
N LEU A 290 -17.21 -11.02 -17.31
CA LEU A 290 -17.29 -11.31 -18.76
C LEU A 290 -16.86 -10.04 -19.49
N LEU A 291 -16.41 -10.17 -20.74
CA LEU A 291 -15.87 -9.06 -21.51
C LEU A 291 -16.43 -9.09 -22.93
N HIS A 292 -17.28 -8.12 -23.26
CA HIS A 292 -17.79 -7.97 -24.61
C HIS A 292 -16.93 -6.98 -25.36
N ILE A 293 -16.59 -7.32 -26.60
CA ILE A 293 -15.66 -6.53 -27.41
C ILE A 293 -16.40 -5.97 -28.60
N HIS A 294 -16.32 -4.66 -28.78
CA HIS A 294 -16.90 -3.97 -29.92
C HIS A 294 -15.79 -3.52 -30.85
N ARG A 295 -15.99 -3.72 -32.15
CA ARG A 295 -14.97 -3.45 -33.15
C ARG A 295 -15.20 -2.09 -33.81
N ALA A 296 -15.07 -1.04 -33.00
CA ALA A 296 -15.15 0.31 -33.53
C ALA A 296 -13.94 0.61 -34.41
N MET A 297 -14.17 1.33 -35.51
CA MET A 297 -13.06 1.75 -36.42
C MET A 297 -12.51 0.56 -37.23
N HIS A 298 -13.27 -0.54 -37.31
CA HIS A 298 -12.78 -1.75 -38.01
C HIS A 298 -12.80 -1.52 -39.53
N ALA A 299 -13.87 -0.90 -40.05
CA ALA A 299 -14.02 -0.70 -41.51
C ALA A 299 -12.89 0.18 -42.04
N VAL A 300 -12.28 1.00 -41.18
CA VAL A 300 -11.14 1.84 -41.63
C VAL A 300 -9.98 0.92 -42.02
N ILE A 301 -9.98 -0.33 -41.56
CA ILE A 301 -8.83 -1.25 -41.85
C ILE A 301 -9.27 -2.49 -42.64
N ASP A 302 -10.52 -2.93 -42.50
CA ASP A 302 -10.93 -4.22 -43.13
C ASP A 302 -12.02 -4.06 -44.19
N ARG A 303 -12.20 -2.86 -44.77
CA ARG A 303 -13.33 -2.71 -45.72
C ARG A 303 -12.84 -2.93 -47.17
N GLN A 304 -11.78 -2.23 -47.58
CA GLN A 304 -11.34 -2.34 -48.96
C GLN A 304 -10.66 -3.68 -49.23
N ARG A 305 -11.04 -4.29 -50.36
CA ARG A 305 -10.52 -5.61 -50.71
C ARG A 305 -9.04 -5.59 -51.06
N ASN A 306 -8.52 -4.46 -51.54
CA ASN A 306 -7.11 -4.43 -52.03
C ASN A 306 -6.13 -4.02 -50.94
N HIS A 307 -6.57 -3.22 -49.98
CA HIS A 307 -5.66 -2.69 -48.97
C HIS A 307 -6.22 -2.94 -47.58
N GLY A 308 -5.32 -3.18 -46.63
CA GLY A 308 -5.71 -3.30 -45.23
C GLY A 308 -5.48 -4.67 -44.62
N ILE A 309 -6.16 -4.94 -43.52
CA ILE A 309 -6.06 -6.21 -42.82
C ILE A 309 -7.46 -6.81 -42.76
N HIS A 310 -7.60 -8.05 -43.22
CA HIS A 310 -8.90 -8.70 -43.22
C HIS A 310 -9.41 -8.90 -41.80
N PHE A 311 -10.73 -8.78 -41.61
CA PHE A 311 -11.30 -8.87 -40.24
C PHE A 311 -10.90 -10.18 -39.55
N ARG A 312 -10.69 -11.25 -40.31
CA ARG A 312 -10.37 -12.55 -39.68
C ARG A 312 -9.08 -12.43 -38.87
N VAL A 313 -8.11 -11.66 -39.36
CA VAL A 313 -6.83 -11.45 -38.62
C VAL A 313 -7.13 -10.65 -37.35
N LEU A 314 -7.99 -9.64 -37.45
CA LEU A 314 -8.37 -8.82 -36.27
C LEU A 314 -9.13 -9.70 -35.27
N ALA A 315 -9.97 -10.62 -35.77
CA ALA A 315 -10.72 -11.55 -34.89
C ALA A 315 -9.74 -12.48 -34.16
N LYS A 316 -8.71 -12.96 -34.86
CA LYS A 316 -7.71 -13.86 -34.23
C LYS A 316 -6.88 -13.06 -33.22
N ALA A 317 -6.56 -11.81 -33.55
CA ALA A 317 -5.84 -10.96 -32.60
C ALA A 317 -6.68 -10.69 -31.36
N LEU A 318 -7.99 -10.54 -31.55
CA LEU A 318 -8.89 -10.31 -30.39
C LEU A 318 -8.95 -11.58 -29.54
N ARG A 319 -9.08 -12.75 -30.17
CA ARG A 319 -9.15 -13.99 -29.42
C ARG A 319 -7.87 -14.22 -28.63
N LEU A 320 -6.72 -13.88 -29.22
CA LEU A 320 -5.47 -13.97 -28.48
C LEU A 320 -5.43 -12.98 -27.32
N SER A 321 -5.75 -11.72 -27.60
CA SER A 321 -5.69 -10.70 -26.56
C SER A 321 -6.72 -10.95 -25.47
N GLY A 322 -7.92 -11.38 -25.85
CA GLY A 322 -8.94 -11.68 -24.88
C GLY A 322 -10.26 -10.98 -25.14
N GLY A 323 -11.33 -11.76 -25.24
CA GLY A 323 -12.68 -11.24 -25.30
C GLY A 323 -13.70 -12.35 -25.34
N ASP A 324 -14.74 -12.26 -24.50
CA ASP A 324 -15.75 -13.31 -24.47
C ASP A 324 -16.73 -13.19 -25.63
N HIS A 325 -17.08 -11.95 -25.99
CA HIS A 325 -17.90 -11.68 -27.15
C HIS A 325 -17.13 -10.77 -28.09
N LEU A 326 -17.45 -10.87 -29.38
CA LEU A 326 -16.83 -9.97 -30.38
C LEU A 326 -17.85 -9.65 -31.47
N HIS A 327 -18.33 -8.42 -31.52
CA HIS A 327 -19.26 -7.99 -32.56
C HIS A 327 -18.68 -8.36 -33.92
N SER A 328 -19.31 -9.29 -34.62
CA SER A 328 -18.70 -9.93 -35.77
C SER A 328 -19.41 -9.68 -37.09
N GLY A 329 -20.59 -9.07 -37.09
CA GLY A 329 -21.28 -8.86 -38.35
C GLY A 329 -22.49 -7.98 -38.18
N THR A 330 -22.98 -7.45 -39.30
CA THR A 330 -24.21 -6.62 -39.28
C THR A 330 -25.29 -7.33 -40.09
N VAL A 331 -26.57 -7.14 -39.73
CA VAL A 331 -27.68 -7.88 -40.41
C VAL A 331 -28.60 -6.89 -41.14
N VAL A 332 -28.05 -5.75 -41.60
CA VAL A 332 -28.86 -4.79 -42.39
C VAL A 332 -29.62 -5.56 -43.48
N GLY A 333 -30.95 -5.59 -43.41
CA GLY A 333 -31.71 -6.39 -44.35
C GLY A 333 -31.49 -7.87 -44.09
N LYS A 334 -30.26 -8.33 -44.34
CA LYS A 334 -29.90 -9.74 -44.04
C LYS A 334 -28.43 -9.75 -43.59
N LEU A 335 -27.91 -10.89 -43.13
CA LEU A 335 -26.46 -10.93 -42.78
C LEU A 335 -25.67 -10.47 -44.00
N GLU A 336 -24.90 -9.38 -43.86
CA GLU A 336 -24.15 -8.81 -45.01
C GLU A 336 -22.80 -9.52 -45.17
N GLY A 337 -22.20 -9.43 -46.36
CA GLY A 337 -20.89 -10.07 -46.61
C GLY A 337 -21.05 -11.50 -47.10
N GLU A 338 -20.05 -12.02 -47.82
CA GLU A 338 -20.09 -13.44 -48.29
C GLU A 338 -20.35 -14.34 -47.08
N ARG A 339 -21.34 -15.24 -47.19
CA ARG A 339 -21.66 -16.17 -46.07
C ARG A 339 -20.41 -17.01 -45.74
N GLU A 340 -19.75 -17.56 -46.75
CA GLU A 340 -18.59 -18.46 -46.51
C GLU A 340 -17.51 -17.72 -45.71
N VAL A 341 -17.22 -16.47 -46.10
CA VAL A 341 -16.21 -15.66 -45.37
C VAL A 341 -16.65 -15.50 -43.91
N THR A 342 -17.92 -15.14 -43.70
CA THR A 342 -18.46 -14.98 -42.33
C THR A 342 -18.30 -16.30 -41.58
N LEU A 343 -18.76 -17.40 -42.18
CA LEU A 343 -18.67 -18.73 -41.53
C LEU A 343 -17.20 -19.02 -41.21
N GLY A 344 -16.29 -18.70 -42.14
CA GLY A 344 -14.86 -18.96 -41.92
C GLY A 344 -14.35 -18.26 -40.68
N PHE A 345 -14.59 -16.96 -40.54
CA PHE A 345 -14.02 -16.22 -39.37
C PHE A 345 -14.83 -16.56 -38.12
N VAL A 346 -16.09 -16.97 -38.27
CA VAL A 346 -16.89 -17.41 -37.09
C VAL A 346 -16.26 -18.72 -36.59
N ASP A 347 -15.98 -19.65 -37.51
CA ASP A 347 -15.33 -20.88 -37.10
C ASP A 347 -13.93 -20.61 -36.54
N LEU A 348 -13.22 -19.66 -37.14
CA LEU A 348 -11.88 -19.34 -36.67
C LEU A 348 -11.91 -18.77 -35.25
N MET A 349 -12.94 -18.00 -34.93
CA MET A 349 -13.06 -17.41 -33.61
C MET A 349 -13.81 -18.30 -32.61
N ARG A 350 -14.40 -19.41 -33.05
CA ARG A 350 -15.17 -20.29 -32.18
C ARG A 350 -14.49 -21.63 -31.94
N ASP A 351 -14.13 -22.35 -32.99
CA ASP A 351 -13.69 -23.73 -32.87
C ASP A 351 -12.27 -23.81 -32.32
N ASP A 352 -11.84 -25.03 -31.97
CA ASP A 352 -10.48 -25.24 -31.43
C ASP A 352 -9.53 -25.61 -32.58
N TYR A 353 -10.04 -26.20 -33.65
CA TYR A 353 -9.16 -26.66 -34.75
C TYR A 353 -9.84 -26.37 -36.09
N ILE A 354 -9.29 -25.42 -36.85
CA ILE A 354 -9.89 -25.03 -38.16
C ILE A 354 -8.92 -25.42 -39.26
N GLU A 355 -9.32 -26.37 -40.11
CA GLU A 355 -8.44 -26.84 -41.23
C GLU A 355 -8.44 -25.79 -42.35
N LYS A 356 -7.38 -25.76 -43.16
CA LYS A 356 -7.27 -24.79 -44.27
C LYS A 356 -8.46 -24.95 -45.22
N ASP A 357 -9.14 -23.85 -45.55
CA ASP A 357 -10.28 -23.90 -46.50
C ASP A 357 -10.29 -22.59 -47.29
N ARG A 358 -9.71 -22.57 -48.49
CA ARG A 358 -9.59 -21.31 -49.27
C ARG A 358 -10.98 -20.84 -49.70
N SER A 359 -11.95 -21.75 -49.81
CA SER A 359 -13.34 -21.36 -50.17
C SER A 359 -13.91 -20.39 -49.12
N ARG A 360 -13.58 -20.62 -47.85
CA ARG A 360 -14.13 -19.76 -46.76
C ARG A 360 -13.07 -18.73 -46.31
N GLY A 361 -11.91 -18.71 -46.98
CA GLY A 361 -10.88 -17.69 -46.68
C GLY A 361 -9.89 -18.16 -45.62
N ILE A 362 -9.92 -19.44 -45.27
CA ILE A 362 -8.91 -19.98 -44.31
C ILE A 362 -7.65 -20.35 -45.10
N TYR A 363 -6.58 -19.54 -44.99
CA TYR A 363 -5.36 -19.78 -45.78
C TYR A 363 -4.43 -20.75 -45.03
N PHE A 364 -4.71 -21.00 -43.74
CA PHE A 364 -3.83 -21.87 -42.94
C PHE A 364 -4.62 -22.67 -41.90
N THR A 365 -4.17 -23.88 -41.58
CA THR A 365 -4.79 -24.63 -40.50
C THR A 365 -4.44 -23.97 -39.17
N GLN A 366 -5.46 -23.69 -38.36
CA GLN A 366 -5.27 -22.97 -37.10
C GLN A 366 -5.59 -23.91 -35.94
N ASP A 367 -4.58 -24.27 -35.17
CA ASP A 367 -4.74 -25.02 -33.94
C ASP A 367 -4.74 -24.03 -32.79
N TRP A 368 -5.78 -24.07 -31.97
CA TRP A 368 -5.93 -23.14 -30.87
C TRP A 368 -5.48 -23.72 -29.53
N VAL A 369 -5.02 -24.98 -29.52
CA VAL A 369 -4.60 -25.73 -28.34
C VAL A 369 -5.39 -25.34 -27.09
N SER A 370 -6.70 -25.51 -27.15
CA SER A 370 -7.61 -25.39 -26.01
C SER A 370 -7.74 -23.98 -25.48
N LEU A 371 -7.41 -22.97 -26.30
CA LEU A 371 -7.72 -21.60 -25.94
C LEU A 371 -9.23 -21.40 -25.97
N PRO A 372 -9.79 -20.69 -25.00
CA PRO A 372 -11.25 -20.49 -24.98
C PRO A 372 -11.74 -19.78 -26.23
N GLY A 373 -12.89 -20.22 -26.73
CA GLY A 373 -13.45 -19.59 -27.90
C GLY A 373 -14.17 -18.29 -27.59
N THR A 374 -14.34 -17.49 -28.64
CA THR A 374 -15.03 -16.20 -28.55
C THR A 374 -16.40 -16.32 -29.19
N MET A 375 -17.42 -15.78 -28.52
CA MET A 375 -18.77 -15.86 -29.04
C MET A 375 -19.01 -14.75 -30.05
N PRO A 376 -19.37 -15.06 -31.29
CA PRO A 376 -19.66 -14.00 -32.25
C PRO A 376 -21.00 -13.33 -31.94
N VAL A 377 -21.02 -12.01 -32.13
CA VAL A 377 -22.25 -11.21 -31.88
C VAL A 377 -22.69 -10.55 -33.19
N ALA A 378 -23.81 -10.98 -33.75
CA ALA A 378 -24.37 -10.40 -34.96
C ALA A 378 -25.38 -9.33 -34.57
N SER A 379 -25.12 -8.09 -34.98
CA SER A 379 -25.98 -6.96 -34.55
C SER A 379 -26.67 -6.32 -35.76
N GLY A 380 -27.46 -5.29 -35.53
CA GLY A 380 -28.11 -4.56 -36.64
C GLY A 380 -29.62 -4.71 -36.62
N GLY A 381 -30.25 -4.64 -37.80
CA GLY A 381 -31.69 -4.75 -37.89
C GLY A 381 -32.19 -6.18 -37.94
N ILE A 382 -32.17 -6.85 -36.78
CA ILE A 382 -32.65 -8.25 -36.70
C ILE A 382 -34.18 -8.24 -36.61
N HIS A 383 -34.87 -8.29 -37.75
CA HIS A 383 -36.33 -8.32 -37.72
C HIS A 383 -36.81 -9.71 -37.37
N VAL A 384 -38.06 -9.79 -36.91
CA VAL A 384 -38.58 -11.03 -36.34
C VAL A 384 -38.57 -12.15 -37.39
N TRP A 385 -39.05 -11.85 -38.60
CA TRP A 385 -39.08 -12.87 -39.64
C TRP A 385 -37.71 -13.21 -40.19
N HIS A 386 -36.67 -12.48 -39.82
CA HIS A 386 -35.31 -12.80 -40.24
C HIS A 386 -34.56 -13.64 -39.22
N MET A 387 -35.18 -13.91 -38.06
CA MET A 387 -34.54 -14.77 -37.07
C MET A 387 -34.23 -16.18 -37.55
N PRO A 388 -35.10 -16.87 -38.30
CA PRO A 388 -34.74 -18.24 -38.73
C PRO A 388 -33.45 -18.31 -39.54
N ALA A 389 -33.22 -17.33 -40.42
CA ALA A 389 -32.01 -17.34 -41.23
C ALA A 389 -30.76 -17.24 -40.37
N LEU A 390 -30.76 -16.31 -39.41
CA LEU A 390 -29.59 -16.14 -38.57
C LEU A 390 -29.40 -17.31 -37.61
N VAL A 391 -30.49 -17.90 -37.13
CA VAL A 391 -30.38 -19.08 -36.28
C VAL A 391 -29.77 -20.23 -37.07
N GLU A 392 -30.17 -20.39 -38.34
CA GLU A 392 -29.58 -21.43 -39.16
C GLU A 392 -28.10 -21.15 -39.44
N ILE A 393 -27.75 -19.90 -39.73
CA ILE A 393 -26.35 -19.57 -40.11
C ILE A 393 -25.42 -19.66 -38.89
N PHE A 394 -25.84 -19.18 -37.74
CA PHE A 394 -24.94 -19.10 -36.59
C PHE A 394 -25.08 -20.28 -35.63
N GLY A 395 -26.28 -20.79 -35.45
CA GLY A 395 -26.49 -21.86 -34.50
C GLY A 395 -26.81 -21.34 -33.11
N ASP A 396 -26.41 -22.07 -32.08
CA ASP A 396 -26.69 -21.67 -30.71
C ASP A 396 -25.59 -20.81 -30.10
N ASP A 397 -24.35 -20.96 -30.56
CA ASP A 397 -23.22 -20.27 -29.93
C ASP A 397 -23.01 -18.89 -30.57
N ALA A 398 -24.00 -18.04 -30.42
CA ALA A 398 -23.90 -16.67 -30.91
C ALA A 398 -24.90 -15.81 -30.17
N CYS A 399 -24.64 -14.50 -30.18
CA CYS A 399 -25.55 -13.51 -29.61
C CYS A 399 -26.11 -12.66 -30.74
N LEU A 400 -27.44 -12.65 -30.83
CA LEU A 400 -28.12 -11.80 -31.83
C LEU A 400 -28.42 -10.48 -31.13
N GLN A 401 -27.99 -9.36 -31.73
CA GLN A 401 -28.11 -8.06 -31.09
C GLN A 401 -29.09 -7.19 -31.87
N PHE A 402 -30.05 -6.61 -31.16
CA PHE A 402 -31.00 -5.68 -31.77
C PHE A 402 -30.50 -4.26 -31.57
N GLY A 403 -29.42 -3.95 -32.32
CA GLY A 403 -28.78 -2.65 -32.23
C GLY A 403 -29.66 -1.52 -32.71
N GLY A 404 -30.75 -1.83 -33.41
CA GLY A 404 -31.71 -0.80 -33.74
C GLY A 404 -32.51 -0.30 -32.56
N GLY A 405 -32.35 -0.91 -31.38
CA GLY A 405 -33.11 -0.49 -30.23
C GLY A 405 -34.52 -0.98 -30.18
N THR A 406 -34.85 -1.89 -31.12
CA THR A 406 -36.24 -2.42 -31.26
C THR A 406 -37.22 -1.24 -31.40
N LEU A 407 -38.12 -1.08 -30.42
CA LEU A 407 -39.08 0.06 -30.41
C LEU A 407 -40.10 -0.05 -31.55
N GLY A 408 -39.91 -1.00 -32.47
CA GLY A 408 -40.87 -1.18 -33.54
C GLY A 408 -42.15 -1.86 -33.11
N HIS A 409 -42.14 -2.42 -31.90
CA HIS A 409 -43.36 -3.10 -31.37
C HIS A 409 -44.30 -2.02 -30.83
N PRO A 410 -45.56 -1.93 -31.33
CA PRO A 410 -46.48 -0.85 -30.91
C PRO A 410 -46.79 -0.86 -29.43
N TRP A 411 -46.60 -1.99 -28.74
CA TRP A 411 -47.00 -2.06 -27.34
C TRP A 411 -45.95 -1.46 -26.41
N GLY A 412 -44.68 -1.76 -26.63
CA GLY A 412 -43.63 -1.20 -25.81
C GLY A 412 -42.33 -1.97 -25.99
N ASN A 413 -41.35 -1.58 -25.16
CA ASN A 413 -40.04 -2.23 -25.21
C ASN A 413 -40.11 -3.66 -24.68
N ALA A 414 -40.74 -3.84 -23.52
CA ALA A 414 -40.83 -5.18 -22.89
C ALA A 414 -41.56 -6.19 -23.79
N PRO A 415 -42.78 -5.94 -24.33
CA PRO A 415 -43.42 -6.90 -25.24
C PRO A 415 -42.60 -7.15 -26.51
N GLY A 416 -41.92 -6.12 -27.03
CA GLY A 416 -41.05 -6.31 -28.20
C GLY A 416 -39.94 -7.29 -27.88
N ALA A 417 -39.34 -7.16 -26.70
CA ALA A 417 -38.28 -8.10 -26.26
C ALA A 417 -38.88 -9.50 -26.16
N ALA A 418 -40.08 -9.61 -25.60
CA ALA A 418 -40.74 -10.92 -25.45
C ALA A 418 -40.97 -11.54 -26.83
N ALA A 419 -41.51 -10.74 -27.76
CA ALA A 419 -41.76 -11.24 -29.13
C ALA A 419 -40.45 -11.81 -29.68
N ASN A 420 -39.37 -11.05 -29.57
CA ASN A 420 -38.05 -11.52 -30.09
C ASN A 420 -37.69 -12.84 -29.39
N ARG A 421 -37.81 -12.89 -28.06
CA ARG A 421 -37.46 -14.11 -27.35
C ARG A 421 -38.32 -15.29 -27.79
N VAL A 422 -39.62 -15.04 -27.96
CA VAL A 422 -40.53 -16.09 -28.41
C VAL A 422 -40.14 -16.57 -29.80
N ALA A 423 -39.81 -15.64 -30.69
CA ALA A 423 -39.42 -16.03 -32.05
C ALA A 423 -38.13 -16.84 -32.03
N LEU A 424 -37.14 -16.42 -31.26
CA LEU A 424 -35.89 -17.15 -31.20
C LEU A 424 -36.10 -18.55 -30.64
N GLU A 425 -36.88 -18.67 -29.57
CA GLU A 425 -37.12 -19.99 -28.98
C GLU A 425 -37.91 -20.88 -29.92
N ALA A 426 -38.89 -20.33 -30.64
CA ALA A 426 -39.65 -21.13 -31.59
C ALA A 426 -38.77 -21.61 -32.73
N CYS A 427 -37.90 -20.75 -33.25
CA CYS A 427 -36.98 -21.16 -34.31
C CYS A 427 -36.03 -22.24 -33.81
N THR A 428 -35.51 -22.09 -32.60
CA THR A 428 -34.61 -23.11 -32.05
C THR A 428 -35.33 -24.43 -31.88
N GLN A 429 -36.56 -24.40 -31.38
CA GLN A 429 -37.32 -25.64 -31.20
C GLN A 429 -37.58 -26.31 -32.55
N ALA A 430 -37.95 -25.52 -33.56
CA ALA A 430 -38.16 -26.09 -34.89
C ALA A 430 -36.90 -26.70 -35.45
N ARG A 431 -35.76 -26.03 -35.28
CA ARG A 431 -34.50 -26.58 -35.77
C ARG A 431 -34.15 -27.88 -35.06
N ASN A 432 -34.42 -27.95 -33.76
CA ASN A 432 -34.13 -29.17 -33.01
C ASN A 432 -35.00 -30.34 -33.45
N GLU A 433 -36.18 -30.07 -34.01
CA GLU A 433 -37.08 -31.12 -34.45
C GLU A 433 -36.71 -31.70 -35.81
N GLY A 434 -35.71 -31.14 -36.48
CA GLY A 434 -35.35 -31.59 -37.81
C GLY A 434 -35.89 -30.75 -38.93
N ARG A 435 -36.51 -29.62 -38.64
CA ARG A 435 -37.03 -28.73 -39.67
C ARG A 435 -35.89 -28.02 -40.39
N ASP A 436 -36.16 -27.67 -41.65
CA ASP A 436 -35.21 -26.90 -42.46
C ASP A 436 -35.59 -25.43 -42.34
N LEU A 437 -34.83 -24.68 -41.55
CA LEU A 437 -35.21 -23.31 -41.23
C LEU A 437 -35.23 -22.43 -42.47
N ALA A 438 -34.25 -22.60 -43.37
CA ALA A 438 -34.18 -21.78 -44.57
C ALA A 438 -35.39 -21.95 -45.46
N ARG A 439 -36.16 -23.03 -45.29
CA ARG A 439 -37.35 -23.27 -46.09
C ARG A 439 -38.65 -23.10 -45.32
N GLU A 440 -38.65 -23.24 -44.00
CA GLU A 440 -39.88 -23.18 -43.21
C GLU A 440 -39.82 -22.10 -42.13
N GLY A 441 -38.96 -21.09 -42.29
CA GLY A 441 -38.87 -20.04 -41.29
C GLY A 441 -40.16 -19.26 -41.15
N GLY A 442 -40.80 -18.92 -42.29
CA GLY A 442 -42.06 -18.21 -42.23
C GLY A 442 -43.16 -19.03 -41.57
N ASP A 443 -43.22 -20.33 -41.89
CA ASP A 443 -44.21 -21.20 -41.27
C ASP A 443 -44.00 -21.28 -39.77
N VAL A 444 -42.74 -21.41 -39.34
CA VAL A 444 -42.46 -21.49 -37.91
C VAL A 444 -42.83 -20.18 -37.22
N ILE A 445 -42.50 -19.05 -37.85
CA ILE A 445 -42.83 -17.75 -37.26
C ILE A 445 -44.34 -17.59 -37.13
N ARG A 446 -45.07 -17.96 -38.19
CA ARG A 446 -46.56 -17.85 -38.16
C ARG A 446 -47.10 -18.75 -37.05
N ALA A 447 -46.63 -20.00 -36.97
CA ALA A 447 -47.14 -20.92 -35.97
C ALA A 447 -46.89 -20.41 -34.56
N ALA A 448 -45.72 -19.81 -34.35
CA ALA A 448 -45.43 -19.21 -33.02
C ALA A 448 -46.36 -18.01 -32.78
N CYS A 449 -46.61 -17.23 -33.83
CA CYS A 449 -47.46 -16.05 -33.70
C CYS A 449 -48.91 -16.44 -33.41
N LYS A 450 -49.31 -17.64 -33.82
CA LYS A 450 -50.72 -18.08 -33.62
C LYS A 450 -51.06 -18.10 -32.12
N TRP A 451 -50.07 -18.31 -31.26
CA TRP A 451 -50.34 -18.44 -29.80
C TRP A 451 -49.70 -17.30 -29.01
N SER A 452 -48.89 -16.45 -29.66
CA SER A 452 -48.21 -15.39 -28.93
C SER A 452 -48.82 -14.04 -29.28
N PRO A 453 -49.61 -13.44 -28.38
CA PRO A 453 -50.13 -12.09 -28.66
C PRO A 453 -49.03 -11.07 -28.85
N GLU A 454 -47.92 -11.20 -28.11
CA GLU A 454 -46.82 -10.24 -28.26
C GLU A 454 -46.19 -10.35 -29.63
N LEU A 455 -45.97 -11.58 -30.12
CA LEU A 455 -45.44 -11.76 -31.46
C LEU A 455 -46.45 -11.39 -32.54
N ALA A 456 -47.75 -11.46 -32.24
CA ALA A 456 -48.76 -11.06 -33.22
C ALA A 456 -48.65 -9.57 -33.55
N ALA A 457 -48.43 -8.74 -32.54
CA ALA A 457 -48.23 -7.32 -32.77
C ALA A 457 -46.86 -7.02 -33.36
N ALA A 458 -45.96 -7.99 -33.31
CA ALA A 458 -44.59 -7.79 -33.87
C ALA A 458 -44.55 -8.28 -35.31
N CYS A 459 -45.25 -9.39 -35.60
CA CYS A 459 -45.23 -9.96 -36.94
C CYS A 459 -45.96 -9.09 -37.96
N GLU A 460 -46.78 -8.14 -37.51
CA GLU A 460 -47.46 -7.23 -38.42
C GLU A 460 -46.54 -6.07 -38.80
N GLN B 45 -50.73 -3.69 -25.15
CA GLN B 45 -50.77 -4.58 -23.96
C GLN B 45 -49.50 -4.35 -23.13
N VAL B 46 -49.53 -4.77 -21.86
CA VAL B 46 -48.36 -4.50 -20.96
C VAL B 46 -47.82 -5.83 -20.41
N TRP B 47 -46.54 -6.12 -20.62
CA TRP B 47 -45.91 -7.34 -20.04
C TRP B 47 -46.16 -7.32 -18.53
N THR B 48 -46.78 -8.37 -17.99
CA THR B 48 -47.14 -8.38 -16.54
C THR B 48 -45.88 -8.62 -15.71
N PRO B 49 -45.58 -7.82 -14.66
CA PRO B 49 -44.44 -8.07 -13.78
C PRO B 49 -44.86 -8.87 -12.55
N LEU B 50 -46.10 -9.37 -12.53
CA LEU B 50 -46.62 -10.09 -11.34
C LEU B 50 -46.68 -11.59 -11.65
N ASN B 51 -46.04 -12.42 -10.83
CA ASN B 51 -46.10 -13.90 -11.01
C ASN B 51 -45.80 -14.26 -12.47
N ASN B 52 -44.71 -13.73 -13.03
CA ASN B 52 -44.32 -14.05 -14.42
C ASN B 52 -42.87 -14.53 -14.41
N LYS B 53 -42.60 -15.65 -13.72
CA LYS B 53 -41.22 -16.20 -13.65
C LYS B 53 -40.94 -17.05 -14.89
N PHE B 54 -39.67 -17.17 -15.28
CA PHE B 54 -39.31 -17.96 -16.45
C PHE B 54 -38.08 -18.79 -16.14
N PHE B 55 -37.88 -19.87 -16.91
CA PHE B 55 -36.77 -20.81 -16.62
C PHE B 55 -35.89 -21.02 -17.86
N GLU B 56 -35.35 -19.93 -18.42
CA GLU B 56 -34.37 -20.03 -19.54
C GLU B 56 -34.95 -20.68 -20.82
N THR B 57 -34.28 -21.68 -21.36
CA THR B 57 -34.65 -22.26 -22.69
C THR B 57 -36.09 -22.79 -22.78
N PHE B 58 -36.77 -22.47 -23.88
CA PHE B 58 -38.11 -22.97 -24.18
C PHE B 58 -39.14 -22.60 -23.12
N SER B 59 -38.79 -21.71 -22.20
CA SER B 59 -39.73 -21.29 -21.16
C SER B 59 -40.77 -20.30 -21.67
N TYR B 60 -40.50 -19.63 -22.79
CA TYR B 60 -41.42 -18.67 -23.38
C TYR B 60 -42.36 -19.29 -24.41
N LEU B 61 -42.22 -20.56 -24.69
CA LEU B 61 -43.17 -21.29 -25.50
C LEU B 61 -44.28 -21.85 -24.62
N PRO B 62 -45.46 -22.24 -25.17
CA PRO B 62 -46.49 -22.89 -24.35
C PRO B 62 -45.94 -24.19 -23.75
N PRO B 63 -46.50 -24.70 -22.63
CA PRO B 63 -45.98 -25.91 -21.98
C PRO B 63 -45.85 -27.04 -23.02
N MET B 64 -44.69 -27.70 -23.05
CA MET B 64 -44.46 -28.73 -24.09
C MET B 64 -45.24 -30.02 -23.77
N THR B 65 -45.81 -30.66 -24.79
CA THR B 65 -46.52 -31.90 -24.60
C THR B 65 -45.53 -33.07 -24.54
N ASP B 66 -46.06 -34.27 -24.34
CA ASP B 66 -45.21 -35.45 -24.26
C ASP B 66 -44.48 -35.70 -25.57
N ALA B 67 -45.17 -35.50 -26.70
CA ALA B 67 -44.53 -35.69 -28.01
C ALA B 67 -43.42 -34.66 -28.23
N GLU B 68 -43.64 -33.40 -27.83
CA GLU B 68 -42.62 -32.39 -28.02
C GLU B 68 -41.41 -32.65 -27.14
N ILE B 69 -41.64 -33.04 -25.89
CA ILE B 69 -40.51 -33.39 -25.00
C ILE B 69 -39.76 -34.56 -25.65
N SER B 70 -40.51 -35.57 -26.11
CA SER B 70 -39.87 -36.73 -26.73
C SER B 70 -39.01 -36.33 -27.92
N ARG B 71 -39.51 -35.42 -28.75
CA ARG B 71 -38.72 -34.97 -29.90
C ARG B 71 -37.47 -34.21 -29.47
N GLN B 72 -37.57 -33.40 -28.42
CA GLN B 72 -36.40 -32.71 -27.92
C GLN B 72 -35.37 -33.68 -27.36
N VAL B 73 -35.82 -34.69 -26.64
CA VAL B 73 -34.90 -35.69 -26.10
C VAL B 73 -34.27 -36.50 -27.22
N ASP B 74 -35.04 -36.80 -28.26
CA ASP B 74 -34.48 -37.48 -29.44
C ASP B 74 -33.43 -36.61 -30.12
N TYR B 75 -33.65 -35.31 -30.17
CA TYR B 75 -32.63 -34.42 -30.72
C TYR B 75 -31.36 -34.45 -29.89
N ILE B 76 -31.51 -34.46 -28.56
CA ILE B 76 -30.33 -34.54 -27.69
C ILE B 76 -29.59 -35.84 -27.91
N VAL B 77 -30.33 -36.95 -28.00
CA VAL B 77 -29.71 -38.27 -28.17
C VAL B 77 -29.04 -38.37 -29.54
N SER B 78 -29.67 -37.79 -30.56
CA SER B 78 -29.13 -37.87 -31.94
C SER B 78 -27.73 -37.25 -31.99
N ASN B 79 -27.53 -36.12 -31.30
CA ASN B 79 -26.24 -35.45 -31.32
C ASN B 79 -25.15 -36.24 -30.61
N GLY B 80 -25.51 -37.31 -29.92
CA GLY B 80 -24.55 -38.07 -29.14
C GLY B 80 -24.48 -37.68 -27.68
N TRP B 81 -25.44 -36.90 -27.20
CA TRP B 81 -25.42 -36.37 -25.84
C TRP B 81 -26.29 -37.20 -24.92
N THR B 82 -26.05 -37.05 -23.62
CA THR B 82 -26.78 -37.80 -22.60
C THR B 82 -27.85 -36.93 -21.98
N PRO B 83 -29.11 -37.35 -21.98
CA PRO B 83 -30.15 -36.58 -21.28
C PRO B 83 -30.35 -37.06 -19.84
N CYS B 84 -30.59 -36.09 -18.96
CA CYS B 84 -30.89 -36.36 -17.56
C CYS B 84 -31.99 -35.40 -17.11
N LEU B 85 -32.44 -35.61 -15.87
CA LEU B 85 -33.57 -34.80 -15.35
C LEU B 85 -33.15 -34.05 -14.09
N GLU B 86 -33.48 -32.76 -14.05
CA GLU B 86 -33.23 -31.95 -12.83
C GLU B 86 -34.59 -31.53 -12.28
N PHE B 87 -34.70 -31.37 -10.96
CA PHE B 87 -35.94 -30.94 -10.34
C PHE B 87 -35.63 -30.07 -9.13
N ALA B 88 -36.54 -29.14 -8.85
CA ALA B 88 -36.40 -28.28 -7.68
C ALA B 88 -37.78 -27.77 -7.29
N GLY B 89 -38.02 -27.70 -5.98
CA GLY B 89 -39.23 -27.08 -5.49
C GLY B 89 -39.20 -25.58 -5.65
N ALA B 90 -40.32 -24.94 -5.32
CA ALA B 90 -40.46 -23.51 -5.53
C ALA B 90 -39.50 -22.71 -4.68
N GLU B 91 -39.06 -23.25 -3.54
CA GLU B 91 -38.15 -22.52 -2.67
C GLU B 91 -36.73 -22.47 -3.20
N SER B 92 -36.34 -23.39 -4.08
CA SER B 92 -34.98 -23.41 -4.62
C SER B 92 -34.99 -23.51 -6.14
N ALA B 93 -35.97 -22.89 -6.78
CA ALA B 93 -36.07 -22.93 -8.23
C ALA B 93 -35.54 -21.67 -8.90
N TYR B 94 -35.75 -20.51 -8.31
CA TYR B 94 -35.35 -19.23 -8.88
C TYR B 94 -33.98 -18.82 -8.33
N THR B 95 -33.26 -18.04 -9.12
CA THR B 95 -31.96 -17.53 -8.70
C THR B 95 -32.12 -16.59 -7.51
N SER B 96 -31.11 -16.59 -6.64
CA SER B 96 -31.16 -15.80 -5.43
C SER B 96 -29.75 -15.45 -4.99
N ASN B 97 -29.66 -14.49 -4.09
CA ASN B 97 -28.40 -14.01 -3.53
C ASN B 97 -28.30 -14.31 -2.04
N GLU B 98 -28.77 -15.48 -1.62
CA GLU B 98 -28.86 -15.76 -0.19
C GLU B 98 -27.48 -15.95 0.43
N ASN B 99 -26.54 -16.54 -0.31
CA ASN B 99 -25.21 -16.83 0.23
C ASN B 99 -24.20 -15.74 -0.06
N CYS B 100 -24.58 -14.69 -0.77
CA CYS B 100 -23.67 -13.58 -1.03
C CYS B 100 -23.27 -12.87 0.25
N VAL B 101 -24.02 -13.05 1.34
CA VAL B 101 -23.67 -12.45 2.62
C VAL B 101 -22.38 -13.01 3.19
N ARG B 102 -21.94 -14.18 2.74
CA ARG B 102 -20.72 -14.80 3.23
C ARG B 102 -19.48 -14.42 2.43
N MET B 103 -19.61 -13.58 1.42
CA MET B 103 -18.53 -13.34 0.47
C MET B 103 -18.03 -11.90 0.55
N GLN B 104 -16.76 -11.76 0.18
CA GLN B 104 -16.16 -10.41 0.14
C GLN B 104 -15.58 -10.23 -1.25
N ASN B 105 -14.82 -9.15 -1.44
CA ASN B 105 -14.17 -8.84 -2.71
C ASN B 105 -15.16 -8.62 -3.83
N THR B 106 -15.84 -9.67 -4.26
CA THR B 106 -16.83 -9.55 -5.32
C THR B 106 -17.79 -10.73 -5.26
N THR B 107 -18.96 -10.55 -5.87
CA THR B 107 -19.92 -11.63 -6.09
C THR B 107 -20.27 -11.78 -7.56
N CYS B 108 -19.42 -11.27 -8.45
CA CYS B 108 -19.70 -11.30 -9.88
C CYS B 108 -19.85 -12.74 -10.36
N LEU B 109 -20.92 -12.99 -11.13
CA LEU B 109 -21.15 -14.33 -11.75
C LEU B 109 -21.49 -15.40 -10.70
N TYR B 110 -21.79 -15.00 -9.46
CA TYR B 110 -22.25 -15.96 -8.47
C TYR B 110 -23.74 -15.77 -8.25
N TYR B 111 -24.49 -16.85 -8.40
CA TYR B 111 -25.92 -16.84 -8.13
C TYR B 111 -26.30 -18.19 -7.52
N ASP B 112 -27.22 -18.14 -6.58
CA ASP B 112 -27.71 -19.36 -5.94
C ASP B 112 -28.80 -20.00 -6.77
N ASN B 113 -29.04 -21.28 -6.51
CA ASN B 113 -30.06 -22.09 -7.17
C ASN B 113 -29.80 -22.30 -8.66
N ARG B 114 -28.58 -22.01 -9.13
CA ARG B 114 -28.24 -22.40 -10.49
C ARG B 114 -28.23 -23.92 -10.62
N TYR B 115 -27.73 -24.60 -9.59
CA TYR B 115 -27.80 -26.06 -9.53
C TYR B 115 -29.17 -26.52 -9.06
N TRP B 116 -29.76 -27.45 -9.79
CA TRP B 116 -30.92 -28.17 -9.32
C TRP B 116 -30.46 -29.55 -8.83
N THR B 117 -31.43 -30.41 -8.52
CA THR B 117 -31.09 -31.77 -8.00
C THR B 117 -31.26 -32.79 -9.12
N MET B 118 -30.27 -33.66 -9.31
CA MET B 118 -30.33 -34.69 -10.39
C MET B 118 -31.39 -35.74 -10.02
N TRP B 119 -32.12 -36.23 -11.02
CA TRP B 119 -33.19 -37.23 -10.78
C TRP B 119 -32.69 -38.61 -11.21
N CYS B 126 -31.22 -43.19 -19.59
CA CYS B 126 -30.75 -42.15 -20.49
C CYS B 126 -30.34 -42.75 -21.83
N THR B 127 -31.30 -43.35 -22.54
CA THR B 127 -31.03 -43.99 -23.83
C THR B 127 -31.86 -43.43 -24.97
N ASP B 128 -33.10 -43.01 -24.72
CA ASP B 128 -34.00 -42.58 -25.79
C ASP B 128 -35.07 -41.67 -25.19
N GLY B 129 -35.95 -41.18 -26.06
CA GLY B 129 -37.00 -40.28 -25.61
C GLY B 129 -38.01 -40.94 -24.70
N GLY B 130 -38.38 -42.19 -24.99
CA GLY B 130 -39.38 -42.87 -24.19
C GLY B 130 -38.95 -43.07 -22.75
N GLN B 131 -37.69 -43.46 -22.54
CA GLN B 131 -37.20 -43.65 -21.17
C GLN B 131 -37.18 -42.35 -20.39
N VAL B 132 -36.74 -41.27 -21.03
CA VAL B 132 -36.71 -39.97 -20.35
C VAL B 132 -38.13 -39.50 -20.06
N LEU B 133 -39.08 -39.78 -20.96
CA LEU B 133 -40.47 -39.45 -20.68
C LEU B 133 -41.02 -40.24 -19.50
N ARG B 134 -40.69 -41.53 -19.43
CA ARG B 134 -41.12 -42.33 -18.29
C ARG B 134 -40.53 -41.78 -16.99
N GLU B 135 -39.26 -41.39 -17.03
CA GLU B 135 -38.64 -40.77 -15.86
C GLU B 135 -39.28 -39.44 -15.52
N VAL B 136 -39.74 -38.70 -16.52
CA VAL B 136 -40.44 -37.44 -16.27
C VAL B 136 -41.73 -37.68 -15.52
N GLN B 137 -42.51 -38.68 -15.96
CA GLN B 137 -43.72 -39.04 -15.23
C GLN B 137 -43.40 -39.54 -13.81
N ALA B 138 -42.34 -40.32 -13.66
CA ALA B 138 -41.96 -40.79 -12.33
C ALA B 138 -41.60 -39.62 -11.41
N CYS B 139 -40.83 -38.65 -11.93
CA CYS B 139 -40.47 -37.49 -11.14
C CYS B 139 -41.70 -36.65 -10.81
N ARG B 140 -42.63 -36.54 -11.76
CA ARG B 140 -43.88 -35.82 -11.51
C ARG B 140 -44.65 -36.46 -10.37
N ARG B 141 -44.77 -37.79 -10.38
CA ARG B 141 -45.49 -38.48 -9.31
C ARG B 141 -44.78 -38.32 -7.98
N ALA B 142 -43.44 -38.45 -7.97
CA ALA B 142 -42.69 -38.40 -6.72
C ALA B 142 -42.68 -36.99 -6.13
N PHE B 143 -42.49 -35.99 -6.99
CA PHE B 143 -42.43 -34.58 -6.55
C PHE B 143 -43.41 -33.75 -7.38
N PRO B 144 -44.72 -33.72 -7.02
CA PRO B 144 -45.72 -33.00 -7.83
C PRO B 144 -45.58 -31.48 -7.77
N ASP B 145 -44.95 -30.96 -6.72
CA ASP B 145 -44.84 -29.48 -6.55
C ASP B 145 -43.44 -29.02 -6.96
N ALA B 146 -42.79 -29.74 -7.87
CA ALA B 146 -41.40 -29.39 -8.26
C ALA B 146 -41.29 -29.14 -9.76
N TYR B 147 -40.51 -28.13 -10.16
CA TYR B 147 -40.27 -27.90 -11.60
C TYR B 147 -39.28 -28.97 -12.09
N ILE B 148 -39.53 -29.53 -13.27
CA ILE B 148 -38.61 -30.56 -13.84
C ILE B 148 -37.87 -29.95 -15.03
N ARG B 149 -36.56 -30.19 -15.12
CA ARG B 149 -35.74 -29.62 -16.23
C ARG B 149 -34.94 -30.73 -16.91
N VAL B 150 -35.00 -30.81 -18.24
CA VAL B 150 -34.23 -31.80 -18.98
C VAL B 150 -32.88 -31.19 -19.32
N VAL B 151 -31.81 -31.87 -18.93
CA VAL B 151 -30.45 -31.39 -19.18
C VAL B 151 -29.75 -32.33 -20.15
N GLY B 152 -28.82 -31.78 -20.90
CA GLY B 152 -28.02 -32.56 -21.84
C GLY B 152 -26.55 -32.43 -21.50
N PHE B 153 -25.81 -33.54 -21.65
CA PHE B 153 -24.37 -33.52 -21.31
C PHE B 153 -23.58 -34.14 -22.46
N ASP B 154 -22.63 -33.39 -23.04
CA ASP B 154 -21.75 -33.95 -24.09
C ASP B 154 -20.77 -34.90 -23.40
N PRO B 155 -20.76 -36.21 -23.72
CA PRO B 155 -19.91 -37.17 -23.01
C PRO B 155 -18.42 -37.01 -23.35
N VAL B 156 -18.10 -36.41 -24.48
CA VAL B 156 -16.68 -36.26 -24.91
C VAL B 156 -16.10 -35.01 -24.25
N ARG B 157 -16.75 -33.86 -24.42
CA ARG B 157 -16.23 -32.58 -23.86
C ARG B 157 -16.49 -32.53 -22.36
N GLN B 158 -17.37 -33.40 -21.85
CA GLN B 158 -17.73 -33.39 -20.41
C GLN B 158 -18.24 -31.99 -20.03
N VAL B 159 -19.16 -31.44 -20.84
CA VAL B 159 -19.74 -30.09 -20.54
C VAL B 159 -21.27 -30.20 -20.67
N GLN B 160 -22.02 -29.32 -20.00
CA GLN B 160 -23.49 -29.33 -20.20
C GLN B 160 -23.81 -28.63 -21.51
N VAL B 161 -24.62 -29.25 -22.37
CA VAL B 161 -24.93 -28.69 -23.67
C VAL B 161 -26.40 -28.34 -23.83
N SER B 162 -27.24 -28.80 -22.90
CA SER B 162 -28.70 -28.57 -23.03
C SER B 162 -29.33 -28.34 -21.65
N GLY B 163 -30.47 -27.63 -21.62
CA GLY B 163 -31.17 -27.36 -20.34
C GLY B 163 -32.48 -26.64 -20.58
N PHE B 164 -33.59 -27.38 -20.64
CA PHE B 164 -34.92 -26.77 -20.87
C PHE B 164 -35.95 -27.32 -19.87
N LEU B 165 -36.82 -26.43 -19.36
CA LEU B 165 -37.86 -26.86 -18.39
C LEU B 165 -38.93 -27.66 -19.13
N VAL B 166 -39.44 -28.73 -18.50
CA VAL B 166 -40.46 -29.60 -19.16
C VAL B 166 -41.68 -29.74 -18.24
N ASN B 167 -41.61 -29.16 -17.04
CA ASN B 167 -42.74 -29.32 -16.08
C ASN B 167 -42.86 -28.09 -15.17
N ARG B 168 -44.07 -27.56 -15.00
CA ARG B 168 -44.30 -26.42 -14.07
C ARG B 168 -45.38 -26.88 -13.08
N PRO B 169 -45.10 -26.94 -11.74
CA PRO B 169 -46.08 -27.48 -10.79
C PRO B 169 -47.37 -26.66 -10.81
N ALA B 170 -48.51 -27.33 -11.03
CA ALA B 170 -49.81 -26.65 -11.05
C ALA B 170 -50.03 -25.92 -9.71
N SER B 171 -49.60 -26.55 -8.61
CA SER B 171 -49.78 -25.95 -7.27
C SER B 171 -49.13 -24.56 -7.21
N VAL B 172 -47.91 -24.43 -7.74
CA VAL B 172 -47.19 -23.13 -7.66
C VAL B 172 -47.77 -22.18 -8.71
N ARG B 173 -47.92 -20.89 -8.36
CA ARG B 173 -48.53 -19.91 -9.30
C ARG B 173 -47.57 -18.73 -9.45
N ASP B 174 -46.26 -19.00 -9.56
CA ASP B 174 -45.25 -17.91 -9.71
C ASP B 174 -45.03 -17.64 -11.20
N TYR B 175 -45.78 -18.31 -12.07
CA TYR B 175 -45.58 -18.16 -13.53
C TYR B 175 -46.91 -17.85 -14.22
N GLN B 176 -46.87 -17.24 -15.41
CA GLN B 176 -48.11 -16.91 -16.16
C GLN B 176 -48.30 -17.91 -17.29
N GLY B 177 -49.34 -17.71 -18.11
CA GLY B 177 -49.57 -18.58 -19.29
C GLY B 177 -49.35 -17.79 -20.56
N PRO B 178 -49.21 -18.43 -21.75
CA PRO B 178 -48.90 -17.71 -22.99
C PRO B 178 -49.81 -16.49 -23.23
N SER B 179 -51.08 -16.57 -22.81
CA SER B 179 -52.04 -15.45 -23.06
C SER B 179 -52.09 -14.50 -21.87
N THR B 180 -51.66 -14.94 -20.68
CA THR B 180 -51.76 -14.10 -19.47
C THR B 180 -50.42 -13.38 -19.23
N ARG B 181 -49.45 -13.54 -20.13
CA ARG B 181 -48.14 -12.87 -20.00
C ARG B 181 -48.28 -11.37 -20.25
N SER B 182 -49.32 -10.98 -20.99
CA SER B 182 -49.58 -9.53 -21.23
C SER B 182 -50.96 -9.14 -20.72
N VAL B 183 -51.09 -7.97 -20.08
CA VAL B 183 -52.40 -7.54 -19.50
C VAL B 183 -52.70 -6.11 -19.99
N LEU C 22 -1.31 55.25 -21.33
CA LEU C 22 -1.55 54.06 -20.51
C LEU C 22 -1.47 52.80 -21.35
N THR C 23 -0.47 51.97 -21.07
CA THR C 23 -0.32 50.71 -21.80
C THR C 23 -1.35 49.68 -21.39
N TYR C 24 -2.03 49.88 -20.26
CA TYR C 24 -2.92 48.89 -19.70
C TYR C 24 -4.39 49.27 -19.82
N TYR C 25 -4.69 50.45 -20.34
CA TYR C 25 -6.06 50.86 -20.66
C TYR C 25 -6.18 50.88 -22.18
N THR C 26 -6.95 49.94 -22.73
CA THR C 26 -7.11 49.78 -24.17
C THR C 26 -8.60 49.76 -24.49
N PRO C 27 -9.23 50.93 -24.57
CA PRO C 27 -10.67 50.97 -24.82
C PRO C 27 -11.09 50.41 -26.18
N ASP C 28 -10.16 50.25 -27.11
CA ASP C 28 -10.47 49.66 -28.41
C ASP C 28 -10.26 48.16 -28.44
N TYR C 29 -9.86 47.55 -27.32
CA TYR C 29 -9.60 46.12 -27.30
C TYR C 29 -10.90 45.33 -27.31
N GLN C 30 -10.93 44.28 -28.12
CA GLN C 30 -12.08 43.37 -28.15
C GLN C 30 -11.73 42.10 -27.41
N PRO C 31 -12.39 41.79 -26.29
CA PRO C 31 -12.01 40.60 -25.52
C PRO C 31 -12.15 39.33 -26.33
N LYS C 32 -11.21 38.41 -26.13
CA LYS C 32 -11.19 37.15 -26.86
C LYS C 32 -12.22 36.18 -26.28
N ASP C 33 -12.46 35.09 -27.01
CA ASP C 33 -13.46 34.09 -26.55
C ASP C 33 -12.89 33.30 -25.38
N THR C 34 -11.58 33.39 -25.14
CA THR C 34 -10.95 32.64 -24.06
C THR C 34 -10.51 33.52 -22.90
N ASP C 35 -10.74 34.84 -22.96
CA ASP C 35 -10.36 35.72 -21.89
C ASP C 35 -11.25 35.51 -20.66
N ILE C 36 -10.65 35.64 -19.48
CA ILE C 36 -11.40 35.73 -18.23
C ILE C 36 -11.66 37.21 -17.98
N LEU C 37 -12.93 37.57 -17.82
CA LEU C 37 -13.32 38.96 -17.68
C LEU C 37 -13.80 39.23 -16.27
N ALA C 38 -13.39 40.36 -15.71
CA ALA C 38 -13.81 40.81 -14.39
C ALA C 38 -14.43 42.19 -14.52
N ALA C 39 -15.48 42.43 -13.74
CA ALA C 39 -16.14 43.73 -13.70
C ALA C 39 -15.95 44.29 -12.29
N PHE C 40 -15.06 45.26 -12.15
CA PHE C 40 -14.73 45.86 -10.87
C PHE C 40 -15.52 47.15 -10.71
N ARG C 41 -16.18 47.30 -9.56
CA ARG C 41 -16.79 48.56 -9.15
C ARG C 41 -15.78 49.27 -8.25
N MET C 42 -15.21 50.35 -8.79
CA MET C 42 -14.12 51.03 -8.03
C MET C 42 -14.42 52.51 -7.80
N THR C 43 -14.03 53.01 -6.63
CA THR C 43 -14.12 54.44 -6.30
C THR C 43 -12.72 54.98 -6.10
N PRO C 44 -12.14 55.66 -7.09
CA PRO C 44 -10.78 56.16 -6.94
C PRO C 44 -10.71 57.36 -6.00
N GLN C 45 -9.51 57.59 -5.47
CA GLN C 45 -9.29 58.75 -4.63
C GLN C 45 -9.46 60.02 -5.46
N PRO C 46 -9.89 61.11 -4.84
CA PRO C 46 -10.06 62.36 -5.60
C PRO C 46 -8.76 62.81 -6.23
N GLY C 47 -8.87 63.27 -7.48
CA GLY C 47 -7.72 63.62 -8.28
C GLY C 47 -7.22 62.53 -9.18
N VAL C 48 -7.59 61.28 -8.92
CA VAL C 48 -7.20 60.15 -9.75
C VAL C 48 -8.27 59.95 -10.81
N PRO C 49 -7.94 60.10 -12.11
CA PRO C 49 -8.94 59.86 -13.14
C PRO C 49 -9.33 58.40 -13.18
N PRO C 50 -10.56 58.08 -13.59
CA PRO C 50 -10.98 56.66 -13.64
C PRO C 50 -10.12 55.82 -14.57
N GLU C 51 -9.65 56.41 -15.67
CA GLU C 51 -8.80 55.66 -16.64
C GLU C 51 -7.53 55.19 -15.95
N GLU C 52 -6.91 56.05 -15.15
CA GLU C 52 -5.68 55.70 -14.44
C GLU C 52 -5.93 54.59 -13.43
N ALA C 53 -7.06 54.63 -12.72
CA ALA C 53 -7.36 53.60 -11.74
C ALA C 53 -7.62 52.26 -12.39
N GLY C 54 -8.40 52.26 -13.48
CA GLY C 54 -8.59 51.02 -14.23
C GLY C 54 -7.29 50.46 -14.78
N ALA C 55 -6.42 51.36 -15.24
CA ALA C 55 -5.10 50.90 -15.75
C ALA C 55 -4.34 50.19 -14.62
N ALA C 56 -4.39 50.75 -13.40
CA ALA C 56 -3.66 50.17 -12.26
C ALA C 56 -4.21 48.77 -11.94
N VAL C 57 -5.53 48.63 -11.86
CA VAL C 57 -6.16 47.30 -11.56
C VAL C 57 -5.74 46.33 -12.66
N ALA C 58 -5.77 46.76 -13.92
CA ALA C 58 -5.37 45.89 -15.05
C ALA C 58 -3.92 45.47 -14.88
N ALA C 59 -3.05 46.40 -14.49
CA ALA C 59 -1.61 46.09 -14.33
C ALA C 59 -1.42 45.14 -13.14
N ARG C 79 1.53 40.35 -23.42
CA ARG C 79 0.97 39.03 -23.83
C ARG C 79 0.26 38.39 -22.64
N TYR C 80 0.81 38.54 -21.44
CA TYR C 80 0.19 37.98 -20.21
C TYR C 80 -0.28 39.13 -19.31
N LYS C 81 -0.44 40.31 -19.89
CA LYS C 81 -0.82 41.49 -19.07
C LYS C 81 -2.34 41.62 -19.04
N GLY C 82 -2.90 41.88 -17.86
CA GLY C 82 -4.35 42.15 -17.80
C GLY C 82 -4.58 43.55 -18.31
N ARG C 83 -5.69 43.79 -19.01
CA ARG C 83 -5.89 45.11 -19.61
C ARG C 83 -7.32 45.57 -19.35
N CYS C 84 -7.45 46.87 -19.10
CA CYS C 84 -8.75 47.50 -18.94
C CYS C 84 -9.26 47.89 -20.32
N TYR C 85 -10.34 47.25 -20.76
CA TYR C 85 -10.85 47.50 -22.13
C TYR C 85 -12.12 48.35 -22.11
N ASP C 86 -12.74 48.52 -20.93
CA ASP C 86 -13.98 49.26 -20.86
C ASP C 86 -14.14 49.87 -19.48
N ILE C 87 -14.60 51.12 -19.43
CA ILE C 87 -14.91 51.81 -18.20
C ILE C 87 -16.23 52.53 -18.38
N GLU C 88 -17.18 52.25 -17.49
CA GLU C 88 -18.48 52.95 -17.53
C GLU C 88 -18.73 53.59 -16.17
N PRO C 89 -19.16 54.86 -16.09
CA PRO C 89 -19.52 55.45 -14.79
C PRO C 89 -20.82 54.88 -14.26
N VAL C 90 -20.94 54.86 -12.93
CA VAL C 90 -22.13 54.37 -12.27
C VAL C 90 -23.12 55.53 -12.16
N PRO C 91 -24.29 55.45 -12.82
CA PRO C 91 -25.28 56.53 -12.73
C PRO C 91 -26.06 56.43 -11.43
N GLY C 92 -25.76 57.33 -10.50
CA GLY C 92 -26.41 57.31 -9.20
C GLY C 92 -25.44 57.42 -8.04
N GLU C 93 -24.16 57.17 -8.32
CA GLU C 93 -23.11 57.26 -7.31
C GLU C 93 -22.01 58.18 -7.82
N GLU C 94 -21.49 59.01 -6.92
CA GLU C 94 -20.45 59.96 -7.30
C GLU C 94 -19.09 59.27 -7.36
N ASN C 95 -18.33 59.59 -8.40
CA ASN C 95 -16.98 59.07 -8.60
C ASN C 95 -16.95 57.54 -8.52
N GLN C 96 -17.92 56.89 -9.16
CA GLN C 96 -18.02 55.44 -9.16
C GLN C 96 -18.04 54.93 -10.59
N TYR C 97 -17.15 54.01 -10.91
CA TYR C 97 -17.03 53.46 -12.25
C TYR C 97 -16.96 51.94 -12.19
N ILE C 98 -17.41 51.32 -13.27
CA ILE C 98 -17.26 49.89 -13.47
C ILE C 98 -16.12 49.68 -14.46
N ALA C 99 -15.08 48.97 -14.01
CA ALA C 99 -13.90 48.72 -14.87
C ALA C 99 -13.90 47.27 -15.34
N TYR C 100 -13.85 47.07 -16.66
CA TYR C 100 -13.87 45.70 -17.23
C TYR C 100 -12.44 45.27 -17.56
N ILE C 101 -11.97 44.17 -16.96
CA ILE C 101 -10.56 43.72 -17.16
C ILE C 101 -10.55 42.40 -17.93
N ALA C 102 -9.63 42.24 -18.88
CA ALA C 102 -9.51 41.03 -19.66
C ALA C 102 -8.19 40.35 -19.31
N TYR C 103 -8.26 39.10 -18.86
CA TYR C 103 -7.07 38.33 -18.53
C TYR C 103 -6.90 37.21 -19.54
N PRO C 104 -5.69 37.00 -20.06
CA PRO C 104 -5.47 35.88 -20.97
C PRO C 104 -5.66 34.54 -20.27
N LEU C 105 -6.13 33.56 -21.04
CA LEU C 105 -6.40 32.23 -20.48
C LEU C 105 -5.15 31.55 -19.96
N ASP C 106 -3.98 31.89 -20.53
CA ASP C 106 -2.69 31.24 -20.14
C ASP C 106 -2.26 31.64 -18.73
N LEU C 107 -2.93 32.60 -18.12
CA LEU C 107 -2.49 33.10 -16.82
C LEU C 107 -2.84 32.17 -15.67
N PHE C 108 -3.79 31.27 -15.85
CA PHE C 108 -4.37 30.52 -14.74
C PHE C 108 -4.05 29.04 -14.86
N GLU C 109 -4.08 28.37 -13.71
CA GLU C 109 -3.85 26.91 -13.67
C GLU C 109 -5.19 26.20 -13.92
N GLU C 110 -5.18 25.18 -14.76
CA GLU C 110 -6.39 24.45 -15.11
C GLU C 110 -7.06 23.88 -13.86
N GLY C 111 -8.36 24.10 -13.77
CA GLY C 111 -9.15 23.51 -12.69
C GLY C 111 -8.77 23.95 -11.29
N SER C 112 -8.32 25.19 -11.14
CA SER C 112 -7.85 25.68 -9.84
C SER C 112 -8.58 26.99 -9.50
N VAL C 113 -9.59 26.90 -8.65
CA VAL C 113 -10.25 28.10 -8.15
C VAL C 113 -9.29 28.90 -7.27
N THR C 114 -8.43 28.21 -6.52
CA THR C 114 -7.45 28.88 -5.70
C THR C 114 -6.59 29.82 -6.52
N ASN C 115 -6.07 29.32 -7.64
CA ASN C 115 -5.19 30.16 -8.51
C ASN C 115 -6.01 31.31 -9.10
N LEU C 116 -7.23 31.03 -9.54
CA LEU C 116 -8.05 32.09 -10.12
C LEU C 116 -8.23 33.23 -9.15
N PHE C 117 -8.56 32.91 -7.89
CA PHE C 117 -8.73 33.97 -6.90
C PHE C 117 -7.40 34.63 -6.55
N THR C 118 -6.31 33.86 -6.54
CA THR C 118 -5.00 34.47 -6.30
C THR C 118 -4.65 35.47 -7.40
N SER C 119 -4.96 35.13 -8.65
CA SER C 119 -4.60 36.02 -9.75
C SER C 119 -5.51 37.25 -9.79
N ILE C 120 -6.82 37.06 -9.65
CA ILE C 120 -7.73 38.17 -9.87
C ILE C 120 -7.75 39.11 -8.68
N VAL C 121 -7.91 38.56 -7.47
CA VAL C 121 -8.09 39.43 -6.27
C VAL C 121 -6.98 39.19 -5.24
N GLY C 122 -5.82 38.70 -5.68
CA GLY C 122 -4.69 38.47 -4.74
C GLY C 122 -4.28 39.73 -4.02
N ASN C 123 -3.67 40.69 -4.74
CA ASN C 123 -3.30 41.95 -4.12
C ASN C 123 -3.78 43.07 -5.04
N VAL C 124 -5.07 43.39 -4.96
CA VAL C 124 -5.61 44.55 -5.66
C VAL C 124 -6.53 45.38 -4.79
N PHE C 125 -6.98 44.81 -3.67
CA PHE C 125 -7.88 45.54 -2.74
C PHE C 125 -7.04 46.42 -1.82
N GLY C 126 -5.70 46.27 -1.83
CA GLY C 126 -4.81 47.07 -1.05
C GLY C 126 -4.19 48.24 -1.78
N PHE C 127 -4.70 48.60 -2.95
CA PHE C 127 -4.17 49.75 -3.67
C PHE C 127 -4.60 51.05 -3.02
N LYS C 128 -3.63 51.92 -2.72
CA LYS C 128 -3.94 53.21 -2.05
C LYS C 128 -4.72 54.13 -3.00
N ALA C 129 -4.52 53.97 -4.31
CA ALA C 129 -5.17 54.86 -5.26
C ALA C 129 -6.68 54.66 -5.33
N LEU C 130 -7.20 53.62 -4.70
CA LEU C 130 -8.62 53.31 -4.73
C LEU C 130 -9.20 53.49 -3.33
N ARG C 131 -10.19 54.38 -3.22
CA ARG C 131 -10.89 54.51 -1.95
C ARG C 131 -11.64 53.23 -1.62
N ALA C 132 -12.33 52.65 -2.60
CA ALA C 132 -13.04 51.39 -2.42
C ALA C 132 -13.00 50.62 -3.71
N LEU C 133 -13.02 49.29 -3.60
CA LEU C 133 -12.98 48.40 -4.76
C LEU C 133 -13.87 47.20 -4.49
N ARG C 134 -14.68 46.83 -5.48
CA ARG C 134 -15.62 45.69 -5.31
C ARG C 134 -15.69 44.86 -6.60
N LEU C 135 -15.29 43.60 -6.55
CA LEU C 135 -15.45 42.71 -7.70
C LEU C 135 -16.92 42.32 -7.81
N GLU C 136 -17.53 42.63 -8.93
CA GLU C 136 -18.96 42.41 -9.12
C GLU C 136 -19.27 41.13 -9.87
N ASP C 137 -18.51 40.81 -10.92
CA ASP C 137 -18.82 39.66 -11.74
C ASP C 137 -17.55 39.11 -12.36
N LEU C 138 -17.63 37.86 -12.81
CA LEU C 138 -16.57 37.22 -13.57
C LEU C 138 -17.18 36.56 -14.79
N ARG C 139 -16.40 36.53 -15.88
CA ARG C 139 -16.76 35.75 -17.06
C ARG C 139 -15.76 34.62 -17.19
N ILE C 140 -16.22 33.39 -16.95
CA ILE C 140 -15.39 32.20 -17.09
C ILE C 140 -15.59 31.67 -18.51
N PRO C 141 -14.59 31.74 -19.38
CA PRO C 141 -14.76 31.24 -20.73
C PRO C 141 -14.98 29.74 -20.71
N PRO C 142 -15.76 29.15 -21.66
CA PRO C 142 -15.93 27.69 -21.73
C PRO C 142 -14.59 26.94 -21.66
N ALA C 143 -13.57 27.45 -22.37
CA ALA C 143 -12.25 26.78 -22.39
C ALA C 143 -11.77 26.54 -20.95
N TYR C 144 -11.93 27.54 -20.08
CA TYR C 144 -11.55 27.36 -18.65
C TYR C 144 -12.57 26.45 -17.96
N VAL C 145 -13.87 26.64 -18.23
CA VAL C 145 -14.86 25.85 -17.52
C VAL C 145 -14.62 24.36 -17.74
N LYS C 146 -14.23 23.98 -18.95
CA LYS C 146 -14.03 22.57 -19.26
C LYS C 146 -12.90 21.94 -18.46
N THR C 147 -12.01 22.74 -17.88
CA THR C 147 -10.94 22.18 -17.08
C THR C 147 -11.36 21.84 -15.65
N PHE C 148 -12.58 22.20 -15.26
CA PHE C 148 -13.09 21.93 -13.93
C PHE C 148 -14.04 20.74 -13.95
N GLN C 149 -14.01 19.93 -12.89
CA GLN C 149 -14.99 18.87 -12.76
C GLN C 149 -16.38 19.42 -12.48
N GLY C 150 -16.48 20.43 -11.64
CA GLY C 150 -17.76 20.99 -11.26
C GLY C 150 -18.39 20.23 -10.12
N PRO C 151 -19.69 20.46 -9.90
CA PRO C 151 -20.37 19.78 -8.81
C PRO C 151 -20.37 18.28 -9.03
N PRO C 152 -20.29 17.49 -7.95
CA PRO C 152 -20.20 16.03 -8.12
C PRO C 152 -21.38 15.42 -8.87
N HIS C 153 -22.58 15.89 -8.60
CA HIS C 153 -23.76 15.24 -9.24
C HIS C 153 -24.55 16.32 -9.98
N GLY C 154 -24.90 17.39 -9.29
CA GLY C 154 -25.74 18.43 -9.91
C GLY C 154 -27.18 18.28 -9.48
N ILE C 155 -28.08 19.09 -10.02
CA ILE C 155 -29.48 19.08 -9.61
C ILE C 155 -30.21 17.86 -10.18
N GLN C 156 -30.07 17.62 -11.48
CA GLN C 156 -30.84 16.55 -12.10
C GLN C 156 -30.41 15.18 -11.59
N VAL C 157 -29.10 14.96 -11.45
CA VAL C 157 -28.61 13.67 -10.91
C VAL C 157 -29.06 13.54 -9.46
N GLU C 158 -29.07 14.65 -8.70
CA GLU C 158 -29.55 14.58 -7.30
C GLU C 158 -31.00 14.11 -7.31
N ARG C 159 -31.85 14.76 -8.11
CA ARG C 159 -33.30 14.40 -8.17
C ARG C 159 -33.44 12.92 -8.54
N ASP C 160 -32.66 12.45 -9.53
CA ASP C 160 -32.79 11.06 -9.95
C ASP C 160 -32.36 10.10 -8.83
N LYS C 161 -31.29 10.45 -8.12
CA LYS C 161 -30.77 9.56 -7.04
C LYS C 161 -31.79 9.54 -5.88
N LEU C 162 -32.35 10.69 -5.53
CA LEU C 162 -33.29 10.77 -4.43
C LEU C 162 -34.72 10.44 -4.85
N ASN C 163 -34.98 10.35 -6.16
CA ASN C 163 -36.33 9.96 -6.66
C ASN C 163 -37.39 10.97 -6.19
N LYS C 164 -37.03 12.25 -6.14
CA LYS C 164 -37.96 13.30 -5.75
C LYS C 164 -38.08 14.30 -6.90
N TYR C 165 -39.29 14.51 -7.38
CA TYR C 165 -39.53 15.34 -8.55
C TYR C 165 -40.68 16.31 -8.29
N GLY C 166 -40.62 17.44 -8.97
CA GLY C 166 -41.76 18.34 -9.03
C GLY C 166 -41.99 19.19 -7.80
N ARG C 167 -41.02 19.26 -6.89
CA ARG C 167 -41.20 20.02 -5.67
C ARG C 167 -39.84 20.38 -5.10
N GLY C 168 -39.83 21.43 -4.29
CA GLY C 168 -38.63 21.79 -3.57
C GLY C 168 -38.31 20.79 -2.47
N LEU C 169 -37.05 20.77 -2.07
CA LEU C 169 -36.63 19.92 -0.97
C LEU C 169 -36.70 20.69 0.35
N LEU C 170 -36.81 19.93 1.43
CA LEU C 170 -37.00 20.49 2.76
C LEU C 170 -35.90 20.01 3.69
N GLY C 171 -35.41 20.91 4.53
CA GLY C 171 -34.37 20.56 5.48
C GLY C 171 -34.54 21.31 6.79
N CYS C 172 -33.93 20.77 7.83
CA CYS C 172 -33.95 21.37 9.14
C CYS C 172 -32.56 21.35 9.75
N THR C 173 -32.25 22.37 10.56
CA THR C 173 -30.96 22.40 11.27
C THR C 173 -31.21 21.92 12.70
N ILE C 174 -30.61 20.78 13.09
CA ILE C 174 -30.90 20.20 14.44
C ILE C 174 -30.57 21.24 15.51
N LYS C 175 -31.53 21.54 16.39
CA LYS C 175 -31.33 22.58 17.44
C LYS C 175 -31.68 21.96 18.81
N PRO C 176 -30.83 22.10 19.85
CA PRO C 176 -29.96 23.27 20.03
C PRO C 176 -28.69 23.21 19.19
N LYS C 177 -28.07 24.37 18.95
CA LYS C 177 -26.85 24.43 18.10
C LYS C 177 -25.77 23.51 18.65
N LEU C 178 -25.47 23.62 19.96
CA LEU C 178 -24.35 22.82 20.54
C LEU C 178 -24.74 22.26 21.91
N GLY C 179 -23.91 21.38 22.47
CA GLY C 179 -24.18 20.80 23.80
C GLY C 179 -24.88 19.46 23.72
N LEU C 180 -25.58 19.19 22.61
CA LEU C 180 -26.37 17.94 22.50
C LEU C 180 -25.43 16.74 22.34
N SER C 181 -25.75 15.61 22.98
CA SER C 181 -24.94 14.38 22.82
C SER C 181 -25.24 13.75 21.45
N ALA C 182 -24.34 12.92 20.93
CA ALA C 182 -24.55 12.25 19.63
C ALA C 182 -25.87 11.47 19.65
N LYS C 183 -26.18 10.79 20.75
CA LYS C 183 -27.45 10.03 20.88
C LYS C 183 -28.62 11.00 20.72
N ASN C 184 -28.62 12.10 21.47
CA ASN C 184 -29.74 13.04 21.42
C ASN C 184 -29.80 13.75 20.07
N TYR C 185 -28.62 13.99 19.48
CA TYR C 185 -28.60 14.58 18.12
C TYR C 185 -29.28 13.61 17.16
N GLY C 186 -28.93 12.32 17.22
CA GLY C 186 -29.56 11.34 16.36
C GLY C 186 -31.05 11.24 16.60
N ARG C 187 -31.47 11.34 17.86
CA ARG C 187 -32.92 11.27 18.20
C ARG C 187 -33.63 12.44 17.52
N ALA C 188 -33.07 13.65 17.63
CA ALA C 188 -33.67 14.81 17.00
C ALA C 188 -33.73 14.64 15.49
N VAL C 189 -32.65 14.10 14.90
CA VAL C 189 -32.62 13.87 13.45
C VAL C 189 -33.75 12.93 13.05
N TYR C 190 -33.89 11.81 13.77
CA TYR C 190 -34.92 10.84 13.43
C TYR C 190 -36.31 11.43 13.58
N GLU C 191 -36.54 12.19 14.65
CA GLU C 191 -37.85 12.78 14.87
C GLU C 191 -38.21 13.76 13.76
N CYS C 192 -37.24 14.57 13.34
CA CYS C 192 -37.53 15.59 12.29
C CYS C 192 -37.70 14.91 10.93
N LEU C 193 -36.89 13.88 10.64
CA LEU C 193 -36.96 13.25 9.29
C LEU C 193 -38.25 12.43 9.14
N ARG C 194 -38.68 11.74 10.20
CA ARG C 194 -39.88 10.86 10.11
C ARG C 194 -41.12 11.69 9.81
N GLY C 195 -41.10 12.98 10.14
CA GLY C 195 -42.26 13.87 9.92
C GLY C 195 -42.54 14.09 8.45
N GLY C 196 -41.51 14.02 7.60
CA GLY C 196 -41.68 14.24 6.15
C GLY C 196 -40.58 15.12 5.56
N LEU C 197 -39.65 15.59 6.41
CA LEU C 197 -38.51 16.40 5.91
C LEU C 197 -37.60 15.51 5.07
N ASP C 198 -37.00 16.06 4.02
CA ASP C 198 -36.11 15.27 3.12
C ASP C 198 -34.70 15.28 3.69
N PHE C 199 -34.32 16.33 4.43
CA PHE C 199 -32.97 16.43 4.93
C PHE C 199 -32.96 17.01 6.33
N THR C 200 -31.90 16.68 7.06
CA THR C 200 -31.49 17.40 8.25
C THR C 200 -30.02 17.74 8.09
N LYS C 201 -29.51 18.61 8.95
CA LYS C 201 -28.09 19.05 8.77
C LYS C 201 -27.43 19.30 10.12
N ASP C 202 -26.10 19.11 10.19
CA ASP C 202 -25.36 19.45 11.44
C ASP C 202 -25.26 20.97 11.51
N ASP C 203 -25.13 21.53 12.71
CA ASP C 203 -24.92 22.99 12.83
C ASP C 203 -23.58 23.35 12.18
N GLU C 204 -23.44 24.58 11.69
CA GLU C 204 -22.23 24.98 10.98
C GLU C 204 -20.98 24.83 11.85
N ASN C 205 -21.11 25.03 13.16
CA ASN C 205 -19.96 24.95 14.06
C ASN C 205 -19.82 23.58 14.70
N VAL C 206 -20.63 22.61 14.31
CA VAL C 206 -20.56 21.26 14.83
C VAL C 206 -19.65 20.46 13.90
N ASN C 207 -18.41 20.24 14.34
CA ASN C 207 -17.46 19.41 13.56
C ASN C 207 -17.07 18.22 14.43
N SER C 208 -16.37 18.47 15.54
CA SER C 208 -15.94 17.41 16.45
C SER C 208 -15.55 18.08 17.76
N GLN C 209 -16.32 17.85 18.80
CA GLN C 209 -16.07 18.58 20.08
C GLN C 209 -16.08 17.58 21.23
N PRO C 210 -15.55 17.93 22.44
CA PRO C 210 -15.62 17.02 23.59
C PRO C 210 -17.05 16.56 23.86
N PHE C 211 -18.04 17.43 23.65
CA PHE C 211 -19.46 17.08 23.96
C PHE C 211 -19.98 16.06 22.95
N MET C 212 -19.50 16.11 21.70
CA MET C 212 -20.02 15.20 20.66
C MET C 212 -18.93 14.94 19.61
N ARG C 213 -18.20 13.84 19.75
CA ARG C 213 -17.21 13.48 18.76
C ARG C 213 -17.90 13.12 17.44
N TRP C 214 -17.14 13.24 16.35
CA TRP C 214 -17.75 13.19 15.03
C TRP C 214 -18.19 11.77 14.66
N ARG C 215 -17.44 10.74 15.07
CA ARG C 215 -17.79 9.39 14.66
C ARG C 215 -19.03 8.88 15.38
N ASP C 216 -19.17 9.24 16.66
CA ASP C 216 -20.40 8.90 17.37
C ASP C 216 -21.61 9.55 16.70
N ARG C 217 -21.48 10.83 16.34
CA ARG C 217 -22.57 11.51 15.65
C ARG C 217 -22.88 10.86 14.31
N PHE C 218 -21.84 10.47 13.56
CA PHE C 218 -22.07 9.84 12.27
C PHE C 218 -22.84 8.53 12.43
N LEU C 219 -22.45 7.72 13.42
CA LEU C 219 -23.13 6.45 13.64
C LEU C 219 -24.58 6.63 14.07
N PHE C 220 -24.83 7.52 15.04
CA PHE C 220 -26.20 7.71 15.52
C PHE C 220 -27.07 8.33 14.43
N VAL C 221 -26.52 9.26 13.65
CA VAL C 221 -27.27 9.85 12.55
C VAL C 221 -27.57 8.83 11.49
N ALA C 222 -26.64 7.90 11.23
CA ALA C 222 -26.90 6.84 10.27
C ALA C 222 -28.05 5.94 10.74
N GLU C 223 -28.05 5.59 12.02
CA GLU C 223 -29.16 4.80 12.55
C GLU C 223 -30.48 5.56 12.43
N ALA C 224 -30.47 6.85 12.73
CA ALA C 224 -31.68 7.64 12.64
C ALA C 224 -32.18 7.75 11.19
N ILE C 225 -31.25 7.97 10.25
CA ILE C 225 -31.61 8.06 8.84
C ILE C 225 -32.26 6.76 8.38
N TYR C 226 -31.67 5.63 8.75
CA TYR C 226 -32.20 4.36 8.29
C TYR C 226 -33.55 4.05 8.94
N LYS C 227 -33.71 4.40 10.22
CA LYS C 227 -35.01 4.22 10.86
C LYS C 227 -36.09 5.05 10.19
N SER C 228 -35.79 6.32 9.91
CA SER C 228 -36.77 7.18 9.26
C SER C 228 -37.09 6.70 7.85
N GLN C 229 -36.08 6.20 7.12
CA GLN C 229 -36.32 5.64 5.80
C GLN C 229 -37.25 4.44 5.87
N ALA C 230 -36.99 3.52 6.80
CA ALA C 230 -37.84 2.35 6.92
C ALA C 230 -39.26 2.75 7.29
N GLU C 231 -39.41 3.74 8.17
CA GLU C 231 -40.73 4.12 8.64
C GLU C 231 -41.54 4.80 7.53
N THR C 232 -40.95 5.76 6.84
CA THR C 232 -41.73 6.53 5.87
C THR C 232 -41.71 5.93 4.47
N GLY C 233 -40.67 5.17 4.13
CA GLY C 233 -40.54 4.64 2.78
C GLY C 233 -39.95 5.59 1.77
N GLU C 234 -39.58 6.80 2.19
CA GLU C 234 -38.91 7.75 1.32
C GLU C 234 -37.43 7.80 1.65
N ILE C 235 -36.61 8.12 0.65
CA ILE C 235 -35.17 8.23 0.87
C ILE C 235 -34.91 9.48 1.70
N LYS C 236 -34.13 9.29 2.76
CA LYS C 236 -33.84 10.43 3.67
C LYS C 236 -32.34 10.70 3.66
N GLY C 237 -31.91 11.78 4.31
CA GLY C 237 -30.52 12.16 4.36
C GLY C 237 -30.26 13.19 5.44
N HIS C 238 -28.99 13.33 5.78
CA HIS C 238 -28.54 14.30 6.77
C HIS C 238 -27.20 14.87 6.34
N TYR C 239 -27.10 16.20 6.29
CA TYR C 239 -25.84 16.87 5.87
C TYR C 239 -24.78 16.67 6.97
N LEU C 240 -23.98 15.60 6.87
CA LEU C 240 -22.94 15.32 7.88
C LEU C 240 -21.76 16.27 7.65
N ASN C 241 -21.36 17.02 8.69
CA ASN C 241 -20.28 18.03 8.52
C ASN C 241 -18.92 17.33 8.43
N ALA C 242 -18.25 17.42 7.28
CA ALA C 242 -16.92 16.86 7.13
C ALA C 242 -15.83 17.90 7.34
N THR C 243 -16.19 19.15 7.61
CA THR C 243 -15.21 20.22 7.75
C THR C 243 -14.28 19.92 8.92
N ALA C 244 -12.97 19.96 8.65
CA ALA C 244 -12.00 19.49 9.62
C ALA C 244 -10.74 20.36 9.53
N ALA C 245 -9.81 20.09 10.44
CA ALA C 245 -8.55 20.87 10.48
C ALA C 245 -7.64 20.52 9.30
N THR C 246 -7.45 19.23 9.02
CA THR C 246 -6.52 18.82 7.93
C THR C 246 -7.31 18.11 6.83
N ALA C 247 -6.81 18.18 5.60
CA ALA C 247 -7.50 17.53 4.46
C ALA C 247 -7.60 16.03 4.75
N GLU C 248 -6.60 15.47 5.42
CA GLU C 248 -6.62 14.05 5.73
C GLU C 248 -7.80 13.71 6.64
N GLU C 249 -8.03 14.52 7.67
CA GLU C 249 -9.16 14.29 8.57
C GLU C 249 -10.48 14.47 7.85
N MET C 250 -10.58 15.46 6.97
CA MET C 250 -11.80 15.69 6.20
C MET C 250 -12.10 14.51 5.30
N LEU C 251 -11.08 13.99 4.62
CA LEU C 251 -11.27 12.81 3.78
C LEU C 251 -11.62 11.59 4.61
N LYS C 252 -11.08 11.47 5.83
CA LYS C 252 -11.45 10.37 6.70
C LYS C 252 -12.92 10.43 7.08
N ARG C 253 -13.43 11.63 7.38
CA ARG C 253 -14.85 11.76 7.71
C ARG C 253 -15.72 11.47 6.50
N ALA C 254 -15.31 11.92 5.31
CA ALA C 254 -16.03 11.55 4.10
C ALA C 254 -16.02 10.05 3.88
N GLU C 255 -14.89 9.41 4.18
CA GLU C 255 -14.76 7.97 4.03
C GLU C 255 -15.69 7.23 4.99
N CYS C 256 -15.81 7.72 6.23
CA CYS C 256 -16.76 7.13 7.17
C CYS C 256 -18.18 7.26 6.66
N ALA C 257 -18.53 8.43 6.13
CA ALA C 257 -19.88 8.61 5.57
C ALA C 257 -20.12 7.65 4.42
N LYS C 258 -19.11 7.46 3.57
CA LYS C 258 -19.23 6.52 2.46
C LYS C 258 -19.39 5.09 2.97
N ASP C 259 -18.69 4.75 4.06
CA ASP C 259 -18.75 3.36 4.60
C ASP C 259 -20.10 3.11 5.28
N LEU C 260 -20.75 4.15 5.81
CA LEU C 260 -22.08 3.99 6.38
C LEU C 260 -23.17 3.91 5.32
N GLY C 261 -22.87 4.28 4.07
CA GLY C 261 -23.88 4.27 3.03
C GLY C 261 -24.84 5.44 3.05
N VAL C 262 -24.58 6.44 3.89
CA VAL C 262 -25.45 7.61 4.00
C VAL C 262 -25.31 8.45 2.74
N PRO C 263 -26.31 9.25 2.39
CA PRO C 263 -26.30 9.91 1.08
C PRO C 263 -25.42 11.15 0.92
N ILE C 264 -25.27 11.99 1.94
CA ILE C 264 -24.79 13.36 1.74
C ILE C 264 -23.92 13.82 2.89
N ILE C 265 -22.96 14.69 2.59
CA ILE C 265 -22.11 15.34 3.58
C ILE C 265 -22.15 16.85 3.32
N MET C 266 -21.47 17.59 4.20
CA MET C 266 -21.47 19.05 4.21
C MET C 266 -20.05 19.57 4.32
N HIS C 267 -19.82 20.78 3.81
CA HIS C 267 -18.50 21.41 3.89
C HIS C 267 -18.66 22.92 3.97
N ASP C 268 -17.74 23.56 4.69
CA ASP C 268 -17.63 25.01 4.80
C ASP C 268 -16.51 25.46 3.89
N TYR C 269 -16.84 25.88 2.67
CA TYR C 269 -15.80 26.11 1.68
C TYR C 269 -15.04 27.42 1.89
N LEU C 270 -15.69 28.44 2.45
CA LEU C 270 -15.02 29.75 2.58
C LEU C 270 -14.10 29.74 3.81
N THR C 271 -14.30 28.80 4.74
CA THR C 271 -13.42 28.68 5.93
C THR C 271 -12.43 27.52 5.73
N GLY C 272 -12.90 26.41 5.16
CA GLY C 272 -12.01 25.27 4.87
C GLY C 272 -11.04 25.59 3.74
N GLY C 273 -11.52 26.33 2.72
CA GLY C 273 -10.66 26.73 1.59
C GLY C 273 -11.06 26.04 0.31
N PHE C 274 -10.75 26.66 -0.84
CA PHE C 274 -11.11 26.08 -2.15
C PHE C 274 -10.32 24.79 -2.38
N THR C 275 -9.07 24.76 -1.94
CA THR C 275 -8.21 23.55 -2.13
C THR C 275 -8.87 22.36 -1.42
N ALA C 276 -9.30 22.54 -0.17
CA ALA C 276 -9.97 21.46 0.57
C ALA C 276 -11.31 21.12 -0.10
N ASN C 277 -12.06 22.14 -0.53
CA ASN C 277 -13.37 21.91 -1.17
C ASN C 277 -13.18 21.08 -2.44
N THR C 278 -12.21 21.46 -3.28
CA THR C 278 -12.02 20.74 -4.54
C THR C 278 -11.65 19.29 -4.30
N SER C 279 -10.82 19.04 -3.27
CA SER C 279 -10.51 17.65 -2.92
C SER C 279 -11.78 16.91 -2.51
N LEU C 280 -12.62 17.53 -1.69
CA LEU C 280 -13.84 16.87 -1.25
C LEU C 280 -14.80 16.63 -2.41
N ALA C 281 -14.90 17.59 -3.33
CA ALA C 281 -15.78 17.42 -4.48
C ALA C 281 -15.31 16.30 -5.39
N HIS C 282 -13.99 16.20 -5.62
CA HIS C 282 -13.46 15.09 -6.40
C HIS C 282 -13.74 13.76 -5.71
N TYR C 283 -13.57 13.71 -4.39
CA TYR C 283 -13.86 12.49 -3.65
C TYR C 283 -15.33 12.11 -3.78
N CYS C 284 -16.23 13.10 -3.66
CA CYS C 284 -17.65 12.84 -3.72
C CYS C 284 -18.07 12.35 -5.09
N ARG C 285 -17.48 12.91 -6.14
CA ARG C 285 -17.74 12.39 -7.49
C ARG C 285 -17.24 10.96 -7.61
N ASP C 286 -16.06 10.66 -7.06
CA ASP C 286 -15.50 9.32 -7.17
C ASP C 286 -16.33 8.28 -6.43
N ASN C 287 -16.93 8.65 -5.29
CA ASN C 287 -17.57 7.67 -4.43
C ASN C 287 -19.09 7.81 -4.38
N GLY C 288 -19.68 8.64 -5.23
CA GLY C 288 -21.12 8.78 -5.29
C GLY C 288 -21.76 9.39 -4.06
N LEU C 289 -21.19 10.46 -3.53
CA LEU C 289 -21.74 11.18 -2.38
C LEU C 289 -22.20 12.56 -2.81
N LEU C 290 -23.31 12.99 -2.24
CA LEU C 290 -23.79 14.38 -2.48
C LEU C 290 -22.99 15.30 -1.57
N LEU C 291 -22.89 16.58 -1.92
CA LEU C 291 -22.08 17.54 -1.19
C LEU C 291 -22.86 18.84 -1.00
N HIS C 292 -23.23 19.13 0.24
CA HIS C 292 -23.87 20.39 0.60
C HIS C 292 -22.82 21.37 1.06
N ILE C 293 -22.92 22.61 0.57
CA ILE C 293 -21.91 23.63 0.83
C ILE C 293 -22.53 24.74 1.66
N HIS C 294 -21.91 25.07 2.78
CA HIS C 294 -22.33 26.16 3.63
C HIS C 294 -21.34 27.31 3.50
N ARG C 295 -21.86 28.52 3.39
CA ARG C 295 -21.03 29.70 3.14
C ARG C 295 -20.76 30.46 4.44
N ALA C 296 -20.02 29.80 5.32
CA ALA C 296 -19.59 30.45 6.56
C ALA C 296 -18.57 31.54 6.25
N MET C 297 -18.66 32.66 6.97
CA MET C 297 -17.68 33.78 6.81
C MET C 297 -17.89 34.53 5.49
N HIS C 298 -19.06 34.37 4.85
CA HIS C 298 -19.31 35.01 3.54
C HIS C 298 -19.52 36.52 3.73
N ALA C 299 -20.27 36.92 4.75
CA ALA C 299 -20.60 38.35 4.97
C ALA C 299 -19.32 39.15 5.23
N VAL C 300 -18.26 38.50 5.69
CA VAL C 300 -16.97 39.21 5.91
C VAL C 300 -16.44 39.69 4.56
N ILE C 301 -16.92 39.10 3.44
CA ILE C 301 -16.38 39.47 2.11
C ILE C 301 -17.47 40.04 1.19
N ASP C 302 -18.73 39.65 1.37
CA ASP C 302 -19.79 40.07 0.40
C ASP C 302 -20.88 40.95 1.03
N ARG C 303 -20.60 41.61 2.15
CA ARG C 303 -21.71 42.39 2.80
C ARG C 303 -21.66 43.86 2.34
N GLN C 304 -20.51 44.51 2.47
CA GLN C 304 -20.43 45.93 2.15
C GLN C 304 -20.49 46.16 0.64
N ARG C 305 -21.31 47.14 0.24
CA ARG C 305 -21.52 47.43 -1.17
C ARG C 305 -20.29 48.02 -1.85
N ASN C 306 -19.43 48.69 -1.09
CA ASN C 306 -18.27 49.40 -1.73
C ASN C 306 -17.02 48.54 -1.78
N HIS C 307 -16.86 47.60 -0.85
CA HIS C 307 -15.63 46.83 -0.77
C HIS C 307 -15.96 45.34 -0.71
N GLY C 308 -15.10 44.53 -1.31
CA GLY C 308 -15.23 43.08 -1.22
C GLY C 308 -15.51 42.38 -2.53
N ILE C 309 -16.01 41.15 -2.43
CA ILE C 309 -16.37 40.35 -3.59
C ILE C 309 -17.85 40.00 -3.48
N HIS C 310 -18.61 40.30 -4.53
CA HIS C 310 -20.04 40.02 -4.51
C HIS C 310 -20.30 38.52 -4.43
N PHE C 311 -21.36 38.13 -3.71
CA PHE C 311 -21.63 36.68 -3.50
C PHE C 311 -21.73 35.93 -4.83
N ARG C 312 -22.17 36.60 -5.90
CA ARG C 312 -22.36 35.90 -7.19
C ARG C 312 -21.02 35.32 -7.65
N VAL C 313 -19.92 36.04 -7.43
CA VAL C 313 -18.56 35.54 -7.82
C VAL C 313 -18.22 34.33 -6.94
N LEU C 314 -18.54 34.40 -5.65
CA LEU C 314 -18.28 33.27 -4.72
C LEU C 314 -19.15 32.07 -5.13
N ALA C 315 -20.39 32.33 -5.58
CA ALA C 315 -21.28 31.24 -6.04
C ALA C 315 -20.70 30.59 -7.30
N LYS C 316 -20.16 31.39 -8.22
CA LYS C 316 -19.56 30.84 -9.46
C LYS C 316 -18.28 30.07 -9.11
N ALA C 317 -17.50 30.58 -8.15
CA ALA C 317 -16.32 29.85 -7.71
C ALA C 317 -16.69 28.53 -7.07
N LEU C 318 -17.80 28.52 -6.34
CA LEU C 318 -18.26 27.26 -5.68
C LEU C 318 -18.71 26.28 -6.77
N ARG C 319 -19.48 26.75 -7.76
CA ARG C 319 -19.94 25.87 -8.83
C ARG C 319 -18.77 25.28 -9.59
N LEU C 320 -17.74 26.08 -9.84
CA LEU C 320 -16.54 25.56 -10.47
C LEU C 320 -15.84 24.53 -9.58
N SER C 321 -15.60 24.88 -8.32
CA SER C 321 -14.90 23.99 -7.42
C SER C 321 -15.70 22.72 -7.17
N GLY C 322 -17.01 22.85 -7.00
CA GLY C 322 -17.85 21.70 -6.77
C GLY C 322 -18.74 21.82 -5.55
N GLY C 323 -20.04 21.65 -5.75
CA GLY C 323 -21.00 21.55 -4.68
C GLY C 323 -22.40 21.31 -5.20
N ASP C 324 -23.10 20.33 -4.63
CA ASP C 324 -24.45 20.02 -5.10
C ASP C 324 -25.47 21.00 -4.55
N HIS C 325 -25.30 21.43 -3.30
CA HIS C 325 -26.11 22.46 -2.70
C HIS C 325 -25.22 23.61 -2.27
N LEU C 326 -25.79 24.82 -2.23
CA LEU C 326 -25.04 25.99 -1.74
C LEU C 326 -26.01 26.93 -1.02
N HIS C 327 -25.88 27.03 0.30
CA HIS C 327 -26.70 27.95 1.08
C HIS C 327 -26.62 29.33 0.47
N SER C 328 -27.73 29.82 -0.08
CA SER C 328 -27.70 30.98 -0.95
C SER C 328 -28.47 32.18 -0.43
N GLY C 329 -29.22 32.06 0.64
CA GLY C 329 -29.98 33.20 1.13
C GLY C 329 -30.61 32.93 2.46
N THR C 330 -31.01 34.01 3.14
CA THR C 330 -31.71 33.87 4.45
C THR C 330 -33.13 34.42 4.29
N VAL C 331 -34.09 33.88 5.05
CA VAL C 331 -35.53 34.28 4.90
C VAL C 331 -36.03 34.95 6.18
N VAL C 332 -35.13 35.62 6.92
CA VAL C 332 -35.56 36.36 8.15
C VAL C 332 -36.78 37.22 7.78
N GLY C 333 -37.94 36.93 8.37
CA GLY C 333 -39.15 37.65 7.99
C GLY C 333 -39.56 37.27 6.58
N LYS C 334 -38.74 37.67 5.60
CA LYS C 334 -39.00 37.29 4.18
C LYS C 334 -37.63 37.08 3.52
N LEU C 335 -37.60 36.59 2.27
CA LEU C 335 -36.29 36.48 1.57
C LEU C 335 -35.62 37.86 1.59
N GLU C 336 -34.44 37.96 2.22
CA GLU C 336 -33.75 39.27 2.36
C GLU C 336 -32.92 39.57 1.10
N GLY C 337 -32.59 40.84 0.88
CA GLY C 337 -31.78 41.24 -0.30
C GLY C 337 -32.65 41.54 -1.50
N GLU C 338 -32.15 42.35 -2.43
CA GLU C 338 -32.91 42.66 -3.68
C GLU C 338 -33.31 41.33 -4.35
N ARG C 339 -34.59 41.18 -4.70
CA ARG C 339 -35.07 39.93 -5.36
C ARG C 339 -34.29 39.72 -6.65
N GLU C 340 -34.15 40.77 -7.48
CA GLU C 340 -33.50 40.62 -8.80
C GLU C 340 -32.07 40.09 -8.62
N VAL C 341 -31.33 40.65 -7.64
CA VAL C 341 -29.94 40.19 -7.39
C VAL C 341 -29.98 38.70 -7.01
N THR C 342 -30.89 38.33 -6.10
CA THR C 342 -31.01 36.91 -5.68
C THR C 342 -31.32 36.06 -6.91
N LEU C 343 -32.33 36.45 -7.69
CA LEU C 343 -32.72 35.70 -8.90
C LEU C 343 -31.51 35.59 -9.83
N GLY C 344 -30.75 36.68 -9.98
CA GLY C 344 -29.58 36.68 -10.86
C GLY C 344 -28.58 35.61 -10.45
N PHE C 345 -28.18 35.58 -9.18
CA PHE C 345 -27.12 34.60 -8.76
C PHE C 345 -27.74 33.20 -8.67
N VAL C 346 -29.05 33.10 -8.45
CA VAL C 346 -29.71 31.77 -8.46
C VAL C 346 -29.66 31.24 -9.90
N ASP C 347 -30.01 32.10 -10.87
CA ASP C 347 -29.91 31.66 -12.27
C ASP C 347 -28.46 31.37 -12.65
N LEU C 348 -27.53 32.18 -12.14
CA LEU C 348 -26.12 31.97 -12.46
C LEU C 348 -25.63 30.63 -11.92
N MET C 349 -26.11 30.23 -10.75
CA MET C 349 -25.70 28.98 -10.15
C MET C 349 -26.55 27.78 -10.56
N ARG C 350 -27.65 28.00 -11.29
CA ARG C 350 -28.55 26.93 -11.71
C ARG C 350 -28.51 26.66 -13.20
N ASP C 351 -28.72 27.67 -14.03
CA ASP C 351 -28.93 27.48 -15.46
C ASP C 351 -27.62 27.17 -16.17
N ASP C 352 -27.72 26.76 -17.44
CA ASP C 352 -26.52 26.43 -18.24
C ASP C 352 -26.08 27.67 -19.03
N TYR C 353 -27.00 28.57 -19.34
CA TYR C 353 -26.64 29.75 -20.17
C TYR C 353 -27.37 30.98 -19.63
N ILE C 354 -26.61 31.92 -19.05
CA ILE C 354 -27.22 33.15 -18.46
C ILE C 354 -26.75 34.34 -19.28
N GLU C 355 -27.69 35.02 -19.96
CA GLU C 355 -27.36 36.21 -20.79
C GLU C 355 -27.11 37.41 -19.89
N LYS C 356 -26.32 38.38 -20.36
CA LYS C 356 -26.00 39.60 -19.57
C LYS C 356 -27.30 40.31 -19.19
N ASP C 357 -27.46 40.65 -17.91
CA ASP C 357 -28.67 41.39 -17.44
C ASP C 357 -28.25 42.30 -16.29
N ARG C 358 -27.96 43.57 -16.58
CA ARG C 358 -27.45 44.49 -15.52
C ARG C 358 -28.53 44.74 -14.46
N SER C 359 -29.81 44.59 -14.84
CA SER C 359 -30.92 44.75 -13.86
C SER C 359 -30.78 43.74 -12.72
N ARG C 360 -30.34 42.52 -13.04
CA ARG C 360 -30.23 41.45 -12.01
C ARG C 360 -28.76 41.30 -11.58
N GLY C 361 -27.86 42.14 -12.10
CA GLY C 361 -26.45 42.12 -11.66
C GLY C 361 -25.60 41.20 -12.50
N ILE C 362 -26.12 40.72 -13.63
CA ILE C 362 -25.29 39.88 -14.55
C ILE C 362 -24.51 40.82 -15.47
N TYR C 363 -23.20 40.97 -15.24
CA TYR C 363 -22.39 41.92 -16.03
C TYR C 363 -21.87 41.23 -17.30
N PHE C 364 -21.97 39.90 -17.36
CA PHE C 364 -21.43 39.16 -18.53
C PHE C 364 -22.28 37.93 -18.85
N THR C 365 -22.37 37.56 -20.14
CA THR C 365 -23.04 36.32 -20.50
C THR C 365 -22.18 35.14 -20.03
N GLN C 366 -22.79 34.21 -19.32
CA GLN C 366 -22.06 33.08 -18.74
C GLN C 366 -22.53 31.79 -19.39
N ASP C 367 -21.66 31.17 -20.17
CA ASP C 367 -21.90 29.86 -20.73
C ASP C 367 -21.23 28.83 -19.83
N TRP C 368 -22.00 27.86 -19.37
CA TRP C 368 -21.50 26.85 -18.46
C TRP C 368 -21.11 25.54 -19.15
N VAL C 369 -21.27 25.47 -20.47
CA VAL C 369 -21.01 24.31 -21.32
C VAL C 369 -21.28 22.99 -20.58
N SER C 370 -22.52 22.82 -20.12
CA SER C 370 -23.04 21.57 -19.59
C SER C 370 -22.41 21.18 -18.25
N LEU C 371 -21.83 22.14 -17.54
CA LEU C 371 -21.43 21.88 -16.16
C LEU C 371 -22.66 21.69 -15.29
N PRO C 372 -22.64 20.72 -14.38
CA PRO C 372 -23.83 20.48 -13.54
C PRO C 372 -24.18 21.70 -12.71
N GLY C 373 -25.47 21.97 -12.59
CA GLY C 373 -25.91 23.08 -11.79
C GLY C 373 -25.90 22.80 -10.30
N THR C 374 -25.89 23.89 -9.53
CA THR C 374 -25.90 23.82 -8.07
C THR C 374 -27.27 24.22 -7.55
N MET C 375 -27.79 23.45 -6.60
CA MET C 375 -29.11 23.74 -6.05
C MET C 375 -29.02 24.80 -4.97
N PRO C 376 -29.71 25.92 -5.12
CA PRO C 376 -29.68 26.93 -4.06
C PRO C 376 -30.48 26.49 -2.85
N VAL C 377 -29.95 26.81 -1.66
CA VAL C 377 -30.62 26.45 -0.39
C VAL C 377 -30.96 27.73 0.37
N ALA C 378 -32.24 28.05 0.49
CA ALA C 378 -32.71 29.21 1.24
C ALA C 378 -33.04 28.77 2.66
N SER C 379 -32.33 29.35 3.63
CA SER C 379 -32.50 28.91 5.05
C SER C 379 -33.04 30.05 5.90
N GLY C 380 -33.23 29.81 7.20
CA GLY C 380 -33.69 30.87 8.12
C GLY C 380 -35.07 30.59 8.67
N GLY C 381 -35.82 31.64 8.99
CA GLY C 381 -37.14 31.49 9.57
C GLY C 381 -38.23 31.31 8.53
N ILE C 382 -38.28 30.10 7.95
CA ILE C 382 -39.31 29.79 6.92
C ILE C 382 -40.63 29.45 7.63
N HIS C 383 -41.48 30.46 7.88
CA HIS C 383 -42.75 30.19 8.52
C HIS C 383 -43.73 29.61 7.51
N VAL C 384 -44.77 28.96 8.03
CA VAL C 384 -45.67 28.18 7.17
C VAL C 384 -46.36 29.09 6.17
N TRP C 385 -46.87 30.23 6.62
CA TRP C 385 -47.56 31.13 5.71
C TRP C 385 -46.62 31.87 4.77
N HIS C 386 -45.32 31.75 4.95
CA HIS C 386 -44.36 32.34 4.02
C HIS C 386 -43.88 31.38 2.95
N MET C 387 -44.32 30.11 3.02
CA MET C 387 -43.95 29.15 2.00
C MET C 387 -44.40 29.53 0.58
N PRO C 388 -45.61 30.05 0.35
CA PRO C 388 -45.99 30.38 -1.04
C PRO C 388 -45.06 31.37 -1.70
N ALA C 389 -44.59 32.38 -0.96
CA ALA C 389 -43.69 33.38 -1.55
C ALA C 389 -42.39 32.74 -2.01
N LEU C 390 -41.79 31.90 -1.16
CA LEU C 390 -40.53 31.28 -1.53
C LEU C 390 -40.70 30.25 -2.63
N VAL C 391 -41.82 29.54 -2.64
CA VAL C 391 -42.09 28.60 -3.73
C VAL C 391 -42.22 29.35 -5.06
N GLU C 392 -42.89 30.51 -5.03
CA GLU C 392 -43.00 31.31 -6.24
C GLU C 392 -41.64 31.84 -6.68
N ILE C 393 -40.82 32.32 -5.73
CA ILE C 393 -39.53 32.96 -6.10
C ILE C 393 -38.52 31.91 -6.59
N PHE C 394 -38.45 30.76 -5.93
CA PHE C 394 -37.41 29.79 -6.25
C PHE C 394 -37.87 28.70 -7.21
N GLY C 395 -39.12 28.27 -7.12
CA GLY C 395 -39.59 27.19 -7.95
C GLY C 395 -39.36 25.83 -7.31
N ASP C 396 -39.14 24.80 -8.13
CA ASP C 396 -38.94 23.46 -7.61
C ASP C 396 -37.48 23.13 -7.34
N ASP C 397 -36.55 23.77 -8.05
CA ASP C 397 -35.14 23.41 -7.94
C ASP C 397 -34.46 24.22 -6.84
N ALA C 398 -34.91 24.00 -5.61
CA ALA C 398 -34.31 24.65 -4.45
C ALA C 398 -34.66 23.84 -3.22
N CYS C 399 -33.85 24.04 -2.18
CA CYS C 399 -34.09 23.43 -0.88
C CYS C 399 -34.41 24.54 0.12
N LEU C 400 -35.59 24.41 0.73
CA LEU C 400 -36.00 25.37 1.79
C LEU C 400 -35.53 24.78 3.12
N GLN C 401 -34.77 25.56 3.89
CA GLN C 401 -34.18 25.05 5.11
C GLN C 401 -34.79 25.75 6.33
N PHE C 402 -35.24 24.95 7.29
CA PHE C 402 -35.77 25.50 8.54
C PHE C 402 -34.65 25.54 9.58
N GLY C 403 -33.72 26.48 9.34
CA GLY C 403 -32.56 26.63 10.21
C GLY C 403 -32.92 27.09 11.61
N GLY C 404 -34.14 27.56 11.82
CA GLY C 404 -34.59 27.83 13.17
C GLY C 404 -34.83 26.60 14.00
N GLY C 405 -34.74 25.41 13.42
CA GLY C 405 -34.99 24.20 14.16
C GLY C 405 -36.44 23.87 14.36
N THR C 406 -37.31 24.64 13.70
CA THR C 406 -38.79 24.50 13.86
C THR C 406 -39.14 24.59 15.34
N LEU C 407 -39.67 23.51 15.93
CA LEU C 407 -40.00 23.46 17.38
C LEU C 407 -41.15 24.40 17.73
N GLY C 408 -41.60 25.23 16.78
CA GLY C 408 -42.72 26.10 17.03
C GLY C 408 -44.06 25.40 17.02
N HIS C 409 -44.07 24.16 16.54
CA HIS C 409 -45.33 23.36 16.52
C HIS C 409 -45.57 22.79 17.92
N PRO C 410 -46.72 23.09 18.57
CA PRO C 410 -46.96 22.64 19.95
C PRO C 410 -46.95 21.14 20.12
N TRP C 411 -47.15 20.38 19.05
CA TRP C 411 -47.27 18.93 19.20
C TRP C 411 -45.90 18.25 19.27
N GLY C 412 -44.97 18.65 18.41
CA GLY C 412 -43.64 18.08 18.44
C GLY C 412 -42.88 18.38 17.16
N ASN C 413 -41.70 17.77 17.06
CA ASN C 413 -40.85 17.96 15.89
C ASN C 413 -41.45 17.28 14.67
N ALA C 414 -41.85 16.02 14.82
CA ALA C 414 -42.41 15.24 13.68
C ALA C 414 -43.67 15.90 13.09
N PRO C 415 -44.73 16.25 13.87
CA PRO C 415 -45.89 16.94 13.29
C PRO C 415 -45.53 18.30 12.66
N GLY C 416 -44.58 19.02 13.26
CA GLY C 416 -44.13 20.29 12.67
C GLY C 416 -43.54 20.05 11.30
N ALA C 417 -42.72 19.01 11.17
CA ALA C 417 -42.14 18.65 9.85
C ALA C 417 -43.27 18.31 8.88
N ALA C 418 -44.26 17.54 9.34
CA ALA C 418 -45.39 17.15 8.48
C ALA C 418 -46.14 18.40 8.02
N ALA C 419 -46.43 19.31 8.95
CA ALA C 419 -47.14 20.57 8.59
C ALA C 419 -46.36 21.26 7.48
N ASN C 420 -45.05 21.41 7.65
CA ASN C 420 -44.21 22.08 6.62
C ASN C 420 -44.35 21.32 5.31
N ARG C 421 -44.22 19.98 5.35
CA ARG C 421 -44.32 19.21 4.10
C ARG C 421 -45.68 19.38 3.46
N VAL C 422 -46.74 19.36 4.27
CA VAL C 422 -48.09 19.54 3.74
C VAL C 422 -48.23 20.91 3.11
N ALA C 423 -47.70 21.95 3.76
CA ALA C 423 -47.79 23.30 3.22
C ALA C 423 -47.04 23.41 1.90
N LEU C 424 -45.83 22.86 1.84
CA LEU C 424 -45.05 22.92 0.60
C LEU C 424 -45.76 22.19 -0.53
N GLU C 425 -46.29 20.99 -0.25
CA GLU C 425 -46.96 20.24 -1.30
C GLU C 425 -48.24 20.94 -1.76
N ALA C 426 -48.98 21.54 -0.83
CA ALA C 426 -50.19 22.27 -1.21
C ALA C 426 -49.86 23.48 -2.07
N CYS C 427 -48.81 24.22 -1.70
CA CYS C 427 -48.40 25.36 -2.51
C CYS C 427 -47.96 24.92 -3.90
N THR C 428 -47.20 23.83 -3.98
CA THR C 428 -46.76 23.33 -5.28
C THR C 428 -47.95 22.91 -6.13
N GLN C 429 -48.92 22.22 -5.53
CA GLN C 429 -50.10 21.78 -6.27
C GLN C 429 -50.88 22.99 -6.77
N ALA C 430 -51.05 24.01 -5.93
CA ALA C 430 -51.75 25.22 -6.35
C ALA C 430 -51.03 25.90 -7.50
N ARG C 431 -49.70 26.00 -7.42
CA ARG C 431 -48.94 26.63 -8.50
C ARG C 431 -49.08 25.84 -9.80
N ASN C 432 -49.09 24.52 -9.71
CA ASN C 432 -49.24 23.70 -10.91
C ASN C 432 -50.61 23.87 -11.55
N GLU C 433 -51.62 24.26 -10.78
CA GLU C 433 -52.97 24.43 -11.32
C GLU C 433 -53.16 25.76 -12.02
N GLY C 434 -52.17 26.64 -12.01
CA GLY C 434 -52.31 27.95 -12.59
C GLY C 434 -52.63 29.06 -11.62
N ARG C 435 -52.61 28.78 -10.32
CA ARG C 435 -52.87 29.81 -9.33
C ARG C 435 -51.70 30.78 -9.23
N ASP C 436 -52.01 32.00 -8.82
CA ASP C 436 -51.00 33.03 -8.59
C ASP C 436 -50.65 33.02 -7.11
N LEU C 437 -49.50 32.44 -6.77
CA LEU C 437 -49.15 32.22 -5.37
C LEU C 437 -49.02 33.52 -4.60
N ALA C 438 -48.41 34.54 -5.23
CA ALA C 438 -48.22 35.82 -4.55
C ALA C 438 -49.53 36.48 -4.17
N ARG C 439 -50.64 36.07 -4.77
CA ARG C 439 -51.95 36.63 -4.45
C ARG C 439 -52.86 35.69 -3.69
N GLU C 440 -52.66 34.38 -3.78
CA GLU C 440 -53.56 33.41 -3.15
C GLU C 440 -52.82 32.48 -2.19
N GLY C 441 -51.64 32.88 -1.70
CA GLY C 441 -50.91 32.03 -0.78
C GLY C 441 -51.65 31.76 0.51
N GLY C 442 -52.28 32.81 1.07
CA GLY C 442 -53.06 32.62 2.28
C GLY C 442 -54.26 31.71 2.06
N ASP C 443 -54.95 31.88 0.93
CA ASP C 443 -56.08 31.01 0.63
C ASP C 443 -55.64 29.56 0.49
N VAL C 444 -54.52 29.33 -0.19
CA VAL C 444 -54.03 27.96 -0.35
C VAL C 444 -53.63 27.37 0.99
N ILE C 445 -52.97 28.16 1.83
CA ILE C 445 -52.55 27.67 3.15
C ILE C 445 -53.78 27.31 3.98
N ARG C 446 -54.79 28.19 3.96
CA ARG C 446 -56.03 27.93 4.74
C ARG C 446 -56.69 26.66 4.22
N ALA C 447 -56.83 26.53 2.90
CA ALA C 447 -57.49 25.37 2.33
C ALA C 447 -56.77 24.08 2.70
N ALA C 448 -55.44 24.12 2.71
CA ALA C 448 -54.66 22.93 3.12
C ALA C 448 -54.89 22.67 4.61
N CYS C 449 -54.96 23.75 5.41
CA CYS C 449 -55.15 23.60 6.85
C CYS C 449 -56.53 23.04 7.18
N LYS C 450 -57.50 23.25 6.29
CA LYS C 450 -58.89 22.78 6.54
C LYS C 450 -58.91 21.25 6.71
N TRP C 451 -57.96 20.54 6.08
CA TRP C 451 -57.98 19.05 6.13
C TRP C 451 -56.76 18.50 6.87
N SER C 452 -55.79 19.37 7.24
CA SER C 452 -54.58 18.87 7.88
C SER C 452 -54.58 19.26 9.35
N PRO C 453 -54.83 18.31 10.26
CA PRO C 453 -54.74 18.65 11.69
C PRO C 453 -53.36 19.12 12.09
N GLU C 454 -52.30 18.56 11.49
CA GLU C 454 -50.94 18.99 11.82
C GLU C 454 -50.71 20.43 11.41
N LEU C 455 -51.16 20.81 10.22
CA LEU C 455 -51.03 22.19 9.78
C LEU C 455 -51.96 23.13 10.56
N ALA C 456 -53.07 22.61 11.09
CA ALA C 456 -53.96 23.45 11.88
C ALA C 456 -53.27 23.95 13.14
N ALA C 457 -52.51 23.08 13.82
CA ALA C 457 -51.74 23.50 14.98
C ALA C 457 -50.52 24.33 14.61
N ALA C 458 -50.16 24.33 13.33
CA ALA C 458 -48.99 25.12 12.87
C ALA C 458 -49.45 26.48 12.38
N CYS C 459 -50.61 26.54 11.72
CA CYS C 459 -51.11 27.80 11.17
C CYS C 459 -51.55 28.77 12.26
N GLU C 460 -51.76 28.29 13.49
CA GLU C 460 -52.12 29.17 14.58
C GLU C 460 -50.88 29.82 15.18
N GLN D 45 -50.82 16.00 19.50
CA GLN D 45 -51.02 14.73 18.76
C GLN D 45 -49.66 14.15 18.39
N VAL D 46 -49.62 12.86 18.05
CA VAL D 46 -48.31 12.19 17.77
C VAL D 46 -48.32 11.59 16.36
N TRP D 47 -47.38 11.98 15.51
CA TRP D 47 -47.26 11.39 14.16
C TRP D 47 -47.18 9.87 14.31
N THR D 48 -48.08 9.13 13.68
CA THR D 48 -48.12 7.64 13.85
C THR D 48 -46.96 7.00 13.09
N PRO D 49 -46.14 6.11 13.69
CA PRO D 49 -45.09 5.41 12.95
C PRO D 49 -45.58 4.05 12.45
N LEU D 50 -46.87 3.77 12.58
CA LEU D 50 -47.42 2.45 12.20
C LEU D 50 -48.21 2.58 10.90
N ASN D 51 -47.86 1.79 9.88
CA ASN D 51 -48.61 1.80 8.59
C ASN D 51 -48.79 3.24 8.11
N ASN D 52 -47.71 4.02 8.07
CA ASN D 52 -47.78 5.42 7.57
C ASN D 52 -46.73 5.60 6.47
N LYS D 53 -46.85 4.84 5.38
CA LYS D 53 -45.88 4.94 4.26
C LYS D 53 -46.26 6.11 3.35
N PHE D 54 -45.28 6.68 2.65
CA PHE D 54 -45.54 7.81 1.76
C PHE D 54 -44.78 7.62 0.46
N PHE D 55 -45.24 8.29 -0.59
CA PHE D 55 -44.64 8.09 -1.94
C PHE D 55 -44.20 9.42 -2.55
N GLU D 56 -43.35 10.18 -1.86
CA GLU D 56 -42.76 11.43 -2.41
C GLU D 56 -43.80 12.51 -2.74
N THR D 57 -43.77 13.05 -3.96
CA THR D 57 -44.61 14.23 -4.32
C THR D 57 -46.12 14.03 -4.14
N PHE D 58 -46.78 15.03 -3.56
CA PHE D 58 -48.23 15.06 -3.39
C PHE D 58 -48.76 13.89 -2.57
N SER D 59 -47.88 13.13 -1.91
CA SER D 59 -48.32 12.01 -1.10
C SER D 59 -48.87 12.44 0.24
N TYR D 60 -48.56 13.66 0.68
CA TYR D 60 -49.05 14.18 1.96
C TYR D 60 -50.34 14.98 1.82
N LEU D 61 -50.85 15.14 0.62
CA LEU D 61 -52.16 15.70 0.40
C LEU D 61 -53.21 14.60 0.41
N PRO D 62 -54.51 14.90 0.61
CA PRO D 62 -55.55 13.87 0.52
C PRO D 62 -55.54 13.22 -0.88
N PRO D 63 -56.04 11.98 -1.05
CA PRO D 63 -56.00 11.30 -2.35
C PRO D 63 -56.59 12.22 -3.43
N MET D 64 -55.88 12.37 -4.55
CA MET D 64 -56.34 13.32 -5.60
C MET D 64 -57.53 12.74 -6.37
N THR D 65 -58.51 13.58 -6.70
CA THR D 65 -59.66 13.15 -7.48
C THR D 65 -59.29 13.12 -8.96
N ASP D 66 -60.26 12.71 -9.79
CA ASP D 66 -60.03 12.65 -11.23
C ASP D 66 -59.75 14.03 -11.80
N ALA D 67 -60.49 15.04 -11.34
CA ALA D 67 -60.27 16.41 -11.82
C ALA D 67 -58.88 16.91 -11.42
N GLU D 68 -58.44 16.62 -10.20
CA GLU D 68 -57.13 17.08 -9.76
C GLU D 68 -56.01 16.39 -10.54
N ILE D 69 -56.15 15.08 -10.75
CA ILE D 69 -55.15 14.35 -11.58
C ILE D 69 -55.14 14.99 -12.97
N SER D 70 -56.33 15.22 -13.53
CA SER D 70 -56.42 15.80 -14.86
C SER D 70 -55.71 17.15 -14.92
N ARG D 71 -55.90 17.99 -13.90
CA ARG D 71 -55.24 19.29 -13.90
C ARG D 71 -53.72 19.15 -13.79
N GLN D 72 -53.25 18.19 -13.00
CA GLN D 72 -51.82 17.97 -12.90
C GLN D 72 -51.24 17.48 -14.23
N VAL D 73 -51.95 16.59 -14.92
CA VAL D 73 -51.49 16.10 -16.21
C VAL D 73 -51.52 17.22 -17.24
N ASP D 74 -52.53 18.09 -17.17
CA ASP D 74 -52.57 19.26 -18.05
C ASP D 74 -51.40 20.19 -17.79
N TYR D 75 -51.01 20.34 -16.52
CA TYR D 75 -49.83 21.15 -16.21
C TYR D 75 -48.58 20.53 -16.82
N ILE D 76 -48.45 19.21 -16.71
CA ILE D 76 -47.29 18.54 -17.31
C ILE D 76 -47.27 18.74 -18.82
N VAL D 77 -48.42 18.58 -19.46
CA VAL D 77 -48.51 18.71 -20.91
C VAL D 77 -48.23 20.15 -21.35
N SER D 78 -48.73 21.11 -20.55
CA SER D 78 -48.55 22.54 -20.91
C SER D 78 -47.06 22.88 -21.00
N ASN D 79 -46.25 22.36 -20.08
CA ASN D 79 -44.83 22.67 -20.08
C ASN D 79 -44.09 22.06 -21.26
N GLY D 80 -44.75 21.21 -22.04
CA GLY D 80 -44.10 20.53 -23.13
C GLY D 80 -43.58 19.14 -22.78
N TRP D 81 -43.98 18.60 -21.65
CA TRP D 81 -43.46 17.32 -21.17
C TRP D 81 -44.42 16.19 -21.48
N THR D 82 -43.89 14.97 -21.42
CA THR D 82 -44.66 13.77 -21.75
C THR D 82 -45.08 13.08 -20.46
N PRO D 83 -46.38 12.84 -20.25
CA PRO D 83 -46.80 12.05 -19.08
C PRO D 83 -46.91 10.56 -19.38
N CYS D 84 -46.52 9.76 -18.39
CA CYS D 84 -46.64 8.31 -18.47
C CYS D 84 -47.07 7.80 -17.10
N LEU D 85 -47.32 6.48 -17.06
CA LEU D 85 -47.84 5.87 -15.81
C LEU D 85 -46.90 4.78 -15.30
N GLU D 86 -46.60 4.83 -14.00
CA GLU D 86 -45.78 3.76 -13.38
C GLU D 86 -46.68 3.04 -12.37
N PHE D 87 -46.44 1.75 -12.15
CA PHE D 87 -47.22 0.98 -11.20
C PHE D 87 -46.33 -0.06 -10.54
N ALA D 88 -46.65 -0.38 -9.30
CA ALA D 88 -45.92 -1.41 -8.56
C ALA D 88 -46.82 -1.97 -7.47
N GLY D 89 -46.74 -3.28 -7.27
CA GLY D 89 -47.42 -3.90 -6.16
C GLY D 89 -46.76 -3.58 -4.84
N ALA D 90 -47.39 -4.02 -3.76
CA ALA D 90 -46.92 -3.67 -2.43
C ALA D 90 -45.55 -4.27 -2.13
N GLU D 91 -45.19 -5.37 -2.79
CA GLU D 91 -43.90 -6.01 -2.54
C GLU D 91 -42.74 -5.25 -3.16
N SER D 92 -42.98 -4.42 -4.17
CA SER D 92 -41.91 -3.67 -4.83
C SER D 92 -42.25 -2.19 -4.95
N ALA D 93 -42.96 -1.66 -3.96
CA ALA D 93 -43.35 -0.25 -3.97
C ALA D 93 -42.44 0.63 -3.12
N TYR D 94 -42.00 0.13 -1.97
CA TYR D 94 -41.19 0.90 -1.04
C TYR D 94 -39.70 0.62 -1.28
N THR D 95 -38.88 1.60 -0.94
CA THR D 95 -37.44 1.45 -1.08
C THR D 95 -36.93 0.36 -0.15
N SER D 96 -35.87 -0.33 -0.59
CA SER D 96 -35.33 -1.44 0.16
C SER D 96 -33.86 -1.60 -0.17
N ASN D 97 -33.17 -2.37 0.67
CA ASN D 97 -31.74 -2.66 0.52
C ASN D 97 -31.51 -4.13 0.24
N GLU D 98 -32.36 -4.75 -0.59
CA GLU D 98 -32.29 -6.20 -0.76
C GLU D 98 -31.04 -6.60 -1.54
N ASN D 99 -30.63 -5.79 -2.51
CA ASN D 99 -29.50 -6.13 -3.37
C ASN D 99 -28.18 -5.57 -2.88
N CYS D 100 -28.18 -4.82 -1.78
CA CYS D 100 -26.94 -4.30 -1.22
C CYS D 100 -26.02 -5.41 -0.74
N VAL D 101 -26.55 -6.62 -0.54
CA VAL D 101 -25.73 -7.76 -0.14
C VAL D 101 -24.74 -8.16 -1.21
N ARG D 102 -24.97 -7.77 -2.46
CA ARG D 102 -24.09 -8.12 -3.57
C ARG D 102 -22.99 -7.10 -3.83
N MET D 103 -22.92 -6.04 -3.03
CA MET D 103 -22.05 -4.91 -3.33
C MET D 103 -20.96 -4.74 -2.28
N GLN D 104 -19.86 -4.17 -2.76
CA GLN D 104 -18.74 -3.89 -1.84
C GLN D 104 -18.42 -2.40 -1.96
N ASN D 105 -17.31 -1.98 -1.36
CA ASN D 105 -16.85 -0.60 -1.41
C ASN D 105 -17.83 0.36 -0.77
N THR D 106 -18.98 0.57 -1.40
CA THR D 106 -20.00 1.46 -0.87
C THR D 106 -21.35 1.11 -1.48
N THR D 107 -22.41 1.54 -0.79
CA THR D 107 -23.78 1.49 -1.31
C THR D 107 -24.43 2.85 -1.31
N CYS D 108 -23.63 3.92 -1.26
CA CYS D 108 -24.17 5.27 -1.19
C CYS D 108 -25.04 5.57 -2.41
N LEU D 109 -26.23 6.12 -2.17
CA LEU D 109 -27.15 6.55 -3.25
C LEU D 109 -27.72 5.35 -4.03
N TYR D 110 -27.57 4.12 -3.52
CA TYR D 110 -28.20 2.98 -4.14
C TYR D 110 -29.38 2.54 -3.28
N TYR D 111 -30.55 2.45 -3.89
CA TYR D 111 -31.74 1.95 -3.22
C TYR D 111 -32.56 1.15 -4.23
N ASP D 112 -33.16 0.08 -3.76
CA ASP D 112 -34.00 -0.76 -4.60
C ASP D 112 -35.40 -0.18 -4.68
N ASN D 113 -36.13 -0.62 -5.70
CA ASN D 113 -37.52 -0.23 -5.97
C ASN D 113 -37.67 1.25 -6.30
N ARG D 114 -36.57 1.95 -6.62
CA ARG D 114 -36.71 3.30 -7.15
C ARG D 114 -37.40 3.27 -8.50
N TYR D 115 -37.07 2.26 -9.31
CA TYR D 115 -37.77 2.04 -10.57
C TYR D 115 -39.08 1.30 -10.34
N TRP D 116 -40.15 1.82 -10.91
CA TRP D 116 -41.40 1.10 -11.03
C TRP D 116 -41.52 0.54 -12.44
N THR D 117 -42.69 -0.01 -12.76
CA THR D 117 -42.90 -0.61 -14.11
C THR D 117 -43.72 0.35 -14.96
N MET D 118 -43.28 0.61 -16.20
CA MET D 118 -44.01 1.54 -17.10
C MET D 118 -45.33 0.90 -17.54
N TRP D 119 -46.38 1.71 -17.65
CA TRP D 119 -47.71 1.19 -18.06
C TRP D 119 -47.98 1.55 -19.52
N CYS D 126 -50.37 9.52 -24.43
CA CYS D 126 -49.67 10.59 -23.74
C CYS D 126 -49.83 11.91 -24.49
N THR D 127 -51.07 12.38 -24.59
CA THR D 127 -51.38 13.62 -25.30
C THR D 127 -52.08 14.67 -24.45
N ASP D 128 -52.92 14.27 -23.51
CA ASP D 128 -53.72 15.21 -22.73
C ASP D 128 -54.13 14.55 -21.42
N GLY D 129 -54.85 15.31 -20.60
CA GLY D 129 -55.28 14.79 -19.31
C GLY D 129 -56.28 13.67 -19.42
N GLY D 130 -57.21 13.76 -20.36
CA GLY D 130 -58.24 12.74 -20.49
C GLY D 130 -57.67 11.37 -20.83
N GLN D 131 -56.71 11.33 -21.75
CA GLN D 131 -56.10 10.05 -22.13
C GLN D 131 -55.35 9.42 -20.96
N VAL D 132 -54.60 10.24 -20.21
CA VAL D 132 -53.87 9.72 -19.06
C VAL D 132 -54.84 9.25 -17.99
N LEU D 133 -55.97 9.95 -17.83
CA LEU D 133 -56.98 9.48 -16.87
C LEU D 133 -57.58 8.15 -17.30
N ARG D 134 -57.87 8.00 -18.60
CA ARG D 134 -58.37 6.72 -19.09
C ARG D 134 -57.36 5.61 -18.85
N GLU D 135 -56.08 5.90 -19.08
CA GLU D 135 -55.04 4.91 -18.80
C GLU D 135 -54.94 4.62 -17.31
N VAL D 136 -55.21 5.60 -16.46
CA VAL D 136 -55.20 5.37 -15.02
C VAL D 136 -56.30 4.40 -14.62
N GLN D 137 -57.51 4.60 -15.16
CA GLN D 137 -58.58 3.65 -14.92
C GLN D 137 -58.25 2.26 -15.47
N ALA D 138 -57.65 2.20 -16.66
CA ALA D 138 -57.27 0.90 -17.21
C ALA D 138 -56.25 0.19 -16.33
N CYS D 139 -55.24 0.93 -15.83
CA CYS D 139 -54.26 0.33 -14.94
C CYS D 139 -54.89 -0.10 -13.63
N ARG D 140 -55.84 0.69 -13.11
CA ARG D 140 -56.56 0.31 -11.90
C ARG D 140 -57.30 -1.00 -12.10
N ARG D 141 -58.00 -1.15 -13.22
CA ARG D 141 -58.73 -2.39 -13.49
C ARG D 141 -57.78 -3.56 -13.65
N ALA D 142 -56.67 -3.37 -14.38
CA ALA D 142 -55.75 -4.46 -14.64
C ALA D 142 -54.99 -4.89 -13.39
N PHE D 143 -54.55 -3.90 -12.61
CA PHE D 143 -53.78 -4.18 -11.36
C PHE D 143 -54.43 -3.44 -10.19
N PRO D 144 -55.48 -4.00 -9.56
CA PRO D 144 -56.20 -3.29 -8.49
C PRO D 144 -55.38 -3.17 -7.19
N ASP D 145 -54.39 -4.04 -6.99
CA ASP D 145 -53.61 -4.03 -5.73
C ASP D 145 -52.25 -3.35 -5.97
N ALA D 146 -52.19 -2.42 -6.93
CA ALA D 146 -50.89 -1.78 -7.27
C ALA D 146 -50.97 -0.26 -7.13
N TYR D 147 -49.92 0.36 -6.59
CA TYR D 147 -49.88 1.84 -6.53
C TYR D 147 -49.60 2.37 -7.95
N ILE D 148 -50.30 3.42 -8.36
CA ILE D 148 -50.06 4.02 -9.71
C ILE D 148 -49.37 5.38 -9.53
N ARG D 149 -48.35 5.66 -10.34
CA ARG D 149 -47.60 6.93 -10.22
C ARG D 149 -47.52 7.62 -11.59
N VAL D 150 -47.87 8.90 -11.67
CA VAL D 150 -47.79 9.65 -12.91
C VAL D 150 -46.40 10.26 -12.99
N VAL D 151 -45.69 9.99 -14.09
CA VAL D 151 -44.34 10.50 -14.28
C VAL D 151 -44.34 11.47 -15.47
N GLY D 152 -43.42 12.42 -15.43
CA GLY D 152 -43.26 13.38 -16.50
C GLY D 152 -41.85 13.31 -17.05
N PHE D 153 -41.73 13.45 -18.37
CA PHE D 153 -40.39 13.36 -19.02
C PHE D 153 -40.20 14.55 -19.95
N ASP D 154 -39.15 15.35 -19.72
CA ASP D 154 -38.84 16.47 -20.65
C ASP D 154 -38.27 15.84 -21.93
N PRO D 155 -38.91 16.02 -23.11
CA PRO D 155 -38.46 15.36 -24.34
C PRO D 155 -37.15 15.95 -24.89
N VAL D 156 -36.83 17.18 -24.53
CA VAL D 156 -35.60 17.85 -25.05
C VAL D 156 -34.40 17.43 -24.19
N ARG D 157 -34.49 17.62 -22.88
CA ARG D 157 -33.36 17.29 -21.97
C ARG D 157 -33.27 15.77 -21.77
N GLN D 158 -34.34 15.04 -22.14
CA GLN D 158 -34.36 13.57 -21.92
C GLN D 158 -34.11 13.26 -20.44
N VAL D 159 -34.82 13.97 -19.55
CA VAL D 159 -34.67 13.72 -18.09
C VAL D 159 -36.08 13.59 -17.48
N GLN D 160 -36.21 12.90 -16.34
CA GLN D 160 -37.54 12.85 -15.68
C GLN D 160 -37.75 14.17 -14.93
N VAL D 161 -38.91 14.81 -15.14
CA VAL D 161 -39.18 16.10 -14.51
C VAL D 161 -40.34 16.05 -13.53
N SER D 162 -41.10 14.95 -13.54
CA SER D 162 -42.30 14.86 -12.67
C SER D 162 -42.48 13.43 -12.14
N GLY D 163 -43.15 13.29 -11.00
CA GLY D 163 -43.39 11.95 -10.40
C GLY D 163 -44.26 12.05 -9.16
N PHE D 164 -45.57 11.85 -9.32
CA PHE D 164 -46.50 11.92 -8.16
C PHE D 164 -47.45 10.72 -8.16
N LEU D 165 -47.72 10.17 -6.97
CA LEU D 165 -48.63 9.00 -6.84
C LEU D 165 -50.07 9.47 -7.09
N VAL D 166 -50.87 8.66 -7.80
CA VAL D 166 -52.28 9.04 -8.11
C VAL D 166 -53.23 7.93 -7.65
N ASN D 167 -52.68 6.82 -7.14
CA ASN D 167 -53.54 5.68 -6.74
C ASN D 167 -52.93 4.90 -5.59
N ARG D 168 -53.71 4.59 -4.56
CA ARG D 168 -53.23 3.76 -3.42
C ARG D 168 -54.18 2.56 -3.30
N PRO D 169 -53.71 1.29 -3.47
CA PRO D 169 -54.61 0.14 -3.47
C PRO D 169 -55.38 0.04 -2.16
N ALA D 170 -56.72 0.00 -2.24
CA ALA D 170 -57.55 -0.12 -1.02
C ALA D 170 -57.16 -1.40 -0.26
N SER D 171 -56.85 -2.47 -0.98
CA SER D 171 -56.48 -3.76 -0.34
C SER D 171 -55.28 -3.56 0.58
N VAL D 172 -54.26 -2.83 0.14
CA VAL D 172 -53.03 -2.64 0.97
C VAL D 172 -53.32 -1.61 2.06
N ARG D 173 -52.81 -1.84 3.26
CA ARG D 173 -53.08 -0.92 4.40
C ARG D 173 -51.75 -0.49 5.02
N ASP D 174 -50.74 -0.20 4.17
CA ASP D 174 -49.41 0.23 4.66
C ASP D 174 -49.38 1.76 4.77
N TYR D 175 -50.50 2.42 4.52
CA TYR D 175 -50.54 3.91 4.53
C TYR D 175 -51.70 4.40 5.40
N GLN D 176 -51.62 5.63 5.89
CA GLN D 176 -52.71 6.20 6.74
C GLN D 176 -53.54 7.18 5.91
N GLY D 177 -54.51 7.83 6.54
CA GLY D 177 -55.33 8.85 5.86
C GLY D 177 -55.04 10.23 6.44
N PRO D 178 -55.43 11.34 5.78
CA PRO D 178 -55.07 12.68 6.26
C PRO D 178 -55.37 12.90 7.76
N SER D 179 -56.44 12.28 8.28
CA SER D 179 -56.83 12.48 9.69
C SER D 179 -56.21 11.41 10.59
N THR D 180 -55.80 10.27 10.02
CA THR D 180 -55.27 9.15 10.84
C THR D 180 -53.74 9.21 10.88
N ARG D 181 -53.14 10.23 10.27
CA ARG D 181 -51.67 10.39 10.25
C ARG D 181 -51.17 10.78 11.65
N SER D 182 -52.05 11.38 12.47
CA SER D 182 -51.67 11.73 13.87
C SER D 182 -52.61 11.04 14.85
N VAL D 183 -52.07 10.51 15.96
CA VAL D 183 -52.91 9.78 16.96
C VAL D 183 -52.63 10.36 18.35
N LEU E 22 19.41 26.60 49.24
CA LEU E 22 18.84 25.62 48.32
C LEU E 22 18.18 26.33 47.14
N THR E 23 18.73 26.13 45.95
CA THR E 23 18.17 26.74 44.75
C THR E 23 16.88 26.06 44.31
N TYR E 24 16.60 24.86 44.82
CA TYR E 24 15.48 24.06 44.37
C TYR E 24 14.35 23.97 45.37
N TYR E 25 14.51 24.56 46.55
CA TYR E 25 13.44 24.70 47.53
C TYR E 25 13.05 26.17 47.57
N THR E 26 11.85 26.48 47.08
CA THR E 26 11.35 27.85 46.99
C THR E 26 9.98 27.92 47.65
N PRO E 27 9.94 28.02 48.97
CA PRO E 27 8.65 28.03 49.67
C PRO E 27 7.77 29.23 49.34
N ASP E 28 8.33 30.29 48.75
CA ASP E 28 7.54 31.44 48.35
C ASP E 28 7.05 31.35 46.91
N TYR E 29 7.35 30.25 46.21
CA TYR E 29 6.93 30.13 44.82
C TYR E 29 5.45 29.84 44.72
N GLN E 30 4.79 30.51 43.77
CA GLN E 30 3.38 30.26 43.51
C GLN E 30 3.26 29.46 42.23
N PRO E 31 2.76 28.22 42.27
CA PRO E 31 2.72 27.40 41.06
C PRO E 31 1.87 28.04 39.98
N LYS E 32 2.32 27.89 38.73
CA LYS E 32 1.63 28.48 37.60
C LYS E 32 0.41 27.64 37.22
N ASP E 33 -0.43 28.19 36.35
CA ASP E 33 -1.67 27.48 35.92
C ASP E 33 -1.29 26.34 34.98
N THR E 34 -0.06 26.33 34.47
CA THR E 34 0.36 25.29 33.54
C THR E 34 1.37 24.32 34.14
N ASP E 35 1.74 24.48 35.40
CA ASP E 35 2.68 23.58 36.04
C ASP E 35 2.05 22.22 36.29
N ILE E 36 2.85 21.17 36.15
CA ILE E 36 2.48 19.83 36.59
C ILE E 36 2.96 19.70 38.03
N LEU E 37 2.05 19.37 38.94
CA LEU E 37 2.36 19.32 40.36
C LEU E 37 2.33 17.88 40.86
N ALA E 38 3.30 17.53 41.68
CA ALA E 38 3.39 16.21 42.30
C ALA E 38 3.44 16.38 43.81
N ALA E 39 2.78 15.47 44.52
CA ALA E 39 2.79 15.46 45.98
C ALA E 39 3.48 14.17 46.41
N PHE E 40 4.72 14.29 46.86
CA PHE E 40 5.52 13.15 47.28
C PHE E 40 5.44 12.99 48.79
N ARG E 41 5.15 11.78 49.24
CA ARG E 41 5.27 11.41 50.65
C ARG E 41 6.64 10.76 50.84
N MET E 42 7.52 11.50 51.53
CA MET E 42 8.92 11.01 51.64
C MET E 42 9.37 10.89 53.10
N THR E 43 10.16 9.86 53.39
CA THR E 43 10.77 9.67 54.70
C THR E 43 12.28 9.77 54.54
N PRO E 44 12.89 10.90 54.86
CA PRO E 44 14.34 11.03 54.69
C PRO E 44 15.12 10.25 55.74
N GLN E 45 16.37 9.95 55.40
CA GLN E 45 17.25 9.29 56.34
C GLN E 45 17.50 10.20 57.54
N PRO E 46 17.74 9.64 58.73
CA PRO E 46 18.00 10.49 59.90
C PRO E 46 19.21 11.37 59.69
N GLY E 47 19.08 12.62 60.12
CA GLY E 47 20.09 13.64 59.89
C GLY E 47 19.86 14.49 58.66
N VAL E 48 19.03 14.04 57.73
CA VAL E 48 18.71 14.80 56.52
C VAL E 48 17.48 15.64 56.83
N PRO E 49 17.58 16.98 56.78
CA PRO E 49 16.40 17.80 57.01
C PRO E 49 15.40 17.63 55.88
N PRO E 50 14.10 17.79 56.16
CA PRO E 50 13.10 17.63 55.10
C PRO E 50 13.29 18.59 53.93
N GLU E 51 13.75 19.81 54.21
CA GLU E 51 13.96 20.82 53.14
C GLU E 51 15.00 20.30 52.15
N GLU E 52 16.09 19.71 52.66
CA GLU E 52 17.14 19.17 51.79
C GLU E 52 16.62 18.02 50.93
N ALA E 53 15.79 17.14 51.51
CA ALA E 53 15.25 16.02 50.76
C ALA E 53 14.30 16.48 49.67
N GLY E 54 13.41 17.42 49.99
CA GLY E 54 12.54 17.99 48.97
C GLY E 54 13.32 18.68 47.88
N ALA E 55 14.39 19.37 48.25
CA ALA E 55 15.24 20.04 47.23
C ALA E 55 15.81 18.98 46.28
N ALA E 56 16.25 17.83 46.83
CA ALA E 56 16.85 16.77 45.99
C ALA E 56 15.81 16.22 45.01
N VAL E 57 14.60 15.91 45.50
CA VAL E 57 13.52 15.37 44.61
C VAL E 57 13.24 16.42 43.52
N ALA E 58 13.16 17.69 43.91
CA ALA E 58 12.90 18.78 42.93
C ALA E 58 14.02 18.80 41.89
N ALA E 59 15.27 18.66 42.32
CA ALA E 59 16.42 18.70 41.38
C ALA E 59 16.39 17.47 40.48
N ARG E 79 14.83 27.52 34.66
CA ARG E 79 13.67 27.69 33.73
C ARG E 79 13.00 26.33 33.53
N TYR E 80 13.78 25.26 33.43
CA TYR E 80 13.23 23.90 33.24
C TYR E 80 13.50 23.07 34.49
N LYS E 81 13.78 23.73 35.61
CA LYS E 81 14.13 22.99 36.83
C LYS E 81 12.87 22.73 37.66
N GLY E 82 12.72 21.50 38.16
CA GLY E 82 11.60 21.24 39.08
C GLY E 82 11.92 21.85 40.42
N ARG E 83 10.92 22.38 41.13
CA ARG E 83 11.22 23.08 42.37
C ARG E 83 10.23 22.64 43.45
N CYS E 84 10.74 22.51 44.67
CA CYS E 84 9.92 22.21 45.83
C CYS E 84 9.38 23.53 46.38
N TYR E 85 8.06 23.70 46.30
CA TYR E 85 7.46 25.00 46.72
C TYR E 85 6.74 24.86 48.06
N ASP E 86 6.51 23.62 48.53
CA ASP E 86 5.76 23.43 49.76
C ASP E 86 6.16 22.11 50.40
N ILE E 87 6.33 22.13 51.71
CA ILE E 87 6.61 20.94 52.49
C ILE E 87 5.74 20.97 53.73
N GLU E 88 4.96 19.92 53.94
CA GLU E 88 4.13 19.82 55.17
C GLU E 88 4.46 18.51 55.86
N PRO E 89 4.67 18.50 57.20
CA PRO E 89 4.87 17.23 57.92
C PRO E 89 3.58 16.44 58.00
N VAL E 90 3.73 15.11 58.08
CA VAL E 90 2.59 14.21 58.21
C VAL E 90 2.27 14.07 59.69
N PRO E 91 1.08 14.52 60.14
CA PRO E 91 0.72 14.38 61.55
C PRO E 91 0.24 12.97 61.86
N GLY E 92 1.10 12.20 62.54
CA GLY E 92 0.77 10.82 62.84
C GLY E 92 1.89 9.86 62.52
N GLU E 93 2.84 10.31 61.69
CA GLU E 93 3.99 9.50 61.31
C GLU E 93 5.27 10.27 61.62
N GLU E 94 6.27 9.57 62.13
CA GLU E 94 7.52 10.21 62.49
C GLU E 94 8.40 10.42 61.26
N ASN E 95 9.00 11.60 61.18
CA ASN E 95 9.90 11.96 60.08
C ASN E 95 9.26 11.73 58.72
N GLN E 96 8.00 12.12 58.58
CA GLN E 96 7.26 11.95 57.32
C GLN E 96 6.74 13.30 56.86
N TYR E 97 7.05 13.66 55.61
CA TYR E 97 6.65 14.93 55.05
C TYR E 97 6.04 14.73 53.68
N ILE E 98 5.16 15.65 53.31
CA ILE E 98 4.61 15.71 51.96
C ILE E 98 5.32 16.84 51.23
N ALA E 99 6.01 16.50 50.13
CA ALA E 99 6.75 17.51 49.36
C ALA E 99 6.01 17.82 48.06
N TYR E 100 5.71 19.10 47.83
CA TYR E 100 4.98 19.51 46.61
C TYR E 100 5.96 20.02 45.56
N ILE E 101 6.01 19.38 44.39
CA ILE E 101 6.99 19.76 43.34
C ILE E 101 6.26 20.38 42.15
N ALA E 102 6.82 21.45 41.56
CA ALA E 102 6.22 22.10 40.40
C ALA E 102 7.14 21.91 39.20
N TYR E 103 6.61 21.32 38.15
CA TYR E 103 7.37 21.11 36.92
C TYR E 103 6.82 22.00 35.82
N PRO E 104 7.68 22.69 35.08
CA PRO E 104 7.19 23.50 33.95
C PRO E 104 6.57 22.64 32.87
N LEU E 105 5.57 23.22 32.19
CA LEU E 105 4.84 22.48 31.16
C LEU E 105 5.74 22.10 29.99
N ASP E 106 6.80 22.89 29.73
CA ASP E 106 7.71 22.64 28.58
C ASP E 106 8.54 21.37 28.75
N LEU E 107 8.50 20.76 29.94
CA LEU E 107 9.36 19.62 30.21
C LEU E 107 8.86 18.33 29.55
N PHE E 108 7.59 18.26 29.20
CA PHE E 108 6.97 17.00 28.82
C PHE E 108 6.56 17.01 27.35
N GLU E 109 6.46 15.80 26.80
CA GLU E 109 6.01 15.64 25.40
C GLU E 109 4.49 15.60 25.38
N GLU E 110 3.87 16.31 24.44
CA GLU E 110 2.42 16.38 24.34
C GLU E 110 1.82 14.99 24.16
N GLY E 111 0.80 14.71 24.96
CA GLY E 111 0.06 13.46 24.83
C GLY E 111 0.85 12.20 25.07
N SER E 112 1.83 12.25 25.96
CA SER E 112 2.71 11.11 26.21
C SER E 112 2.73 10.80 27.71
N VAL E 113 1.97 9.79 28.12
CA VAL E 113 2.03 9.32 29.50
C VAL E 113 3.39 8.70 29.79
N THR E 114 3.98 8.02 28.79
CA THR E 114 5.30 7.45 28.96
C THR E 114 6.31 8.49 29.38
N ASN E 115 6.32 9.63 28.67
CA ASN E 115 7.30 10.71 28.99
C ASN E 115 6.98 11.28 30.39
N LEU E 116 5.70 11.48 30.68
CA LEU E 116 5.34 12.03 31.99
C LEU E 116 5.89 11.17 33.12
N PHE E 117 5.71 9.85 33.01
CA PHE E 117 6.22 8.96 34.03
C PHE E 117 7.74 8.90 34.02
N THR E 118 8.35 9.00 32.85
CA THR E 118 9.82 9.04 32.78
C THR E 118 10.36 10.28 33.49
N SER E 119 9.70 11.42 33.31
CA SER E 119 10.19 12.65 33.91
C SER E 119 9.94 12.67 35.41
N ILE E 120 8.74 12.30 35.85
CA ILE E 120 8.39 12.49 37.26
C ILE E 120 9.03 11.41 38.13
N VAL E 121 8.88 10.15 37.73
CA VAL E 121 9.35 9.03 38.62
C VAL E 121 10.40 8.18 37.90
N GLY E 122 11.12 8.74 36.93
CA GLY E 122 12.17 7.98 36.22
C GLY E 122 13.24 7.48 37.18
N ASN E 123 14.06 8.39 37.72
CA ASN E 123 15.07 7.97 38.70
C ASN E 123 14.97 8.91 39.89
N VAL E 124 14.01 8.66 40.76
CA VAL E 124 13.92 9.38 42.03
C VAL E 124 13.65 8.47 43.20
N PHE E 125 13.22 7.23 42.92
CA PHE E 125 12.94 6.25 44.01
C PHE E 125 14.25 5.58 44.42
N GLY E 126 15.34 5.80 43.68
CA GLY E 126 16.64 5.26 44.00
C GLY E 126 17.56 6.20 44.74
N PHE E 127 17.05 7.31 45.27
CA PHE E 127 17.88 8.22 46.03
C PHE E 127 18.22 7.65 47.40
N LYS E 128 19.51 7.61 47.73
CA LYS E 128 19.94 7.03 49.03
C LYS E 128 19.49 7.94 50.18
N ALA E 129 19.34 9.24 49.93
CA ALA E 129 18.99 10.16 51.00
C ALA E 129 17.56 9.96 51.51
N LEU E 130 16.77 9.15 50.83
CA LEU E 130 15.38 8.91 51.20
C LEU E 130 15.22 7.47 51.66
N ARG E 131 14.78 7.29 52.90
CA ARG E 131 14.47 5.95 53.38
C ARG E 131 13.31 5.36 52.60
N ALA E 132 12.26 6.15 52.38
CA ALA E 132 11.11 5.72 51.59
C ALA E 132 10.55 6.92 50.84
N LEU E 133 9.96 6.66 49.68
CA LEU E 133 9.38 7.70 48.86
C LEU E 133 8.11 7.17 48.20
N ARG E 134 7.05 7.97 48.22
CA ARG E 134 5.75 7.53 47.64
C ARG E 134 5.07 8.69 46.92
N LEU E 135 4.86 8.58 45.60
CA LEU E 135 4.10 9.58 44.87
C LEU E 135 2.63 9.40 45.19
N GLU E 136 2.02 10.44 45.73
CA GLU E 136 0.63 10.37 46.19
C GLU E 136 -0.36 10.92 45.17
N ASP E 137 -0.04 12.04 44.52
CA ASP E 137 -0.99 12.67 43.62
C ASP E 137 -0.24 13.43 42.54
N LEU E 138 -0.96 13.72 41.46
CA LEU E 138 -0.46 14.57 40.39
C LEU E 138 -1.53 15.61 40.06
N ARG E 139 -1.07 16.79 39.64
CA ARG E 139 -1.96 17.81 39.11
C ARG E 139 -1.62 17.98 37.64
N ILE E 140 -2.53 17.54 36.77
CA ILE E 140 -2.36 17.68 35.33
C ILE E 140 -3.05 18.99 34.92
N PRO E 141 -2.31 20.01 34.50
CA PRO E 141 -2.95 21.25 34.10
C PRO E 141 -3.81 21.04 32.87
N PRO E 142 -4.93 21.78 32.68
CA PRO E 142 -5.75 21.66 31.47
C PRO E 142 -4.90 21.74 30.20
N ALA E 143 -3.92 22.65 30.15
CA ALA E 143 -3.07 22.82 28.96
C ALA E 143 -2.48 21.45 28.56
N TYR E 144 -2.00 20.68 29.53
CA TYR E 144 -1.47 19.32 29.22
C TYR E 144 -2.64 18.38 28.91
N VAL E 145 -3.74 18.46 29.66
CA VAL E 145 -4.82 17.51 29.43
C VAL E 145 -5.32 17.61 27.99
N LYS E 146 -5.38 18.82 27.45
CA LYS E 146 -5.90 19.00 26.10
C LYS E 146 -5.04 18.34 25.04
N THR E 147 -3.79 18.00 25.34
CA THR E 147 -2.95 17.33 24.37
C THR E 147 -3.19 15.82 24.30
N PHE E 148 -4.02 15.28 25.18
CA PHE E 148 -4.33 13.86 25.21
C PHE E 148 -5.69 13.60 24.58
N GLN E 149 -5.83 12.48 23.88
CA GLN E 149 -7.13 12.08 23.38
C GLN E 149 -8.04 11.64 24.52
N GLY E 150 -7.51 10.90 25.48
CA GLY E 150 -8.31 10.38 26.56
C GLY E 150 -8.98 9.08 26.21
N PRO E 151 -9.97 8.68 27.01
CA PRO E 151 -10.65 7.42 26.73
C PRO E 151 -11.37 7.48 25.40
N PRO E 152 -11.45 6.35 24.69
CA PRO E 152 -12.06 6.38 23.35
C PRO E 152 -13.50 6.86 23.33
N HIS E 153 -14.29 6.45 24.31
CA HIS E 153 -15.73 6.81 24.26
C HIS E 153 -16.08 7.53 25.56
N GLY E 154 -15.77 6.90 26.69
CA GLY E 154 -16.16 7.49 27.99
C GLY E 154 -17.40 6.81 28.52
N ILE E 155 -17.93 7.28 29.64
CA ILE E 155 -19.08 6.65 30.28
C ILE E 155 -20.37 6.96 29.53
N GLN E 156 -20.61 8.24 29.21
CA GLN E 156 -21.88 8.60 28.61
C GLN E 156 -22.02 8.03 27.21
N VAL E 157 -20.95 8.08 26.42
CA VAL E 157 -20.99 7.49 25.06
C VAL E 157 -21.16 5.98 25.18
N GLU E 158 -20.53 5.36 26.17
CA GLU E 158 -20.70 3.89 26.37
C GLU E 158 -22.18 3.62 26.62
N ARG E 159 -22.79 4.33 27.57
CA ARG E 159 -24.23 4.11 27.91
C ARG E 159 -25.08 4.30 26.65
N ASP E 160 -24.81 5.35 25.86
CA ASP E 160 -25.62 5.59 24.68
C ASP E 160 -25.45 4.46 23.65
N LYS E 161 -24.23 3.98 23.48
CA LYS E 161 -23.96 2.90 22.48
C LYS E 161 -24.64 1.60 22.94
N LEU E 162 -24.55 1.29 24.23
CA LEU E 162 -25.12 0.07 24.76
C LEU E 162 -26.59 0.21 25.11
N ASN E 163 -27.12 1.44 25.13
CA ASN E 163 -28.57 1.67 25.38
C ASN E 163 -28.95 1.15 26.78
N LYS E 164 -28.06 1.29 27.76
CA LYS E 164 -28.32 0.86 29.13
C LYS E 164 -28.20 2.08 30.05
N TYR E 165 -29.26 2.38 30.78
CA TYR E 165 -29.32 3.57 31.60
C TYR E 165 -29.85 3.23 32.98
N GLY E 166 -29.42 4.03 33.96
CA GLY E 166 -30.02 4.00 35.27
C GLY E 166 -29.60 2.85 36.16
N ARG E 167 -28.55 2.12 35.79
CA ARG E 167 -28.14 0.98 36.58
C ARG E 167 -26.68 0.68 36.29
N GLY E 168 -26.04 0.00 37.24
CA GLY E 168 -24.69 -0.47 37.00
C GLY E 168 -24.65 -1.61 36.00
N LEU E 169 -23.47 -1.80 35.42
CA LEU E 169 -23.27 -2.90 34.49
C LEU E 169 -22.74 -4.12 35.22
N LEU E 170 -22.96 -5.28 34.62
CA LEU E 170 -22.62 -6.56 35.24
C LEU E 170 -21.70 -7.35 34.32
N GLY E 171 -20.70 -7.99 34.92
CA GLY E 171 -19.77 -8.79 34.14
C GLY E 171 -19.33 -10.02 34.92
N CYS E 172 -18.83 -11.00 34.17
CA CYS E 172 -18.32 -12.23 34.75
C CYS E 172 -17.00 -12.60 34.10
N THR E 173 -16.12 -13.24 34.88
CA THR E 173 -14.84 -13.72 34.32
C THR E 173 -15.00 -15.21 34.04
N ILE E 174 -14.90 -15.62 32.78
CA ILE E 174 -15.15 -17.05 32.42
C ILE E 174 -14.20 -17.94 33.21
N LYS E 175 -14.73 -18.92 33.94
CA LYS E 175 -13.90 -19.81 34.78
C LYS E 175 -14.21 -21.27 34.42
N PRO E 176 -13.20 -22.14 34.18
CA PRO E 176 -11.89 -22.05 34.82
C PRO E 176 -10.96 -21.03 34.18
N LYS E 177 -9.95 -20.57 34.92
CA LYS E 177 -9.02 -19.53 34.39
C LYS E 177 -8.39 -20.00 33.08
N LEU E 178 -7.82 -21.21 33.06
CA LEU E 178 -7.08 -21.69 31.87
C LEU E 178 -7.42 -23.15 31.57
N GLY E 179 -6.98 -23.66 30.42
CA GLY E 179 -7.21 -25.07 30.05
C GLY E 179 -8.44 -25.25 29.18
N LEU E 180 -9.38 -24.30 29.24
CA LEU E 180 -10.65 -24.46 28.49
C LEU E 180 -10.40 -24.28 26.98
N SER E 181 -11.06 -25.07 26.15
CA SER E 181 -10.93 -24.92 24.67
C SER E 181 -11.75 -23.69 24.23
N ALA E 182 -11.42 -23.13 23.07
CA ALA E 182 -12.16 -21.95 22.54
C ALA E 182 -13.66 -22.27 22.46
N LYS E 183 -14.02 -23.48 22.01
CA LYS E 183 -15.44 -23.89 21.93
C LYS E 183 -16.06 -23.82 23.33
N ASN E 184 -15.43 -24.44 24.32
CA ASN E 184 -16.00 -24.47 25.67
C ASN E 184 -15.99 -23.08 26.29
N TYR E 185 -14.97 -22.29 25.95
CA TYR E 185 -14.95 -20.88 26.45
C TYR E 185 -16.17 -20.15 25.87
N GLY E 186 -16.42 -20.30 24.57
CA GLY E 186 -17.58 -19.66 23.98
C GLY E 186 -18.88 -20.15 24.57
N ARG E 187 -18.96 -21.44 24.88
CA ARG E 187 -20.18 -22.02 25.49
C ARG E 187 -20.42 -21.35 26.84
N ALA E 188 -19.36 -21.23 27.66
CA ALA E 188 -19.49 -20.59 28.96
C ALA E 188 -19.91 -19.13 28.80
N VAL E 189 -19.33 -18.44 27.82
CA VAL E 189 -19.68 -17.03 27.57
C VAL E 189 -21.17 -16.92 27.24
N TYR E 190 -21.65 -17.77 26.33
CA TYR E 190 -23.05 -17.71 25.93
C TYR E 190 -23.97 -18.02 27.09
N GLU E 191 -23.63 -19.03 27.89
CA GLU E 191 -24.46 -19.40 29.02
C GLU E 191 -24.55 -18.27 30.04
N CYS E 192 -23.42 -17.60 30.31
CA CYS E 192 -23.43 -16.51 31.33
C CYS E 192 -24.14 -15.28 30.77
N LEU E 193 -23.96 -14.97 29.48
CA LEU E 193 -24.56 -13.73 28.92
C LEU E 193 -26.08 -13.88 28.78
N ARG E 194 -26.56 -15.07 28.38
CA ARG E 194 -28.02 -15.26 28.14
C ARG E 194 -28.79 -15.08 29.46
N GLY E 195 -28.13 -15.26 30.60
CA GLY E 195 -28.79 -15.14 31.91
C GLY E 195 -29.22 -13.72 32.22
N GLY E 196 -28.52 -12.73 31.66
CA GLY E 196 -28.84 -11.32 31.91
C GLY E 196 -27.60 -10.47 32.17
N LEU E 197 -26.42 -11.09 32.17
CA LEU E 197 -25.16 -10.33 32.37
C LEU E 197 -24.92 -9.46 31.14
N ASP E 198 -24.36 -8.27 31.34
CA ASP E 198 -24.11 -7.33 30.21
C ASP E 198 -22.76 -7.66 29.58
N PHE E 199 -21.82 -8.21 30.35
CA PHE E 199 -20.50 -8.46 29.83
C PHE E 199 -19.96 -9.77 30.36
N THR E 200 -19.04 -10.35 29.60
CA THR E 200 -18.12 -11.38 30.08
C THR E 200 -16.72 -10.94 29.69
N LYS E 201 -15.71 -11.61 30.26
CA LYS E 201 -14.32 -11.16 29.99
C LYS E 201 -13.37 -12.35 29.93
N ASP E 202 -12.28 -12.22 29.16
CA ASP E 202 -11.24 -13.29 29.14
C ASP E 202 -10.46 -13.18 30.46
N ASP E 203 -9.86 -14.27 30.90
CA ASP E 203 -9.01 -14.20 32.13
C ASP E 203 -7.80 -13.31 31.81
N GLU E 204 -7.22 -12.67 32.83
CA GLU E 204 -6.12 -11.73 32.60
C GLU E 204 -4.93 -12.40 31.92
N ASN E 205 -4.70 -13.68 32.18
CA ASN E 205 -3.56 -14.38 31.61
C ASN E 205 -3.92 -15.14 30.34
N VAL E 206 -5.14 -14.99 29.84
CA VAL E 206 -5.58 -15.64 28.61
C VAL E 206 -5.32 -14.66 27.47
N ASN E 207 -4.26 -14.92 26.71
CA ASN E 207 -3.95 -14.08 25.52
C ASN E 207 -3.97 -15.00 24.30
N SER E 208 -3.03 -15.95 24.22
CA SER E 208 -2.95 -16.88 23.11
C SER E 208 -2.06 -18.03 23.55
N GLN E 209 -2.64 -19.20 23.73
CA GLN E 209 -1.85 -20.33 24.28
C GLN E 209 -2.08 -21.58 23.42
N PRO E 210 -1.22 -22.63 23.51
CA PRO E 210 -1.46 -23.87 22.77
C PRO E 210 -2.87 -24.42 23.01
N PHE E 211 -3.39 -24.28 24.24
CA PHE E 211 -4.72 -24.85 24.59
C PHE E 211 -5.83 -24.06 23.90
N MET E 212 -5.63 -22.75 23.70
CA MET E 212 -6.69 -21.91 23.11
C MET E 212 -6.05 -20.73 22.36
N ARG E 213 -5.89 -20.87 21.04
CA ARG E 213 -5.37 -19.77 20.24
C ARG E 213 -6.38 -18.63 20.23
N TRP E 214 -5.88 -17.42 19.96
CA TRP E 214 -6.70 -16.23 20.16
C TRP E 214 -7.79 -16.10 19.09
N ARG E 215 -7.51 -16.48 17.85
CA ARG E 215 -8.50 -16.28 16.80
C ARG E 215 -9.67 -17.25 16.93
N ASP E 216 -9.39 -18.49 17.33
CA ASP E 216 -10.48 -19.42 17.62
C ASP E 216 -11.37 -18.89 18.74
N ARG E 217 -10.76 -18.37 19.80
CA ARG E 217 -11.54 -17.81 20.90
C ARG E 217 -12.36 -16.61 20.43
N PHE E 218 -11.77 -15.74 19.61
CA PHE E 218 -12.50 -14.58 19.12
C PHE E 218 -13.73 -15.01 18.31
N LEU E 219 -13.56 -16.00 17.44
CA LEU E 219 -14.68 -16.46 16.61
C LEU E 219 -15.78 -17.10 17.46
N PHE E 220 -15.41 -18.00 18.38
CA PHE E 220 -16.43 -18.67 19.18
C PHE E 220 -17.12 -17.68 20.12
N VAL E 221 -16.38 -16.73 20.68
CA VAL E 221 -16.98 -15.71 21.53
C VAL E 221 -17.91 -14.82 20.72
N ALA E 222 -17.56 -14.51 19.48
CA ALA E 222 -18.45 -13.73 18.63
C ALA E 222 -19.76 -14.48 18.38
N GLU E 223 -19.67 -15.77 18.08
CA GLU E 223 -20.89 -16.55 17.90
C GLU E 223 -21.73 -16.57 19.17
N ALA E 224 -21.08 -16.73 20.33
CA ALA E 224 -21.81 -16.75 21.59
C ALA E 224 -22.47 -15.40 21.88
N ILE E 225 -21.74 -14.31 21.63
CA ILE E 225 -22.30 -12.96 21.85
C ILE E 225 -23.53 -12.76 20.98
N TYR E 226 -23.44 -13.15 19.71
CA TYR E 226 -24.57 -12.92 18.82
C TYR E 226 -25.76 -13.81 19.18
N LYS E 227 -25.49 -15.06 19.59
CA LYS E 227 -26.58 -15.92 20.03
C LYS E 227 -27.29 -15.35 21.25
N SER E 228 -26.51 -14.88 22.24
CA SER E 228 -27.11 -14.32 23.44
C SER E 228 -27.88 -13.03 23.13
N GLN E 229 -27.36 -12.21 22.22
CA GLN E 229 -28.07 -11.01 21.80
C GLN E 229 -29.41 -11.36 21.17
N ALA E 230 -29.41 -12.32 20.25
CA ALA E 230 -30.66 -12.71 19.60
C ALA E 230 -31.65 -13.26 20.60
N GLU E 231 -31.16 -14.04 21.58
CA GLU E 231 -32.06 -14.68 22.52
C GLU E 231 -32.68 -13.65 23.48
N THR E 232 -31.86 -12.77 24.05
CA THR E 232 -32.39 -11.87 25.07
C THR E 232 -32.91 -10.56 24.50
N GLY E 233 -32.41 -10.13 23.34
CA GLY E 233 -32.79 -8.85 22.79
C GLY E 233 -32.05 -7.66 23.33
N GLU E 234 -31.10 -7.87 24.24
CA GLU E 234 -30.26 -6.82 24.78
C GLU E 234 -28.88 -6.90 24.14
N ILE E 235 -28.22 -5.74 24.03
CA ILE E 235 -26.87 -5.72 23.48
C ILE E 235 -25.92 -6.35 24.48
N LYS E 236 -25.12 -7.29 23.98
CA LYS E 236 -24.18 -8.01 24.87
C LYS E 236 -22.75 -7.72 24.42
N GLY E 237 -21.77 -8.18 25.20
CA GLY E 237 -20.37 -7.96 24.90
C GLY E 237 -19.48 -8.86 25.71
N HIS E 238 -18.24 -8.98 25.26
CA HIS E 238 -17.23 -9.77 25.94
C HIS E 238 -15.89 -9.07 25.81
N TYR E 239 -15.21 -8.86 26.96
CA TYR E 239 -13.89 -8.18 26.96
C TYR E 239 -12.84 -9.10 26.32
N LEU E 240 -12.64 -8.99 25.01
CA LEU E 240 -11.66 -9.84 24.29
C LEU E 240 -10.25 -9.32 24.60
N ASN E 241 -9.36 -10.20 25.09
CA ASN E 241 -8.00 -9.74 25.49
C ASN E 241 -7.14 -9.51 24.25
N ALA E 242 -6.75 -8.26 24.00
CA ALA E 242 -5.86 -7.96 22.89
C ALA E 242 -4.40 -7.87 23.32
N THR E 243 -4.10 -8.06 24.60
CA THR E 243 -2.75 -7.93 25.10
C THR E 243 -1.84 -8.96 24.43
N ALA E 244 -0.73 -8.47 23.86
CA ALA E 244 0.10 -9.32 23.02
C ALA E 244 1.56 -8.94 23.21
N ALA E 245 2.44 -9.70 22.55
CA ALA E 245 3.89 -9.45 22.67
C ALA E 245 4.31 -8.18 21.93
N THR E 246 3.83 -8.01 20.69
CA THR E 246 4.25 -6.84 19.87
C THR E 246 3.04 -5.96 19.57
N ALA E 247 3.26 -4.67 19.39
CA ALA E 247 2.15 -3.73 19.10
C ALA E 247 1.45 -4.19 17.83
N GLU E 248 2.20 -4.75 16.88
CA GLU E 248 1.60 -5.20 15.63
C GLU E 248 0.60 -6.33 15.89
N GLU E 249 0.96 -7.28 16.74
CA GLU E 249 0.05 -8.38 17.08
C GLU E 249 -1.17 -7.87 17.83
N MET E 250 -0.98 -6.92 18.74
CA MET E 250 -2.09 -6.34 19.48
C MET E 250 -3.06 -5.62 18.55
N LEU E 251 -2.52 -4.84 17.61
CA LEU E 251 -3.38 -4.18 16.63
C LEU E 251 -4.07 -5.18 15.71
N LYS E 252 -3.42 -6.30 15.40
CA LYS E 252 -4.07 -7.33 14.60
C LYS E 252 -5.25 -7.94 15.34
N ARG E 253 -5.10 -8.19 16.64
CA ARG E 253 -6.21 -8.73 17.42
C ARG E 253 -7.34 -7.72 17.52
N ALA E 254 -7.01 -6.44 17.72
CA ALA E 254 -8.04 -5.41 17.71
C ALA E 254 -8.74 -5.35 16.36
N GLU E 255 -7.99 -5.52 15.28
CA GLU E 255 -8.55 -5.51 13.93
C GLU E 255 -9.50 -6.68 13.73
N CYS E 256 -9.15 -7.87 14.25
CA CYS E 256 -10.06 -9.00 14.17
C CYS E 256 -11.34 -8.73 14.93
N ALA E 257 -11.23 -8.13 16.13
CA ALA E 257 -12.43 -7.79 16.88
C ALA E 257 -13.29 -6.80 16.12
N LYS E 258 -12.66 -5.82 15.47
CA LYS E 258 -13.40 -4.86 14.66
C LYS E 258 -14.08 -5.54 13.48
N ASP E 259 -13.41 -6.52 12.87
CA ASP E 259 -13.98 -7.21 11.68
C ASP E 259 -15.14 -8.13 12.10
N LEU E 260 -15.14 -8.64 13.33
CA LEU E 260 -16.27 -9.43 13.80
C LEU E 260 -17.45 -8.58 14.21
N GLY E 261 -17.27 -7.27 14.39
CA GLY E 261 -18.35 -6.41 14.82
C GLY E 261 -18.67 -6.46 16.30
N VAL E 262 -17.83 -7.13 17.09
CA VAL E 262 -18.05 -7.27 18.53
C VAL E 262 -17.80 -5.91 19.18
N PRO E 263 -18.38 -5.65 20.35
CA PRO E 263 -18.33 -4.29 20.90
C PRO E 263 -17.04 -3.86 21.59
N ILE E 264 -16.33 -4.75 22.29
CA ILE E 264 -15.35 -4.32 23.27
C ILE E 264 -14.16 -5.27 23.31
N ILE E 265 -12.98 -4.72 23.63
CA ILE E 265 -11.75 -5.48 23.85
C ILE E 265 -11.16 -5.08 25.21
N MET E 266 -10.07 -5.75 25.57
CA MET E 266 -9.42 -5.61 26.86
C MET E 266 -7.93 -5.43 26.67
N HIS E 267 -7.28 -4.76 27.63
CA HIS E 267 -5.84 -4.56 27.59
C HIS E 267 -5.28 -4.50 29.00
N ASP E 268 -4.06 -4.99 29.15
CA ASP E 268 -3.29 -4.92 30.41
C ASP E 268 -2.28 -3.80 30.27
N TYR E 269 -2.62 -2.61 30.78
CA TYR E 269 -1.80 -1.44 30.47
C TYR E 269 -0.51 -1.38 31.29
N LEU E 270 -0.52 -1.93 32.51
CA LEU E 270 0.68 -1.81 33.37
C LEU E 270 1.72 -2.87 32.96
N THR E 271 1.30 -3.91 32.23
CA THR E 271 2.25 -4.95 31.75
C THR E 271 2.56 -4.72 30.27
N GLY E 272 1.54 -4.35 29.48
CA GLY E 272 1.75 -4.04 28.06
C GLY E 272 2.52 -2.74 27.88
N GLY E 273 2.23 -1.75 28.73
CA GLY E 273 2.94 -0.45 28.67
C GLY E 273 2.04 0.67 28.21
N PHE E 274 2.36 1.91 28.60
CA PHE E 274 1.53 3.08 28.22
C PHE E 274 1.60 3.29 26.71
N THR E 275 2.77 3.06 26.11
CA THR E 275 2.94 3.26 24.65
C THR E 275 1.97 2.33 23.89
N ALA E 276 1.92 1.05 24.28
CA ALA E 276 0.99 0.10 23.65
C ALA E 276 -0.45 0.50 23.95
N ASN E 277 -0.74 0.91 25.18
CA ASN E 277 -2.11 1.30 25.57
C ASN E 277 -2.56 2.49 24.72
N THR E 278 -1.71 3.51 24.60
CA THR E 278 -2.10 4.70 23.85
C THR E 278 -2.38 4.37 22.40
N SER E 279 -1.57 3.47 21.81
CA SER E 279 -1.86 3.03 20.45
C SER E 279 -3.22 2.34 20.37
N LEU E 280 -3.51 1.47 21.33
CA LEU E 280 -4.79 0.76 21.31
C LEU E 280 -5.96 1.73 21.51
N ALA E 281 -5.80 2.71 22.39
CA ALA E 281 -6.87 3.68 22.62
C ALA E 281 -7.13 4.53 21.39
N HIS E 282 -6.06 4.96 20.70
CA HIS E 282 -6.25 5.69 19.46
C HIS E 282 -6.95 4.83 18.42
N TYR E 283 -6.57 3.56 18.31
CA TYR E 283 -7.23 2.65 17.38
C TYR E 283 -8.71 2.50 17.73
N CYS E 284 -9.02 2.34 19.01
CA CYS E 284 -10.40 2.13 19.43
C CYS E 284 -11.25 3.36 19.16
N ARG E 285 -10.69 4.55 19.36
CA ARG E 285 -11.40 5.77 19.00
C ARG E 285 -11.64 5.82 17.49
N ASP E 286 -10.63 5.44 16.70
CA ASP E 286 -10.76 5.50 15.25
C ASP E 286 -11.81 4.52 14.73
N ASN E 287 -11.95 3.35 15.36
CA ASN E 287 -12.77 2.30 14.79
C ASN E 287 -14.03 2.02 15.60
N GLY E 288 -14.34 2.84 16.60
CA GLY E 288 -15.54 2.68 17.39
C GLY E 288 -15.60 1.44 18.25
N LEU E 289 -14.52 1.12 18.94
CA LEU E 289 -14.45 -0.02 19.86
C LEU E 289 -14.32 0.48 21.29
N LEU E 290 -14.99 -0.23 22.20
CA LEU E 290 -14.83 0.09 23.63
C LEU E 290 -13.54 -0.58 24.11
N LEU E 291 -12.96 -0.08 25.19
CA LEU E 291 -11.67 -0.57 25.70
C LEU E 291 -11.73 -0.74 27.20
N HIS E 292 -11.69 -1.99 27.65
CA HIS E 292 -11.62 -2.31 29.07
C HIS E 292 -10.17 -2.49 29.48
N ILE E 293 -9.80 -1.89 30.61
CA ILE E 293 -8.41 -1.87 31.07
C ILE E 293 -8.30 -2.66 32.35
N HIS E 294 -7.39 -3.63 32.38
CA HIS E 294 -7.11 -4.42 33.57
C HIS E 294 -5.75 -4.01 34.12
N ARG E 295 -5.68 -3.85 35.44
CA ARG E 295 -4.49 -3.35 36.10
C ARG E 295 -3.66 -4.49 36.66
N ALA E 296 -3.13 -5.31 35.77
CA ALA E 296 -2.23 -6.38 36.17
C ALA E 296 -0.91 -5.80 36.67
N MET E 297 -0.35 -6.40 37.72
CA MET E 297 0.97 -5.97 38.26
C MET E 297 0.87 -4.62 38.99
N HIS E 298 -0.35 -4.21 39.37
CA HIS E 298 -0.53 -2.89 40.04
C HIS E 298 0.00 -2.95 41.47
N ALA E 299 -0.28 -4.03 42.19
CA ALA E 299 0.11 -4.15 43.61
C ALA E 299 1.64 -4.11 43.75
N VAL E 300 2.36 -4.46 42.68
CA VAL E 300 3.85 -4.39 42.73
C VAL E 300 4.26 -2.92 42.89
N ILE E 301 3.37 -1.97 42.57
CA ILE E 301 3.75 -0.53 42.62
C ILE E 301 2.87 0.25 43.61
N ASP E 302 1.63 -0.17 43.85
CA ASP E 302 0.71 0.65 44.68
C ASP E 302 0.27 -0.05 45.98
N ARG E 303 1.02 -1.03 46.47
CA ARG E 303 0.53 -1.77 47.67
C ARG E 303 1.14 -1.16 48.94
N GLN E 304 2.46 -1.03 49.00
CA GLN E 304 3.10 -0.54 50.22
C GLN E 304 2.86 0.94 50.41
N ARG E 305 2.50 1.31 51.65
CA ARG E 305 2.17 2.69 51.98
C ARG E 305 3.38 3.62 51.92
N ASN E 306 4.59 3.08 52.14
CA ASN E 306 5.79 3.98 52.24
C ASN E 306 6.49 4.14 50.89
N HIS E 307 6.39 3.15 50.01
CA HIS E 307 7.12 3.20 48.76
C HIS E 307 6.19 2.93 47.59
N GLY E 308 6.46 3.57 46.45
CA GLY E 308 5.72 3.31 45.24
C GLY E 308 4.90 4.46 44.71
N ILE E 309 3.94 4.16 43.85
CA ILE E 309 3.04 5.15 43.27
C ILE E 309 1.62 4.76 43.65
N HIS E 310 0.88 5.70 44.24
CA HIS E 310 -0.49 5.42 44.64
C HIS E 310 -1.37 5.14 43.43
N PHE E 311 -2.33 4.22 43.59
CA PHE E 311 -3.18 3.81 42.44
C PHE E 311 -3.86 5.02 41.79
N ARG E 312 -4.15 6.07 42.57
CA ARG E 312 -4.88 7.23 41.99
C ARG E 312 -4.05 7.84 40.86
N VAL E 313 -2.73 7.88 41.00
CA VAL E 313 -1.84 8.43 39.93
C VAL E 313 -1.91 7.49 38.71
N LEU E 314 -1.91 6.18 38.96
CA LEU E 314 -2.01 5.19 37.85
C LEU E 314 -3.38 5.33 37.17
N ALA E 315 -4.44 5.59 37.96
CA ALA E 315 -5.80 5.78 37.40
C ALA E 315 -5.82 7.04 36.53
N LYS E 316 -5.17 8.12 36.97
CA LYS E 316 -5.13 9.37 36.18
C LYS E 316 -4.29 9.16 34.92
N ALA E 317 -3.20 8.40 35.03
CA ALA E 317 -2.40 8.09 33.84
C ALA E 317 -3.19 7.25 32.85
N LEU E 318 -4.03 6.35 33.37
CA LEU E 318 -4.86 5.50 32.48
C LEU E 318 -5.91 6.39 31.79
N ARG E 319 -6.56 7.29 32.55
CA ARG E 319 -7.56 8.16 31.95
C ARG E 319 -6.95 9.04 30.88
N LEU E 320 -5.74 9.53 31.11
CA LEU E 320 -5.05 10.30 30.08
C LEU E 320 -4.73 9.43 28.87
N SER E 321 -4.12 8.27 29.10
CA SER E 321 -3.72 7.40 28.00
C SER E 321 -4.94 6.89 27.25
N GLY E 322 -6.00 6.52 27.97
CA GLY E 322 -7.20 6.04 27.34
C GLY E 322 -7.70 4.71 27.86
N GLY E 323 -8.94 4.68 28.31
CA GLY E 323 -9.61 3.46 28.69
C GLY E 323 -11.04 3.72 29.11
N ASP E 324 -11.99 2.94 28.57
CA ASP E 324 -13.39 3.14 28.90
C ASP E 324 -13.73 2.54 30.26
N HIS E 325 -13.16 1.40 30.58
CA HIS E 325 -13.29 0.78 31.89
C HIS E 325 -11.91 0.63 32.50
N LEU E 326 -11.87 0.63 33.83
CA LEU E 326 -10.59 0.39 34.54
C LEU E 326 -10.87 -0.37 35.83
N HIS E 327 -10.46 -1.64 35.90
CA HIS E 327 -10.62 -2.44 37.10
C HIS E 327 -10.05 -1.68 38.28
N SER E 328 -10.90 -1.27 39.21
CA SER E 328 -10.53 -0.29 40.21
C SER E 328 -10.56 -0.79 41.64
N GLY E 329 -11.07 -1.98 41.90
CA GLY E 329 -11.12 -2.46 43.27
C GLY E 329 -11.54 -3.90 43.34
N THR E 330 -11.27 -4.52 44.51
CA THR E 330 -11.69 -5.93 44.74
C THR E 330 -12.72 -5.95 45.87
N VAL E 331 -13.65 -6.90 45.85
CA VAL E 331 -14.76 -6.95 46.86
C VAL E 331 -14.64 -8.22 47.71
N VAL E 332 -13.42 -8.72 47.90
CA VAL E 332 -13.22 -9.92 48.79
C VAL E 332 -13.98 -9.67 50.09
N GLY E 333 -15.01 -10.46 50.39
CA GLY E 333 -15.81 -10.21 51.57
C GLY E 333 -16.61 -8.94 51.39
N LYS E 334 -15.92 -7.80 51.36
CA LYS E 334 -16.58 -6.49 51.10
C LYS E 334 -15.60 -5.64 50.28
N LEU E 335 -16.04 -4.46 49.81
CA LEU E 335 -15.08 -3.57 49.10
C LEU E 335 -13.88 -3.34 50.01
N GLU E 336 -12.68 -3.75 49.56
CA GLU E 336 -11.47 -3.63 50.42
C GLU E 336 -10.86 -2.23 50.28
N GLY E 337 -10.04 -1.82 51.26
CA GLY E 337 -9.38 -0.50 51.21
C GLY E 337 -10.24 0.57 51.85
N GLU E 338 -9.62 1.65 52.33
CA GLU E 338 -10.39 2.79 52.91
C GLU E 338 -11.46 3.24 51.91
N ARG E 339 -12.72 3.35 52.35
CA ARG E 339 -13.82 3.79 51.46
C ARG E 339 -13.48 5.17 50.89
N GLU E 340 -13.05 6.11 51.73
CA GLU E 340 -12.81 7.50 51.28
C GLU E 340 -11.75 7.49 50.16
N VAL E 341 -10.68 6.72 50.33
CA VAL E 341 -9.62 6.64 49.29
C VAL E 341 -10.24 6.11 48.00
N THR E 342 -11.03 5.03 48.10
CA THR E 342 -11.69 4.44 46.91
C THR E 342 -12.57 5.51 46.26
N LEU E 343 -13.43 6.15 47.07
CA LEU E 343 -14.35 7.20 46.55
C LEU E 343 -13.52 8.30 45.88
N GLY E 344 -12.40 8.69 46.50
CA GLY E 344 -11.54 9.74 45.94
C GLY E 344 -11.07 9.38 44.53
N PHE E 345 -10.49 8.20 44.34
CA PHE E 345 -9.92 7.86 43.01
C PHE E 345 -11.07 7.52 42.04
N VAL E 346 -12.22 7.08 42.57
CA VAL E 346 -13.39 6.84 41.68
C VAL E 346 -13.86 8.20 41.17
N ASP E 347 -13.97 9.19 42.06
CA ASP E 347 -14.35 10.53 41.60
C ASP E 347 -13.28 11.11 40.68
N LEU E 348 -12.01 10.85 40.98
CA LEU E 348 -10.94 11.36 40.13
C LEU E 348 -11.00 10.77 38.73
N MET E 349 -11.37 9.50 38.63
CA MET E 349 -11.46 8.85 37.32
C MET E 349 -12.82 8.99 36.66
N ARG E 350 -13.82 9.55 37.34
CA ARG E 350 -15.16 9.69 36.79
C ARG E 350 -15.54 11.14 36.50
N ASP E 351 -15.43 12.02 37.48
CA ASP E 351 -15.97 13.37 37.38
C ASP E 351 -15.11 14.25 36.47
N ASP E 352 -15.63 15.43 36.15
CA ASP E 352 -14.88 16.38 35.28
C ASP E 352 -14.09 17.36 36.16
N TYR E 353 -14.55 17.61 37.39
CA TYR E 353 -13.88 18.61 38.25
C TYR E 353 -13.86 18.09 39.69
N ILE E 354 -12.67 17.74 40.17
CA ILE E 354 -12.53 17.19 41.56
C ILE E 354 -11.75 18.20 42.40
N GLU E 355 -12.40 18.79 43.42
CA GLU E 355 -11.74 19.78 44.29
C GLU E 355 -10.81 19.07 45.27
N LYS E 356 -9.78 19.77 45.76
CA LYS E 356 -8.80 19.17 46.71
C LYS E 356 -9.54 18.67 47.95
N ASP E 357 -9.29 17.42 48.34
CA ASP E 357 -9.92 16.84 49.57
C ASP E 357 -8.92 15.87 50.21
N ARG E 358 -8.16 16.34 51.21
CA ARG E 358 -7.09 15.48 51.81
C ARG E 358 -7.72 14.30 52.55
N SER E 359 -8.98 14.44 52.98
CA SER E 359 -9.68 13.32 53.67
C SER E 359 -9.79 12.12 52.72
N ARG E 360 -10.02 12.37 51.43
CA ARG E 360 -10.20 11.26 50.45
C ARG E 360 -8.91 11.06 49.65
N GLY E 361 -7.84 11.81 49.97
CA GLY E 361 -6.54 11.61 49.32
C GLY E 361 -6.36 12.48 48.09
N ILE E 362 -7.26 13.44 47.88
CA ILE E 362 -7.09 14.39 46.74
C ILE E 362 -6.16 15.52 47.20
N TYR E 363 -4.90 15.53 46.73
CA TYR E 363 -3.93 16.54 47.18
C TYR E 363 -4.03 17.79 46.31
N PHE E 364 -4.72 17.70 45.18
CA PHE E 364 -4.81 18.85 44.24
C PHE E 364 -6.16 18.90 43.54
N THR E 365 -6.65 20.10 43.22
CA THR E 365 -7.86 20.22 42.42
C THR E 365 -7.55 19.78 41.00
N GLN E 366 -8.35 18.87 40.46
CA GLN E 366 -8.11 18.31 39.14
C GLN E 366 -9.22 18.73 38.20
N ASP E 367 -8.89 19.57 37.22
CA ASP E 367 -9.80 19.95 36.16
C ASP E 367 -9.50 19.06 34.95
N TRP E 368 -10.52 18.38 34.44
CA TRP E 368 -10.35 17.46 33.33
C TRP E 368 -10.73 18.06 32.00
N VAL E 369 -11.16 19.32 31.98
CA VAL E 369 -11.62 20.07 30.80
C VAL E 369 -12.29 19.17 29.78
N SER E 370 -13.36 18.50 30.20
CA SER E 370 -14.27 17.76 29.34
C SER E 370 -13.64 16.51 28.73
N LEU E 371 -12.57 16.00 29.33
CA LEU E 371 -12.06 14.69 28.95
C LEU E 371 -13.06 13.61 29.35
N PRO E 372 -13.30 12.62 28.50
CA PRO E 372 -14.28 11.58 28.85
C PRO E 372 -13.88 10.84 30.12
N GLY E 373 -14.87 10.53 30.94
CA GLY E 373 -14.60 9.80 32.16
C GLY E 373 -14.42 8.31 31.94
N THR E 374 -13.78 7.67 32.91
CA THR E 374 -13.53 6.23 32.89
C THR E 374 -14.46 5.54 33.88
N MET E 375 -15.07 4.44 33.46
CA MET E 375 -15.99 3.72 34.32
C MET E 375 -15.22 2.79 35.25
N PRO E 376 -15.35 2.94 36.56
CA PRO E 376 -14.67 2.01 37.47
C PRO E 376 -15.34 0.65 37.47
N VAL E 377 -14.49 -0.40 37.52
CA VAL E 377 -15.00 -1.80 37.53
C VAL E 377 -14.58 -2.46 38.84
N ALA E 378 -15.53 -2.75 39.73
CA ALA E 378 -15.27 -3.44 40.98
C ALA E 378 -15.48 -4.93 40.77
N SER E 379 -14.41 -5.71 40.98
CA SER E 379 -14.48 -7.17 40.70
C SER E 379 -14.28 -7.97 41.98
N GLY E 380 -14.31 -9.31 41.87
CA GLY E 380 -14.05 -10.17 43.04
C GLY E 380 -15.28 -10.96 43.44
N GLY E 381 -15.39 -11.29 44.72
CA GLY E 381 -16.51 -12.09 45.21
C GLY E 381 -17.74 -11.27 45.52
N ILE E 382 -18.44 -10.83 44.47
CA ILE E 382 -19.68 -10.03 44.65
C ILE E 382 -20.84 -10.97 44.97
N HIS E 383 -21.08 -11.25 46.24
CA HIS E 383 -22.19 -12.12 46.61
C HIS E 383 -23.50 -11.34 46.52
N VAL E 384 -24.60 -12.10 46.42
CA VAL E 384 -25.90 -11.48 46.14
C VAL E 384 -26.29 -10.51 47.24
N TRP E 385 -26.14 -10.92 48.50
CA TRP E 385 -26.52 -10.04 49.60
C TRP E 385 -25.55 -8.89 49.81
N HIS E 386 -24.43 -8.86 49.10
CA HIS E 386 -23.50 -7.74 49.17
C HIS E 386 -23.73 -6.71 48.06
N MET E 387 -24.66 -6.98 47.15
CA MET E 387 -24.96 -6.02 46.11
C MET E 387 -25.47 -4.67 46.61
N PRO E 388 -26.34 -4.58 47.63
CA PRO E 388 -26.79 -3.24 48.08
C PRO E 388 -25.66 -2.34 48.52
N ALA E 389 -24.66 -2.88 49.21
CA ALA E 389 -23.54 -2.05 49.67
C ALA E 389 -22.78 -1.46 48.50
N LEU E 390 -22.46 -2.28 47.49
CA LEU E 390 -21.71 -1.77 46.35
C LEU E 390 -22.54 -0.83 45.49
N VAL E 391 -23.84 -1.08 45.38
CA VAL E 391 -24.70 -0.16 44.65
C VAL E 391 -24.73 1.20 45.35
N GLU E 392 -24.79 1.19 46.68
CA GLU E 392 -24.77 2.44 47.42
C GLU E 392 -23.43 3.15 47.25
N ILE E 393 -22.32 2.41 47.34
CA ILE E 393 -20.97 3.04 47.30
C ILE E 393 -20.65 3.58 45.89
N PHE E 394 -20.98 2.82 44.84
CA PHE E 394 -20.57 3.20 43.50
C PHE E 394 -21.64 3.96 42.73
N GLY E 395 -22.91 3.62 42.93
CA GLY E 395 -23.97 4.24 42.15
C GLY E 395 -24.25 3.50 40.86
N ASP E 396 -24.67 4.23 39.84
CA ASP E 396 -25.00 3.61 38.56
C ASP E 396 -23.82 3.55 37.60
N ASP E 397 -22.86 4.47 37.72
CA ASP E 397 -21.76 4.55 36.77
C ASP E 397 -20.60 3.67 37.19
N ALA E 398 -20.85 2.37 37.24
CA ALA E 398 -19.81 1.40 37.55
C ALA E 398 -20.23 0.04 37.03
N CYS E 399 -19.24 -0.82 36.84
CA CYS E 399 -19.47 -2.20 36.45
C CYS E 399 -19.06 -3.12 37.59
N LEU E 400 -20.03 -3.92 38.04
CA LEU E 400 -19.75 -4.93 39.10
C LEU E 400 -19.35 -6.21 38.39
N GLN E 401 -18.20 -6.76 38.73
CA GLN E 401 -17.66 -7.92 38.04
C GLN E 401 -17.65 -9.14 38.97
N PHE E 402 -18.21 -10.24 38.49
CA PHE E 402 -18.19 -11.49 39.24
C PHE E 402 -16.99 -12.33 38.79
N GLY E 403 -15.81 -11.84 39.18
CA GLY E 403 -14.56 -12.49 38.81
C GLY E 403 -14.39 -13.87 39.39
N GLY E 404 -15.21 -14.23 40.38
CA GLY E 404 -15.22 -15.59 40.87
C GLY E 404 -15.82 -16.58 39.90
N GLY E 405 -16.39 -16.12 38.78
CA GLY E 405 -17.00 -17.02 37.83
C GLY E 405 -18.37 -17.49 38.22
N THR E 406 -18.92 -16.90 39.29
CA THR E 406 -20.24 -17.31 39.84
C THR E 406 -20.22 -18.81 40.11
N LEU E 407 -21.05 -19.59 39.40
CA LEU E 407 -21.08 -21.07 39.55
C LEU E 407 -21.60 -21.50 40.92
N GLY E 408 -21.80 -20.56 41.85
CA GLY E 408 -22.34 -20.89 43.14
C GLY E 408 -23.82 -21.18 43.13
N HIS E 409 -24.49 -20.84 42.02
CA HIS E 409 -25.94 -21.11 41.88
C HIS E 409 -26.14 -22.58 41.53
N PRO E 410 -26.88 -23.38 42.33
CA PRO E 410 -27.03 -24.81 42.07
C PRO E 410 -27.65 -25.14 40.72
N TRP E 411 -28.38 -24.20 40.12
CA TRP E 411 -29.10 -24.52 38.89
C TRP E 411 -28.19 -24.44 37.67
N GLY E 412 -27.37 -23.41 37.58
CA GLY E 412 -26.46 -23.28 36.45
C GLY E 412 -25.91 -21.87 36.35
N ASN E 413 -25.17 -21.64 35.27
CA ASN E 413 -24.57 -20.33 35.02
C ASN E 413 -25.63 -19.31 34.67
N ALA E 414 -26.52 -19.65 33.74
CA ALA E 414 -27.57 -18.71 33.28
C ALA E 414 -28.49 -18.27 34.44
N PRO E 415 -29.11 -19.17 35.25
CA PRO E 415 -29.94 -18.72 36.38
C PRO E 415 -29.13 -17.90 37.41
N GLY E 416 -27.87 -18.25 37.62
CA GLY E 416 -27.02 -17.46 38.54
C GLY E 416 -26.87 -16.05 38.02
N ALA E 417 -26.66 -15.90 36.71
CA ALA E 417 -26.55 -14.55 36.11
C ALA E 417 -27.88 -13.82 36.30
N ALA E 418 -29.00 -14.51 36.08
CA ALA E 418 -30.34 -13.90 36.23
C ALA E 418 -30.51 -13.43 37.68
N ALA E 419 -30.18 -14.29 38.65
CA ALA E 419 -30.31 -13.93 40.07
C ALA E 419 -29.54 -12.63 40.32
N ASN E 420 -28.29 -12.57 39.85
CA ASN E 420 -27.46 -11.35 40.04
C ASN E 420 -28.18 -10.17 39.39
N ARG E 421 -28.65 -10.33 38.15
CA ARG E 421 -29.32 -9.21 37.50
C ARG E 421 -30.57 -8.78 38.25
N VAL E 422 -31.34 -9.75 38.74
CA VAL E 422 -32.54 -9.43 39.51
C VAL E 422 -32.17 -8.69 40.78
N ALA E 423 -31.12 -9.13 41.47
CA ALA E 423 -30.70 -8.47 42.70
C ALA E 423 -30.25 -7.04 42.42
N LEU E 424 -29.45 -6.85 41.37
CA LEU E 424 -28.98 -5.50 41.06
C LEU E 424 -30.15 -4.58 40.71
N GLU E 425 -31.09 -5.07 39.89
CA GLU E 425 -32.22 -4.23 39.51
C GLU E 425 -33.11 -3.91 40.71
N ALA E 426 -33.31 -4.88 41.61
CA ALA E 426 -34.12 -4.63 42.80
C ALA E 426 -33.45 -3.60 43.70
N CYS E 427 -32.13 -3.71 43.88
CA CYS E 427 -31.42 -2.73 44.70
C CYS E 427 -31.50 -1.34 44.07
N THR E 428 -31.34 -1.26 42.75
CA THR E 428 -31.44 0.04 42.09
C THR E 428 -32.83 0.63 42.24
N GLN E 429 -33.86 -0.19 42.07
CA GLN E 429 -35.23 0.30 42.22
C GLN E 429 -35.48 0.79 43.64
N ALA E 430 -35.00 0.05 44.64
CA ALA E 430 -35.15 0.48 46.03
C ALA E 430 -34.44 1.79 46.28
N ARG E 431 -33.22 1.94 45.76
CA ARG E 431 -32.49 3.19 45.95
C ARG E 431 -33.21 4.36 45.29
N ASN E 432 -33.80 4.13 44.11
CA ASN E 432 -34.52 5.19 43.44
C ASN E 432 -35.77 5.62 44.19
N GLU E 433 -36.33 4.74 45.03
CA GLU E 433 -37.53 5.06 45.78
C GLU E 433 -37.25 5.87 47.03
N GLY E 434 -35.98 6.11 47.37
CA GLY E 434 -35.64 6.80 48.58
C GLY E 434 -35.22 5.91 49.74
N ARG E 435 -35.08 4.61 49.50
CA ARG E 435 -34.66 3.70 50.55
C ARG E 435 -33.18 3.90 50.89
N ASP E 436 -32.83 3.58 52.13
CA ASP E 436 -31.44 3.63 52.58
C ASP E 436 -30.85 2.23 52.43
N LEU E 437 -30.04 2.03 51.40
CA LEU E 437 -29.57 0.68 51.07
C LEU E 437 -28.72 0.09 52.19
N ALA E 438 -27.86 0.91 52.79
CA ALA E 438 -26.99 0.41 53.85
C ALA E 438 -27.76 -0.10 55.06
N ARG E 439 -29.03 0.26 55.19
CA ARG E 439 -29.86 -0.21 56.30
C ARG E 439 -30.93 -1.20 55.89
N GLU E 440 -31.36 -1.22 54.62
CA GLU E 440 -32.45 -2.09 54.19
C GLU E 440 -32.04 -3.00 53.05
N GLY E 441 -30.73 -3.25 52.88
CA GLY E 441 -30.29 -4.12 51.80
C GLY E 441 -30.82 -5.54 51.93
N GLY E 442 -30.78 -6.09 53.15
CA GLY E 442 -31.31 -7.41 53.37
C GLY E 442 -32.81 -7.49 53.11
N ASP E 443 -33.56 -6.48 53.56
CA ASP E 443 -35.00 -6.46 53.31
C ASP E 443 -35.28 -6.41 51.81
N VAL E 444 -34.54 -5.58 51.07
CA VAL E 444 -34.76 -5.49 49.63
C VAL E 444 -34.41 -6.80 48.94
N ILE E 445 -33.32 -7.43 49.37
CA ILE E 445 -32.92 -8.71 48.77
C ILE E 445 -33.99 -9.77 49.03
N ARG E 446 -34.48 -9.82 50.26
CA ARG E 446 -35.53 -10.81 50.63
C ARG E 446 -36.78 -10.55 49.78
N ALA E 447 -37.21 -9.29 49.70
CA ALA E 447 -38.42 -8.96 48.97
C ALA E 447 -38.29 -9.34 47.50
N ALA E 448 -37.11 -9.13 46.92
CA ALA E 448 -36.88 -9.54 45.52
C ALA E 448 -36.91 -11.06 45.43
N CYS E 449 -36.34 -11.74 46.42
CA CYS E 449 -36.29 -13.20 46.42
C CYS E 449 -37.68 -13.81 46.56
N LYS E 450 -38.61 -13.07 47.17
CA LYS E 450 -39.98 -13.60 47.40
C LYS E 450 -40.65 -13.93 46.05
N TRP E 451 -40.26 -13.23 44.98
CA TRP E 451 -40.93 -13.44 43.66
C TRP E 451 -39.97 -14.03 42.63
N SER E 452 -38.67 -14.13 42.95
CA SER E 452 -37.71 -14.62 41.98
C SER E 452 -37.25 -16.02 42.35
N PRO E 453 -37.71 -17.06 41.64
CA PRO E 453 -37.21 -18.40 41.92
C PRO E 453 -35.71 -18.53 41.71
N GLU E 454 -35.15 -17.82 40.73
CA GLU E 454 -33.71 -17.88 40.48
C GLU E 454 -32.94 -17.28 41.65
N LEU E 455 -33.40 -16.15 42.18
CA LEU E 455 -32.76 -15.55 43.34
C LEU E 455 -33.00 -16.37 44.61
N ALA E 456 -34.09 -17.12 44.67
CA ALA E 456 -34.34 -17.96 45.83
C ALA E 456 -33.27 -19.03 45.99
N ALA E 457 -32.87 -19.66 44.88
CA ALA E 457 -31.78 -20.63 44.92
C ALA E 457 -30.42 -19.98 45.10
N ALA E 458 -30.35 -18.67 44.89
CA ALA E 458 -29.06 -17.94 45.05
C ALA E 458 -28.95 -17.39 46.48
N CYS E 459 -30.07 -16.92 47.05
CA CYS E 459 -30.05 -16.33 48.38
C CYS E 459 -29.79 -17.37 49.46
N GLU E 460 -29.94 -18.65 49.15
CA GLU E 460 -29.66 -19.70 50.13
C GLU E 460 -28.16 -20.01 50.14
N GLN F 45 -33.45 -25.71 37.94
CA GLN F 45 -34.34 -25.15 36.88
C GLN F 45 -33.48 -24.63 35.73
N VAL F 46 -34.09 -24.43 34.55
CA VAL F 46 -33.30 -24.01 33.36
C VAL F 46 -33.85 -22.70 32.80
N TRP F 47 -33.02 -21.67 32.71
CA TRP F 47 -33.44 -20.38 32.10
C TRP F 47 -34.02 -20.68 30.70
N THR F 48 -35.26 -20.29 30.45
CA THR F 48 -35.92 -20.62 29.16
C THR F 48 -35.35 -19.75 28.04
N PRO F 49 -34.91 -20.30 26.88
CA PRO F 49 -34.45 -19.48 25.77
C PRO F 49 -35.58 -19.22 24.76
N LEU F 50 -36.81 -19.58 25.13
CA LEU F 50 -37.96 -19.44 24.19
C LEU F 50 -38.84 -18.28 24.64
N ASN F 51 -39.09 -17.30 23.76
CA ASN F 51 -39.98 -16.16 24.08
C ASN F 51 -39.59 -15.57 25.44
N ASN F 52 -38.30 -15.27 25.63
CA ASN F 52 -37.84 -14.64 26.90
C ASN F 52 -37.05 -13.37 26.55
N LYS F 53 -37.71 -12.40 25.91
CA LYS F 53 -37.04 -11.13 25.53
C LYS F 53 -37.02 -10.18 26.73
N PHE F 54 -36.04 -9.27 26.78
CA PHE F 54 -35.94 -8.32 27.87
C PHE F 54 -35.61 -6.94 27.33
N PHE F 55 -35.92 -5.92 28.12
CA PHE F 55 -35.74 -4.51 27.64
C PHE F 55 -34.88 -3.70 28.61
N GLU F 56 -33.67 -4.17 28.90
CA GLU F 56 -32.70 -3.39 29.73
C GLU F 56 -33.19 -3.13 31.16
N THR F 57 -33.16 -1.86 31.61
CA THR F 57 -33.43 -1.52 33.03
C THR F 57 -34.81 -1.96 33.54
N PHE F 58 -34.83 -2.54 34.76
CA PHE F 58 -36.05 -2.94 35.45
C PHE F 58 -36.87 -3.95 34.67
N SER F 59 -36.32 -4.53 33.60
CA SER F 59 -37.04 -5.52 32.82
C SER F 59 -37.08 -6.88 33.49
N TYR F 60 -36.17 -7.14 34.44
CA TYR F 60 -36.12 -8.42 35.15
C TYR F 60 -36.92 -8.40 36.44
N LEU F 61 -37.52 -7.29 36.80
CA LEU F 61 -38.46 -7.22 37.90
C LEU F 61 -39.86 -7.53 37.40
N PRO F 62 -40.83 -7.90 38.28
CA PRO F 62 -42.21 -8.09 37.83
C PRO F 62 -42.76 -6.78 37.22
N PRO F 63 -43.79 -6.83 36.35
CA PRO F 63 -44.31 -5.63 35.69
C PRO F 63 -44.62 -4.57 36.76
N MET F 64 -44.15 -3.33 36.55
CA MET F 64 -44.34 -2.27 37.58
C MET F 64 -45.78 -1.78 37.60
N THR F 65 -46.33 -1.52 38.79
CA THR F 65 -47.68 -0.99 38.90
C THR F 65 -47.66 0.52 38.69
N ASP F 66 -48.85 1.13 38.75
CA ASP F 66 -48.95 2.57 38.57
C ASP F 66 -48.20 3.32 39.65
N ALA F 67 -48.30 2.86 40.90
CA ALA F 67 -47.59 3.51 41.99
C ALA F 67 -46.08 3.40 41.82
N GLU F 68 -45.58 2.25 41.38
CA GLU F 68 -44.15 2.08 41.19
C GLU F 68 -43.63 2.95 40.06
N ILE F 69 -44.38 2.99 38.95
CA ILE F 69 -43.99 3.89 37.82
C ILE F 69 -43.97 5.32 38.36
N SER F 70 -45.02 5.70 39.11
CA SER F 70 -45.09 7.06 39.63
C SER F 70 -43.88 7.37 40.50
N ARG F 71 -43.47 6.43 41.36
CA ARG F 71 -42.32 6.67 42.21
C ARG F 71 -41.03 6.81 41.39
N GLN F 72 -40.89 6.00 40.34
CA GLN F 72 -39.72 6.12 39.48
C GLN F 72 -39.69 7.47 38.76
N VAL F 73 -40.85 7.92 38.27
CA VAL F 73 -40.91 9.22 37.61
C VAL F 73 -40.63 10.34 38.60
N ASP F 74 -41.12 10.20 39.83
CA ASP F 74 -40.80 11.18 40.86
C ASP F 74 -39.31 11.21 41.17
N TYR F 75 -38.66 10.05 41.15
CA TYR F 75 -37.21 10.02 41.33
C TYR F 75 -36.50 10.76 40.20
N ILE F 76 -36.97 10.54 38.96
CA ILE F 76 -36.37 11.24 37.82
C ILE F 76 -36.56 12.75 37.95
N VAL F 77 -37.76 13.17 38.34
CA VAL F 77 -38.05 14.59 38.46
C VAL F 77 -37.26 15.22 39.60
N SER F 78 -37.10 14.46 40.70
CA SER F 78 -36.38 15.00 41.88
C SER F 78 -34.94 15.36 41.51
N ASN F 79 -34.29 14.53 40.69
CA ASN F 79 -32.91 14.79 40.31
C ASN F 79 -32.77 16.01 39.41
N GLY F 80 -33.87 16.58 38.94
CA GLY F 80 -33.82 17.68 38.01
C GLY F 80 -33.92 17.28 36.55
N TRP F 81 -34.29 16.05 36.26
CA TRP F 81 -34.31 15.52 34.91
C TRP F 81 -35.72 15.55 34.33
N THR F 82 -35.79 15.45 33.01
CA THR F 82 -37.06 15.51 32.30
C THR F 82 -37.49 14.11 31.89
N PRO F 83 -38.69 13.66 32.28
CA PRO F 83 -39.18 12.36 31.81
C PRO F 83 -40.00 12.48 30.53
N CYS F 84 -39.83 11.49 29.66
CA CYS F 84 -40.59 11.39 28.41
C CYS F 84 -40.94 9.93 28.18
N LEU F 85 -41.74 9.71 27.14
CA LEU F 85 -42.22 8.33 26.86
C LEU F 85 -41.79 7.87 25.47
N GLU F 86 -41.26 6.65 25.39
CA GLU F 86 -40.89 6.06 24.09
C GLU F 86 -41.81 4.84 23.87
N PHE F 87 -42.13 4.53 22.63
CA PHE F 87 -42.97 3.39 22.32
C PHE F 87 -42.53 2.77 21.00
N ALA F 88 -42.71 1.47 20.88
CA ALA F 88 -42.39 0.76 19.65
C ALA F 88 -43.22 -0.52 19.59
N GLY F 89 -43.69 -0.84 18.40
CA GLY F 89 -44.35 -2.11 18.18
C GLY F 89 -43.37 -3.26 18.18
N ALA F 90 -43.92 -4.47 18.10
CA ALA F 90 -43.08 -5.66 18.23
C ALA F 90 -42.10 -5.79 17.07
N GLU F 91 -42.41 -5.21 15.92
CA GLU F 91 -41.52 -5.31 14.77
C GLU F 91 -40.29 -4.43 14.89
N SER F 92 -40.32 -3.39 15.73
CA SER F 92 -39.18 -2.49 15.88
C SER F 92 -38.84 -2.27 17.34
N ALA F 93 -39.03 -3.30 18.17
CA ALA F 93 -38.74 -3.20 19.60
C ALA F 93 -37.39 -3.80 19.98
N TYR F 94 -37.00 -4.91 19.36
CA TYR F 94 -35.77 -5.60 19.69
C TYR F 94 -34.64 -5.15 18.76
N THR F 95 -33.42 -5.25 19.25
CA THR F 95 -32.25 -4.89 18.46
C THR F 95 -32.11 -5.84 17.27
N SER F 96 -31.59 -5.30 16.17
CA SER F 96 -31.47 -6.07 14.93
C SER F 96 -30.32 -5.53 14.11
N ASN F 97 -29.90 -6.32 13.13
CA ASN F 97 -28.81 -5.97 12.22
C ASN F 97 -29.32 -5.81 10.79
N GLU F 98 -30.50 -5.21 10.62
CA GLU F 98 -31.11 -5.18 9.30
C GLU F 98 -30.36 -4.25 8.35
N ASN F 99 -29.82 -3.15 8.86
CA ASN F 99 -29.15 -2.16 8.03
C ASN F 99 -27.66 -2.37 7.94
N CYS F 100 -27.11 -3.36 8.63
CA CYS F 100 -25.69 -3.66 8.52
C CYS F 100 -25.29 -4.09 7.12
N VAL F 101 -26.25 -4.51 6.30
CA VAL F 101 -25.96 -4.89 4.92
C VAL F 101 -25.48 -3.71 4.09
N ARG F 102 -25.75 -2.48 4.51
CA ARG F 102 -25.36 -1.30 3.77
C ARG F 102 -23.99 -0.75 4.18
N MET F 103 -23.30 -1.41 5.10
CA MET F 103 -22.10 -0.86 5.69
C MET F 103 -20.86 -1.68 5.36
N GLN F 104 -19.74 -0.98 5.36
CA GLN F 104 -18.46 -1.67 5.11
C GLN F 104 -17.54 -1.34 6.27
N ASN F 105 -16.27 -1.70 6.16
CA ASN F 105 -15.25 -1.43 7.17
C ASN F 105 -15.56 -2.11 8.49
N THR F 106 -16.60 -1.66 9.18
CA THR F 106 -16.98 -2.26 10.45
C THR F 106 -18.43 -1.91 10.76
N THR F 107 -19.03 -2.72 11.64
CA THR F 107 -20.35 -2.44 12.20
C THR F 107 -20.32 -2.40 13.73
N CYS F 108 -19.13 -2.20 14.30
CA CYS F 108 -18.98 -2.21 15.76
C CYS F 108 -19.84 -1.13 16.39
N LEU F 109 -20.59 -1.50 17.44
CA LEU F 109 -21.42 -0.54 18.22
C LEU F 109 -22.60 0.00 17.39
N TYR F 110 -22.92 -0.60 16.25
CA TYR F 110 -24.10 -0.22 15.51
C TYR F 110 -25.15 -1.31 15.68
N TYR F 111 -26.34 -0.91 16.13
CA TYR F 111 -27.47 -1.81 16.24
C TYR F 111 -28.74 -1.04 15.88
N ASP F 112 -29.65 -1.71 15.21
CA ASP F 112 -30.92 -1.11 14.84
C ASP F 112 -31.90 -1.20 16.00
N ASN F 113 -32.93 -0.37 15.93
CA ASN F 113 -34.02 -0.29 16.90
C ASN F 113 -33.56 0.17 18.27
N ARG F 114 -32.35 0.73 18.39
CA ARG F 114 -31.97 1.38 19.64
C ARG F 114 -32.85 2.58 19.89
N TYR F 115 -33.17 3.33 18.84
CA TYR F 115 -34.12 4.43 18.93
C TYR F 115 -35.55 3.91 18.89
N TRP F 116 -36.37 4.35 19.82
CA TRP F 116 -37.80 4.18 19.75
C TRP F 116 -38.43 5.49 19.29
N THR F 117 -39.76 5.56 19.33
CA THR F 117 -40.47 6.77 18.87
C THR F 117 -40.92 7.58 20.08
N MET F 118 -40.66 8.89 20.09
CA MET F 118 -41.06 9.76 21.22
C MET F 118 -42.58 9.91 21.26
N TRP F 119 -43.16 9.93 22.46
CA TRP F 119 -44.63 10.06 22.60
C TRP F 119 -44.99 11.49 23.01
N CYS F 126 -44.47 16.76 31.09
CA CYS F 126 -43.24 16.32 31.73
C CYS F 126 -42.94 17.16 32.97
N THR F 127 -43.83 17.11 33.95
CA THR F 127 -43.69 17.89 35.17
C THR F 127 -43.66 17.05 36.44
N ASP F 128 -44.39 15.95 36.49
CA ASP F 128 -44.52 15.15 37.70
C ASP F 128 -44.92 13.73 37.33
N GLY F 129 -45.05 12.89 38.36
CA GLY F 129 -45.41 11.50 38.12
C GLY F 129 -46.81 11.32 37.58
N GLY F 130 -47.76 12.10 38.08
CA GLY F 130 -49.14 11.95 37.63
C GLY F 130 -49.32 12.24 36.16
N GLN F 131 -48.67 13.29 35.66
CA GLN F 131 -48.79 13.63 34.24
C GLN F 131 -48.19 12.54 33.36
N VAL F 132 -47.03 12.01 33.75
CA VAL F 132 -46.40 10.95 32.97
C VAL F 132 -47.25 9.69 33.03
N LEU F 133 -47.89 9.42 34.16
CA LEU F 133 -48.79 8.27 34.24
C LEU F 133 -50.00 8.45 33.32
N ARG F 134 -50.57 9.66 33.29
CA ARG F 134 -51.68 9.92 32.38
C ARG F 134 -51.24 9.73 30.93
N GLU F 135 -50.04 10.20 30.59
CA GLU F 135 -49.52 9.99 29.25
C GLU F 135 -49.27 8.51 28.96
N VAL F 136 -48.90 7.73 29.99
CA VAL F 136 -48.71 6.30 29.81
C VAL F 136 -50.03 5.63 29.46
N GLN F 137 -51.10 5.98 30.18
CA GLN F 137 -52.42 5.47 29.82
C GLN F 137 -52.86 5.92 28.44
N ALA F 138 -52.59 7.17 28.07
CA ALA F 138 -52.94 7.64 26.75
C ALA F 138 -52.20 6.86 25.66
N CYS F 139 -50.90 6.61 25.86
CA CYS F 139 -50.13 5.84 24.90
C CYS F 139 -50.63 4.40 24.83
N ARG F 140 -51.00 3.83 25.97
CA ARG F 140 -51.57 2.48 26.00
C ARG F 140 -52.83 2.41 25.16
N ARG F 141 -53.73 3.39 25.34
CA ARG F 141 -54.97 3.40 24.57
C ARG F 141 -54.69 3.58 23.08
N ALA F 142 -53.78 4.50 22.74
CA ALA F 142 -53.52 4.79 21.32
C ALA F 142 -52.81 3.64 20.63
N PHE F 143 -51.82 3.06 21.32
CA PHE F 143 -51.04 1.93 20.73
C PHE F 143 -51.04 0.75 21.72
N PRO F 144 -52.09 -0.10 21.73
CA PRO F 144 -52.20 -1.19 22.69
C PRO F 144 -51.17 -2.32 22.46
N ASP F 145 -50.66 -2.44 21.23
CA ASP F 145 -49.73 -3.55 20.91
C ASP F 145 -48.29 -3.02 20.89
N ALA F 146 -48.00 -1.97 21.67
CA ALA F 146 -46.65 -1.36 21.63
C ALA F 146 -46.01 -1.35 23.02
N TYR F 147 -44.71 -1.64 23.11
CA TYR F 147 -44.00 -1.54 24.41
C TYR F 147 -43.79 -0.04 24.71
N ILE F 148 -44.01 0.36 25.96
CA ILE F 148 -43.80 1.79 26.36
C ILE F 148 -42.56 1.86 27.24
N ARG F 149 -41.70 2.86 27.01
CA ARG F 149 -40.45 3.00 27.81
C ARG F 149 -40.34 4.43 28.34
N VAL F 150 -40.09 4.59 29.64
CA VAL F 150 -39.92 5.89 30.25
C VAL F 150 -38.45 6.27 30.14
N VAL F 151 -38.17 7.43 29.56
CA VAL F 151 -36.79 7.90 29.39
C VAL F 151 -36.60 9.16 30.22
N GLY F 152 -35.36 9.37 30.65
CA GLY F 152 -35.00 10.56 31.40
C GLY F 152 -33.90 11.31 30.69
N PHE F 153 -33.99 12.65 30.72
CA PHE F 153 -32.99 13.50 30.02
C PHE F 153 -32.47 14.56 30.98
N ASP F 154 -31.15 14.60 31.21
CA ASP F 154 -30.56 15.68 32.04
C ASP F 154 -30.59 16.96 31.20
N PRO F 155 -31.30 18.03 31.62
CA PRO F 155 -31.44 19.23 30.81
C PRO F 155 -30.14 20.05 30.71
N VAL F 156 -29.24 19.88 31.68
CA VAL F 156 -27.97 20.67 31.70
C VAL F 156 -26.94 19.98 30.78
N ARG F 157 -26.68 18.69 31.01
CA ARG F 157 -25.67 17.95 30.23
C ARG F 157 -26.23 17.61 28.85
N GLN F 158 -27.55 17.71 28.67
CA GLN F 158 -28.19 17.35 27.38
C GLN F 158 -27.82 15.90 27.03
N VAL F 159 -27.96 14.98 27.99
CA VAL F 159 -27.65 13.55 27.74
C VAL F 159 -28.82 12.71 28.28
N GLN F 160 -29.02 11.50 27.75
CA GLN F 160 -30.08 10.63 28.33
C GLN F 160 -29.53 9.99 29.62
N VAL F 161 -30.29 10.08 30.72
CA VAL F 161 -29.83 9.56 31.99
C VAL F 161 -30.68 8.40 32.50
N SER F 162 -31.84 8.17 31.87
CA SER F 162 -32.75 7.11 32.35
C SER F 162 -33.44 6.41 31.19
N GLY F 163 -33.88 5.17 31.38
CA GLY F 163 -34.56 4.40 30.33
C GLY F 163 -35.04 3.05 30.83
N PHE F 164 -36.31 2.97 31.25
CA PHE F 164 -36.86 1.69 31.78
C PHE F 164 -38.23 1.40 31.14
N LEU F 165 -38.48 0.14 30.80
CA LEU F 165 -39.77 -0.26 30.18
C LEU F 165 -40.87 -0.20 31.25
N VAL F 166 -42.07 0.27 30.89
CA VAL F 166 -43.19 0.39 31.87
C VAL F 166 -44.42 -0.33 31.32
N ASN F 167 -44.34 -0.86 30.10
CA ASN F 167 -45.53 -1.52 29.49
C ASN F 167 -45.12 -2.63 28.53
N ARG F 168 -45.74 -3.80 28.64
CA ARG F 168 -45.47 -4.92 27.69
C ARG F 168 -46.81 -5.32 27.07
N PRO F 169 -47.00 -5.22 25.74
CA PRO F 169 -48.30 -5.49 25.12
C PRO F 169 -48.77 -6.91 25.41
N ALA F 170 -49.97 -7.05 25.99
CA ALA F 170 -50.52 -8.40 26.28
C ALA F 170 -50.60 -9.21 24.99
N SER F 171 -50.95 -8.57 23.88
CA SER F 171 -51.07 -9.28 22.58
C SER F 171 -49.76 -9.97 22.22
N VAL F 172 -48.62 -9.28 22.40
CA VAL F 172 -47.31 -9.88 22.01
C VAL F 172 -46.89 -10.89 23.09
N ARG F 173 -46.31 -12.01 22.68
CA ARG F 173 -45.91 -13.07 23.63
C ARG F 173 -44.44 -13.41 23.42
N ASP F 174 -43.59 -12.39 23.21
CA ASP F 174 -42.14 -12.60 22.98
C ASP F 174 -41.41 -12.55 24.33
N TYR F 175 -42.15 -12.41 25.42
CA TYR F 175 -41.52 -12.27 26.75
C TYR F 175 -42.14 -13.26 27.74
N GLN F 176 -41.43 -13.59 28.81
CA GLN F 176 -41.95 -14.55 29.83
C GLN F 176 -42.40 -13.76 31.07
N GLY F 177 -42.84 -14.48 32.11
CA GLY F 177 -43.23 -13.82 33.38
C GLY F 177 -42.25 -14.20 34.48
N PRO F 178 -42.22 -13.50 35.63
CA PRO F 178 -41.22 -13.77 36.66
C PRO F 178 -41.09 -15.26 37.03
N SER F 179 -42.20 -16.01 36.98
CA SER F 179 -42.17 -17.45 37.37
C SER F 179 -41.94 -18.34 36.14
N THR F 180 -42.20 -17.83 34.94
CA THR F 180 -42.08 -18.67 33.71
C THR F 180 -40.71 -18.45 33.06
N ARG F 181 -39.84 -17.65 33.69
CA ARG F 181 -38.49 -17.38 33.15
C ARG F 181 -37.62 -18.63 33.29
N SER F 182 -37.96 -19.51 34.24
CA SER F 182 -37.20 -20.78 34.42
C SER F 182 -38.13 -21.97 34.25
N VAL F 183 -37.69 -23.03 33.57
CA VAL F 183 -38.55 -24.23 33.31
C VAL F 183 -37.78 -25.48 33.72
N LEU G 22 38.38 -42.30 15.70
CA LEU G 22 37.27 -41.59 15.09
C LEU G 22 36.78 -40.47 15.99
N THR G 23 36.94 -39.23 15.53
CA THR G 23 36.49 -38.09 16.31
C THR G 23 34.98 -37.94 16.29
N TYR G 24 34.29 -38.61 15.37
CA TYR G 24 32.87 -38.43 15.15
C TYR G 24 32.03 -39.61 15.62
N TYR G 25 32.67 -40.67 16.10
CA TYR G 25 31.98 -41.80 16.72
C TYR G 25 32.31 -41.75 18.21
N THR G 26 31.30 -41.42 19.03
CA THR G 26 31.47 -41.27 20.47
C THR G 26 30.43 -42.13 21.18
N PRO G 27 30.69 -43.43 21.31
CA PRO G 27 29.71 -44.32 21.93
C PRO G 27 29.41 -44.01 23.39
N ASP G 28 30.26 -43.23 24.06
CA ASP G 28 30.01 -42.84 25.44
C ASP G 28 29.26 -41.52 25.55
N TYR G 29 28.89 -40.90 24.44
CA TYR G 29 28.21 -39.62 24.48
C TYR G 29 26.76 -39.80 24.90
N GLN G 30 26.30 -38.90 25.78
CA GLN G 30 24.91 -38.90 26.21
C GLN G 30 24.20 -37.75 25.51
N PRO G 31 23.21 -38.00 24.65
CA PRO G 31 22.57 -36.91 23.92
C PRO G 31 21.91 -35.92 24.85
N LYS G 32 22.00 -34.64 24.49
CA LYS G 32 21.43 -33.58 25.29
C LYS G 32 19.92 -33.50 25.12
N ASP G 33 19.27 -32.72 25.98
CA ASP G 33 17.78 -32.58 25.90
C ASP G 33 17.42 -31.71 24.68
N THR G 34 18.39 -31.02 24.10
CA THR G 34 18.12 -30.15 22.98
C THR G 34 18.68 -30.67 21.66
N ASP G 35 19.32 -31.83 21.67
CA ASP G 35 19.86 -32.41 20.44
C ASP G 35 18.75 -32.89 19.52
N ILE G 36 18.95 -32.74 18.22
CA ILE G 36 18.11 -33.38 17.21
C ILE G 36 18.76 -34.72 16.91
N LEU G 37 17.99 -35.80 17.04
CA LEU G 37 18.51 -37.14 16.90
C LEU G 37 17.94 -37.79 15.64
N ALA G 38 18.80 -38.48 14.90
CA ALA G 38 18.40 -39.21 13.70
C ALA G 38 18.81 -40.66 13.85
N ALA G 39 17.97 -41.57 13.37
CA ALA G 39 18.26 -43.00 13.38
C ALA G 39 18.37 -43.44 11.93
N PHE G 40 19.59 -43.67 11.47
CA PHE G 40 19.86 -44.08 10.10
C PHE G 40 20.01 -45.59 10.02
N ARG G 41 19.30 -46.20 9.08
CA ARG G 41 19.52 -47.60 8.74
C ARG G 41 20.46 -47.64 7.54
N MET G 42 21.70 -48.09 7.79
CA MET G 42 22.72 -48.03 6.72
C MET G 42 23.33 -49.39 6.44
N THR G 43 23.62 -49.66 5.17
CA THR G 43 24.33 -50.86 4.75
C THR G 43 25.66 -50.45 4.13
N PRO G 44 26.76 -50.54 4.87
CA PRO G 44 28.05 -50.13 4.31
C PRO G 44 28.58 -51.11 3.29
N GLN G 45 29.48 -50.61 2.44
CA GLN G 45 30.13 -51.46 1.46
C GLN G 45 31.00 -52.49 2.19
N PRO G 46 31.18 -53.68 1.60
CA PRO G 46 32.01 -54.70 2.27
C PRO G 46 33.42 -54.20 2.49
N GLY G 47 33.96 -54.51 3.67
CA GLY G 47 35.24 -54.02 4.09
C GLY G 47 35.19 -52.75 4.94
N VAL G 48 34.08 -52.02 4.90
CA VAL G 48 33.90 -50.81 5.69
C VAL G 48 33.27 -51.23 7.02
N PRO G 49 33.94 -51.02 8.15
CA PRO G 49 33.32 -51.35 9.43
C PRO G 49 32.15 -50.42 9.72
N PRO G 50 31.15 -50.89 10.47
CA PRO G 50 29.99 -50.03 10.76
C PRO G 50 30.36 -48.75 11.50
N GLU G 51 31.37 -48.82 12.37
CA GLU G 51 31.80 -47.63 13.15
C GLU G 51 32.28 -46.54 12.20
N GLU G 52 33.06 -46.92 11.18
CA GLU G 52 33.57 -45.96 10.21
C GLU G 52 32.43 -45.32 9.41
N ALA G 53 31.43 -46.12 9.02
CA ALA G 53 30.32 -45.59 8.24
C ALA G 53 29.48 -44.63 9.08
N GLY G 54 29.18 -44.99 10.33
CA GLY G 54 28.48 -44.07 11.20
C GLY G 54 29.26 -42.79 11.44
N ALA G 55 30.57 -42.91 11.58
CA ALA G 55 31.42 -41.70 11.75
C ALA G 55 31.26 -40.80 10.52
N ALA G 56 31.24 -41.38 9.32
CA ALA G 56 31.12 -40.57 8.08
C ALA G 56 29.78 -39.84 8.05
N VAL G 57 28.68 -40.55 8.34
CA VAL G 57 27.32 -39.92 8.35
C VAL G 57 27.33 -38.78 9.39
N ALA G 58 27.91 -39.04 10.56
CA ALA G 58 27.98 -38.00 11.62
C ALA G 58 28.76 -36.80 11.11
N ALA G 59 29.87 -37.03 10.41
CA ALA G 59 30.71 -35.92 9.91
C ALA G 59 29.96 -35.17 8.81
N ARG G 79 31.96 -28.64 18.33
CA ARG G 79 30.85 -27.91 19.00
C ARG G 79 29.62 -27.96 18.10
N TYR G 80 29.81 -27.85 16.78
CA TYR G 80 28.67 -27.90 15.83
C TYR G 80 28.78 -29.17 14.98
N LYS G 81 29.54 -30.15 15.47
CA LYS G 81 29.75 -31.37 14.68
C LYS G 81 28.69 -32.42 15.03
N GLY G 82 28.12 -33.07 14.03
CA GLY G 82 27.19 -34.18 14.32
C GLY G 82 28.01 -35.38 14.76
N ARG G 83 27.51 -36.18 15.70
CA ARG G 83 28.32 -37.27 16.19
C ARG G 83 27.47 -38.53 16.28
N CYS G 84 28.09 -39.66 15.97
CA CYS G 84 27.46 -40.96 16.09
C CYS G 84 27.69 -41.45 17.52
N TYR G 85 26.61 -41.58 18.29
CA TYR G 85 26.74 -41.95 19.73
C TYR G 85 26.31 -43.39 19.96
N ASP G 86 25.64 -44.02 18.97
CA ASP G 86 25.15 -45.37 19.17
C ASP G 86 25.03 -46.07 17.82
N ILE G 87 25.44 -47.33 17.79
CA ILE G 87 25.30 -48.17 16.61
C ILE G 87 24.80 -49.53 17.08
N GLU G 88 23.69 -49.98 16.50
CA GLU G 88 23.16 -51.32 16.83
C GLU G 88 22.99 -52.10 15.52
N PRO G 89 23.43 -53.37 15.44
CA PRO G 89 23.17 -54.18 14.24
C PRO G 89 21.72 -54.56 14.13
N VAL G 90 21.26 -54.75 12.89
CA VAL G 90 19.90 -55.16 12.60
C VAL G 90 19.84 -56.67 12.67
N PRO G 91 19.08 -57.26 13.60
CA PRO G 91 18.98 -58.72 13.69
C PRO G 91 17.99 -59.25 12.65
N GLY G 92 18.53 -59.86 11.60
CA GLY G 92 17.68 -60.36 10.52
C GLY G 92 18.17 -59.97 9.15
N GLU G 93 19.04 -58.95 9.09
CA GLU G 93 19.61 -58.47 7.84
C GLU G 93 21.13 -58.49 7.95
N GLU G 94 21.79 -58.90 6.87
CA GLU G 94 23.24 -58.98 6.87
C GLU G 94 23.86 -57.61 6.63
N ASN G 95 24.90 -57.30 7.41
CA ASN G 95 25.64 -56.04 7.29
C ASN G 95 24.71 -54.83 7.35
N GLN G 96 23.76 -54.86 8.27
CA GLN G 96 22.79 -53.77 8.44
C GLN G 96 22.85 -53.25 9.87
N TYR G 97 23.03 -51.94 10.01
CA TYR G 97 23.14 -51.32 11.32
C TYR G 97 22.26 -50.10 11.38
N ILE G 98 21.83 -49.78 12.60
CA ILE G 98 21.11 -48.54 12.88
C ILE G 98 22.10 -47.58 13.54
N ALA G 99 22.33 -46.43 12.91
CA ALA G 99 23.29 -45.45 13.44
C ALA G 99 22.53 -44.26 14.04
N TYR G 100 22.79 -43.94 15.30
CA TYR G 100 22.09 -42.83 15.98
C TYR G 100 22.98 -41.58 15.96
N ILE G 101 22.51 -40.49 15.35
CA ILE G 101 23.34 -39.26 15.22
C ILE G 101 22.74 -38.15 16.08
N ALA G 102 23.59 -37.37 16.75
CA ALA G 102 23.14 -36.26 17.58
C ALA G 102 23.63 -34.95 16.97
N TYR G 103 22.69 -34.07 16.66
CA TYR G 103 23.02 -32.77 16.11
C TYR G 103 22.73 -31.68 17.13
N PRO G 104 23.64 -30.73 17.33
CA PRO G 104 23.36 -29.63 18.26
C PRO G 104 22.22 -28.76 17.76
N LEU G 105 21.47 -28.19 18.71
CA LEU G 105 20.32 -27.38 18.37
C LEU G 105 20.70 -26.12 17.60
N ASP G 106 21.92 -25.61 17.80
CA ASP G 106 22.39 -24.36 17.14
C ASP G 106 22.58 -24.53 15.64
N LEU G 107 22.50 -25.77 15.14
CA LEU G 107 22.79 -26.02 13.73
C LEU G 107 21.66 -25.59 12.81
N PHE G 108 20.45 -25.46 13.31
CA PHE G 108 19.27 -25.32 12.47
C PHE G 108 18.63 -23.95 12.65
N GLU G 109 17.90 -23.55 11.60
CA GLU G 109 17.16 -22.26 11.64
C GLU G 109 15.81 -22.50 12.31
N GLU G 110 15.40 -21.60 13.20
CA GLU G 110 14.15 -21.73 13.93
C GLU G 110 12.97 -21.81 12.97
N GLY G 111 12.10 -22.78 13.19
CA GLY G 111 10.87 -22.91 12.43
C GLY G 111 11.06 -23.15 10.95
N SER G 112 12.10 -23.86 10.56
CA SER G 112 12.41 -24.08 9.14
C SER G 112 12.58 -25.58 8.90
N VAL G 113 11.54 -26.22 8.36
CA VAL G 113 11.65 -27.61 7.93
C VAL G 113 12.62 -27.74 6.77
N THR G 114 12.64 -26.74 5.88
CA THR G 114 13.57 -26.75 4.76
C THR G 114 15.00 -26.88 5.24
N ASN G 115 15.38 -26.07 6.23
CA ASN G 115 16.78 -26.11 6.75
C ASN G 115 17.03 -27.47 7.43
N LEU G 116 16.06 -27.94 8.20
CA LEU G 116 16.24 -29.22 8.88
C LEU G 116 16.55 -30.33 7.88
N PHE G 117 15.78 -30.40 6.80
CA PHE G 117 16.03 -31.41 5.78
C PHE G 117 17.33 -31.15 5.03
N THR G 118 17.68 -29.90 4.81
CA THR G 118 18.97 -29.59 4.19
C THR G 118 20.13 -30.07 5.05
N SER G 119 20.03 -29.87 6.37
CA SER G 119 21.13 -30.25 7.24
C SER G 119 21.21 -31.76 7.40
N ILE G 120 20.08 -32.43 7.64
CA ILE G 120 20.13 -33.85 7.98
C ILE G 120 20.37 -34.71 6.75
N VAL G 121 19.60 -34.48 5.70
CA VAL G 121 19.68 -35.39 4.52
C VAL G 121 20.08 -34.61 3.26
N GLY G 122 20.77 -33.48 3.40
CA GLY G 122 21.22 -32.69 2.24
C GLY G 122 22.11 -33.51 1.32
N ASN G 123 23.33 -33.81 1.75
CA ASN G 123 24.22 -34.65 0.94
C ASN G 123 24.79 -35.73 1.85
N VAL G 124 24.00 -36.77 2.09
CA VAL G 124 24.49 -37.96 2.80
C VAL G 124 24.08 -39.24 2.12
N PHE G 125 23.09 -39.17 1.22
CA PHE G 125 22.63 -40.39 0.49
C PHE G 125 23.54 -40.65 -0.70
N GLY G 126 24.45 -39.72 -1.01
CA GLY G 126 25.41 -39.88 -2.08
C GLY G 126 26.77 -40.36 -1.65
N PHE G 127 26.93 -40.84 -0.42
CA PHE G 127 28.21 -41.36 0.03
C PHE G 127 28.51 -42.71 -0.62
N LYS G 128 29.69 -42.82 -1.23
CA LYS G 128 30.06 -44.09 -1.93
C LYS G 128 30.29 -45.20 -0.89
N ALA G 129 30.69 -44.84 0.34
CA ALA G 129 31.00 -45.84 1.33
C ALA G 129 29.77 -46.60 1.82
N LEU G 130 28.58 -46.15 1.45
CA LEU G 130 27.33 -46.77 1.89
C LEU G 130 26.64 -47.39 0.69
N ARG G 131 26.42 -48.70 0.76
CA ARG G 131 25.64 -49.36 -0.28
C ARG G 131 24.21 -48.85 -0.29
N ALA G 132 23.61 -48.72 0.89
CA ALA G 132 22.26 -48.18 1.01
C ALA G 132 22.16 -47.41 2.33
N LEU G 133 21.30 -46.40 2.34
CA LEU G 133 21.10 -45.57 3.53
C LEU G 133 19.63 -45.19 3.62
N ARG G 134 19.06 -45.30 4.82
CA ARG G 134 17.62 -44.98 5.01
C ARG G 134 17.40 -44.27 6.34
N LEU G 135 16.92 -43.02 6.31
CA LEU G 135 16.56 -42.32 7.52
C LEU G 135 15.25 -42.89 8.05
N GLU G 136 15.29 -43.42 9.28
CA GLU G 136 14.14 -44.10 9.85
C GLU G 136 13.31 -43.20 10.77
N ASP G 137 13.97 -42.40 11.60
CA ASP G 137 13.25 -41.60 12.58
C ASP G 137 14.03 -40.33 12.89
N LEU G 138 13.33 -39.36 13.45
CA LEU G 138 13.93 -38.14 13.96
C LEU G 138 13.40 -37.88 15.37
N ARG G 139 14.25 -37.27 16.20
CA ARG G 139 13.83 -36.78 17.50
C ARG G 139 13.91 -35.27 17.47
N ILE G 140 12.75 -34.61 17.47
CA ILE G 140 12.69 -33.15 17.50
C ILE G 140 12.59 -32.73 18.96
N PRO G 141 13.61 -32.08 19.52
CA PRO G 141 13.53 -31.66 20.92
C PRO G 141 12.44 -30.62 21.10
N PRO G 142 11.76 -30.54 22.27
CA PRO G 142 10.76 -29.49 22.51
C PRO G 142 11.29 -28.10 22.17
N ALA G 143 12.54 -27.80 22.52
CA ALA G 143 13.13 -26.47 22.25
C ALA G 143 12.96 -26.13 20.77
N TYR G 144 13.22 -27.09 19.88
CA TYR G 144 13.01 -26.85 18.43
C TYR G 144 11.51 -26.83 18.12
N VAL G 145 10.73 -27.73 18.70
CA VAL G 145 9.32 -27.79 18.36
C VAL G 145 8.65 -26.45 18.64
N LYS G 146 9.04 -25.80 19.74
CA LYS G 146 8.40 -24.54 20.12
C LYS G 146 8.65 -23.43 19.11
N THR G 147 9.64 -23.56 18.24
CA THR G 147 9.89 -22.53 17.23
C THR G 147 8.99 -22.67 16.01
N PHE G 148 8.19 -23.73 15.93
CA PHE G 148 7.30 -23.95 14.80
C PHE G 148 5.87 -23.59 15.19
N GLN G 149 5.12 -23.04 14.24
CA GLN G 149 3.70 -22.81 14.46
C GLN G 149 2.93 -24.12 14.52
N GLY G 150 3.25 -25.06 13.65
CA GLY G 150 2.53 -26.30 13.58
C GLY G 150 1.29 -26.21 12.71
N PRO G 151 0.40 -27.20 12.82
CA PRO G 151 -0.81 -27.17 12.02
C PRO G 151 -1.66 -25.97 12.37
N PRO G 152 -2.37 -25.41 11.40
CA PRO G 152 -3.15 -24.19 11.67
C PRO G 152 -4.20 -24.36 12.76
N HIS G 153 -4.89 -25.49 12.78
CA HIS G 153 -5.99 -25.64 13.76
C HIS G 153 -5.73 -26.89 14.59
N GLY G 154 -5.52 -28.02 13.91
CA GLY G 154 -5.34 -29.29 14.62
C GLY G 154 -6.63 -30.08 14.61
N ILE G 155 -6.66 -31.22 15.30
CA ILE G 155 -7.82 -32.11 15.27
C ILE G 155 -8.96 -31.55 16.13
N GLN G 156 -8.66 -31.14 17.36
CA GLN G 156 -9.72 -30.71 18.26
C GLN G 156 -10.37 -29.43 17.78
N VAL G 157 -9.56 -28.47 17.33
CA VAL G 157 -10.13 -27.20 16.80
C VAL G 157 -10.93 -27.51 15.53
N GLU G 158 -10.46 -28.45 14.71
CA GLU G 158 -11.23 -28.83 13.50
C GLU G 158 -12.60 -29.35 13.92
N ARG G 159 -12.63 -30.30 14.86
CA ARG G 159 -13.91 -30.89 15.33
C ARG G 159 -14.82 -29.77 15.86
N ASP G 160 -14.26 -28.84 16.65
CA ASP G 160 -15.09 -27.78 17.21
C ASP G 160 -15.65 -26.88 16.13
N LYS G 161 -14.84 -26.56 15.12
CA LYS G 161 -15.27 -25.65 14.03
C LYS G 161 -16.36 -26.35 13.19
N LEU G 162 -16.17 -27.63 12.90
CA LEU G 162 -17.11 -28.38 12.08
C LEU G 162 -18.27 -28.94 12.89
N ASN G 163 -18.17 -28.92 14.22
CA ASN G 163 -19.29 -29.38 15.11
C ASN G 163 -19.58 -30.86 14.85
N LYS G 164 -18.55 -31.67 14.58
CA LYS G 164 -18.70 -33.10 14.36
C LYS G 164 -17.88 -33.85 15.39
N TYR G 165 -18.53 -34.71 16.17
CA TYR G 165 -17.89 -35.40 17.27
C TYR G 165 -18.23 -36.88 17.24
N GLY G 166 -17.31 -37.68 17.78
CA GLY G 166 -17.60 -39.07 18.04
C GLY G 166 -17.58 -39.99 16.84
N ARG G 167 -17.05 -39.54 15.71
CA ARG G 167 -17.05 -40.37 14.51
C ARG G 167 -15.96 -39.87 13.57
N GLY G 168 -15.53 -40.77 12.69
CA GLY G 168 -14.60 -40.37 11.66
C GLY G 168 -15.27 -39.50 10.61
N LEU G 169 -14.44 -38.76 9.89
CA LEU G 169 -14.93 -37.94 8.81
C LEU G 169 -14.88 -38.69 7.49
N LEU G 170 -15.71 -38.27 6.54
CA LEU G 170 -15.85 -38.95 5.27
C LEU G 170 -15.59 -37.98 4.13
N GLY G 171 -14.89 -38.47 3.10
CA GLY G 171 -14.58 -37.65 1.96
C GLY G 171 -14.59 -38.47 0.68
N CYS G 172 -14.74 -37.76 -0.44
CA CYS G 172 -14.74 -38.38 -1.76
C CYS G 172 -13.87 -37.56 -2.69
N THR G 173 -13.24 -38.25 -3.65
CA THR G 173 -12.44 -37.55 -4.69
C THR G 173 -13.31 -37.46 -5.94
N ILE G 174 -13.65 -36.24 -6.38
CA ILE G 174 -14.57 -36.09 -7.53
C ILE G 174 -13.98 -36.80 -8.75
N LYS G 175 -14.75 -37.71 -9.37
CA LYS G 175 -14.25 -38.49 -10.51
C LYS G 175 -15.25 -38.35 -11.68
N PRO G 176 -14.81 -38.04 -12.92
CA PRO G 176 -13.49 -38.44 -13.43
C PRO G 176 -12.35 -37.55 -12.95
N LYS G 177 -11.12 -38.06 -13.00
CA LYS G 177 -9.94 -37.29 -12.50
C LYS G 177 -9.85 -35.94 -13.25
N LEU G 178 -9.91 -35.97 -14.58
CA LEU G 178 -9.70 -34.72 -15.37
C LEU G 178 -10.71 -34.64 -16.52
N GLY G 179 -10.77 -33.50 -17.20
CA GLY G 179 -11.68 -33.32 -18.35
C GLY G 179 -13.00 -32.69 -17.96
N LEU G 180 -13.39 -32.80 -16.70
CA LEU G 180 -14.71 -32.29 -16.27
C LEU G 180 -14.70 -30.75 -16.24
N SER G 181 -15.80 -30.12 -16.67
CA SER G 181 -15.90 -28.64 -16.61
C SER G 181 -16.15 -28.21 -15.17
N ALA G 182 -15.84 -26.96 -14.84
CA ALA G 182 -16.07 -26.43 -13.47
C ALA G 182 -17.53 -26.63 -13.06
N LYS G 183 -18.47 -26.38 -13.98
CA LYS G 183 -19.91 -26.57 -13.68
C LYS G 183 -20.16 -28.04 -13.31
N ASN G 184 -19.69 -28.97 -14.14
CA ASN G 184 -19.93 -30.39 -13.87
C ASN G 184 -19.19 -30.85 -12.63
N TYR G 185 -18.01 -30.27 -12.40
CA TYR G 185 -17.26 -30.60 -11.16
C TYR G 185 -18.11 -30.16 -9.95
N GLY G 186 -18.65 -28.94 -10.00
CA GLY G 186 -19.49 -28.48 -8.91
C GLY G 186 -20.73 -29.33 -8.73
N ARG G 187 -21.32 -29.78 -9.85
CA ARG G 187 -22.53 -30.64 -9.78
C ARG G 187 -22.17 -31.93 -9.05
N ALA G 188 -21.04 -32.55 -9.42
CA ALA G 188 -20.62 -33.77 -8.75
C ALA G 188 -20.36 -33.54 -7.27
N VAL G 189 -19.73 -32.40 -6.94
CA VAL G 189 -19.46 -32.07 -5.55
C VAL G 189 -20.77 -31.97 -4.76
N TYR G 190 -21.75 -31.25 -5.31
CA TYR G 190 -23.02 -31.08 -4.63
C TYR G 190 -23.74 -32.40 -4.46
N GLU G 191 -23.73 -33.23 -5.50
CA GLU G 191 -24.41 -34.52 -5.41
C GLU G 191 -23.79 -35.41 -4.36
N CYS G 192 -22.45 -35.42 -4.28
CA CYS G 192 -21.77 -36.31 -3.29
C CYS G 192 -21.95 -35.75 -1.88
N LEU G 193 -21.90 -34.42 -1.71
CA LEU G 193 -21.98 -33.83 -0.34
C LEU G 193 -23.40 -33.96 0.22
N ARG G 194 -24.43 -33.77 -0.61
CA ARG G 194 -25.84 -33.80 -0.13
C ARG G 194 -26.18 -35.20 0.41
N GLY G 195 -25.45 -36.23 -0.04
CA GLY G 195 -25.73 -37.61 0.40
C GLY G 195 -25.41 -37.83 1.88
N GLY G 196 -24.46 -37.06 2.42
CA GLY G 196 -24.06 -37.21 3.84
C GLY G 196 -22.55 -37.17 4.02
N LEU G 197 -21.80 -37.05 2.92
CA LEU G 197 -20.32 -36.95 3.02
C LEU G 197 -19.96 -35.62 3.67
N ASP G 198 -18.89 -35.59 4.47
CA ASP G 198 -18.47 -34.34 5.17
C ASP G 198 -17.57 -33.54 4.25
N PHE G 199 -16.84 -34.20 3.34
CA PHE G 199 -15.90 -33.50 2.50
C PHE G 199 -15.91 -34.08 1.10
N THR G 200 -15.51 -33.24 0.14
CA THR G 200 -15.08 -33.67 -1.18
C THR G 200 -13.74 -33.02 -1.45
N LYS G 201 -13.05 -33.48 -2.48
CA LYS G 201 -11.68 -32.94 -2.73
C LYS G 201 -11.39 -32.85 -4.23
N ASP G 202 -10.53 -31.90 -4.63
CA ASP G 202 -10.11 -31.83 -6.05
C ASP G 202 -9.12 -32.98 -6.29
N ASP G 203 -9.00 -33.44 -7.53
CA ASP G 203 -7.98 -34.49 -7.82
C ASP G 203 -6.60 -33.89 -7.61
N GLU G 204 -5.60 -34.73 -7.29
CA GLU G 204 -4.27 -34.23 -6.96
C GLU G 204 -3.67 -33.44 -8.11
N ASN G 205 -3.99 -33.79 -9.34
CA ASN G 205 -3.41 -33.12 -10.50
C ASN G 205 -4.31 -32.01 -11.04
N VAL G 206 -5.40 -31.71 -10.35
CA VAL G 206 -6.32 -30.64 -10.75
C VAL G 206 -5.88 -29.37 -10.02
N ASN G 207 -5.21 -28.48 -10.75
CA ASN G 207 -4.80 -27.18 -10.18
C ASN G 207 -5.46 -26.08 -11.00
N SER G 208 -5.08 -25.95 -12.28
CA SER G 208 -5.64 -24.95 -13.17
C SER G 208 -5.29 -25.35 -14.59
N GLN G 209 -6.29 -25.75 -15.37
CA GLN G 209 -6.00 -26.28 -16.72
C GLN G 209 -6.92 -25.61 -17.74
N PRO G 210 -6.63 -25.67 -19.06
CA PRO G 210 -7.53 -25.12 -20.08
C PRO G 210 -8.96 -25.64 -19.91
N PHE G 211 -9.11 -26.91 -19.52
CA PHE G 211 -10.46 -27.53 -19.42
C PHE G 211 -11.21 -26.95 -18.22
N MET G 212 -10.49 -26.59 -17.15
CA MET G 212 -11.15 -26.09 -15.92
C MET G 212 -10.22 -25.13 -15.19
N ARG G 213 -10.39 -23.82 -15.41
CA ARG G 213 -9.61 -22.84 -14.68
C ARG G 213 -9.98 -22.87 -13.22
N TRP G 214 -9.06 -22.39 -12.38
CA TRP G 214 -9.20 -22.59 -10.94
C TRP G 214 -10.29 -21.71 -10.33
N ARG G 215 -10.46 -20.49 -10.83
CA ARG G 215 -11.44 -19.60 -10.22
C ARG G 215 -12.87 -20.02 -10.54
N ASP G 216 -13.10 -20.50 -11.77
CA ASP G 216 -14.41 -21.06 -12.09
C ASP G 216 -14.74 -22.25 -11.18
N ARG G 217 -13.77 -23.13 -10.98
CA ARG G 217 -13.98 -24.27 -10.10
C ARG G 217 -14.26 -23.82 -8.67
N PHE G 218 -13.52 -22.83 -8.19
CA PHE G 218 -13.73 -22.35 -6.83
C PHE G 218 -15.15 -21.80 -6.67
N LEU G 219 -15.61 -21.02 -7.64
CA LEU G 219 -16.96 -20.44 -7.55
C LEU G 219 -18.04 -21.52 -7.60
N PHE G 220 -17.94 -22.45 -8.55
CA PHE G 220 -18.97 -23.48 -8.65
C PHE G 220 -18.96 -24.41 -7.45
N VAL G 221 -17.77 -24.74 -6.92
CA VAL G 221 -17.68 -25.56 -5.73
C VAL G 221 -18.25 -24.82 -4.52
N ALA G 222 -18.05 -23.51 -4.45
CA ALA G 222 -18.64 -22.75 -3.36
C ALA G 222 -20.16 -22.79 -3.41
N GLU G 223 -20.73 -22.62 -4.61
CA GLU G 223 -22.18 -22.73 -4.76
C GLU G 223 -22.67 -24.11 -4.35
N ALA G 224 -21.95 -25.16 -4.77
CA ALA G 224 -22.34 -26.52 -4.43
C ALA G 224 -22.27 -26.76 -2.93
N ILE G 225 -21.19 -26.29 -2.29
CA ILE G 225 -21.03 -26.45 -0.85
C ILE G 225 -22.18 -25.78 -0.11
N TYR G 226 -22.53 -24.56 -0.52
CA TYR G 226 -23.59 -23.84 0.18
C TYR G 226 -24.95 -24.48 -0.06
N LYS G 227 -25.20 -24.98 -1.27
CA LYS G 227 -26.45 -25.67 -1.54
C LYS G 227 -26.57 -26.93 -0.67
N SER G 228 -25.49 -27.72 -0.60
CA SER G 228 -25.54 -28.93 0.21
C SER G 228 -25.69 -28.62 1.69
N GLN G 229 -25.05 -27.56 2.15
CA GLN G 229 -25.21 -27.14 3.54
C GLN G 229 -26.66 -26.77 3.84
N ALA G 230 -27.27 -25.97 2.97
CA ALA G 230 -28.65 -25.58 3.18
C ALA G 230 -29.58 -26.78 3.15
N GLU G 231 -29.31 -27.74 2.26
CA GLU G 231 -30.19 -28.89 2.14
C GLU G 231 -30.09 -29.81 3.34
N THR G 232 -28.88 -30.15 3.76
CA THR G 232 -28.73 -31.14 4.83
C THR G 232 -28.71 -30.52 6.23
N GLY G 233 -28.31 -29.26 6.35
CA GLY G 233 -28.18 -28.64 7.65
C GLY G 233 -26.89 -28.92 8.37
N GLU G 234 -25.99 -29.69 7.78
CA GLU G 234 -24.67 -29.96 8.33
C GLU G 234 -23.63 -29.13 7.61
N ILE G 235 -22.56 -28.79 8.33
CA ILE G 235 -21.47 -28.02 7.73
C ILE G 235 -20.73 -28.92 6.75
N LYS G 236 -20.55 -28.39 5.54
CA LYS G 236 -19.88 -29.19 4.48
C LYS G 236 -18.59 -28.49 4.07
N GLY G 237 -17.78 -29.14 3.24
CA GLY G 237 -16.52 -28.59 2.79
C GLY G 237 -15.99 -29.34 1.58
N HIS G 238 -15.05 -28.70 0.90
CA HIS G 238 -14.39 -29.29 -0.26
C HIS G 238 -12.92 -28.88 -0.24
N TYR G 239 -12.02 -29.86 -0.34
CA TYR G 239 -10.57 -29.58 -0.35
C TYR G 239 -10.18 -28.88 -1.66
N LEU G 240 -10.21 -27.55 -1.67
CA LEU G 240 -9.88 -26.78 -2.90
C LEU G 240 -8.35 -26.79 -3.09
N ASN G 241 -7.87 -27.22 -4.25
CA ASN G 241 -6.41 -27.34 -4.47
C ASN G 241 -5.79 -25.96 -4.68
N ALA G 242 -4.93 -25.52 -3.76
CA ALA G 242 -4.23 -24.26 -3.91
C ALA G 242 -2.84 -24.43 -4.51
N THR G 243 -2.42 -25.66 -4.78
CA THR G 243 -1.08 -25.92 -5.28
C THR G 243 -0.87 -25.22 -6.61
N ALA G 244 0.20 -24.42 -6.70
CA ALA G 244 0.38 -23.56 -7.85
C ALA G 244 1.87 -23.46 -8.18
N ALA G 245 2.16 -22.75 -9.27
CA ALA G 245 3.56 -22.61 -9.73
C ALA G 245 4.35 -21.67 -8.81
N THR G 246 3.78 -20.52 -8.46
CA THR G 246 4.51 -19.52 -7.62
C THR G 246 3.78 -19.34 -6.29
N ALA G 247 4.52 -18.99 -5.25
CA ALA G 247 3.91 -18.78 -3.92
C ALA G 247 2.84 -17.69 -4.03
N GLU G 248 3.07 -16.70 -4.88
CA GLU G 248 2.10 -15.62 -5.05
C GLU G 248 0.78 -16.16 -5.57
N GLU G 249 0.82 -17.04 -6.58
CA GLU G 249 -0.39 -17.63 -7.12
C GLU G 249 -1.08 -18.51 -6.09
N MET G 250 -0.31 -19.27 -5.31
CA MET G 250 -0.88 -20.12 -4.27
C MET G 250 -1.59 -19.30 -3.21
N LEU G 251 -0.96 -18.20 -2.79
CA LEU G 251 -1.60 -17.31 -1.82
C LEU G 251 -2.83 -16.63 -2.41
N LYS G 252 -2.82 -16.33 -3.71
CA LYS G 252 -4.00 -15.77 -4.35
C LYS G 252 -5.16 -16.75 -4.34
N ARG G 253 -4.89 -18.02 -4.60
CA ARG G 253 -5.95 -19.03 -4.55
C ARG G 253 -6.47 -19.21 -3.13
N ALA G 254 -5.57 -19.21 -2.15
CA ALA G 254 -6.00 -19.25 -0.75
C ALA G 254 -6.85 -18.05 -0.40
N GLU G 255 -6.49 -16.88 -0.94
CA GLU G 255 -7.23 -15.65 -0.70
C GLU G 255 -8.62 -15.73 -1.30
N CYS G 256 -8.74 -16.30 -2.50
CA CYS G 256 -10.06 -16.50 -3.09
C CYS G 256 -10.91 -17.42 -2.24
N ALA G 257 -10.32 -18.52 -1.75
CA ALA G 257 -11.07 -19.41 -0.88
C ALA G 257 -11.53 -18.70 0.38
N LYS G 258 -10.66 -17.86 0.96
CA LYS G 258 -11.03 -17.08 2.13
C LYS G 258 -12.16 -16.11 1.82
N ASP G 259 -12.13 -15.50 0.63
CA ASP G 259 -13.17 -14.51 0.24
C ASP G 259 -14.51 -15.20 -0.03
N LEU G 260 -14.50 -16.46 -0.47
CA LEU G 260 -15.75 -17.20 -0.63
C LEU G 260 -16.32 -17.70 0.69
N GLY G 261 -15.55 -17.70 1.77
CA GLY G 261 -16.02 -18.21 3.03
C GLY G 261 -16.03 -19.72 3.16
N VAL G 262 -15.45 -20.43 2.20
CA VAL G 262 -15.42 -21.89 2.20
C VAL G 262 -14.47 -22.35 3.31
N PRO G 263 -14.63 -23.56 3.83
CA PRO G 263 -13.88 -23.95 5.02
C PRO G 263 -12.42 -24.37 4.82
N ILE G 264 -12.07 -25.04 3.73
CA ILE G 264 -10.83 -25.79 3.68
C ILE G 264 -10.20 -25.74 2.28
N ILE G 265 -8.87 -25.80 2.25
CA ILE G 265 -8.09 -25.89 1.01
C ILE G 265 -7.14 -27.09 1.12
N MET G 266 -6.41 -27.33 0.03
CA MET G 266 -5.53 -28.48 -0.11
C MET G 266 -4.19 -28.03 -0.65
N HIS G 267 -3.13 -28.79 -0.32
CA HIS G 267 -1.79 -28.50 -0.82
C HIS G 267 -1.00 -29.79 -0.99
N ASP G 268 -0.13 -29.79 -1.99
CA ASP G 268 0.82 -30.89 -2.24
C ASP G 268 2.18 -30.47 -1.71
N TYR G 269 2.51 -30.89 -0.50
CA TYR G 269 3.69 -30.34 0.16
C TYR G 269 5.00 -30.92 -0.37
N LEU G 270 4.98 -32.18 -0.82
CA LEU G 270 6.25 -32.82 -1.26
C LEU G 270 6.60 -32.36 -2.68
N THR G 271 5.63 -31.82 -3.42
CA THR G 271 5.91 -31.30 -4.78
C THR G 271 5.99 -29.77 -4.75
N GLY G 272 5.11 -29.13 -3.97
CA GLY G 272 5.16 -27.67 -3.82
C GLY G 272 6.38 -27.23 -3.03
N GLY G 273 6.74 -28.00 -2.00
CA GLY G 273 7.92 -27.69 -1.18
C GLY G 273 7.55 -27.27 0.23
N PHE G 274 8.46 -27.46 1.18
CA PHE G 274 8.18 -27.10 2.60
C PHE G 274 8.05 -25.58 2.73
N THR G 275 8.85 -24.83 1.98
CA THR G 275 8.80 -23.35 2.05
C THR G 275 7.39 -22.87 1.65
N ALA G 276 6.85 -23.39 0.55
CA ALA G 276 5.49 -23.03 0.10
C ALA G 276 4.47 -23.51 1.13
N ASN G 277 4.64 -24.72 1.65
CA ASN G 277 3.69 -25.28 2.64
C ASN G 277 3.67 -24.40 3.88
N THR G 278 4.85 -24.03 4.40
CA THR G 278 4.89 -23.24 5.62
C THR G 278 4.21 -21.89 5.42
N SER G 279 4.41 -21.27 4.25
CA SER G 279 3.70 -20.04 3.96
C SER G 279 2.18 -20.25 3.97
N LEU G 280 1.72 -21.34 3.35
CA LEU G 280 0.29 -21.61 3.31
C LEU G 280 -0.26 -21.89 4.70
N ALA G 281 0.49 -22.62 5.53
CA ALA G 281 0.03 -22.92 6.87
C ALA G 281 -0.05 -21.66 7.73
N HIS G 282 0.93 -20.77 7.60
CA HIS G 282 0.85 -19.50 8.32
C HIS G 282 -0.35 -18.69 7.85
N TYR G 283 -0.60 -18.65 6.55
CA TYR G 283 -1.76 -17.94 6.03
C TYR G 283 -3.05 -18.54 6.58
N CYS G 284 -3.15 -19.87 6.59
CA CYS G 284 -4.36 -20.52 7.05
C CYS G 284 -4.61 -20.27 8.53
N ARG G 285 -3.54 -20.25 9.34
CA ARG G 285 -3.70 -19.88 10.73
C ARG G 285 -4.17 -18.43 10.87
N ASP G 286 -3.62 -17.53 10.05
CA ASP G 286 -3.99 -16.13 10.12
C ASP G 286 -5.44 -15.89 9.73
N ASN G 287 -5.96 -16.65 8.77
CA ASN G 287 -7.26 -16.35 8.21
C ASN G 287 -8.33 -17.38 8.54
N GLY G 288 -8.04 -18.32 9.44
CA GLY G 288 -9.01 -19.31 9.86
C GLY G 288 -9.44 -20.30 8.80
N LEU G 289 -8.51 -20.83 8.03
CA LEU G 289 -8.78 -21.84 7.02
C LEU G 289 -8.17 -23.17 7.43
N LEU G 290 -8.89 -24.24 7.13
CA LEU G 290 -8.34 -25.59 7.37
C LEU G 290 -7.41 -25.92 6.19
N LEU G 291 -6.47 -26.83 6.38
CA LEU G 291 -5.47 -27.17 5.37
C LEU G 291 -5.31 -28.67 5.27
N HIS G 292 -5.74 -29.24 4.15
CA HIS G 292 -5.55 -30.66 3.87
C HIS G 292 -4.28 -30.84 3.05
N ILE G 293 -3.47 -31.83 3.43
CA ILE G 293 -2.16 -32.04 2.82
C ILE G 293 -2.17 -33.37 2.10
N HIS G 294 -1.80 -33.35 0.82
CA HIS G 294 -1.68 -34.55 0.02
C HIS G 294 -0.21 -34.83 -0.23
N ARG G 295 0.18 -36.10 -0.10
CA ARG G 295 1.58 -36.50 -0.18
C ARG G 295 1.90 -37.04 -1.58
N ALA G 296 1.82 -36.16 -2.56
CA ALA G 296 2.21 -36.52 -3.91
C ALA G 296 3.72 -36.73 -3.99
N MET G 297 4.14 -37.74 -4.77
CA MET G 297 5.60 -38.01 -4.98
C MET G 297 6.25 -38.59 -3.72
N HIS G 298 5.44 -39.12 -2.79
CA HIS G 298 6.00 -39.66 -1.52
C HIS G 298 6.72 -40.99 -1.79
N ALA G 299 6.12 -41.86 -2.61
CA ALA G 299 6.69 -43.20 -2.86
C ALA G 299 8.07 -43.08 -3.52
N VAL G 300 8.34 -41.96 -4.19
CA VAL G 300 9.68 -41.75 -4.80
C VAL G 300 10.73 -41.68 -3.68
N ILE G 301 10.31 -41.42 -2.44
CA ILE G 301 11.30 -41.25 -1.33
C ILE G 301 11.07 -42.28 -0.21
N ASP G 302 9.84 -42.76 -0.03
CA ASP G 302 9.57 -43.64 1.15
C ASP G 302 9.12 -45.06 0.76
N ARG G 303 9.43 -45.52 -0.46
CA ARG G 303 8.91 -46.86 -0.85
C ARG G 303 9.96 -47.94 -0.56
N GLN G 304 11.19 -47.77 -1.05
CA GLN G 304 12.19 -48.81 -0.89
C GLN G 304 12.68 -48.88 0.55
N ARG G 305 12.77 -50.11 1.05
CA ARG G 305 13.17 -50.34 2.44
C ARG G 305 14.63 -49.99 2.70
N ASN G 306 15.49 -50.07 1.69
CA ASN G 306 16.95 -49.87 1.92
C ASN G 306 17.38 -48.42 1.73
N HIS G 307 16.68 -47.67 0.88
CA HIS G 307 17.10 -46.32 0.56
C HIS G 307 15.93 -45.36 0.72
N GLY G 308 16.24 -44.13 1.15
CA GLY G 308 15.23 -43.09 1.22
C GLY G 308 14.94 -42.58 2.62
N ILE G 309 13.79 -41.92 2.77
CA ILE G 309 13.34 -41.40 4.06
C ILE G 309 12.00 -42.05 4.37
N HIS G 310 11.89 -42.64 5.55
CA HIS G 310 10.64 -43.29 5.94
C HIS G 310 9.51 -42.27 6.06
N PHE G 311 8.29 -42.69 5.69
CA PHE G 311 7.15 -41.74 5.70
C PHE G 311 6.97 -41.09 7.08
N ARG G 312 7.34 -41.79 8.15
CA ARG G 312 7.11 -41.21 9.50
C ARG G 312 7.88 -39.90 9.65
N VAL G 313 9.08 -39.82 9.07
CA VAL G 313 9.89 -38.56 9.13
C VAL G 313 9.18 -37.49 8.32
N LEU G 314 8.64 -37.87 7.16
CA LEU G 314 7.90 -36.90 6.30
C LEU G 314 6.63 -36.45 7.04
N ALA G 315 5.98 -37.36 7.76
CA ALA G 315 4.77 -37.01 8.55
C ALA G 315 5.14 -36.03 9.66
N LYS G 316 6.28 -36.24 10.32
CA LYS G 316 6.72 -35.32 11.41
C LYS G 316 7.11 -33.98 10.80
N ALA G 317 7.75 -33.98 9.64
CA ALA G 317 8.07 -32.73 8.96
C ALA G 317 6.82 -31.97 8.56
N LEU G 318 5.78 -32.71 8.16
CA LEU G 318 4.51 -32.07 7.77
C LEU G 318 3.86 -31.46 9.03
N ARG G 319 3.84 -32.22 10.14
CA ARG G 319 3.23 -31.70 11.36
C ARG G 319 3.95 -30.46 11.84
N LEU G 320 5.28 -30.44 11.72
CA LEU G 320 6.02 -29.23 12.07
C LEU G 320 5.68 -28.08 11.13
N SER G 321 5.74 -28.33 9.82
CA SER G 321 5.48 -27.28 8.85
C SER G 321 4.04 -26.80 8.93
N GLY G 322 3.09 -27.71 9.11
CA GLY G 322 1.71 -27.34 9.22
C GLY G 322 0.78 -28.08 8.27
N GLY G 323 -0.23 -28.73 8.84
CA GLY G 323 -1.29 -29.34 8.06
C GLY G 323 -2.34 -29.95 8.95
N ASP G 324 -3.62 -29.66 8.68
CA ASP G 324 -4.69 -30.20 9.51
C ASP G 324 -4.99 -31.65 9.18
N HIS G 325 -4.94 -31.99 7.89
CA HIS G 325 -5.08 -33.36 7.44
C HIS G 325 -3.82 -33.75 6.67
N LEU G 326 -3.53 -35.05 6.69
CA LEU G 326 -2.38 -35.56 5.91
C LEU G 326 -2.72 -36.96 5.38
N HIS G 327 -2.92 -37.09 4.07
CA HIS G 327 -3.18 -38.38 3.45
C HIS G 327 -2.10 -39.36 3.90
N SER G 328 -2.49 -40.37 4.67
CA SER G 328 -1.53 -41.19 5.39
C SER G 328 -1.51 -42.65 4.99
N GLY G 329 -2.43 -43.12 4.16
CA GLY G 329 -2.43 -44.51 3.80
C GLY G 329 -3.42 -44.81 2.70
N THR G 330 -3.24 -45.98 2.06
CA THR G 330 -4.19 -46.42 1.01
C THR G 330 -4.88 -47.70 1.49
N VAL G 331 -6.13 -47.93 1.05
CA VAL G 331 -6.91 -49.10 1.55
C VAL G 331 -7.22 -50.06 0.39
N VAL G 332 -6.34 -50.10 -0.63
CA VAL G 332 -6.53 -51.07 -1.75
C VAL G 332 -6.82 -52.44 -1.16
N GLY G 333 -8.02 -52.99 -1.39
CA GLY G 333 -8.38 -54.25 -0.78
C GLY G 333 -8.55 -54.07 0.73
N LYS G 334 -7.43 -53.80 1.42
CA LYS G 334 -7.48 -53.51 2.87
C LYS G 334 -6.40 -52.47 3.17
N LEU G 335 -6.35 -51.95 4.41
CA LEU G 335 -5.26 -51.00 4.73
C LEU G 335 -3.92 -51.67 4.41
N GLU G 336 -3.15 -51.08 3.50
CA GLU G 336 -1.87 -51.71 3.06
C GLU G 336 -0.73 -51.33 4.01
N GLY G 337 0.35 -52.11 4.01
CA GLY G 337 1.51 -51.81 4.89
C GLY G 337 1.36 -52.46 6.25
N GLU G 338 2.48 -52.72 6.94
CA GLU G 338 2.43 -53.30 8.31
C GLU G 338 1.50 -52.44 9.18
N ARG G 339 0.54 -53.07 9.86
CA ARG G 339 -0.40 -52.32 10.74
C ARG G 339 0.39 -51.56 11.81
N GLU G 340 1.35 -52.22 12.45
CA GLU G 340 2.10 -51.58 13.57
C GLU G 340 2.80 -50.32 13.06
N VAL G 341 3.43 -50.39 11.89
CA VAL G 341 4.12 -49.21 11.30
C VAL G 341 3.09 -48.10 11.09
N THR G 342 1.94 -48.44 10.49
CA THR G 342 0.87 -47.44 10.26
C THR G 342 0.45 -46.84 11.60
N LEU G 343 0.14 -47.70 12.58
CA LEU G 343 -0.30 -47.23 13.92
C LEU G 343 0.79 -46.32 14.49
N GLY G 344 2.07 -46.71 14.33
CA GLY G 344 3.17 -45.90 14.87
C GLY G 344 3.16 -44.48 14.31
N PHE G 345 3.10 -44.33 12.99
CA PHE G 345 3.18 -42.97 12.40
C PHE G 345 1.84 -42.24 12.60
N VAL G 346 0.74 -43.00 12.75
CA VAL G 346 -0.56 -42.34 13.06
C VAL G 346 -0.46 -41.77 14.48
N ASP G 347 0.05 -42.55 15.42
CA ASP G 347 0.23 -42.02 16.77
C ASP G 347 1.25 -40.88 16.78
N LEU G 348 2.30 -41.00 15.98
CA LEU G 348 3.30 -39.94 15.93
C LEU G 348 2.71 -38.64 15.39
N MET G 349 1.80 -38.73 14.44
CA MET G 349 1.18 -37.53 13.87
C MET G 349 -0.07 -37.09 14.61
N ARG G 350 -0.57 -37.86 15.58
CA ARG G 350 -1.78 -37.53 16.32
C ARG G 350 -1.52 -37.15 17.76
N ASP G 351 -0.84 -38.00 18.52
CA ASP G 351 -0.73 -37.84 19.96
C ASP G 351 0.24 -36.72 20.33
N ASP G 352 0.25 -36.36 21.61
CA ASP G 352 1.16 -35.29 22.10
C ASP G 352 2.46 -35.92 22.62
N TYR G 353 2.41 -37.17 23.08
CA TYR G 353 3.60 -37.80 23.67
C TYR G 353 3.67 -39.26 23.23
N ILE G 354 4.65 -39.58 22.39
CA ILE G 354 4.79 -40.97 21.87
C ILE G 354 6.09 -41.57 22.42
N GLU G 355 5.98 -42.60 23.25
CA GLU G 355 7.17 -43.25 23.86
C GLU G 355 7.86 -44.14 22.81
N LYS G 356 9.16 -44.37 22.97
CA LYS G 356 9.93 -45.21 22.01
C LYS G 356 9.30 -46.60 21.92
N ASP G 357 9.04 -47.08 20.70
CA ASP G 357 8.47 -48.45 20.51
C ASP G 357 9.04 -49.01 19.21
N ARG G 358 10.10 -49.82 19.28
CA ARG G 358 10.76 -50.33 18.05
C ARG G 358 9.83 -51.28 17.31
N SER G 359 8.88 -51.89 18.01
CA SER G 359 7.89 -52.80 17.35
C SER G 359 7.08 -52.01 16.31
N ARG G 360 6.74 -50.77 16.63
CA ARG G 360 5.90 -49.95 15.70
C ARG G 360 6.79 -48.98 14.91
N GLY G 361 8.11 -49.03 15.10
CA GLY G 361 9.04 -48.20 14.30
C GLY G 361 9.34 -46.87 14.97
N ILE G 362 8.95 -46.71 16.24
CA ILE G 362 9.30 -45.47 16.98
C ILE G 362 10.70 -45.65 17.57
N TYR G 363 11.71 -44.99 16.99
CA TYR G 363 13.10 -45.16 17.44
C TYR G 363 13.41 -44.19 18.59
N PHE G 364 12.54 -43.20 18.80
CA PHE G 364 12.80 -42.17 19.84
C PHE G 364 11.50 -41.70 20.49
N THR G 365 11.55 -41.34 21.77
CA THR G 365 10.39 -40.73 22.42
C THR G 365 10.19 -39.34 21.86
N GLN G 366 8.98 -39.04 21.41
CA GLN G 366 8.68 -37.76 20.76
C GLN G 366 7.72 -36.97 21.64
N ASP G 367 8.19 -35.88 22.21
CA ASP G 367 7.36 -34.94 22.94
C ASP G 367 6.99 -33.80 22.00
N TRP G 368 5.70 -33.54 21.85
CA TRP G 368 5.22 -32.52 20.92
C TRP G 368 4.90 -31.21 21.61
N VAL G 369 5.09 -31.13 22.93
CA VAL G 369 4.79 -29.97 23.77
C VAL G 369 3.60 -29.17 23.26
N SER G 370 2.45 -29.83 23.18
CA SER G 370 1.15 -29.21 22.91
C SER G 370 1.03 -28.65 21.50
N LEU G 371 1.86 -29.12 20.57
CA LEU G 371 1.64 -28.80 19.17
C LEU G 371 0.37 -29.47 18.68
N PRO G 372 -0.46 -28.78 17.89
CA PRO G 372 -1.70 -29.39 17.42
C PRO G 372 -1.44 -30.65 16.60
N GLY G 373 -2.28 -31.65 16.79
CA GLY G 373 -2.14 -32.88 16.04
C GLY G 373 -2.69 -32.79 14.64
N THR G 374 -2.23 -33.71 13.80
CA THR G 374 -2.66 -33.80 12.40
C THR G 374 -3.58 -35.00 12.24
N MET G 375 -4.69 -34.80 11.53
CA MET G 375 -5.65 -35.87 11.34
C MET G 375 -5.22 -36.76 10.18
N PRO G 376 -5.01 -38.05 10.39
CA PRO G 376 -4.65 -38.93 9.27
C PRO G 376 -5.85 -39.18 8.36
N VAL G 377 -5.56 -39.21 7.06
CA VAL G 377 -6.63 -39.45 6.04
C VAL G 377 -6.31 -40.74 5.28
N ALA G 378 -7.10 -41.79 5.48
CA ALA G 378 -6.93 -43.05 4.77
C ALA G 378 -7.82 -43.04 3.54
N SER G 379 -7.20 -43.15 2.36
CA SER G 379 -7.96 -43.05 1.10
C SER G 379 -7.90 -44.36 0.31
N GLY G 380 -8.54 -44.39 -0.85
CA GLY G 380 -8.48 -45.59 -1.71
C GLY G 380 -9.83 -46.26 -1.85
N GLY G 381 -9.83 -47.58 -2.07
CA GLY G 381 -11.06 -48.33 -2.24
C GLY G 381 -11.71 -48.74 -0.94
N ILE G 382 -12.33 -47.78 -0.26
CA ILE G 382 -13.01 -48.08 1.03
C ILE G 382 -14.39 -48.67 0.72
N HIS G 383 -14.48 -49.99 0.61
CA HIS G 383 -15.77 -50.63 0.36
C HIS G 383 -16.58 -50.67 1.64
N VAL G 384 -17.90 -50.84 1.49
CA VAL G 384 -18.81 -50.70 2.61
C VAL G 384 -18.51 -51.75 3.69
N TRP G 385 -18.31 -53.00 3.27
CA TRP G 385 -18.03 -54.05 4.25
C TRP G 385 -16.64 -53.97 4.84
N HIS G 386 -15.78 -53.08 4.33
CA HIS G 386 -14.46 -52.89 4.90
C HIS G 386 -14.41 -51.73 5.89
N MET G 387 -15.52 -51.02 6.06
CA MET G 387 -15.56 -49.94 7.04
C MET G 387 -15.30 -50.37 8.48
N PRO G 388 -15.82 -51.50 8.98
CA PRO G 388 -15.53 -51.87 10.38
C PRO G 388 -14.05 -52.02 10.68
N ALA G 389 -13.29 -52.60 9.75
CA ALA G 389 -11.85 -52.78 9.98
C ALA G 389 -11.15 -51.44 10.14
N LEU G 390 -11.43 -50.49 9.25
CA LEU G 390 -10.77 -49.20 9.32
C LEU G 390 -11.24 -48.38 10.52
N VAL G 391 -12.51 -48.51 10.90
CA VAL G 391 -12.99 -47.84 12.10
C VAL G 391 -12.28 -48.39 13.33
N GLU G 392 -12.08 -49.70 13.38
CA GLU G 392 -11.35 -50.29 14.50
C GLU G 392 -9.89 -49.83 14.51
N ILE G 393 -9.24 -49.81 13.34
CA ILE G 393 -7.79 -49.49 13.28
C ILE G 393 -7.55 -48.00 13.58
N PHE G 394 -8.37 -47.10 13.05
CA PHE G 394 -8.10 -45.68 13.17
C PHE G 394 -8.85 -45.02 14.31
N GLY G 395 -10.07 -45.45 14.59
CA GLY G 395 -10.87 -44.80 15.62
C GLY G 395 -11.70 -43.66 15.07
N ASP G 396 -11.94 -42.65 15.89
CA ASP G 396 -12.75 -41.52 15.46
C ASP G 396 -11.93 -40.39 14.85
N ASP G 397 -10.66 -40.25 15.22
CA ASP G 397 -9.84 -39.13 14.78
C ASP G 397 -9.14 -39.45 13.46
N ALA G 398 -9.94 -39.67 12.43
CA ALA G 398 -9.40 -39.92 11.10
C ALA G 398 -10.48 -39.61 10.07
N CYS G 399 -10.03 -39.36 8.84
CA CYS G 399 -10.93 -39.16 7.71
C CYS G 399 -10.76 -40.31 6.74
N LEU G 400 -11.88 -41.00 6.47
CA LEU G 400 -11.88 -42.10 5.48
C LEU G 400 -12.24 -41.47 4.14
N GLN G 401 -11.41 -41.68 3.12
CA GLN G 401 -11.59 -41.04 1.83
C GLN G 401 -11.95 -42.07 0.77
N PHE G 402 -13.02 -41.81 0.03
CA PHE G 402 -13.42 -42.68 -1.07
C PHE G 402 -12.83 -42.13 -2.37
N GLY G 403 -11.51 -42.27 -2.48
CA GLY G 403 -10.77 -41.77 -3.63
C GLY G 403 -11.13 -42.47 -4.91
N GLY G 404 -11.82 -43.60 -4.84
CA GLY G 404 -12.34 -44.23 -6.04
C GLY G 404 -13.49 -43.48 -6.66
N GLY G 405 -14.00 -42.43 -6.01
CA GLY G 405 -15.12 -41.69 -6.55
C GLY G 405 -16.45 -42.35 -6.34
N THR G 406 -16.46 -43.42 -5.53
CA THR G 406 -17.69 -44.22 -5.28
C THR G 406 -18.29 -44.65 -6.63
N LEU G 407 -19.50 -44.17 -6.94
CA LEU G 407 -20.16 -44.47 -8.24
C LEU G 407 -20.54 -45.95 -8.36
N GLY G 408 -20.11 -46.79 -7.41
CA GLY G 408 -20.49 -48.18 -7.44
C GLY G 408 -21.92 -48.45 -7.01
N HIS G 409 -22.56 -47.43 -6.43
CA HIS G 409 -23.97 -47.56 -5.99
C HIS G 409 -24.87 -47.40 -7.22
N PRO G 410 -25.72 -48.40 -7.57
CA PRO G 410 -26.54 -48.32 -8.79
C PRO G 410 -27.50 -47.13 -8.81
N TRP G 411 -27.83 -46.56 -7.66
CA TRP G 411 -28.84 -45.50 -7.64
C TRP G 411 -28.24 -44.15 -8.01
N GLY G 412 -27.08 -43.82 -7.47
CA GLY G 412 -26.45 -42.55 -7.79
C GLY G 412 -25.36 -42.21 -6.80
N ASN G 413 -24.82 -41.00 -6.97
CA ASN G 413 -23.76 -40.52 -6.08
C ASN G 413 -24.30 -40.25 -4.68
N ALA G 414 -25.41 -39.51 -4.60
CA ALA G 414 -25.99 -39.13 -3.29
C ALA G 414 -26.38 -40.37 -2.46
N PRO G 415 -27.16 -41.37 -2.95
CA PRO G 415 -27.46 -42.56 -2.16
C PRO G 415 -26.20 -43.35 -1.78
N GLY G 416 -25.20 -43.39 -2.66
CA GLY G 416 -23.93 -44.07 -2.33
C GLY G 416 -23.27 -43.38 -1.15
N ALA G 417 -23.27 -42.05 -1.14
CA ALA G 417 -22.70 -41.30 0.00
C ALA G 417 -23.49 -41.63 1.26
N ALA G 418 -24.82 -41.66 1.15
CA ALA G 418 -25.69 -41.97 2.30
C ALA G 418 -25.35 -43.37 2.84
N ALA G 419 -25.26 -44.35 1.93
CA ALA G 419 -24.93 -45.73 2.34
C ALA G 419 -23.63 -45.71 3.15
N ASN G 420 -22.61 -45.04 2.62
CA ASN G 420 -21.30 -44.96 3.32
C ASN G 420 -21.52 -44.31 4.70
N ARG G 421 -22.24 -43.20 4.75
CA ARG G 421 -22.46 -42.54 6.03
C ARG G 421 -23.21 -43.44 7.01
N VAL G 422 -24.22 -44.15 6.51
CA VAL G 422 -24.98 -45.07 7.36
C VAL G 422 -24.08 -46.17 7.88
N ALA G 423 -23.23 -46.72 7.00
CA ALA G 423 -22.33 -47.79 7.44
C ALA G 423 -21.35 -47.29 8.49
N LEU G 424 -20.76 -46.11 8.28
CA LEU G 424 -19.82 -45.58 9.24
C LEU G 424 -20.49 -45.33 10.59
N GLU G 425 -21.69 -44.74 10.57
CA GLU G 425 -22.37 -44.46 11.83
C GLU G 425 -22.78 -45.75 12.54
N ALA G 426 -23.21 -46.76 11.79
CA ALA G 426 -23.57 -48.04 12.40
C ALA G 426 -22.36 -48.71 13.03
N CYS G 427 -21.22 -48.68 12.34
CA CYS G 427 -20.00 -49.26 12.90
C CYS G 427 -19.57 -48.51 14.15
N THR G 428 -19.65 -47.18 14.13
CA THR G 428 -19.28 -46.40 15.31
C THR G 428 -20.21 -46.72 16.48
N GLN G 429 -21.51 -46.80 16.22
CA GLN G 429 -22.45 -47.13 17.29
C GLN G 429 -22.17 -48.50 17.87
N ALA G 430 -21.90 -49.49 17.00
CA ALA G 430 -21.57 -50.83 17.49
C ALA G 430 -20.31 -50.82 18.33
N ARG G 431 -19.28 -50.09 17.89
CA ARG G 431 -18.04 -50.03 18.66
C ARG G 431 -18.28 -49.37 20.02
N ASN G 432 -19.13 -48.34 20.07
CA ASN G 432 -19.41 -47.68 21.34
C ASN G 432 -20.17 -48.58 22.30
N GLU G 433 -20.89 -49.59 21.79
CA GLU G 433 -21.64 -50.48 22.65
C GLU G 433 -20.79 -51.58 23.26
N GLY G 434 -19.52 -51.68 22.89
CA GLY G 434 -18.67 -52.74 23.38
C GLY G 434 -18.48 -53.90 22.42
N ARG G 435 -18.99 -53.79 21.20
CA ARG G 435 -18.82 -54.84 20.21
C ARG G 435 -17.38 -54.91 19.72
N ASP G 436 -16.97 -56.10 19.29
CA ASP G 436 -15.65 -56.31 18.71
C ASP G 436 -15.79 -56.22 17.19
N LEU G 437 -15.37 -55.09 16.62
CA LEU G 437 -15.62 -54.84 15.21
C LEU G 437 -14.93 -55.86 14.32
N ALA G 438 -13.69 -56.23 14.66
CA ALA G 438 -12.95 -57.18 13.84
C ALA G 438 -13.62 -58.54 13.75
N ARG G 439 -14.54 -58.84 14.67
CA ARG G 439 -15.26 -60.11 14.66
C ARG G 439 -16.72 -59.99 14.25
N GLU G 440 -17.35 -58.82 14.42
CA GLU G 440 -18.77 -58.66 14.14
C GLU G 440 -19.04 -57.58 13.11
N GLY G 441 -18.05 -57.23 12.29
CA GLY G 441 -18.26 -56.19 11.29
C GLY G 441 -19.33 -56.56 10.28
N GLY G 442 -19.31 -57.80 9.80
CA GLY G 442 -20.32 -58.24 8.86
C GLY G 442 -21.72 -58.24 9.47
N ASP G 443 -21.83 -58.70 10.72
CA ASP G 443 -23.12 -58.68 11.40
C ASP G 443 -23.64 -57.26 11.54
N VAL G 444 -22.76 -56.32 11.93
CA VAL G 444 -23.19 -54.93 12.09
C VAL G 444 -23.61 -54.34 10.74
N ILE G 445 -22.85 -54.65 9.69
CA ILE G 445 -23.19 -54.13 8.36
C ILE G 445 -24.55 -54.67 7.92
N ARG G 446 -24.76 -55.97 8.11
CA ARG G 446 -26.05 -56.60 7.72
C ARG G 446 -27.19 -55.95 8.52
N ALA G 447 -27.02 -55.80 9.83
CA ALA G 447 -28.07 -55.25 10.66
C ALA G 447 -28.42 -53.83 10.24
N ALA G 448 -27.40 -53.05 9.88
CA ALA G 448 -27.65 -51.68 9.38
C ALA G 448 -28.37 -51.76 8.02
N CYS G 449 -27.99 -52.71 7.18
CA CYS G 449 -28.60 -52.86 5.87
C CYS G 449 -30.06 -53.28 5.97
N LYS G 450 -30.42 -53.95 7.06
CA LYS G 450 -31.81 -54.46 7.23
C LYS G 450 -32.80 -53.28 7.21
N TRP G 451 -32.36 -52.09 7.63
CA TRP G 451 -33.30 -50.93 7.73
C TRP G 451 -32.91 -49.82 6.75
N SER G 452 -31.77 -49.94 6.07
CA SER G 452 -31.33 -48.88 5.17
C SER G 452 -31.48 -49.32 3.73
N PRO G 453 -32.49 -48.81 3.00
CA PRO G 453 -32.60 -49.14 1.57
C PRO G 453 -31.38 -48.71 0.78
N GLU G 454 -30.77 -47.58 1.13
CA GLU G 454 -29.59 -47.11 0.40
C GLU G 454 -28.42 -48.07 0.60
N LEU G 455 -28.21 -48.54 1.84
CA LEU G 455 -27.16 -49.51 2.10
C LEU G 455 -27.49 -50.88 1.51
N ALA G 456 -28.77 -51.20 1.34
CA ALA G 456 -29.14 -52.47 0.73
C ALA G 456 -28.65 -52.56 -0.71
N ALA G 457 -28.79 -51.47 -1.47
CA ALA G 457 -28.27 -51.44 -2.83
C ALA G 457 -26.76 -51.32 -2.87
N ALA G 458 -26.15 -50.97 -1.74
CA ALA G 458 -24.67 -50.84 -1.68
C ALA G 458 -24.05 -52.16 -1.22
N CYS G 459 -24.70 -52.85 -0.28
CA CYS G 459 -24.17 -54.09 0.26
C CYS G 459 -24.20 -55.22 -0.75
N GLU G 460 -24.96 -55.08 -1.83
CA GLU G 460 -24.99 -56.10 -2.88
C GLU G 460 -23.83 -55.91 -3.84
N GLN H 45 -33.36 -45.41 -6.72
CA GLN H 45 -34.09 -44.46 -5.83
C GLN H 45 -33.33 -43.13 -5.79
N VAL H 46 -34.00 -42.05 -5.36
CA VAL H 46 -33.35 -40.71 -5.37
C VAL H 46 -33.35 -40.11 -3.96
N TRP H 47 -32.18 -39.77 -3.43
CA TRP H 47 -32.09 -39.11 -2.10
C TRP H 47 -33.00 -37.86 -2.13
N THR H 48 -33.96 -37.78 -1.21
CA THR H 48 -34.94 -36.65 -1.25
C THR H 48 -34.26 -35.37 -0.75
N PRO H 49 -34.35 -34.23 -1.46
CA PRO H 49 -33.80 -32.97 -0.98
C PRO H 49 -34.87 -32.14 -0.24
N LEU H 50 -36.03 -32.73 0.00
CA LEU H 50 -37.15 -31.99 0.64
C LEU H 50 -37.31 -32.45 2.09
N ASN H 51 -37.27 -31.52 3.04
CA ASN H 51 -37.48 -31.86 4.48
C ASN H 51 -36.60 -33.07 4.86
N ASN H 52 -35.31 -33.01 4.54
CA ASN H 52 -34.38 -34.11 4.90
C ASN H 52 -33.19 -33.50 5.66
N LYS H 53 -33.46 -32.89 6.83
CA LYS H 53 -32.37 -32.27 7.63
C LYS H 53 -31.70 -33.34 8.49
N PHE H 54 -30.43 -33.13 8.85
CA PHE H 54 -29.71 -34.09 9.67
C PHE H 54 -28.91 -33.36 10.73
N PHE H 55 -28.56 -34.07 11.80
CA PHE H 55 -27.88 -33.42 12.95
C PHE H 55 -26.58 -34.14 13.30
N GLU H 56 -25.67 -34.29 12.33
CA GLU H 56 -24.32 -34.86 12.59
C GLU H 56 -24.34 -36.31 13.09
N THR H 57 -23.66 -36.61 14.20
CA THR H 57 -23.48 -38.01 14.66
C THR H 57 -24.78 -38.79 14.90
N PHE H 58 -24.82 -40.04 14.43
CA PHE H 58 -25.93 -40.96 14.66
C PHE H 58 -27.25 -40.44 14.12
N SER H 59 -27.23 -39.36 13.33
CA SER H 59 -28.46 -38.82 12.76
C SER H 59 -28.97 -39.63 11.57
N TYR H 60 -28.10 -40.44 10.95
CA TYR H 60 -28.49 -41.26 9.82
C TYR H 60 -28.94 -42.66 10.22
N LEU H 61 -28.90 -42.99 11.49
CA LEU H 61 -29.47 -44.22 12.00
C LEU H 61 -30.93 -43.99 12.36
N PRO H 62 -31.77 -45.04 12.50
CA PRO H 62 -33.15 -44.85 12.96
C PRO H 62 -33.16 -44.21 14.35
N PRO H 63 -34.25 -43.52 14.76
CA PRO H 63 -34.29 -42.84 16.06
C PRO H 63 -33.89 -43.82 17.17
N MET H 64 -32.97 -43.41 18.05
CA MET H 64 -32.45 -44.34 19.08
C MET H 64 -33.49 -44.53 20.20
N THR H 65 -33.62 -45.77 20.70
CA THR H 65 -34.54 -46.04 21.78
C THR H 65 -33.89 -45.67 23.12
N ASP H 66 -34.65 -45.85 24.20
CA ASP H 66 -34.13 -45.54 25.52
C ASP H 66 -32.93 -46.40 25.88
N ALA H 67 -32.98 -47.69 25.53
CA ALA H 67 -31.86 -48.58 25.81
C ALA H 67 -30.62 -48.18 25.02
N GLU H 68 -30.79 -47.78 23.75
CA GLU H 68 -29.65 -47.38 22.95
C GLU H 68 -29.03 -46.09 23.45
N ILE H 69 -29.87 -45.13 23.82
CA ILE H 69 -29.35 -43.86 24.40
C ILE H 69 -28.59 -44.23 25.68
N SER H 70 -29.19 -45.09 26.52
CA SER H 70 -28.54 -45.48 27.76
C SER H 70 -27.18 -46.10 27.51
N ARG H 71 -27.08 -46.97 26.50
CA ARG H 71 -25.79 -47.60 26.20
C ARG H 71 -24.77 -46.56 25.71
N GLN H 72 -25.21 -45.60 24.90
CA GLN H 72 -24.31 -44.55 24.46
C GLN H 72 -23.82 -43.70 25.63
N VAL H 73 -24.72 -43.36 26.55
CA VAL H 73 -24.32 -42.58 27.72
C VAL H 73 -23.39 -43.39 28.62
N ASP H 74 -23.63 -44.69 28.74
CA ASP H 74 -22.72 -45.55 29.49
C ASP H 74 -21.34 -45.60 28.83
N TYR H 75 -21.30 -45.60 27.50
CA TYR H 75 -20.01 -45.54 26.82
C TYR H 75 -19.29 -44.23 27.11
N ILE H 76 -20.03 -43.12 27.12
CA ILE H 76 -19.41 -41.83 27.44
C ILE H 76 -18.88 -41.83 28.86
N VAL H 77 -19.66 -42.36 29.81
CA VAL H 77 -19.26 -42.38 31.21
C VAL H 77 -18.06 -43.29 31.41
N SER H 78 -18.05 -44.43 30.70
CA SER H 78 -16.96 -45.42 30.86
C SER H 78 -15.61 -44.77 30.52
N ASN H 79 -15.57 -43.95 29.46
CA ASN H 79 -14.32 -43.33 29.05
C ASN H 79 -13.82 -42.29 30.06
N GLY H 80 -14.63 -41.95 31.05
CA GLY H 80 -14.27 -40.91 31.99
C GLY H 80 -14.82 -39.55 31.66
N TRP H 81 -15.75 -39.45 30.72
CA TRP H 81 -16.27 -38.19 30.23
C TRP H 81 -17.59 -37.84 30.89
N THR H 82 -17.95 -36.57 30.82
CA THR H 82 -19.18 -36.07 31.43
C THR H 82 -20.26 -35.89 30.39
N PRO H 83 -21.43 -36.51 30.55
CA PRO H 83 -22.53 -36.27 29.61
C PRO H 83 -23.44 -35.14 30.07
N CYS H 84 -23.90 -34.36 29.09
CA CYS H 84 -24.85 -33.27 29.33
C CYS H 84 -25.86 -33.26 28.18
N LEU H 85 -26.86 -32.39 28.32
CA LEU H 85 -27.94 -32.35 27.32
C LEU H 85 -28.04 -30.96 26.69
N GLU H 86 -28.14 -30.92 25.36
CA GLU H 86 -28.34 -29.65 24.64
C GLU H 86 -29.72 -29.72 23.98
N PHE H 87 -30.39 -28.59 23.83
CA PHE H 87 -31.69 -28.54 23.18
C PHE H 87 -31.83 -27.24 22.41
N ALA H 88 -32.60 -27.29 21.33
CA ALA H 88 -32.88 -26.11 20.53
C ALA H 88 -34.18 -26.31 19.77
N GLY H 89 -34.97 -25.26 19.68
CA GLY H 89 -36.16 -25.29 18.85
C GLY H 89 -35.81 -25.25 17.39
N ALA H 90 -36.84 -25.39 16.55
CA ALA H 90 -36.63 -25.51 15.11
C ALA H 90 -36.05 -24.23 14.53
N GLU H 91 -36.28 -23.09 15.16
CA GLU H 91 -35.77 -21.82 14.64
C GLU H 91 -34.28 -21.65 14.86
N SER H 92 -33.68 -22.36 15.82
CA SER H 92 -32.25 -22.23 16.09
C SER H 92 -31.57 -23.59 16.16
N ALA H 93 -32.04 -24.54 15.35
CA ALA H 93 -31.46 -25.88 15.33
C ALA H 93 -30.48 -26.10 14.19
N TYR H 94 -30.76 -25.55 13.02
CA TYR H 94 -29.93 -25.74 11.84
C TYR H 94 -28.92 -24.60 11.71
N THR H 95 -27.80 -24.90 11.06
CA THR H 95 -26.78 -23.89 10.82
C THR H 95 -27.31 -22.80 9.90
N SER H 96 -26.83 -21.58 10.11
CA SER H 96 -27.30 -20.42 9.35
C SER H 96 -26.21 -19.37 9.28
N ASN H 97 -26.39 -18.43 8.38
CA ASN H 97 -25.46 -17.32 8.17
C ASN H 97 -26.11 -15.98 8.51
N GLU H 98 -26.91 -15.95 9.58
CA GLU H 98 -27.69 -14.75 9.86
C GLU H 98 -26.80 -13.59 10.33
N ASN H 99 -25.74 -13.89 11.07
CA ASN H 99 -24.87 -12.86 11.63
C ASN H 99 -23.68 -12.55 10.75
N CYS H 100 -23.51 -13.24 9.63
CA CYS H 100 -22.42 -12.94 8.72
C CYS H 100 -22.53 -11.55 8.12
N VAL H 101 -23.72 -10.94 8.18
CA VAL H 101 -23.91 -9.58 7.68
C VAL H 101 -23.12 -8.56 8.49
N ARG H 102 -22.73 -8.89 9.71
CA ARG H 102 -21.99 -7.98 10.57
C ARG H 102 -20.48 -8.09 10.42
N MET H 103 -19.99 -8.95 9.55
CA MET H 103 -18.58 -9.28 9.50
C MET H 103 -17.93 -8.84 8.19
N GLN H 104 -16.64 -8.59 8.29
CA GLN H 104 -15.88 -8.20 7.09
C GLN H 104 -14.70 -9.16 6.99
N ASN H 105 -13.77 -8.87 6.08
CA ASN H 105 -12.57 -9.67 5.87
C ASN H 105 -12.89 -11.09 5.44
N THR H 106 -13.46 -11.89 6.33
CA THR H 106 -13.81 -13.26 5.99
C THR H 106 -14.87 -13.76 6.97
N THR H 107 -15.58 -14.82 6.56
CA THR H 107 -16.50 -15.55 7.43
C THR H 107 -16.16 -17.03 7.47
N CYS H 108 -14.92 -17.38 7.12
CA CYS H 108 -14.51 -18.79 7.07
C CYS H 108 -14.66 -19.44 8.44
N LEU H 109 -15.28 -20.62 8.47
CA LEU H 109 -15.42 -21.42 9.72
C LEU H 109 -16.37 -20.74 10.73
N TYR H 110 -17.14 -19.74 10.30
CA TYR H 110 -18.14 -19.17 11.17
C TYR H 110 -19.51 -19.62 10.70
N TYR H 111 -20.28 -20.21 11.61
CA TYR H 111 -21.65 -20.60 11.34
C TYR H 111 -22.48 -20.38 12.59
N ASP H 112 -23.72 -19.94 12.39
CA ASP H 112 -24.63 -19.71 13.50
C ASP H 112 -25.30 -21.02 13.90
N ASN H 113 -25.84 -21.03 15.11
CA ASN H 113 -26.57 -22.16 15.69
C ASN H 113 -25.69 -23.38 15.92
N ARG H 114 -24.36 -23.23 15.86
CA ARG H 114 -23.50 -24.33 16.29
C ARG H 114 -23.68 -24.59 17.78
N TYR H 115 -23.83 -23.54 18.56
CA TYR H 115 -24.15 -23.66 19.98
C TYR H 115 -25.64 -23.91 20.17
N TRP H 116 -25.97 -24.91 20.96
CA TRP H 116 -27.32 -25.09 21.46
C TRP H 116 -27.37 -24.60 22.91
N THR H 117 -28.50 -24.85 23.57
CA THR H 117 -28.66 -24.39 24.98
C THR H 117 -28.46 -25.56 25.92
N MET H 118 -27.65 -25.39 26.96
CA MET H 118 -27.39 -26.47 27.94
C MET H 118 -28.64 -26.74 28.77
N TRP H 119 -28.90 -28.01 29.09
CA TRP H 119 -30.11 -28.38 29.87
C TRP H 119 -29.70 -28.68 31.31
N CYS H 126 -25.32 -35.96 35.92
CA CYS H 126 -24.32 -36.44 34.97
C CYS H 126 -23.45 -37.51 35.61
N THR H 127 -24.06 -38.63 36.00
CA THR H 127 -23.34 -39.71 36.65
C THR H 127 -23.45 -41.04 35.92
N ASP H 128 -24.57 -41.33 35.27
CA ASP H 128 -24.80 -42.63 34.66
C ASP H 128 -25.86 -42.48 33.57
N GLY H 129 -26.15 -43.60 32.90
CA GLY H 129 -27.13 -43.57 31.82
C GLY H 129 -28.54 -43.28 32.29
N GLY H 130 -28.92 -43.85 33.44
CA GLY H 130 -30.28 -43.65 33.93
C GLY H 130 -30.60 -42.20 34.24
N GLN H 131 -29.66 -41.50 34.87
CA GLN H 131 -29.89 -40.09 35.18
C GLN H 131 -30.02 -39.24 33.92
N VAL H 132 -29.16 -39.50 32.93
CA VAL H 132 -29.24 -38.74 31.68
C VAL H 132 -30.53 -39.07 30.95
N LEU H 133 -31.00 -40.31 31.03
CA LEU H 133 -32.28 -40.66 30.43
C LEU H 133 -33.44 -39.93 31.13
N ARG H 134 -33.39 -39.87 32.46
CA ARG H 134 -34.42 -39.13 33.19
C ARG H 134 -34.41 -37.66 32.78
N GLU H 135 -33.22 -37.08 32.65
CA GLU H 135 -33.12 -35.70 32.19
C GLU H 135 -33.61 -35.54 30.76
N VAL H 136 -33.44 -36.56 29.92
CA VAL H 136 -33.95 -36.51 28.56
C VAL H 136 -35.47 -36.45 28.56
N GLN H 137 -36.11 -37.30 29.38
CA GLN H 137 -37.56 -37.22 29.52
C GLN H 137 -38.01 -35.88 30.10
N ALA H 138 -37.28 -35.35 31.07
CA ALA H 138 -37.64 -34.06 31.63
C ALA H 138 -37.55 -32.95 30.58
N CYS H 139 -36.49 -32.96 29.76
CA CYS H 139 -36.35 -31.98 28.71
C CYS H 139 -37.44 -32.14 27.65
N ARG H 140 -37.80 -33.39 27.34
CA ARG H 140 -38.89 -33.64 26.40
C ARG H 140 -40.19 -33.04 26.91
N ARG H 141 -40.50 -33.25 28.19
CA ARG H 141 -41.73 -32.70 28.74
C ARG H 141 -41.69 -31.18 28.75
N ALA H 142 -40.55 -30.59 29.14
CA ALA H 142 -40.47 -29.13 29.26
C ALA H 142 -40.49 -28.46 27.89
N PHE H 143 -39.76 -29.04 26.93
CA PHE H 143 -39.69 -28.46 25.56
C PHE H 143 -40.03 -29.55 24.54
N PRO H 144 -41.33 -29.82 24.27
CA PRO H 144 -41.72 -30.90 23.36
C PRO H 144 -41.37 -30.63 21.89
N ASP H 145 -41.22 -29.35 21.52
CA ASP H 145 -40.96 -28.99 20.10
C ASP H 145 -39.47 -28.69 19.91
N ALA H 146 -38.61 -29.29 20.72
CA ALA H 146 -37.16 -28.97 20.64
C ALA H 146 -36.33 -30.23 20.38
N TYR H 147 -35.30 -30.13 19.54
CA TYR H 147 -34.39 -31.28 19.33
C TYR H 147 -33.48 -31.38 20.56
N ILE H 148 -33.25 -32.61 21.04
CA ILE H 148 -32.35 -32.80 22.21
C ILE H 148 -31.06 -33.46 21.73
N ARG H 149 -29.91 -32.99 22.22
CA ARG H 149 -28.60 -33.55 21.80
C ARG H 149 -27.76 -33.90 23.03
N VAL H 150 -27.22 -35.12 23.07
CA VAL H 150 -26.37 -35.55 24.17
C VAL H 150 -24.94 -35.17 23.83
N VAL H 151 -24.28 -34.43 24.71
CA VAL H 151 -22.91 -33.99 24.50
C VAL H 151 -22.01 -34.63 25.54
N GLY H 152 -20.76 -34.83 25.17
CA GLY H 152 -19.76 -35.38 26.07
C GLY H 152 -18.61 -34.43 26.23
N PHE H 153 -18.08 -34.33 27.46
CA PHE H 153 -16.97 -33.39 27.73
C PHE H 153 -15.85 -34.13 28.47
N ASP H 154 -14.63 -34.14 27.90
CA ASP H 154 -13.47 -34.74 28.60
C ASP H 154 -13.09 -33.79 29.73
N PRO H 155 -13.15 -34.20 31.02
CA PRO H 155 -12.89 -33.30 32.14
C PRO H 155 -11.41 -32.90 32.26
N VAL H 156 -10.51 -33.72 31.71
CA VAL H 156 -9.05 -33.45 31.83
C VAL H 156 -8.64 -32.46 30.73
N ARG H 157 -8.94 -32.78 29.48
CA ARG H 157 -8.54 -31.92 28.33
C ARG H 157 -9.45 -30.70 28.26
N GLN H 158 -10.59 -30.73 28.95
CA GLN H 158 -11.56 -29.60 28.90
C GLN H 158 -11.95 -29.36 27.44
N VAL H 159 -12.30 -30.42 26.71
CA VAL H 159 -12.72 -30.28 25.28
C VAL H 159 -14.01 -31.09 25.09
N GLN H 160 -14.83 -30.73 24.09
CA GLN H 160 -16.03 -31.56 23.81
C GLN H 160 -15.58 -32.80 23.03
N VAL H 161 -16.00 -33.99 23.47
CA VAL H 161 -15.58 -35.23 22.83
C VAL H 161 -16.74 -35.99 22.20
N SER H 162 -17.98 -35.58 22.51
CA SER H 162 -19.16 -36.32 22.00
C SER H 162 -20.30 -35.36 21.67
N GLY H 163 -21.20 -35.76 20.76
CA GLY H 163 -22.34 -34.92 20.39
C GLY H 163 -23.27 -35.63 19.42
N PHE H 164 -24.33 -36.25 19.93
CA PHE H 164 -25.28 -37.00 19.07
C PHE H 164 -26.73 -36.63 19.43
N LEU H 165 -27.58 -36.47 18.40
CA LEU H 165 -29.00 -36.12 18.64
C LEU H 165 -29.73 -37.34 19.20
N VAL H 166 -30.63 -37.13 20.17
CA VAL H 166 -31.37 -38.26 20.81
C VAL H 166 -32.88 -38.00 20.73
N ASN H 167 -33.28 -36.84 20.20
CA ASN H 167 -34.73 -36.51 20.15
C ASN H 167 -35.05 -35.62 18.94
N ARG H 168 -36.09 -35.96 18.19
CA ARG H 168 -36.54 -35.10 17.05
C ARG H 168 -38.02 -34.75 17.31
N PRO H 169 -38.39 -33.46 17.45
CA PRO H 169 -39.77 -33.10 17.81
C PRO H 169 -40.76 -33.62 16.75
N ALA H 170 -41.76 -34.39 17.19
CA ALA H 170 -42.78 -34.91 16.26
C ALA H 170 -43.46 -33.75 15.54
N SER H 171 -43.70 -32.65 16.26
CA SER H 171 -44.37 -31.46 15.66
C SER H 171 -43.61 -30.97 14.43
N VAL H 172 -42.27 -30.89 14.53
CA VAL H 172 -41.47 -30.36 13.39
C VAL H 172 -41.34 -31.45 12.32
N ARG H 173 -41.42 -31.07 11.04
CA ARG H 173 -41.36 -32.06 9.94
C ARG H 173 -40.26 -31.65 8.96
N ASP H 174 -39.11 -31.19 9.48
CA ASP H 174 -37.98 -30.76 8.61
C ASP H 174 -37.06 -31.95 8.35
N TYR H 175 -37.43 -33.13 8.84
CA TYR H 175 -36.55 -34.32 8.70
C TYR H 175 -37.36 -35.49 8.13
N GLN H 176 -36.67 -36.46 7.51
CA GLN H 176 -37.36 -37.65 6.94
C GLN H 176 -37.16 -38.86 7.86
N GLY H 177 -37.66 -40.03 7.45
CA GLY H 177 -37.46 -41.27 8.23
C GLY H 177 -36.56 -42.22 7.47
N PRO H 178 -36.00 -43.27 8.11
CA PRO H 178 -35.05 -44.15 7.43
C PRO H 178 -35.53 -44.64 6.05
N SER H 179 -36.84 -44.86 5.89
CA SER H 179 -37.39 -45.39 4.61
C SER H 179 -37.82 -44.24 3.69
N THR H 180 -38.06 -43.05 4.23
CA THR H 180 -38.57 -41.92 3.41
C THR H 180 -37.39 -41.03 2.97
N ARG H 181 -36.16 -41.43 3.29
CA ARG H 181 -34.96 -40.64 2.90
C ARG H 181 -34.73 -40.77 1.39
N SER H 182 -35.23 -41.86 0.79
CA SER H 182 -35.10 -42.04 -0.69
C SER H 182 -36.49 -42.15 -1.33
N VAL H 183 -36.70 -41.52 -2.48
CA VAL H 183 -38.04 -41.54 -3.15
C VAL H 183 -37.85 -41.95 -4.62
N LEU I 22 -33.95 16.63 -45.60
CA LEU I 22 -32.87 16.08 -44.80
C LEU I 22 -32.70 16.85 -43.50
N THR I 23 -32.97 16.17 -42.38
CA THR I 23 -32.82 16.81 -41.08
C THR I 23 -31.36 16.99 -40.68
N TYR I 24 -30.45 16.29 -41.36
CA TYR I 24 -29.04 16.27 -40.97
C TYR I 24 -28.14 17.03 -41.92
N TYR I 25 -28.69 17.57 -43.00
CA TYR I 25 -27.96 18.48 -43.90
C TYR I 25 -28.53 19.87 -43.70
N THR I 26 -27.75 20.76 -43.10
CA THR I 26 -28.17 22.12 -42.78
C THR I 26 -27.16 23.09 -43.35
N PRO I 27 -27.24 23.39 -44.65
CA PRO I 27 -26.25 24.29 -45.26
C PRO I 27 -26.26 25.71 -44.71
N ASP I 28 -27.30 26.11 -44.00
CA ASP I 28 -27.35 27.43 -43.39
C ASP I 28 -26.83 27.45 -41.96
N TYR I 29 -26.37 26.30 -41.45
CA TYR I 29 -25.90 26.23 -40.07
C TYR I 29 -24.53 26.89 -39.94
N GLN I 30 -24.36 27.67 -38.88
CA GLN I 30 -23.08 28.27 -38.57
C GLN I 30 -22.43 27.53 -37.42
N PRO I 31 -21.29 26.86 -37.64
CA PRO I 31 -20.70 26.06 -36.56
C PRO I 31 -20.35 26.91 -35.34
N LYS I 32 -20.57 26.33 -34.16
CA LYS I 32 -20.31 27.03 -32.91
C LYS I 32 -18.82 27.06 -32.61
N ASP I 33 -18.43 27.87 -31.62
CA ASP I 33 -17.00 27.98 -31.25
C ASP I 33 -16.55 26.72 -30.51
N THR I 34 -17.50 25.90 -30.07
CA THR I 34 -17.17 24.69 -29.33
C THR I 34 -17.42 23.41 -30.11
N ASP I 35 -17.88 23.51 -31.37
CA ASP I 35 -18.12 22.33 -32.17
C ASP I 35 -16.81 21.68 -32.59
N ILE I 36 -16.81 20.35 -32.66
CA ILE I 36 -15.74 19.58 -33.28
C ILE I 36 -16.12 19.41 -34.74
N LEU I 37 -15.24 19.84 -35.64
CA LEU I 37 -15.53 19.83 -37.07
C LEU I 37 -14.66 18.79 -37.76
N ALA I 38 -15.27 18.05 -38.68
CA ALA I 38 -14.58 17.06 -39.49
C ALA I 38 -14.79 17.39 -40.96
N ALA I 39 -13.76 17.18 -41.77
CA ALA I 39 -13.85 17.38 -43.21
C ALA I 39 -13.64 16.02 -43.87
N PHE I 40 -14.72 15.43 -44.36
CA PHE I 40 -14.69 14.12 -44.98
C PHE I 40 -14.61 14.27 -46.49
N ARG I 41 -13.67 13.56 -47.11
CA ARG I 41 -13.63 13.41 -48.56
C ARG I 41 -14.33 12.12 -48.91
N MET I 42 -15.52 12.27 -49.53
CA MET I 42 -16.34 11.06 -49.78
C MET I 42 -16.71 10.91 -51.26
N THR I 43 -16.73 9.67 -51.75
CA THR I 43 -17.17 9.35 -53.10
C THR I 43 -18.42 8.50 -53.01
N PRO I 44 -19.61 9.07 -53.18
CA PRO I 44 -20.84 8.27 -53.06
C PRO I 44 -21.04 7.36 -54.26
N GLN I 45 -21.84 6.32 -54.04
CA GLN I 45 -22.19 5.41 -55.11
C GLN I 45 -23.01 6.15 -56.16
N PRO I 46 -22.92 5.75 -57.43
CA PRO I 46 -23.69 6.44 -58.47
C PRO I 46 -25.18 6.37 -58.19
N GLY I 47 -25.86 7.49 -58.42
CA GLY I 47 -27.25 7.65 -58.10
C GLY I 47 -27.51 8.28 -56.75
N VAL I 48 -26.53 8.28 -55.85
CA VAL I 48 -26.68 8.89 -54.53
C VAL I 48 -26.22 10.33 -54.64
N PRO I 49 -27.10 11.32 -54.39
CA PRO I 49 -26.66 12.71 -54.43
C PRO I 49 -25.70 13.00 -53.30
N PRO I 50 -24.77 13.95 -53.49
CA PRO I 50 -23.83 14.26 -52.40
C PRO I 50 -24.49 14.73 -51.13
N GLU I 51 -25.62 15.45 -51.25
CA GLU I 51 -26.33 15.95 -50.04
C GLU I 51 -26.81 14.77 -49.20
N GLU I 52 -27.34 13.73 -49.83
CA GLU I 52 -27.81 12.55 -49.11
C GLU I 52 -26.66 11.83 -48.42
N ALA I 53 -25.51 11.72 -49.08
CA ALA I 53 -24.37 11.05 -48.47
C ALA I 53 -23.82 11.82 -47.28
N GLY I 54 -23.70 13.15 -47.42
CA GLY I 54 -23.29 13.96 -46.28
C GLY I 54 -24.27 13.87 -45.13
N ALA I 55 -25.56 13.82 -45.46
CA ALA I 55 -26.59 13.69 -44.39
C ALA I 55 -26.35 12.37 -43.64
N ALA I 56 -26.04 11.28 -44.37
CA ALA I 56 -25.84 9.97 -43.74
C ALA I 56 -24.63 10.01 -42.80
N VAL I 57 -23.50 10.56 -43.26
CA VAL I 57 -22.28 10.66 -42.42
C VAL I 57 -22.62 11.49 -41.18
N ALA I 58 -23.35 12.59 -41.35
CA ALA I 58 -23.74 13.46 -40.21
C ALA I 58 -24.59 12.64 -39.23
N ALA I 59 -25.54 11.85 -39.75
CA ALA I 59 -26.43 11.05 -38.88
C ALA I 59 -25.61 9.96 -38.16
N ARG I 79 -30.11 17.92 -30.83
CA ARG I 79 -29.25 18.60 -29.84
C ARG I 79 -27.88 17.92 -29.80
N TYR I 80 -27.86 16.59 -29.90
CA TYR I 80 -26.59 15.82 -29.90
C TYR I 80 -26.37 15.19 -31.27
N LYS I 81 -27.05 15.72 -32.28
CA LYS I 81 -26.95 15.10 -33.63
C LYS I 81 -25.83 15.78 -34.41
N GLY I 82 -25.00 14.98 -35.10
CA GLY I 82 -23.98 15.59 -35.97
C GLY I 82 -24.68 16.09 -37.22
N ARG I 83 -24.23 17.20 -37.79
CA ARG I 83 -24.95 17.76 -38.93
C ARG I 83 -23.96 18.17 -40.00
N CYS I 84 -24.35 17.94 -41.25
CA CYS I 84 -23.57 18.38 -42.40
C CYS I 84 -23.96 19.82 -42.72
N TYR I 85 -23.01 20.74 -42.55
CA TYR I 85 -23.34 22.18 -42.75
C TYR I 85 -22.74 22.70 -44.06
N ASP I 86 -21.84 21.93 -44.69
CA ASP I 86 -21.19 22.42 -45.89
C ASP I 86 -20.75 21.24 -46.74
N ILE I 87 -20.97 21.35 -48.05
CA ILE I 87 -20.50 20.37 -49.01
C ILE I 87 -19.90 21.10 -50.19
N GLU I 88 -18.65 20.78 -50.52
CA GLU I 88 -17.99 21.38 -51.69
C GLU I 88 -17.51 20.26 -52.60
N PRO I 89 -17.73 20.33 -53.92
CA PRO I 89 -17.17 19.31 -54.84
C PRO I 89 -15.67 19.48 -54.98
N VAL I 90 -15.00 18.36 -55.26
CA VAL I 90 -13.55 18.36 -55.46
C VAL I 90 -13.28 18.67 -56.93
N PRO I 91 -12.63 19.79 -57.25
CA PRO I 91 -12.32 20.12 -58.65
C PRO I 91 -11.12 19.34 -59.13
N GLY I 92 -11.36 18.33 -59.96
CA GLY I 92 -10.29 17.49 -60.45
C GLY I 92 -10.60 16.01 -60.34
N GLU I 93 -11.58 15.67 -59.51
CA GLU I 93 -11.99 14.29 -59.31
C GLU I 93 -13.49 14.17 -59.56
N GLU I 94 -13.90 13.10 -60.22
CA GLU I 94 -15.30 12.90 -60.55
C GLU I 94 -16.06 12.35 -59.34
N ASN I 95 -17.25 12.90 -59.11
CA ASN I 95 -18.13 12.48 -58.02
C ASN I 95 -17.40 12.48 -56.67
N GLN I 96 -16.63 13.52 -56.41
CA GLN I 96 -15.88 13.65 -55.17
C GLN I 96 -16.24 14.95 -54.48
N TYR I 97 -16.64 14.86 -53.22
CA TYR I 97 -17.06 16.01 -52.45
C TYR I 97 -16.38 16.01 -51.09
N ILE I 98 -16.21 17.21 -50.54
CA ILE I 98 -15.74 17.39 -49.17
C ILE I 98 -16.95 17.73 -48.32
N ALA I 99 -17.24 16.89 -47.33
CA ALA I 99 -18.41 17.12 -46.44
C ALA I 99 -17.94 17.61 -45.07
N TYR I 100 -18.45 18.76 -44.64
CA TYR I 100 -18.04 19.34 -43.33
C TYR I 100 -19.10 18.99 -42.28
N ILE I 101 -18.68 18.29 -41.21
CA ILE I 101 -19.65 17.84 -40.17
C ILE I 101 -19.37 18.58 -38.86
N ALA I 102 -20.42 19.00 -38.15
CA ALA I 102 -20.28 19.70 -36.89
C ALA I 102 -20.84 18.81 -35.78
N TYR I 103 -20.01 18.51 -34.79
CA TYR I 103 -20.42 17.70 -33.65
C TYR I 103 -20.47 18.57 -32.40
N PRO I 104 -21.53 18.48 -31.60
CA PRO I 104 -21.58 19.24 -30.36
C PRO I 104 -20.50 18.78 -29.38
N LEU I 105 -20.02 19.73 -28.58
CA LEU I 105 -18.95 19.43 -27.62
C LEU I 105 -19.38 18.41 -26.57
N ASP I 106 -20.68 18.36 -26.26
CA ASP I 106 -21.20 17.45 -25.20
C ASP I 106 -21.10 15.98 -25.60
N LEU I 107 -20.77 15.70 -26.86
CA LEU I 107 -20.78 14.33 -27.35
C LEU I 107 -19.59 13.52 -26.88
N PHE I 108 -18.50 14.17 -26.46
CA PHE I 108 -17.24 13.49 -26.24
C PHE I 108 -16.83 13.53 -24.78
N GLU I 109 -16.00 12.56 -24.40
CA GLU I 109 -15.48 12.49 -23.02
C GLU I 109 -14.24 13.37 -22.93
N GLU I 110 -14.12 14.16 -21.87
CA GLU I 110 -13.01 15.07 -21.69
C GLU I 110 -11.68 14.31 -21.70
N GLY I 111 -10.73 14.83 -22.48
CA GLY I 111 -9.38 14.27 -22.49
C GLY I 111 -9.27 12.84 -22.96
N SER I 112 -10.13 12.43 -23.89
CA SER I 112 -10.16 11.04 -24.35
C SER I 112 -10.07 11.00 -25.88
N VAL I 113 -8.88 10.73 -26.39
CA VAL I 113 -8.71 10.54 -27.83
C VAL I 113 -9.43 9.27 -28.27
N THR I 114 -9.45 8.24 -27.43
CA THR I 114 -10.17 7.02 -27.73
C THR I 114 -11.63 7.30 -28.05
N ASN I 115 -12.28 8.07 -27.18
CA ASN I 115 -13.72 8.39 -27.39
C ASN I 115 -13.88 9.24 -28.66
N LEU I 116 -13.00 10.21 -28.86
CA LEU I 116 -13.11 11.05 -30.05
C LEU I 116 -13.08 10.22 -31.31
N PHE I 117 -12.13 9.27 -31.39
CA PHE I 117 -12.07 8.42 -32.57
C PHE I 117 -13.24 7.46 -32.64
N THR I 118 -13.74 6.98 -31.49
CA THR I 118 -14.92 6.13 -31.51
C THR I 118 -16.13 6.89 -32.04
N SER I 119 -16.28 8.15 -31.66
CA SER I 119 -17.44 8.91 -32.09
C SER I 119 -17.34 9.30 -33.57
N ILE I 120 -16.18 9.80 -33.99
CA ILE I 120 -16.08 10.37 -35.33
C ILE I 120 -15.99 9.27 -36.38
N VAL I 121 -15.08 8.31 -36.17
CA VAL I 121 -14.84 7.29 -37.24
C VAL I 121 -15.13 5.88 -36.72
N GLY I 122 -15.99 5.75 -35.71
CA GLY I 122 -16.35 4.41 -35.18
C GLY I 122 -16.95 3.51 -36.25
N ASN I 123 -18.17 3.81 -36.70
CA ASN I 123 -18.76 3.03 -37.77
C ASN I 123 -19.33 4.00 -38.79
N VAL I 124 -18.44 4.52 -39.65
CA VAL I 124 -18.86 5.33 -40.79
C VAL I 124 -18.16 4.95 -42.08
N PHE I 125 -17.06 4.20 -41.96
CA PHE I 125 -16.31 3.76 -43.16
C PHE I 125 -16.96 2.51 -43.74
N GLY I 126 -17.93 1.91 -43.03
CA GLY I 126 -18.67 0.76 -43.49
C GLY I 126 -20.00 1.05 -44.12
N PHE I 127 -20.29 2.31 -44.46
CA PHE I 127 -21.54 2.64 -45.11
C PHE I 127 -21.52 2.20 -46.57
N LYS I 128 -22.55 1.44 -46.96
CA LYS I 128 -22.62 0.92 -48.35
C LYS I 128 -22.86 2.07 -49.34
N ALA I 129 -23.51 3.15 -48.88
CA ALA I 129 -23.83 4.25 -49.78
C ALA I 129 -22.61 5.02 -50.24
N LEU I 130 -21.44 4.76 -49.66
CA LEU I 130 -20.22 5.46 -50.00
C LEU I 130 -19.25 4.49 -50.66
N ARG I 131 -18.85 4.80 -51.89
CA ARG I 131 -17.82 4.01 -52.54
C ARG I 131 -16.50 4.13 -51.80
N ALA I 132 -16.12 5.34 -51.41
CA ALA I 132 -14.92 5.57 -50.63
C ALA I 132 -15.15 6.74 -49.70
N LEU I 133 -14.46 6.72 -48.55
CA LEU I 133 -14.58 7.77 -47.55
C LEU I 133 -13.22 8.00 -46.92
N ARG I 134 -12.85 9.28 -46.77
CA ARG I 134 -11.53 9.62 -46.20
C ARG I 134 -11.63 10.84 -45.27
N LEU I 135 -11.35 10.67 -43.99
CA LEU I 135 -11.30 11.81 -43.07
C LEU I 135 -10.03 12.61 -43.34
N GLU I 136 -10.19 13.87 -43.68
CA GLU I 136 -9.07 14.72 -44.07
C GLU I 136 -8.56 15.59 -42.94
N ASP I 137 -9.45 16.17 -42.14
CA ASP I 137 -9.03 17.11 -41.12
C ASP I 137 -10.02 17.09 -39.98
N LEU I 138 -9.58 17.58 -38.83
CA LEU I 138 -10.42 17.80 -37.66
C LEU I 138 -10.19 19.19 -37.13
N ARG I 139 -11.23 19.79 -36.57
CA ARG I 139 -11.12 21.04 -35.83
C ARG I 139 -11.41 20.75 -34.37
N ILE I 140 -10.38 20.82 -33.53
CA ILE I 140 -10.52 20.62 -32.10
C ILE I 140 -10.74 21.99 -31.46
N PRO I 141 -11.93 22.29 -30.94
CA PRO I 141 -12.14 23.59 -30.33
C PRO I 141 -11.27 23.75 -29.10
N PRO I 142 -10.80 24.98 -28.75
CA PRO I 142 -10.02 25.19 -27.52
C PRO I 142 -10.68 24.55 -26.29
N ALA I 143 -12.00 24.68 -26.17
CA ALA I 143 -12.72 24.12 -25.00
C ALA I 143 -12.35 22.63 -24.84
N TYR I 144 -12.33 21.88 -25.94
CA TYR I 144 -11.91 20.45 -25.88
C TYR I 144 -10.40 20.37 -25.64
N VAL I 145 -9.60 21.20 -26.32
CA VAL I 145 -8.15 21.07 -26.17
C VAL I 145 -7.75 21.23 -24.71
N LYS I 146 -8.40 22.14 -23.99
CA LYS I 146 -8.02 22.39 -22.61
C LYS I 146 -8.26 21.19 -21.71
N THR I 147 -9.07 20.22 -22.13
CA THR I 147 -9.30 19.04 -21.31
C THR I 147 -8.18 18.00 -21.45
N PHE I 148 -7.25 18.20 -22.36
CA PHE I 148 -6.14 17.28 -22.58
C PHE I 148 -4.87 17.80 -21.94
N GLN I 149 -4.06 16.89 -21.40
CA GLN I 149 -2.75 17.28 -20.91
C GLN I 149 -1.81 17.66 -22.04
N GLY I 150 -1.84 16.91 -23.14
CA GLY I 150 -0.95 17.14 -24.25
C GLY I 150 0.39 16.47 -24.06
N PRO I 151 1.38 16.87 -24.86
CA PRO I 151 2.69 16.25 -24.74
C PRO I 151 3.28 16.53 -23.38
N PRO I 152 4.07 15.58 -22.84
CA PRO I 152 4.61 15.76 -21.48
C PRO I 152 5.47 17.00 -21.32
N HIS I 153 6.30 17.30 -22.31
CA HIS I 153 7.22 18.44 -22.13
C HIS I 153 7.02 19.42 -23.29
N GLY I 154 7.09 18.91 -24.52
CA GLY I 154 6.98 19.80 -25.69
C GLY I 154 8.35 20.09 -26.26
N ILE I 155 8.44 20.95 -27.27
CA ILE I 155 9.70 21.24 -27.93
C ILE I 155 10.57 22.15 -27.07
N GLN I 156 10.01 23.24 -26.56
CA GLN I 156 10.85 24.20 -25.85
C GLN I 156 11.37 23.62 -24.54
N VAL I 157 10.53 22.90 -23.81
CA VAL I 157 10.98 22.26 -22.54
C VAL I 157 12.02 21.19 -22.89
N GLU I 158 11.83 20.47 -24.00
CA GLU I 158 12.84 19.46 -24.40
C GLU I 158 14.18 20.17 -24.62
N ARG I 159 14.19 21.24 -25.42
CA ARG I 159 15.44 21.98 -25.71
C ARG I 159 16.08 22.45 -24.40
N ASP I 160 15.28 22.99 -23.47
CA ASP I 160 15.84 23.49 -22.22
C ASP I 160 16.44 22.35 -21.39
N LYS I 161 15.75 21.21 -21.35
CA LYS I 161 16.24 20.05 -20.54
C LYS I 161 17.53 19.50 -21.16
N LEU I 162 17.58 19.40 -22.49
CA LEU I 162 18.75 18.87 -23.17
C LEU I 162 19.83 19.91 -23.41
N ASN I 163 19.51 21.20 -23.22
CA ASN I 163 20.50 22.29 -23.37
C ASN I 163 21.06 22.32 -24.81
N LYS I 164 20.21 22.04 -25.79
CA LYS I 164 20.61 22.07 -27.19
C LYS I 164 19.73 23.09 -27.92
N TYR I 165 20.37 24.07 -28.54
CA TYR I 165 19.65 25.17 -29.18
C TYR I 165 20.20 25.43 -30.57
N GLY I 166 19.34 25.95 -31.43
CA GLY I 166 19.77 26.48 -32.71
C GLY I 166 20.08 25.45 -33.78
N ARG I 167 19.70 24.20 -33.58
CA ARG I 167 20.02 23.17 -34.54
C ARG I 167 19.04 22.01 -34.38
N GLY I 168 18.90 21.24 -35.44
CA GLY I 168 18.11 20.03 -35.36
C GLY I 168 18.81 18.95 -34.54
N LEU I 169 18.02 18.01 -34.05
CA LEU I 169 18.56 16.89 -33.31
C LEU I 169 18.84 15.72 -34.25
N LEU I 170 19.75 14.86 -33.82
CA LEU I 170 20.21 13.74 -34.63
C LEU I 170 19.98 12.43 -33.89
N GLY I 171 19.55 11.41 -34.63
CA GLY I 171 19.32 10.11 -34.04
C GLY I 171 19.67 8.99 -35.01
N CYS I 172 19.90 7.82 -34.44
CA CYS I 172 20.21 6.63 -35.22
C CYS I 172 19.40 5.45 -34.71
N THR I 173 19.04 4.54 -35.62
CA THR I 173 18.34 3.30 -35.21
C THR I 173 19.38 2.19 -35.14
N ILE I 174 19.62 1.62 -33.95
CA ILE I 174 20.69 0.59 -33.80
C ILE I 174 20.42 -0.56 -34.77
N LYS I 175 21.41 -0.90 -35.61
CA LYS I 175 21.23 -1.98 -36.62
C LYS I 175 22.37 -2.99 -36.47
N PRO I 176 22.11 -4.31 -36.41
CA PRO I 176 20.97 -4.93 -37.10
C PRO I 176 19.64 -4.79 -36.35
N LYS I 177 18.52 -4.93 -37.06
CA LYS I 177 17.19 -4.74 -36.43
C LYS I 177 17.03 -5.69 -35.25
N LEU I 178 17.30 -6.99 -35.44
CA LEU I 178 17.07 -7.98 -34.36
C LEU I 178 18.23 -8.97 -34.28
N GLY I 179 18.24 -9.81 -33.24
CA GLY I 179 19.29 -10.84 -33.08
C GLY I 179 20.43 -10.37 -32.19
N LEU I 180 20.61 -9.05 -32.05
CA LEU I 180 21.75 -8.52 -31.27
C LEU I 180 21.51 -8.76 -29.77
N SER I 181 22.56 -9.12 -29.02
CA SER I 181 22.43 -9.29 -27.56
C SER I 181 22.38 -7.90 -26.89
N ALA I 182 21.84 -7.83 -25.68
CA ALA I 182 21.75 -6.54 -24.94
C ALA I 182 23.14 -5.91 -24.84
N LYS I 183 24.17 -6.70 -24.56
CA LYS I 183 25.56 -6.18 -24.47
C LYS I 183 25.95 -5.55 -25.80
N ASN I 184 25.77 -6.27 -26.90
CA ASN I 184 26.17 -5.75 -28.21
C ASN I 184 25.30 -4.56 -28.62
N TYR I 185 24.02 -4.60 -28.22
CA TYR I 185 23.13 -3.44 -28.49
C TYR I 185 23.69 -2.22 -27.76
N GLY I 186 24.05 -2.38 -26.48
CA GLY I 186 24.63 -1.27 -25.74
C GLY I 186 25.93 -0.79 -26.33
N ARG I 187 26.74 -1.71 -26.83
CA ARG I 187 28.05 -1.33 -27.45
C ARG I 187 27.76 -0.46 -28.68
N ALA I 188 26.81 -0.88 -29.52
CA ALA I 188 26.46 -0.10 -30.70
C ALA I 188 25.91 1.27 -30.30
N VAL I 189 25.09 1.32 -29.26
CA VAL I 189 24.55 2.60 -28.78
C VAL I 189 25.68 3.52 -28.36
N TYR I 190 26.62 3.01 -27.57
CA TYR I 190 27.72 3.84 -27.09
C TYR I 190 28.58 4.32 -28.24
N GLU I 191 28.86 3.44 -29.21
CA GLU I 191 29.70 3.83 -30.33
C GLU I 191 29.05 4.92 -31.16
N CYS I 192 27.73 4.81 -31.38
CA CYS I 192 27.03 5.82 -32.22
C CYS I 192 26.89 7.13 -31.45
N LEU I 193 26.62 7.07 -30.14
CA LEU I 193 26.37 8.32 -29.38
C LEU I 193 27.69 9.09 -29.18
N ARG I 194 28.80 8.39 -28.95
CA ARG I 194 30.10 9.08 -28.67
C ARG I 194 30.54 9.88 -29.90
N GLY I 195 30.05 9.51 -31.08
CA GLY I 195 30.45 10.20 -32.33
C GLY I 195 29.92 11.62 -32.39
N GLY I 196 28.79 11.89 -31.73
CA GLY I 196 28.19 13.24 -31.75
C GLY I 196 26.69 13.20 -31.94
N LEU I 197 26.12 12.00 -32.11
CA LEU I 197 24.65 11.87 -32.23
C LEU I 197 23.99 12.23 -30.90
N ASP I 198 22.82 12.86 -30.95
CA ASP I 198 22.11 13.27 -29.70
C ASP I 198 21.26 12.11 -29.20
N PHE I 199 20.81 11.23 -30.09
CA PHE I 199 19.92 10.15 -29.68
C PHE I 199 20.25 8.88 -30.44
N THR I 200 19.90 7.76 -29.81
CA THR I 200 19.78 6.48 -30.49
C THR I 200 18.41 5.92 -30.12
N LYS I 201 17.97 4.87 -30.82
CA LYS I 201 16.61 4.35 -30.57
C LYS I 201 16.56 2.84 -30.74
N ASP I 202 15.66 2.17 -30.00
CA ASP I 202 15.48 0.70 -30.21
C ASP I 202 14.72 0.52 -31.52
N ASP I 203 14.87 -0.64 -32.17
CA ASP I 203 14.09 -0.90 -33.39
C ASP I 203 12.60 -0.98 -33.01
N GLU I 204 11.71 -0.67 -33.95
CA GLU I 204 10.28 -0.63 -33.65
C GLU I 204 9.77 -1.97 -33.13
N ASN I 205 10.34 -3.08 -33.60
CA ASN I 205 9.89 -4.40 -33.19
C ASN I 205 10.69 -4.97 -32.03
N VAL I 206 11.60 -4.19 -31.46
CA VAL I 206 12.39 -4.63 -30.32
C VAL I 206 11.67 -4.18 -29.06
N ASN I 207 11.00 -5.14 -28.41
CA ASN I 207 10.32 -4.84 -27.12
C ASN I 207 10.95 -5.73 -26.06
N SER I 208 10.78 -7.05 -26.17
CA SER I 208 11.33 -8.01 -25.21
C SER I 208 11.27 -9.38 -25.86
N GLN I 209 12.44 -9.92 -26.18
CA GLN I 209 12.46 -11.20 -26.94
C GLN I 209 13.43 -12.18 -26.26
N PRO I 210 13.38 -13.50 -26.56
CA PRO I 210 14.35 -14.44 -25.99
C PRO I 210 15.80 -13.99 -26.26
N PHE I 211 16.06 -13.38 -27.42
CA PHE I 211 17.45 -12.98 -27.77
C PHE I 211 17.89 -11.79 -26.92
N MET I 212 16.95 -10.92 -26.53
CA MET I 212 17.33 -9.71 -25.77
C MET I 212 16.15 -9.28 -24.89
N ARG I 213 16.17 -9.69 -23.62
CA ARG I 213 15.14 -9.25 -22.70
C ARG I 213 15.26 -7.75 -22.45
N TRP I 214 14.15 -7.15 -22.02
CA TRP I 214 14.08 -5.69 -22.01
C TRP I 214 14.91 -5.09 -20.88
N ARG I 215 14.98 -5.75 -19.72
CA ARG I 215 15.71 -5.15 -18.60
C ARG I 215 17.21 -5.19 -18.83
N ASP I 216 17.72 -6.27 -19.43
CA ASP I 216 19.13 -6.30 -19.79
C ASP I 216 19.46 -5.19 -20.76
N ARG I 217 18.62 -4.99 -21.77
CA ARG I 217 18.84 -3.91 -22.73
C ARG I 217 18.80 -2.55 -22.05
N PHE I 218 17.86 -2.34 -21.13
CA PHE I 218 17.77 -1.06 -20.44
C PHE I 218 19.04 -0.79 -19.64
N LEU I 219 19.55 -1.80 -18.93
CA LEU I 219 20.76 -1.61 -18.14
C LEU I 219 21.99 -1.32 -19.01
N PHE I 220 22.17 -2.11 -20.08
CA PHE I 220 23.35 -1.91 -20.92
C PHE I 220 23.27 -0.57 -21.66
N VAL I 221 22.07 -0.19 -22.10
CA VAL I 221 21.90 1.10 -22.75
C VAL I 221 22.14 2.23 -21.79
N ALA I 222 21.75 2.08 -20.52
CA ALA I 222 22.03 3.11 -19.52
C ALA I 222 23.53 3.26 -19.32
N GLU I 223 24.25 2.16 -19.23
CA GLU I 223 25.70 2.24 -19.11
C GLU I 223 26.32 2.92 -20.33
N ALA I 224 25.84 2.59 -21.51
CA ALA I 224 26.37 3.20 -22.73
C ALA I 224 26.06 4.70 -22.78
N ILE I 225 24.85 5.08 -22.41
CA ILE I 225 24.47 6.50 -22.39
C ILE I 225 25.37 7.27 -21.44
N TYR I 226 25.60 6.72 -20.25
CA TYR I 226 26.42 7.44 -19.29
C TYR I 226 27.88 7.51 -19.70
N LYS I 227 28.40 6.44 -20.32
CA LYS I 227 29.76 6.48 -20.83
C LYS I 227 29.91 7.54 -21.92
N SER I 228 28.97 7.59 -22.86
CA SER I 228 29.05 8.57 -23.93
C SER I 228 28.90 9.99 -23.39
N GLN I 229 28.04 10.18 -22.39
CA GLN I 229 27.91 11.50 -21.76
C GLN I 229 29.22 11.92 -21.12
N ALA I 230 29.85 11.04 -20.35
CA ALA I 230 31.11 11.38 -19.71
C ALA I 230 32.18 11.69 -20.74
N GLU I 231 32.20 10.94 -21.83
CA GLU I 231 33.26 11.12 -22.83
C GLU I 231 33.09 12.44 -23.58
N THR I 232 31.88 12.73 -24.06
CA THR I 232 31.70 13.90 -24.90
C THR I 232 31.35 15.16 -24.11
N GLY I 233 30.76 15.02 -22.93
CA GLY I 233 30.33 16.18 -22.16
C GLY I 233 28.98 16.74 -22.57
N GLU I 234 28.32 16.15 -23.55
CA GLU I 234 26.99 16.55 -23.95
C GLU I 234 25.97 15.57 -23.41
N ILE I 235 24.76 16.06 -23.16
CA ILE I 235 23.69 15.18 -22.68
C ILE I 235 23.25 14.26 -23.81
N LYS I 236 23.20 12.97 -23.50
CA LYS I 236 22.85 11.98 -24.53
C LYS I 236 21.55 11.27 -24.12
N GLY I 237 21.01 10.44 -25.01
CA GLY I 237 19.78 9.73 -24.75
C GLY I 237 19.56 8.61 -25.74
N HIS I 238 18.67 7.71 -25.37
CA HIS I 238 18.30 6.57 -26.20
C HIS I 238 16.81 6.30 -26.05
N TYR I 239 16.10 6.23 -27.17
CA TYR I 239 14.63 5.98 -27.15
C TYR I 239 14.39 4.53 -26.70
N LEU I 240 14.23 4.30 -25.40
CA LEU I 240 13.98 2.93 -24.88
C LEU I 240 12.53 2.54 -25.17
N ASN I 241 12.32 1.39 -25.83
CA ASN I 241 10.94 0.99 -26.23
C ASN I 241 10.18 0.47 -25.01
N ALA I 242 9.13 1.17 -24.59
CA ALA I 242 8.30 0.72 -23.50
C ALA I 242 7.06 -0.03 -23.98
N THR I 243 6.88 -0.16 -25.29
CA THR I 243 5.69 -0.80 -25.84
C THR I 243 5.60 -2.26 -25.37
N ALA I 244 4.47 -2.62 -24.79
CA ALA I 244 4.35 -3.91 -24.13
C ALA I 244 2.95 -4.46 -24.33
N ALA I 245 2.73 -5.69 -23.85
CA ALA I 245 1.42 -6.35 -24.00
C ALA I 245 0.37 -5.71 -23.09
N THR I 246 0.71 -5.48 -21.82
CA THR I 246 -0.29 -4.93 -20.86
C THR I 246 0.17 -3.56 -20.38
N ALA I 247 -0.78 -2.71 -20.01
CA ALA I 247 -0.44 -1.35 -19.53
C ALA I 247 0.47 -1.48 -18.30
N GLU I 248 0.24 -2.51 -17.49
CA GLU I 248 1.06 -2.70 -16.30
C GLU I 248 2.52 -2.94 -16.67
N GLU I 249 2.76 -3.78 -17.67
CA GLU I 249 4.12 -4.04 -18.12
C GLU I 249 4.76 -2.79 -18.72
N MET I 250 3.99 -2.02 -19.49
CA MET I 250 4.49 -0.79 -20.08
C MET I 250 4.88 0.22 -19.01
N LEU I 251 4.04 0.36 -17.98
CA LEU I 251 4.37 1.25 -16.88
C LEU I 251 5.56 0.74 -16.09
N LYS I 252 5.73 -0.58 -15.98
CA LYS I 252 6.91 -1.12 -15.31
C LYS I 252 8.18 -0.78 -16.07
N ARG I 253 8.15 -0.86 -17.41
CA ARG I 253 9.31 -0.50 -18.20
C ARG I 253 9.61 0.99 -18.10
N ALA I 254 8.57 1.82 -18.11
CA ALA I 254 8.77 3.25 -17.88
C ALA I 254 9.36 3.51 -16.51
N GLU I 255 8.91 2.76 -15.51
CA GLU I 255 9.43 2.90 -14.16
C GLU I 255 10.90 2.52 -14.08
N CYS I 256 11.30 1.46 -14.78
CA CYS I 256 12.71 1.10 -14.84
C CYS I 256 13.54 2.21 -15.48
N ALA I 257 13.03 2.78 -16.57
CA ALA I 257 13.74 3.89 -17.21
C ALA I 257 13.88 5.07 -16.27
N LYS I 258 12.81 5.36 -15.51
CA LYS I 258 12.87 6.44 -14.53
C LYS I 258 13.88 6.14 -13.43
N ASP I 259 13.97 4.87 -13.01
CA ASP I 259 14.90 4.49 -11.91
C ASP I 259 16.35 4.53 -12.40
N LEU I 260 16.59 4.31 -13.69
CA LEU I 260 17.94 4.44 -14.23
C LEU I 260 18.36 5.89 -14.44
N GLY I 261 17.43 6.83 -14.42
CA GLY I 261 17.75 8.22 -14.66
C GLY I 261 17.95 8.59 -16.11
N VAL I 262 17.65 7.68 -17.04
CA VAL I 262 17.82 7.92 -18.46
C VAL I 262 16.79 8.93 -18.93
N PRO I 263 17.03 9.67 -20.01
CA PRO I 263 16.15 10.79 -20.35
C PRO I 263 14.83 10.45 -21.04
N ILE I 264 14.76 9.43 -21.90
CA ILE I 264 13.66 9.32 -22.86
C ILE I 264 13.28 7.87 -23.09
N ILE I 265 11.99 7.64 -23.39
CA ILE I 265 11.47 6.35 -23.77
C ILE I 265 10.68 6.51 -25.08
N MET I 266 10.19 5.38 -25.59
CA MET I 266 9.53 5.30 -26.89
C MET I 266 8.23 4.51 -26.75
N HIS I 267 7.27 4.79 -27.63
CA HIS I 267 6.00 4.08 -27.63
C HIS I 267 5.45 4.00 -29.04
N ASP I 268 4.75 2.90 -29.33
CA ASP I 268 4.05 2.69 -30.59
C ASP I 268 2.56 2.94 -30.34
N TYR I 269 2.10 4.16 -30.64
CA TYR I 269 0.75 4.53 -30.22
C TYR I 269 -0.34 3.93 -31.08
N LEU I 270 -0.07 3.69 -32.36
CA LEU I 270 -1.15 3.18 -33.25
C LEU I 270 -1.32 1.67 -33.06
N THR I 271 -0.32 1.00 -32.48
CA THR I 271 -0.44 -0.46 -32.21
C THR I 271 -0.73 -0.69 -30.72
N GLY I 272 -0.10 0.10 -29.84
CA GLY I 272 -0.39 -0.01 -28.39
C GLY I 272 -1.77 0.53 -28.06
N GLY I 273 -2.19 1.61 -28.74
CA GLY I 273 -3.53 2.19 -28.52
C GLY I 273 -3.45 3.54 -27.85
N PHE I 274 -4.48 4.38 -28.07
CA PHE I 274 -4.51 5.74 -27.47
C PHE I 274 -4.60 5.64 -25.95
N THR I 275 -5.38 4.66 -25.46
CA THR I 275 -5.55 4.50 -23.99
C THR I 275 -4.19 4.24 -23.34
N ALA I 276 -3.40 3.32 -23.92
CA ALA I 276 -2.05 3.04 -23.38
C ALA I 276 -1.16 4.27 -23.54
N ASN I 277 -1.24 4.94 -24.69
CA ASN I 277 -0.39 6.14 -24.95
C ASN I 277 -0.71 7.21 -23.90
N THR I 278 -1.99 7.48 -23.68
CA THR I 278 -2.36 8.54 -22.73
C THR I 278 -1.86 8.23 -21.33
N SER I 279 -1.94 6.95 -20.93
CA SER I 279 -1.37 6.57 -19.64
C SER I 279 0.13 6.84 -19.60
N LEU I 280 0.84 6.47 -20.66
CA LEU I 280 2.29 6.68 -20.68
C LEU I 280 2.63 8.17 -20.69
N ALA I 281 1.86 8.98 -21.41
CA ALA I 281 2.13 10.42 -21.44
C ALA I 281 1.88 11.05 -20.08
N HIS I 282 0.81 10.65 -19.38
CA HIS I 282 0.58 11.14 -18.04
C HIS I 282 1.72 10.74 -17.11
N TYR I 283 2.17 9.49 -17.22
CA TYR I 283 3.30 9.04 -16.40
C TYR I 283 4.56 9.86 -16.68
N CYS I 284 4.83 10.11 -17.96
CA CYS I 284 6.03 10.85 -18.34
C CYS I 284 5.98 12.28 -17.84
N ARG I 285 4.81 12.91 -17.90
CA ARG I 285 4.67 14.24 -17.31
C ARG I 285 4.90 14.19 -15.81
N ASP I 286 4.36 13.17 -15.13
CA ASP I 286 4.52 13.08 -13.68
C ASP I 286 5.96 12.86 -13.26
N ASN I 287 6.74 12.12 -14.05
CA ASN I 287 8.07 11.70 -13.61
C ASN I 287 9.20 12.36 -14.40
N GLY I 288 8.89 13.33 -15.23
CA GLY I 288 9.91 14.05 -15.97
C GLY I 288 10.65 13.24 -17.01
N LEU I 289 9.95 12.44 -17.80
CA LEU I 289 10.54 11.65 -18.88
C LEU I 289 10.06 12.18 -20.22
N LEU I 290 10.97 12.16 -21.19
CA LEU I 290 10.59 12.53 -22.58
C LEU I 290 9.93 11.31 -23.21
N LEU I 291 9.10 11.51 -24.23
CA LEU I 291 8.35 10.43 -24.86
C LEU I 291 8.43 10.56 -26.38
N HIS I 292 9.13 9.62 -27.02
CA HIS I 292 9.19 9.54 -28.47
C HIS I 292 8.11 8.59 -28.96
N ILE I 293 7.40 9.01 -30.01
CA ILE I 293 6.27 8.26 -30.53
C ILE I 293 6.59 7.76 -31.92
N HIS I 294 6.44 6.46 -32.14
CA HIS I 294 6.62 5.85 -33.44
C HIS I 294 5.27 5.44 -34.00
N ARG I 295 5.06 5.72 -35.28
CA ARG I 295 3.77 5.50 -35.92
C ARG I 295 3.75 4.18 -36.70
N ALA I 296 3.88 3.10 -35.95
CA ALA I 296 3.78 1.77 -36.56
C ALA I 296 2.35 1.51 -37.02
N MET I 297 2.22 0.86 -38.19
CA MET I 297 0.87 0.48 -38.72
C MET I 297 0.11 1.71 -39.24
N HIS I 298 0.81 2.82 -39.49
CA HIS I 298 0.12 4.07 -39.93
C HIS I 298 -0.33 3.92 -41.39
N ALA I 299 0.52 3.35 -42.26
CA ALA I 299 0.19 3.23 -43.70
C ALA I 299 -1.05 2.37 -43.90
N VAL I 300 -1.36 1.51 -42.94
CA VAL I 300 -2.59 0.67 -43.05
C VAL I 300 -3.81 1.60 -43.00
N ILE I 301 -3.66 2.83 -42.50
CA ILE I 301 -4.83 3.74 -42.35
C ILE I 301 -4.65 5.03 -43.16
N ASP I 302 -3.41 5.48 -43.40
CA ASP I 302 -3.22 6.81 -44.05
C ASP I 302 -2.52 6.71 -45.41
N ARG I 303 -2.54 5.57 -46.08
CA ARG I 303 -1.78 5.46 -47.35
C ARG I 303 -2.69 5.77 -48.56
N GLN I 304 -3.83 5.08 -48.65
CA GLN I 304 -4.69 5.26 -49.82
C GLN I 304 -5.39 6.61 -49.78
N ARG I 305 -5.40 7.30 -50.93
CA ARG I 305 -5.98 8.63 -51.03
C ARG I 305 -7.50 8.62 -50.89
N ASN I 306 -8.16 7.51 -51.25
CA ASN I 306 -9.65 7.51 -51.27
C ASN I 306 -10.23 7.01 -49.95
N HIS I 307 -9.52 6.16 -49.22
CA HIS I 307 -10.07 5.57 -48.01
C HIS I 307 -9.10 5.74 -46.86
N GLY I 308 -9.65 5.91 -45.66
CA GLY I 308 -8.83 5.97 -44.45
C GLY I 308 -8.85 7.29 -43.72
N ILE I 309 -7.85 7.50 -42.87
CA ILE I 309 -7.71 8.73 -42.11
C ILE I 309 -6.36 9.33 -42.46
N HIS I 310 -6.36 10.60 -42.87
CA HIS I 310 -5.12 11.27 -43.25
C HIS I 310 -4.20 11.39 -42.04
N PHE I 311 -2.89 11.27 -42.29
CA PHE I 311 -1.90 11.29 -41.17
C PHE I 311 -2.06 12.55 -40.31
N ARG I 312 -2.48 13.66 -40.91
CA ARG I 312 -2.57 14.93 -40.13
C ARG I 312 -3.54 14.74 -38.96
N VAL I 313 -4.63 14.00 -39.16
CA VAL I 313 -5.61 13.73 -38.07
C VAL I 313 -4.93 12.86 -37.01
N LEU I 314 -4.15 11.86 -37.43
CA LEU I 314 -3.42 10.98 -36.48
C LEU I 314 -2.38 11.81 -35.73
N ALA I 315 -1.74 12.77 -36.41
CA ALA I 315 -0.74 13.64 -35.76
C ALA I 315 -1.43 14.52 -34.71
N LYS I 316 -2.62 15.04 -35.01
CA LYS I 316 -3.37 15.89 -34.05
C LYS I 316 -3.85 15.02 -32.88
N ALA I 317 -4.27 13.78 -33.16
CA ALA I 317 -4.66 12.88 -32.08
C ALA I 317 -3.48 12.55 -31.19
N LEU I 318 -2.29 12.43 -31.79
CA LEU I 318 -1.06 12.13 -31.00
C LEU I 318 -0.74 13.35 -30.13
N ARG I 319 -0.79 14.56 -30.70
CA ARG I 319 -0.48 15.76 -29.94
C ARG I 319 -1.45 15.92 -28.77
N LEU I 320 -2.73 15.61 -28.99
CA LEU I 320 -3.68 15.64 -27.89
C LEU I 320 -3.36 14.58 -26.84
N SER I 321 -3.16 13.34 -27.27
CA SER I 321 -2.89 12.26 -26.34
C SER I 321 -1.57 12.48 -25.61
N GLY I 322 -0.55 12.93 -26.32
CA GLY I 322 0.74 13.18 -25.71
C GLY I 322 1.90 12.52 -26.42
N GLY I 323 2.90 13.31 -26.80
CA GLY I 323 4.14 12.80 -27.32
C GLY I 323 5.11 13.93 -27.62
N ASP I 324 6.35 13.80 -27.15
CA ASP I 324 7.33 14.86 -27.38
C ASP I 324 7.89 14.80 -28.79
N HIS I 325 8.11 13.60 -29.32
CA HIS I 325 8.52 13.39 -30.69
C HIS I 325 7.49 12.54 -31.39
N LEU I 326 7.38 12.71 -32.71
CA LEU I 326 6.47 11.87 -33.51
C LEU I 326 7.09 11.63 -34.89
N HIS I 327 7.51 10.40 -35.15
CA HIS I 327 8.06 10.05 -36.46
C HIS I 327 7.08 10.48 -37.53
N SER I 328 7.48 11.45 -38.35
CA SER I 328 6.54 12.15 -39.21
C SER I 328 6.80 11.99 -40.70
N GLY I 329 7.90 11.40 -41.11
CA GLY I 329 8.16 11.26 -42.53
C GLY I 329 9.36 10.39 -42.80
N THR I 330 9.46 9.92 -44.05
CA THR I 330 10.63 9.10 -44.47
C THR I 330 11.40 9.87 -45.53
N VAL I 331 12.72 9.68 -45.61
CA VAL I 331 13.57 10.46 -46.55
C VAL I 331 14.20 9.52 -47.60
N VAL I 332 13.53 8.42 -47.93
CA VAL I 332 14.04 7.50 -48.99
C VAL I 332 14.42 8.34 -50.21
N GLY I 333 15.71 8.38 -50.56
CA GLY I 333 16.13 9.24 -51.65
C GLY I 333 16.03 10.69 -51.24
N LYS I 334 14.79 11.16 -51.07
CA LYS I 334 14.54 12.55 -50.59
C LYS I 334 13.30 12.51 -49.70
N LEU I 335 12.96 13.62 -49.04
CA LEU I 335 11.70 13.64 -48.24
C LEU I 335 10.54 13.24 -49.17
N GLU I 336 9.86 12.13 -48.86
CA GLU I 336 8.78 11.62 -49.75
C GLU I 336 7.46 12.34 -49.43
N GLY I 337 6.50 12.30 -50.37
CA GLY I 337 5.20 12.95 -50.16
C GLY I 337 5.20 14.40 -50.59
N GLU I 338 4.03 14.95 -50.92
CA GLU I 338 3.94 16.39 -51.30
C GLU I 338 4.56 17.24 -50.18
N ARG I 339 5.48 18.14 -50.55
CA ARG I 339 6.14 19.01 -49.53
C ARG I 339 5.09 19.81 -48.78
N GLU I 340 4.13 20.42 -49.50
CA GLU I 340 3.12 21.30 -48.86
C GLU I 340 2.34 20.49 -47.80
N VAL I 341 1.94 19.26 -48.15
CA VAL I 341 1.19 18.41 -47.18
C VAL I 341 2.08 18.17 -45.95
N THR I 342 3.34 17.81 -46.18
CA THR I 342 4.28 17.56 -45.05
C THR I 342 4.37 18.84 -44.22
N LEU I 343 4.64 19.98 -44.86
CA LEU I 343 4.77 21.27 -44.15
C LEU I 343 3.48 21.53 -43.36
N GLY I 344 2.32 21.26 -43.97
CA GLY I 344 1.03 21.49 -43.30
C GLY I 344 0.94 20.72 -42.00
N PHE I 345 1.20 19.41 -42.02
CA PHE I 345 1.02 18.60 -40.78
C PHE I 345 2.18 18.87 -39.83
N VAL I 346 3.34 19.30 -40.34
CA VAL I 346 4.46 19.68 -39.45
C VAL I 346 4.05 20.96 -38.71
N ASP I 347 3.50 21.93 -39.44
CA ASP I 347 3.01 23.14 -38.77
C ASP I 347 1.87 22.82 -37.81
N LEU I 348 0.99 21.89 -38.21
CA LEU I 348 -0.14 21.53 -37.36
C LEU I 348 0.35 20.89 -36.06
N MET I 349 1.42 20.10 -36.13
CA MET I 349 1.94 19.45 -34.94
C MET I 349 2.98 20.28 -34.19
N ARG I 350 3.40 21.41 -34.73
CA ARG I 350 4.41 22.25 -34.10
C ARG I 350 3.87 23.57 -33.57
N ASP I 351 3.19 24.35 -34.41
CA ASP I 351 2.82 25.72 -34.08
C ASP I 351 1.65 25.75 -33.11
N ASP I 352 1.37 26.95 -32.57
CA ASP I 352 0.25 27.11 -31.62
C ASP I 352 -1.02 27.53 -32.38
N TYR I 353 -0.85 28.19 -33.52
CA TYR I 353 -2.04 28.70 -34.26
C TYR I 353 -1.82 28.50 -35.76
N ILE I 354 -2.58 27.59 -36.36
CA ILE I 354 -2.43 27.28 -37.81
C ILE I 354 -3.70 27.73 -38.53
N GLU I 355 -3.58 28.73 -39.41
CA GLU I 355 -4.76 29.25 -40.17
C GLU I 355 -5.13 28.27 -41.28
N LYS I 356 -6.40 28.28 -41.71
CA LYS I 356 -6.86 27.36 -42.79
C LYS I 356 -6.03 27.60 -44.05
N ASP I 357 -5.49 26.53 -44.65
CA ASP I 357 -4.71 26.63 -45.91
C ASP I 357 -4.97 25.37 -46.73
N ARG I 358 -5.90 25.43 -47.68
CA ARG I 358 -6.26 24.21 -48.46
C ARG I 358 -5.08 23.77 -49.34
N SER I 359 -4.20 24.70 -49.68
CA SER I 359 -3.00 24.35 -50.49
C SER I 359 -2.14 23.33 -49.74
N ARG I 360 -2.04 23.47 -48.41
CA ARG I 360 -1.18 22.56 -47.60
C ARG I 360 -2.06 21.51 -46.90
N GLY I 361 -3.36 21.50 -47.17
CA GLY I 361 -4.25 20.46 -46.62
C GLY I 361 -4.86 20.85 -45.28
N ILE I 362 -4.71 22.11 -44.88
CA ILE I 362 -5.35 22.59 -43.62
C ILE I 362 -6.79 22.99 -43.95
N TYR I 363 -7.77 22.17 -43.55
CA TYR I 363 -9.19 22.44 -43.90
C TYR I 363 -9.81 23.36 -42.84
N PHE I 364 -9.15 23.53 -41.70
CA PHE I 364 -9.72 24.34 -40.61
C PHE I 364 -8.64 25.09 -39.83
N THR I 365 -8.95 26.28 -39.32
CA THR I 365 -8.02 26.98 -38.45
C THR I 365 -7.94 26.23 -37.11
N GLN I 366 -6.72 25.92 -36.68
CA GLN I 366 -6.50 25.13 -35.47
C GLN I 366 -5.82 25.99 -34.42
N ASP I 367 -6.55 26.31 -33.35
CA ASP I 367 -5.99 26.99 -32.20
C ASP I 367 -5.64 25.93 -31.16
N TRP I 368 -4.39 25.93 -30.72
CA TRP I 368 -3.91 24.94 -29.77
C TRP I 368 -3.90 25.44 -28.33
N VAL I 369 -4.32 26.69 -28.10
CA VAL I 369 -4.35 27.37 -26.81
C VAL I 369 -3.21 26.92 -25.89
N SER I 370 -1.97 27.10 -26.36
CA SER I 370 -0.77 26.93 -25.57
C SER I 370 -0.48 25.48 -25.19
N LEU I 371 -1.06 24.53 -25.92
CA LEU I 371 -0.67 23.13 -25.76
C LEU I 371 0.76 22.95 -26.28
N PRO I 372 1.60 22.19 -25.57
CA PRO I 372 2.98 22.01 -26.03
C PRO I 372 3.04 21.37 -27.40
N GLY I 373 3.97 21.85 -28.22
CA GLY I 373 4.14 21.30 -29.54
C GLY I 373 4.89 19.99 -29.55
N THR I 374 4.73 19.25 -30.64
CA THR I 374 5.39 17.97 -30.85
C THR I 374 6.49 18.13 -31.88
N MET I 375 7.66 17.57 -31.60
CA MET I 375 8.79 17.69 -32.52
C MET I 375 8.69 16.64 -33.61
N PRO I 376 8.63 17.03 -34.88
CA PRO I 376 8.60 16.03 -35.94
C PRO I 376 9.95 15.35 -36.11
N VAL I 377 9.90 14.03 -36.38
CA VAL I 377 11.14 13.24 -36.57
C VAL I 377 11.14 12.66 -37.99
N ALA I 378 12.04 13.14 -38.85
CA ALA I 378 12.17 12.63 -40.20
C ALA I 378 13.25 11.56 -40.22
N SER I 379 12.85 10.33 -40.59
CA SER I 379 13.80 9.19 -40.53
C SER I 379 14.06 8.63 -41.92
N GLY I 380 14.88 7.58 -42.02
CA GLY I 380 15.14 6.93 -43.32
C GLY I 380 16.58 7.10 -43.77
N GLY I 381 16.80 7.11 -45.08
CA GLY I 381 18.14 7.22 -45.62
C GLY I 381 18.62 8.66 -45.75
N ILE I 382 18.97 9.26 -44.60
CA ILE I 382 19.47 10.67 -44.60
C ILE I 382 20.95 10.67 -44.99
N HIS I 383 21.24 10.79 -46.29
CA HIS I 383 22.62 10.83 -46.71
C HIS I 383 23.21 12.21 -46.46
N VAL I 384 24.55 12.26 -46.42
CA VAL I 384 25.22 13.48 -45.96
C VAL I 384 24.91 14.65 -46.89
N TRP I 385 24.97 14.43 -48.20
CA TRP I 385 24.68 15.50 -49.14
C TRP I 385 23.20 15.86 -49.21
N HIS I 386 22.32 15.09 -48.58
CA HIS I 386 20.91 15.44 -48.52
C HIS I 386 20.54 16.21 -47.27
N MET I 387 21.48 16.42 -46.35
CA MET I 387 21.21 17.20 -45.16
C MET I 387 20.77 18.65 -45.44
N PRO I 388 21.36 19.39 -46.39
CA PRO I 388 20.89 20.77 -46.59
C PRO I 388 19.42 20.87 -46.95
N ALA I 389 18.91 19.95 -47.77
CA ALA I 389 17.51 20.00 -48.16
C ALA I 389 16.59 19.84 -46.95
N LEU I 390 16.89 18.85 -46.09
CA LEU I 390 16.04 18.62 -44.94
C LEU I 390 16.18 19.73 -43.91
N VAL I 391 17.38 20.30 -43.76
CA VAL I 391 17.54 21.43 -42.85
C VAL I 391 16.72 22.62 -43.34
N GLU I 392 16.71 22.85 -44.66
CA GLU I 392 15.89 23.93 -45.19
C GLU I 392 14.40 23.65 -45.00
N ILE I 393 13.97 22.42 -45.24
CA ILE I 393 12.51 22.10 -45.17
C ILE I 393 12.00 22.12 -43.72
N PHE I 394 12.78 21.57 -42.79
CA PHE I 394 12.29 21.41 -41.43
C PHE I 394 12.72 22.53 -40.49
N GLY I 395 13.94 23.06 -40.68
CA GLY I 395 14.45 24.07 -39.78
C GLY I 395 15.18 23.46 -38.60
N ASP I 396 15.13 24.13 -37.44
CA ASP I 396 15.82 23.65 -36.26
C ASP I 396 14.96 22.75 -35.39
N ASP I 397 13.65 22.91 -35.42
CA ASP I 397 12.77 22.18 -34.51
C ASP I 397 12.34 20.85 -35.12
N ALA I 398 13.34 19.98 -35.35
CA ALA I 398 13.07 18.65 -35.86
C ALA I 398 14.25 17.76 -35.52
N CYS I 399 13.98 16.46 -35.53
CA CYS I 399 15.01 15.44 -35.33
C CYS I 399 15.17 14.66 -36.63
N LEU I 400 16.41 14.67 -37.13
CA LEU I 400 16.75 13.88 -38.34
C LEU I 400 17.23 12.52 -37.85
N GLN I 401 16.62 11.45 -38.34
CA GLN I 401 16.92 10.11 -37.85
C GLN I 401 17.60 9.29 -38.95
N PHE I 402 18.73 8.69 -38.62
CA PHE I 402 19.43 7.81 -39.55
C PHE I 402 19.00 6.36 -39.29
N GLY I 403 17.75 6.09 -39.67
CA GLY I 403 17.16 4.78 -39.46
C GLY I 403 17.81 3.68 -40.26
N GLY I 404 18.64 4.04 -41.24
CA GLY I 404 19.44 3.04 -41.92
C GLY I 404 20.57 2.48 -41.08
N GLY I 405 20.79 3.02 -39.89
CA GLY I 405 21.86 2.54 -39.05
C GLY I 405 23.23 3.05 -39.43
N THR I 406 23.26 4.01 -40.37
CA THR I 406 24.53 4.55 -40.92
C THR I 406 25.40 3.41 -41.42
N LEU I 407 26.56 3.19 -40.79
CA LEU I 407 27.48 2.06 -41.14
C LEU I 407 28.08 2.25 -42.54
N GLY I 408 27.63 3.25 -43.30
CA GLY I 408 28.19 3.50 -44.60
C GLY I 408 29.54 4.17 -44.56
N HIS I 409 29.92 4.66 -43.38
CA HIS I 409 31.25 5.31 -43.22
C HIS I 409 32.32 4.21 -43.07
N PRO I 410 33.34 4.15 -43.95
CA PRO I 410 34.35 3.08 -43.90
C PRO I 410 35.11 2.99 -42.60
N TRP I 411 35.16 4.08 -41.82
CA TRP I 411 35.97 4.07 -40.62
C TRP I 411 35.26 3.40 -39.44
N GLY I 412 33.99 3.71 -39.23
CA GLY I 412 33.25 3.10 -38.16
C GLY I 412 31.96 3.86 -37.87
N ASN I 413 31.29 3.42 -36.80
CA ASN I 413 30.04 4.06 -36.39
C ASN I 413 30.29 5.45 -35.83
N ALA I 414 31.26 5.57 -34.92
CA ALA I 414 31.56 6.88 -34.27
C ALA I 414 31.96 7.95 -35.30
N PRO I 415 32.96 7.73 -36.21
CA PRO I 415 33.29 8.76 -37.22
C PRO I 415 32.11 9.07 -38.15
N GLY I 416 31.30 8.07 -38.48
CA GLY I 416 30.10 8.31 -39.31
C GLY I 416 29.15 9.26 -38.60
N ALA I 417 28.95 9.05 -37.29
CA ALA I 417 28.09 9.95 -36.49
C ALA I 417 28.70 11.36 -36.51
N ALA I 418 30.02 11.45 -36.34
CA ALA I 418 30.72 12.76 -36.34
C ALA I 418 30.51 13.45 -37.68
N ALA I 419 30.72 12.72 -38.78
CA ALA I 419 30.52 13.30 -40.13
C ALA I 419 29.12 13.89 -40.21
N ASN I 420 28.11 13.12 -39.80
CA ASN I 420 26.71 13.60 -39.85
C ASN I 420 26.60 14.87 -39.00
N ARG I 421 27.13 14.84 -37.77
CA ARG I 421 27.02 16.02 -36.92
C ARG I 421 27.73 17.22 -37.54
N VAL I 422 28.91 17.00 -38.12
CA VAL I 422 29.63 18.08 -38.78
C VAL I 422 28.83 18.64 -39.94
N ALA I 423 28.22 17.76 -40.74
CA ALA I 423 27.42 18.21 -41.87
C ALA I 423 26.22 19.02 -41.41
N LEU I 424 25.52 18.54 -40.39
CA LEU I 424 24.36 19.27 -39.89
C LEU I 424 24.75 20.64 -39.35
N GLU I 425 25.84 20.69 -38.57
CA GLU I 425 26.25 21.97 -38.01
C GLU I 425 26.71 22.94 -39.10
N ALA I 426 27.41 22.43 -40.12
CA ALA I 426 27.83 23.29 -41.22
C ALA I 426 26.65 23.84 -41.99
N CYS I 427 25.64 22.98 -42.26
CA CYS I 427 24.44 23.45 -42.95
C CYS I 427 23.71 24.50 -42.12
N THR I 428 23.60 24.27 -40.81
CA THR I 428 22.93 25.24 -39.95
C THR I 428 23.67 26.57 -39.94
N GLN I 429 25.01 26.52 -39.85
CA GLN I 429 25.79 27.75 -39.85
C GLN I 429 25.63 28.50 -41.17
N ALA I 430 25.63 27.78 -42.29
CA ALA I 430 25.44 28.41 -43.59
C ALA I 430 24.05 29.06 -43.68
N ARG I 431 23.02 28.36 -43.20
CA ARG I 431 21.68 28.93 -43.24
C ARG I 431 21.58 30.18 -42.37
N ASN I 432 22.25 30.18 -41.22
CA ASN I 432 22.22 31.34 -40.35
C ASN I 432 22.93 32.54 -40.98
N GLU I 433 23.86 32.31 -41.90
CA GLU I 433 24.59 33.41 -42.54
C GLU I 433 23.82 34.06 -43.68
N GLY I 434 22.65 33.54 -44.03
CA GLY I 434 21.88 34.05 -45.15
C GLY I 434 22.04 33.28 -46.43
N ARG I 435 22.72 32.14 -46.41
CA ARG I 435 22.88 31.33 -47.61
C ARG I 435 21.56 30.65 -47.97
N ASP I 436 21.40 30.37 -49.26
CA ASP I 436 20.25 29.64 -49.77
C ASP I 436 20.63 28.17 -49.87
N LEU I 437 20.15 27.37 -48.92
CA LEU I 437 20.60 25.98 -48.83
C LEU I 437 20.22 25.17 -50.05
N ALA I 438 19.01 25.39 -50.58
CA ALA I 438 18.55 24.64 -51.75
C ALA I 438 19.43 24.87 -52.97
N ARG I 439 20.22 25.95 -52.98
CA ARG I 439 21.10 26.24 -54.10
C ARG I 439 22.57 26.04 -53.80
N GLU I 440 22.98 26.10 -52.53
CA GLU I 440 24.40 26.00 -52.18
C GLU I 440 24.69 24.86 -51.20
N GLY I 441 23.80 23.86 -51.14
CA GLY I 441 24.03 22.75 -50.23
C GLY I 441 25.29 21.98 -50.55
N GLY I 442 25.52 21.71 -51.84
CA GLY I 442 26.74 21.02 -52.23
C GLY I 442 27.99 21.81 -51.90
N ASP I 443 27.95 23.12 -52.15
CA ASP I 443 29.10 23.97 -51.82
C ASP I 443 29.38 23.96 -50.33
N VAL I 444 28.33 24.05 -49.52
CA VAL I 444 28.51 24.04 -48.07
C VAL I 444 29.07 22.69 -47.61
N ILE I 445 28.55 21.60 -48.17
CA ILE I 445 29.03 20.27 -47.79
C ILE I 445 30.51 20.12 -48.15
N ARG I 446 30.87 20.56 -49.36
CA ARG I 446 32.28 20.46 -49.81
C ARG I 446 33.16 21.30 -48.88
N ALA I 447 32.75 22.53 -48.59
CA ALA I 447 33.56 23.41 -47.75
C ALA I 447 33.77 22.81 -46.36
N ALA I 448 32.72 22.18 -45.83
CA ALA I 448 32.85 21.51 -44.51
C ALA I 448 33.80 20.32 -44.65
N CYS I 449 33.70 19.60 -45.77
CA CYS I 449 34.54 18.41 -45.98
C CYS I 449 36.00 18.79 -46.13
N LYS I 450 36.27 20.02 -46.59
CA LYS I 450 37.66 20.47 -46.81
C LYS I 450 38.46 20.40 -45.50
N TRP I 451 37.80 20.56 -44.36
CA TRP I 451 38.53 20.60 -43.06
C TRP I 451 38.15 19.40 -42.17
N SER I 452 37.18 18.59 -42.58
CA SER I 452 36.74 17.48 -41.73
C SER I 452 37.20 16.17 -42.33
N PRO I 453 38.23 15.52 -41.77
CA PRO I 453 38.62 14.20 -42.28
C PRO I 453 37.50 13.17 -42.17
N GLU I 454 36.69 13.24 -41.11
CA GLU I 454 35.59 12.30 -40.96
C GLU I 454 34.55 12.48 -42.05
N LEU I 455 34.22 13.73 -42.38
CA LEU I 455 33.29 13.98 -43.47
C LEU I 455 33.90 13.68 -44.83
N ALA I 456 35.22 13.75 -44.95
CA ALA I 456 35.86 13.42 -46.22
C ALA I 456 35.64 11.96 -46.58
N ALA I 457 35.76 11.06 -45.61
CA ALA I 457 35.48 9.65 -45.85
C ALA I 457 33.99 9.37 -45.99
N ALA I 458 33.15 10.33 -45.60
CA ALA I 458 31.69 10.15 -45.71
C ALA I 458 31.20 10.73 -47.03
N CYS I 459 31.77 11.85 -47.47
CA CYS I 459 31.34 12.51 -48.70
C CYS I 459 31.69 11.69 -49.94
N GLU I 460 32.61 10.73 -49.83
CA GLU I 460 32.95 9.89 -50.95
C GLU I 460 31.96 8.75 -51.10
N GLN J 45 40.21 5.61 -39.63
CA GLN J 45 40.64 6.42 -38.46
C GLN J 45 39.70 6.15 -37.29
N VAL J 46 40.12 6.49 -36.07
CA VAL J 46 39.30 6.17 -34.86
C VAL J 46 38.99 7.45 -34.09
N TRP J 47 37.70 7.74 -33.88
CA TRP J 47 37.30 8.91 -33.06
C TRP J 47 38.01 8.81 -31.71
N THR J 48 38.78 9.83 -31.34
CA THR J 48 39.57 9.77 -30.07
C THR J 48 38.64 9.94 -28.87
N PRO J 49 38.69 9.07 -27.83
CA PRO J 49 37.88 9.27 -26.62
C PRO J 49 38.67 10.01 -25.55
N LEU J 50 39.86 10.51 -25.89
CA LEU J 50 40.73 11.17 -24.88
C LEU J 50 40.73 12.68 -25.11
N ASN J 51 40.38 13.47 -24.08
CA ASN J 51 40.39 14.95 -24.19
C ASN J 51 39.66 15.38 -25.45
N ASN J 52 38.43 14.87 -25.67
CA ASN J 52 37.63 15.28 -26.84
C ASN J 52 36.26 15.75 -26.35
N LYS J 53 36.23 16.82 -25.55
CA LYS J 53 34.95 17.35 -25.01
C LYS J 53 34.30 18.26 -26.05
N PHE J 54 32.97 18.39 -26.00
CA PHE J 54 32.27 19.24 -26.96
C PHE J 54 31.20 20.05 -26.22
N PHE J 55 30.79 21.16 -26.83
CA PHE J 55 29.84 22.08 -26.16
C PHE J 55 28.61 22.35 -27.03
N GLU J 56 27.91 21.30 -27.46
CA GLU J 56 26.63 21.45 -28.21
C GLU J 56 26.78 22.17 -29.56
N THR J 57 25.97 23.21 -29.80
CA THR J 57 25.91 23.85 -31.14
C THR J 57 27.25 24.41 -31.66
N PHE J 58 27.56 24.15 -32.93
CA PHE J 58 28.74 24.68 -33.61
C PHE J 58 30.03 24.26 -32.95
N SER J 59 29.99 23.31 -32.02
CA SER J 59 31.21 22.85 -31.36
C SER J 59 32.02 21.90 -32.22
N TYR J 60 31.41 21.30 -33.24
CA TYR J 60 32.09 20.37 -34.14
C TYR J 60 32.66 21.06 -35.38
N LEU J 61 32.45 22.35 -35.53
CA LEU J 61 33.11 23.13 -36.56
C LEU J 61 34.44 23.66 -36.04
N PRO J 62 35.39 24.08 -36.91
CA PRO J 62 36.63 24.70 -36.42
C PRO J 62 36.31 25.96 -35.60
N PRO J 63 37.20 26.40 -34.69
CA PRO J 63 36.93 27.56 -33.84
C PRO J 63 36.48 28.75 -34.72
N MET J 64 35.39 29.41 -34.35
CA MET J 64 34.83 30.50 -35.20
C MET J 64 35.69 31.76 -35.07
N THR J 65 35.91 32.47 -36.18
CA THR J 65 36.67 33.71 -36.15
C THR J 65 35.76 34.85 -35.71
N ASP J 66 36.34 36.06 -35.62
CA ASP J 66 35.56 37.22 -35.21
C ASP J 66 34.45 37.52 -36.21
N ALA J 67 34.76 37.41 -37.51
CA ALA J 67 33.73 37.66 -38.53
C ALA J 67 32.60 36.64 -38.45
N GLU J 68 32.93 35.37 -38.21
CA GLU J 68 31.89 34.35 -38.12
C GLU J 68 31.01 34.55 -36.89
N ILE J 69 31.65 34.87 -35.76
CA ILE J 69 30.85 35.17 -34.54
C ILE J 69 29.95 36.36 -34.85
N SER J 70 30.51 37.40 -35.47
CA SER J 70 29.73 38.59 -35.78
C SER J 70 28.54 38.24 -36.66
N ARG J 71 28.73 37.38 -37.66
CA ARG J 71 27.61 37.01 -38.53
C ARG J 71 26.56 36.22 -37.76
N GLN J 72 26.98 35.34 -36.85
CA GLN J 72 26.02 34.60 -36.05
C GLN J 72 25.23 35.54 -35.13
N VAL J 73 25.90 36.52 -34.53
CA VAL J 73 25.20 37.47 -33.67
C VAL J 73 24.25 38.33 -34.50
N ASP J 74 24.66 38.70 -35.71
CA ASP J 74 23.76 39.43 -36.60
C ASP J 74 22.55 38.61 -36.97
N TYR J 75 22.72 37.30 -37.16
CA TYR J 75 21.57 36.44 -37.41
C TYR J 75 20.64 36.42 -36.22
N ILE J 76 21.19 36.34 -35.01
CA ILE J 76 20.36 36.36 -33.81
C ILE J 76 19.59 37.68 -33.71
N VAL J 77 20.28 38.79 -33.96
CA VAL J 77 19.66 40.11 -33.85
C VAL J 77 18.58 40.29 -34.93
N SER J 78 18.85 39.76 -36.13
CA SER J 78 17.89 39.93 -37.26
C SER J 78 16.56 39.29 -36.90
N ASN J 79 16.57 38.13 -36.25
CA ASN J 79 15.33 37.45 -35.90
C ASN J 79 14.54 38.18 -34.84
N GLY J 80 15.10 39.22 -34.23
CA GLY J 80 14.45 39.91 -33.15
C GLY J 80 14.84 39.44 -31.77
N TRP J 81 15.89 38.66 -31.66
CA TRP J 81 16.29 38.05 -30.40
C TRP J 81 17.43 38.83 -29.76
N THR J 82 17.61 38.59 -28.46
CA THR J 82 18.62 39.30 -27.68
C THR J 82 19.83 38.40 -27.47
N PRO J 83 21.03 38.83 -27.86
CA PRO J 83 22.22 38.03 -27.56
C PRO J 83 22.87 38.42 -26.23
N CYS J 84 23.38 37.41 -25.53
CA CYS J 84 24.11 37.60 -24.29
C CYS J 84 25.27 36.62 -24.26
N LEU J 85 26.09 36.77 -23.22
CA LEU J 85 27.32 35.94 -23.13
C LEU J 85 27.32 35.11 -21.84
N GLU J 86 27.63 33.82 -21.98
CA GLU J 86 27.78 32.94 -20.80
C GLU J 86 29.23 32.51 -20.73
N PHE J 87 29.76 32.27 -19.53
CA PHE J 87 31.12 31.83 -19.36
C PHE J 87 31.20 30.88 -18.16
N ALA J 88 32.14 29.95 -18.24
CA ALA J 88 32.38 29.02 -17.14
C ALA J 88 33.80 28.50 -17.23
N GLY J 89 34.44 28.35 -16.07
CA GLY J 89 35.74 27.73 -16.02
C GLY J 89 35.64 26.23 -16.25
N ALA J 90 36.81 25.59 -16.33
CA ALA J 90 36.85 24.17 -16.66
C ALA J 90 36.20 23.30 -15.60
N GLU J 91 36.16 23.78 -14.35
CA GLU J 91 35.57 22.99 -13.28
C GLU J 91 34.05 22.96 -13.33
N SER J 92 33.42 23.93 -13.99
CA SER J 92 31.95 23.97 -14.07
C SER J 92 31.48 24.15 -15.51
N ALA J 93 32.20 23.59 -16.46
CA ALA J 93 31.84 23.70 -17.87
C ALA J 93 31.11 22.48 -18.40
N TYR J 94 31.50 21.29 -17.98
CA TYR J 94 30.91 20.05 -18.46
C TYR J 94 29.79 19.59 -17.54
N THR J 95 28.84 18.85 -18.10
CA THR J 95 27.74 18.31 -17.32
C THR J 95 28.25 17.30 -16.30
N SER J 96 27.58 17.24 -15.16
CA SER J 96 28.00 16.38 -14.07
C SER J 96 26.79 15.99 -13.23
N ASN J 97 26.98 14.97 -12.40
CA ASN J 97 25.96 14.45 -11.50
C ASN J 97 26.34 14.67 -10.05
N GLU J 98 26.93 15.83 -9.72
CA GLU J 98 27.46 16.02 -8.39
C GLU J 98 26.35 16.15 -7.35
N ASN J 99 25.24 16.77 -7.72
CA ASN J 99 24.15 17.03 -6.78
C ASN J 99 23.09 15.95 -6.79
N CYS J 100 23.21 14.94 -7.65
CA CYS J 100 22.25 13.84 -7.67
C CYS J 100 22.27 13.04 -6.37
N VAL J 101 23.33 13.17 -5.56
CA VAL J 101 23.41 12.50 -4.28
C VAL J 101 22.35 13.00 -3.30
N ARG J 102 21.81 14.19 -3.52
CA ARG J 102 20.82 14.78 -2.63
C ARG J 102 19.39 14.45 -3.02
N MET J 103 19.19 13.65 -4.06
CA MET J 103 17.86 13.46 -4.63
C MET J 103 17.39 12.02 -4.49
N GLN J 104 16.07 11.90 -4.44
CA GLN J 104 15.47 10.55 -4.36
C GLN J 104 14.48 10.43 -5.51
N ASN J 105 13.69 9.37 -5.52
CA ASN J 105 12.66 9.12 -6.52
C ASN J 105 13.26 8.97 -7.91
N THR J 106 13.78 10.05 -8.48
CA THR J 106 14.38 10.00 -9.81
C THR J 106 15.32 11.19 -9.97
N THR J 107 16.24 11.05 -10.94
CA THR J 107 17.08 12.14 -11.39
C THR J 107 16.95 12.39 -12.88
N CYS J 108 15.87 11.91 -13.49
CA CYS J 108 15.68 12.04 -14.92
C CYS J 108 15.68 13.50 -15.35
N LEU J 109 16.44 13.81 -16.39
CA LEU J 109 16.50 15.18 -16.98
C LEU J 109 17.16 16.19 -16.03
N TYR J 110 17.82 15.73 -14.97
CA TYR J 110 18.58 16.64 -14.12
C TYR J 110 20.07 16.44 -14.40
N TYR J 111 20.75 17.53 -14.72
CA TYR J 111 22.19 17.53 -14.91
C TYR J 111 22.74 18.83 -14.38
N ASP J 112 23.92 18.75 -13.78
CA ASP J 112 24.59 19.93 -13.26
C ASP J 112 25.37 20.63 -14.36
N ASN J 113 25.70 21.89 -14.11
CA ASN J 113 26.46 22.75 -15.01
C ASN J 113 25.74 23.03 -16.32
N ARG J 114 24.44 22.77 -16.40
CA ARG J 114 23.69 23.24 -17.56
C ARG J 114 23.65 24.75 -17.59
N TYR J 115 23.52 25.37 -16.42
CA TYR J 115 23.61 26.82 -16.30
C TYR J 115 25.07 27.27 -16.26
N TRP J 116 25.40 28.24 -17.08
CA TRP J 116 26.66 28.96 -16.96
C TRP J 116 26.38 30.29 -16.27
N THR J 117 27.40 31.15 -16.24
CA THR J 117 27.26 32.47 -15.56
C THR J 117 27.09 33.55 -16.61
N MET J 118 26.09 34.43 -16.43
CA MET J 118 25.83 35.52 -17.41
C MET J 118 26.95 36.56 -17.34
N TRP J 119 27.34 37.10 -18.49
CA TRP J 119 28.44 38.11 -18.54
C TRP J 119 27.84 39.51 -18.71
N CYS J 126 23.84 44.55 -25.92
CA CYS J 126 23.10 43.56 -26.69
C CYS J 126 22.28 44.23 -27.79
N THR J 127 22.98 44.87 -28.72
CA THR J 127 22.34 45.58 -29.83
C THR J 127 22.75 45.09 -31.20
N ASP J 128 24.00 44.68 -31.38
CA ASP J 128 24.50 44.31 -32.70
C ASP J 128 25.71 43.39 -32.53
N GLY J 129 26.26 42.96 -33.65
CA GLY J 129 27.38 42.04 -33.61
C GLY J 129 28.65 42.66 -33.03
N GLY J 130 28.91 43.92 -33.35
CA GLY J 130 30.12 44.56 -32.87
C GLY J 130 30.17 44.67 -31.36
N GLN J 131 29.04 45.03 -30.74
CA GLN J 131 29.02 45.16 -29.28
C GLN J 131 29.23 43.81 -28.60
N VAL J 132 28.61 42.75 -29.13
CA VAL J 132 28.78 41.43 -28.56
C VAL J 132 30.21 40.95 -28.76
N LEU J 133 30.83 41.30 -29.89
CA LEU J 133 32.24 40.95 -30.09
C LEU J 133 33.13 41.68 -29.10
N ARG J 134 32.86 42.96 -28.85
CA ARG J 134 33.64 43.70 -27.86
C ARG J 134 33.48 43.08 -26.48
N GLU J 135 32.26 42.67 -26.14
CA GLU J 135 32.04 41.99 -24.87
C GLU J 135 32.73 40.63 -24.83
N VAL J 136 32.85 39.95 -25.96
CA VAL J 136 33.57 38.69 -26.02
C VAL J 136 35.05 38.90 -25.70
N GLN J 137 35.65 39.93 -26.31
CA GLN J 137 37.04 40.27 -25.97
C GLN J 137 37.18 40.67 -24.51
N ALA J 138 36.22 41.44 -23.98
CA ALA J 138 36.29 41.82 -22.57
C ALA J 138 36.23 40.60 -21.66
N CYS J 139 35.33 39.66 -21.97
CA CYS J 139 35.23 38.44 -21.16
C CYS J 139 36.50 37.60 -21.29
N ARG J 140 37.08 37.55 -22.49
CA ARG J 140 38.33 36.83 -22.69
C ARG J 140 39.44 37.42 -21.82
N ARG J 141 39.55 38.75 -21.78
CA ARG J 141 40.57 39.38 -20.96
C ARG J 141 40.31 39.13 -19.48
N ALA J 142 39.06 39.26 -19.04
CA ALA J 142 38.75 39.12 -17.63
C ALA J 142 38.91 37.68 -17.15
N PHE J 143 38.44 36.74 -17.96
CA PHE J 143 38.52 35.29 -17.60
C PHE J 143 39.18 34.52 -18.75
N PRO J 144 40.53 34.48 -18.83
CA PRO J 144 41.22 33.84 -19.95
C PRO J 144 41.09 32.30 -19.93
N ASP J 145 40.82 31.71 -18.77
CA ASP J 145 40.75 30.23 -18.66
C ASP J 145 39.28 29.77 -18.63
N ALA J 146 38.39 30.54 -19.25
CA ALA J 146 36.95 30.21 -19.20
C ALA J 146 36.36 30.05 -20.60
N TYR J 147 35.48 29.05 -20.79
CA TYR J 147 34.79 28.89 -22.10
C TYR J 147 33.72 29.99 -22.18
N ILE J 148 33.59 30.63 -23.35
CA ILE J 148 32.54 31.67 -23.53
C ILE J 148 31.46 31.13 -24.47
N ARG J 149 30.18 31.35 -24.12
CA ARG J 149 29.06 30.83 -24.95
C ARG J 149 28.10 31.98 -25.28
N VAL J 150 27.74 32.14 -26.55
CA VAL J 150 26.78 33.16 -26.95
C VAL J 150 25.38 32.55 -26.88
N VAL J 151 24.50 33.21 -26.13
CA VAL J 151 23.13 32.72 -25.97
C VAL J 151 22.17 33.73 -26.61
N GLY J 152 21.04 33.21 -27.06
CA GLY J 152 20.00 34.04 -27.65
C GLY J 152 18.70 33.86 -26.88
N PHE J 153 17.97 34.97 -26.72
CA PHE J 153 16.70 34.93 -25.94
C PHE J 153 15.59 35.60 -26.75
N ASP J 154 14.51 34.87 -27.04
CA ASP J 154 13.35 35.49 -27.72
C ASP J 154 12.65 36.38 -26.70
N PRO J 155 12.55 37.71 -26.93
CA PRO J 155 11.97 38.62 -25.93
C PRO J 155 10.45 38.47 -25.79
N VAL J 156 9.79 37.94 -26.80
CA VAL J 156 8.30 37.79 -26.77
C VAL J 156 7.95 36.50 -26.03
N ARG J 157 8.50 35.37 -26.47
CA ARG J 157 8.16 34.06 -25.84
C ARG J 157 8.90 33.92 -24.51
N GLN J 158 9.89 34.77 -24.25
CA GLN J 158 10.68 34.67 -23.00
C GLN J 158 11.28 33.26 -22.88
N VAL J 159 11.89 32.77 -23.97
CA VAL J 159 12.53 31.42 -23.95
C VAL J 159 13.93 31.54 -24.55
N GLN J 160 14.84 30.63 -24.20
CA GLN J 160 16.18 30.67 -24.85
C GLN J 160 16.06 30.04 -26.24
N VAL J 161 16.56 30.73 -27.27
CA VAL J 161 16.45 30.24 -28.64
C VAL J 161 17.79 29.91 -29.27
N SER J 162 18.88 30.33 -28.62
CA SER J 162 20.23 30.13 -29.22
C SER J 162 21.25 29.81 -28.13
N GLY J 163 22.33 29.12 -28.50
CA GLY J 163 23.40 28.78 -27.53
C GLY J 163 24.56 28.08 -28.21
N PHE J 164 25.60 28.84 -28.57
CA PHE J 164 26.79 28.25 -29.25
C PHE J 164 28.09 28.75 -28.59
N LEU J 165 29.07 27.86 -28.43
CA LEU J 165 30.37 28.23 -27.82
C LEU J 165 31.16 29.09 -28.82
N VAL J 166 31.84 30.13 -28.32
CA VAL J 166 32.61 31.04 -29.22
C VAL J 166 34.06 31.13 -28.72
N ASN J 167 34.38 30.49 -27.60
CA ASN J 167 35.74 30.59 -27.03
C ASN J 167 36.13 29.32 -26.28
N ARG J 168 37.33 28.80 -26.53
CA ARG J 168 37.84 27.61 -25.79
C ARG J 168 39.17 28.01 -25.16
N PRO J 169 39.33 28.00 -23.81
CA PRO J 169 40.56 28.48 -23.19
C PRO J 169 41.78 27.69 -23.66
N ALA J 170 42.79 28.38 -24.19
CA ALA J 170 44.02 27.70 -24.66
C ALA J 170 44.64 26.91 -23.50
N SER J 171 44.59 27.46 -22.29
CA SER J 171 45.18 26.79 -21.11
C SER J 171 44.56 25.40 -20.93
N VAL J 172 43.24 25.29 -21.05
CA VAL J 172 42.57 23.97 -20.83
C VAL J 172 42.79 23.09 -22.05
N ARG J 173 43.01 21.79 -21.85
CA ARG J 173 43.28 20.87 -22.98
C ARG J 173 42.32 19.68 -22.89
N ASP J 174 41.06 19.95 -22.57
CA ASP J 174 40.04 18.87 -22.45
C ASP J 174 39.35 18.68 -23.81
N TYR J 175 39.80 19.40 -24.83
CA TYR J 175 39.13 19.33 -26.16
C TYR J 175 40.19 19.08 -27.26
N GLN J 176 39.76 18.54 -28.40
CA GLN J 176 40.70 18.26 -29.52
C GLN J 176 40.52 19.33 -30.60
N GLY J 177 41.26 19.20 -31.71
CA GLY J 177 41.11 20.13 -32.85
C GLY J 177 40.50 19.41 -34.04
N PRO J 178 40.00 20.12 -35.08
CA PRO J 178 39.31 19.46 -36.19
C PRO J 178 40.08 18.26 -36.78
N SER J 179 41.42 18.34 -36.78
CA SER J 179 42.24 17.25 -37.38
C SER J 179 42.65 16.22 -36.32
N THR J 180 42.62 16.60 -35.04
CA THR J 180 43.08 15.68 -33.97
C THR J 180 41.90 14.94 -33.36
N ARG J 181 40.69 15.14 -33.90
CA ARG J 181 39.47 14.46 -33.40
C ARG J 181 39.52 12.98 -33.77
N SER J 182 40.26 12.63 -34.83
CA SER J 182 40.42 11.20 -35.22
C SER J 182 41.89 10.80 -35.20
N VAL J 183 42.21 9.61 -34.69
CA VAL J 183 43.62 9.14 -34.58
C VAL J 183 43.75 7.76 -35.22
N LEU K 22 -6.01 -53.90 -23.81
CA LEU K 22 -5.51 -52.77 -23.04
C LEU K 22 -5.84 -51.46 -23.74
N THR K 23 -6.70 -50.66 -23.11
CA THR K 23 -7.07 -49.37 -23.68
C THR K 23 -5.94 -48.34 -23.56
N TYR K 24 -4.95 -48.60 -22.71
CA TYR K 24 -3.90 -47.64 -22.41
C TYR K 24 -2.56 -47.99 -23.00
N TYR K 25 -2.45 -49.14 -23.66
CA TYR K 25 -1.26 -49.51 -24.42
C TYR K 25 -1.62 -49.45 -25.90
N THR K 26 -1.06 -48.47 -26.60
CA THR K 26 -1.36 -48.23 -28.02
C THR K 26 -0.05 -48.18 -28.78
N PRO K 27 0.51 -49.33 -29.12
CA PRO K 27 1.81 -49.35 -29.82
C PRO K 27 1.78 -48.71 -31.21
N ASP K 28 0.61 -48.50 -31.79
CA ASP K 28 0.50 -47.84 -33.08
C ASP K 28 0.31 -46.33 -32.96
N TYR K 29 0.28 -45.79 -31.74
CA TYR K 29 0.05 -44.37 -31.56
C TYR K 29 1.30 -43.57 -31.93
N GLN K 30 1.08 -42.46 -32.64
CA GLN K 30 2.16 -41.57 -32.98
C GLN K 30 2.08 -40.33 -32.10
N PRO K 31 3.06 -40.08 -31.23
CA PRO K 31 2.95 -38.94 -30.31
C PRO K 31 2.84 -37.62 -31.05
N LYS K 32 2.01 -36.73 -30.50
CA LYS K 32 1.78 -35.44 -31.12
C LYS K 32 2.95 -34.49 -30.84
N ASP K 33 2.97 -33.36 -31.54
CA ASP K 33 4.06 -32.37 -31.36
C ASP K 33 3.91 -31.65 -30.03
N THR K 34 2.74 -31.78 -29.40
CA THR K 34 2.49 -31.10 -28.13
C THR K 34 2.43 -32.05 -26.94
N ASP K 35 2.61 -33.34 -27.15
CA ASP K 35 2.59 -34.30 -26.06
C ASP K 35 3.82 -34.15 -25.17
N ILE K 36 3.62 -34.35 -23.87
CA ILE K 36 4.72 -34.50 -22.93
C ILE K 36 5.03 -35.99 -22.86
N LEU K 37 6.29 -36.35 -23.13
CA LEU K 37 6.69 -37.74 -23.20
C LEU K 37 7.60 -38.10 -22.03
N ALA K 38 7.37 -39.26 -21.44
CA ALA K 38 8.18 -39.78 -20.35
C ALA K 38 8.72 -41.14 -20.74
N ALA K 39 9.96 -41.42 -20.36
CA ALA K 39 10.57 -42.72 -20.60
C ALA K 39 10.84 -43.35 -19.24
N PHE K 40 10.02 -44.33 -18.88
CA PHE K 40 10.12 -45.02 -17.60
C PHE K 40 10.91 -46.31 -17.77
N ARG K 41 11.89 -46.50 -16.90
CA ARG K 41 12.57 -47.79 -16.77
C ARG K 41 11.91 -48.56 -15.65
N MET K 42 11.18 -49.62 -16.04
CA MET K 42 10.38 -50.35 -15.01
C MET K 42 10.72 -51.84 -14.97
N THR K 43 10.71 -52.40 -13.77
CA THR K 43 10.90 -53.84 -13.57
C THR K 43 9.63 -54.40 -12.98
N PRO K 44 8.76 -55.03 -13.77
CA PRO K 44 7.50 -55.56 -13.22
C PRO K 44 7.73 -56.81 -12.38
N GLN K 45 6.76 -57.08 -11.52
CA GLN K 45 6.80 -58.29 -10.72
C GLN K 45 6.68 -59.51 -11.63
N PRO K 46 7.29 -60.64 -11.24
CA PRO K 46 7.20 -61.84 -12.08
C PRO K 46 5.76 -62.26 -12.30
N GLY K 47 5.46 -62.65 -13.54
CA GLY K 47 4.11 -62.97 -13.96
C GLY K 47 3.37 -61.81 -14.59
N VAL K 48 3.81 -60.58 -14.38
CA VAL K 48 3.18 -59.41 -14.99
C VAL K 48 3.87 -59.15 -16.32
N PRO K 49 3.15 -59.22 -17.45
CA PRO K 49 3.78 -58.91 -18.73
C PRO K 49 4.14 -57.44 -18.80
N PRO K 50 5.19 -57.10 -19.56
CA PRO K 50 5.57 -55.68 -19.66
C PRO K 50 4.48 -54.78 -20.22
N GLU K 51 3.67 -55.32 -21.15
CA GLU K 51 2.58 -54.52 -21.76
C GLU K 51 1.58 -54.10 -20.67
N GLU K 52 1.24 -55.02 -19.77
CA GLU K 52 0.31 -54.72 -18.69
C GLU K 52 0.87 -53.65 -17.75
N ALA K 53 2.16 -53.74 -17.43
CA ALA K 53 2.77 -52.77 -16.54
C ALA K 53 2.83 -51.38 -17.16
N GLY K 54 3.21 -51.31 -18.44
CA GLY K 54 3.18 -50.03 -19.14
C GLY K 54 1.78 -49.46 -19.22
N ALA K 55 0.79 -50.32 -19.43
CA ALA K 55 -0.61 -49.85 -19.47
C ALA K 55 -0.97 -49.22 -18.12
N ALA K 56 -0.54 -49.85 -17.01
CA ALA K 56 -0.87 -49.33 -15.66
C ALA K 56 -0.23 -47.95 -15.45
N VAL K 57 1.05 -47.81 -15.79
CA VAL K 57 1.75 -46.50 -15.63
C VAL K 57 1.02 -45.46 -16.48
N ALA K 58 0.65 -45.83 -17.71
CA ALA K 58 -0.08 -44.90 -18.61
C ALA K 58 -1.41 -44.50 -17.96
N ALA K 59 -2.13 -45.46 -17.37
CA ALA K 59 -3.44 -45.17 -16.74
C ALA K 59 -3.22 -44.29 -15.51
N ARG K 79 -9.23 -38.93 -24.03
CA ARG K 79 -8.82 -37.59 -24.51
C ARG K 79 -7.75 -37.02 -23.58
N TYR K 80 -7.90 -37.25 -22.27
CA TYR K 80 -6.92 -36.75 -21.27
C TYR K 80 -6.20 -37.93 -20.64
N LYS K 81 -6.24 -39.09 -21.31
CA LYS K 81 -5.64 -40.30 -20.71
C LYS K 81 -4.19 -40.43 -21.17
N GLY K 82 -3.28 -40.74 -20.25
CA GLY K 82 -1.89 -41.01 -20.66
C GLY K 82 -1.84 -42.38 -21.31
N ARG K 83 -1.01 -42.57 -22.33
CA ARG K 83 -1.03 -43.84 -23.03
C ARG K 83 0.40 -44.31 -23.27
N CYS K 84 0.60 -45.62 -23.15
CA CYS K 84 1.88 -46.24 -23.45
C CYS K 84 1.92 -46.55 -24.94
N TYR K 85 2.82 -45.88 -25.65
CA TYR K 85 2.85 -46.04 -27.13
C TYR K 85 4.07 -46.87 -27.56
N ASP K 86 5.02 -47.12 -26.65
CA ASP K 86 6.22 -47.85 -27.02
C ASP K 86 6.79 -48.53 -25.80
N ILE K 87 7.22 -49.77 -25.97
CA ILE K 87 7.91 -50.52 -24.94
C ILE K 87 9.10 -51.22 -25.57
N GLU K 88 10.29 -50.99 -25.01
CA GLU K 88 11.50 -51.68 -25.50
C GLU K 88 12.15 -52.38 -24.32
N PRO K 89 12.59 -53.66 -24.46
CA PRO K 89 13.33 -54.32 -23.37
C PRO K 89 14.73 -53.76 -23.25
N VAL K 90 15.26 -53.83 -22.03
CA VAL K 90 16.62 -53.36 -21.75
C VAL K 90 17.58 -54.51 -22.03
N PRO K 91 18.47 -54.38 -23.01
CA PRO K 91 19.44 -55.45 -23.30
C PRO K 91 20.59 -55.43 -22.31
N GLY K 92 20.59 -56.39 -21.39
CA GLY K 92 21.62 -56.44 -20.36
C GLY K 92 21.05 -56.63 -18.97
N GLU K 93 19.76 -56.35 -18.81
CA GLU K 93 19.08 -56.51 -17.53
C GLU K 93 17.87 -57.42 -17.72
N GLU K 94 17.64 -58.30 -16.75
CA GLU K 94 16.53 -59.24 -16.83
C GLU K 94 15.22 -58.57 -16.42
N ASN K 95 14.17 -58.84 -17.19
CA ASN K 95 12.83 -58.31 -16.92
C ASN K 95 12.85 -56.79 -16.75
N GLN K 96 13.58 -56.10 -17.62
CA GLN K 96 13.68 -54.64 -17.57
C GLN K 96 13.26 -54.06 -18.91
N TYR K 97 12.32 -53.12 -18.87
CA TYR K 97 11.78 -52.50 -20.07
C TYR K 97 11.76 -50.99 -19.91
N ILE K 98 11.85 -50.30 -21.04
CA ILE K 98 11.66 -48.85 -21.10
C ILE K 98 10.26 -48.60 -21.65
N ALA K 99 9.42 -47.93 -20.86
CA ALA K 99 8.03 -47.66 -21.29
C ALA K 99 7.90 -46.18 -21.65
N TYR K 100 7.43 -45.89 -22.88
CA TYR K 100 7.29 -44.49 -23.34
C TYR K 100 5.82 -44.06 -23.18
N ILE K 101 5.59 -43.01 -22.39
CA ILE K 101 4.19 -42.56 -22.11
C ILE K 101 3.96 -41.20 -22.76
N ALA K 102 2.78 -40.99 -23.36
CA ALA K 102 2.43 -39.72 -23.99
C ALA K 102 1.29 -39.08 -23.21
N TYR K 103 1.52 -37.87 -22.73
CA TYR K 103 0.50 -37.13 -22.00
C TYR K 103 0.03 -35.95 -22.83
N PRO K 104 -1.29 -35.73 -22.93
CA PRO K 104 -1.78 -34.55 -23.66
C PRO K 104 -1.35 -33.26 -22.98
N LEU K 105 -1.15 -32.22 -23.80
CA LEU K 105 -0.70 -30.94 -23.28
C LEU K 105 -1.72 -30.30 -22.35
N ASP K 106 -3.02 -30.61 -22.54
CA ASP K 106 -4.11 -30.00 -21.73
C ASP K 106 -4.07 -30.47 -20.28
N LEU K 107 -3.24 -31.47 -19.97
CA LEU K 107 -3.25 -32.05 -18.63
C LEU K 107 -2.57 -31.18 -17.59
N PHE K 108 -1.70 -30.27 -18.01
CA PHE K 108 -0.80 -29.58 -17.10
C PHE K 108 -1.12 -28.09 -17.03
N GLU K 109 -0.72 -27.49 -15.91
CA GLU K 109 -0.91 -26.04 -15.71
C GLU K 109 0.27 -25.31 -16.33
N GLU K 110 0.02 -24.23 -17.07
CA GLU K 110 1.05 -23.47 -17.74
C GLU K 110 2.09 -22.96 -16.74
N GLY K 111 3.36 -23.17 -17.07
CA GLY K 111 4.46 -22.65 -16.27
C GLY K 111 4.53 -23.17 -14.85
N SER K 112 4.15 -24.42 -14.63
CA SER K 112 4.10 -24.99 -13.28
C SER K 112 4.88 -26.31 -13.27
N VAL K 113 6.11 -26.26 -12.78
CA VAL K 113 6.89 -27.49 -12.58
C VAL K 113 6.25 -28.34 -11.49
N THR K 114 5.68 -27.70 -10.47
CA THR K 114 4.99 -28.44 -9.42
C THR K 114 3.91 -29.34 -9.98
N ASN K 115 3.06 -28.77 -10.85
CA ASN K 115 1.96 -29.56 -11.44
C ASN K 115 2.54 -30.68 -12.33
N LEU K 116 3.56 -30.35 -13.11
CA LEU K 116 4.14 -31.36 -13.99
C LEU K 116 4.61 -32.57 -13.19
N PHE K 117 5.33 -32.32 -12.08
CA PHE K 117 5.78 -33.42 -11.25
C PHE K 117 4.63 -34.11 -10.54
N THR K 118 3.60 -33.37 -10.15
CA THR K 118 2.43 -34.00 -9.54
C THR K 118 1.75 -34.94 -10.53
N SER K 119 1.65 -34.53 -11.79
CA SER K 119 0.95 -35.36 -12.77
C SER K 119 1.78 -36.57 -13.16
N ILE K 120 3.07 -36.38 -13.43
CA ILE K 120 3.87 -37.47 -14.00
C ILE K 120 4.24 -38.48 -12.93
N VAL K 121 4.79 -37.99 -11.80
CA VAL K 121 5.32 -38.93 -10.77
C VAL K 121 4.60 -38.75 -9.43
N GLY K 122 3.37 -38.25 -9.45
CA GLY K 122 2.59 -38.08 -8.20
C GLY K 122 2.41 -39.40 -7.46
N ASN K 123 1.60 -40.30 -8.00
CA ASN K 123 1.44 -41.61 -7.37
C ASN K 123 1.58 -42.67 -8.45
N VAL K 124 2.83 -42.97 -8.81
CA VAL K 124 3.12 -44.09 -9.71
C VAL K 124 4.26 -44.96 -9.22
N PHE K 125 5.05 -44.44 -8.27
CA PHE K 125 6.18 -45.23 -7.72
C PHE K 125 5.67 -46.16 -6.63
N GLY K 126 4.40 -46.03 -6.21
CA GLY K 126 3.78 -46.89 -5.24
C GLY K 126 2.96 -48.02 -5.79
N PHE K 127 3.06 -48.31 -7.09
CA PHE K 127 2.33 -49.42 -7.67
C PHE K 127 2.94 -50.75 -7.26
N LYS K 128 2.10 -51.64 -6.73
CA LYS K 128 2.59 -52.96 -6.26
C LYS K 128 3.02 -53.82 -7.46
N ALA K 129 2.42 -53.60 -8.63
CA ALA K 129 2.73 -54.42 -9.79
C ALA K 129 4.14 -54.20 -10.32
N LEU K 130 4.84 -53.19 -9.82
CA LEU K 130 6.18 -52.86 -10.28
C LEU K 130 7.17 -53.12 -9.15
N ARG K 131 8.13 -54.00 -9.41
CA ARG K 131 9.21 -54.21 -8.44
C ARG K 131 10.04 -52.94 -8.29
N ALA K 132 10.39 -52.30 -9.40
CA ALA K 132 11.12 -51.05 -9.38
C ALA K 132 10.68 -50.19 -10.55
N LEU K 133 10.76 -48.88 -10.37
CA LEU K 133 10.36 -47.93 -11.40
C LEU K 133 11.30 -46.73 -11.36
N ARG K 134 11.76 -46.29 -12.53
CA ARG K 134 12.70 -45.15 -12.60
C ARG K 134 12.39 -44.26 -13.80
N LEU K 135 12.02 -43.00 -13.55
CA LEU K 135 11.82 -42.05 -14.64
C LEU K 135 13.19 -41.63 -15.18
N GLU K 136 13.41 -41.88 -16.46
CA GLU K 136 14.71 -41.64 -17.08
C GLU K 136 14.78 -40.30 -17.81
N ASP K 137 13.73 -39.94 -18.54
CA ASP K 137 13.78 -38.73 -19.36
C ASP K 137 12.38 -38.16 -19.51
N LEU K 138 12.32 -36.89 -19.88
CA LEU K 138 11.09 -36.22 -20.23
C LEU K 138 11.27 -35.48 -21.55
N ARG K 139 10.20 -35.39 -22.32
CA ARG K 139 10.17 -34.56 -23.51
C ARG K 139 9.20 -33.42 -23.26
N ILE K 140 9.72 -32.21 -23.11
CA ILE K 140 8.91 -31.02 -22.91
C ILE K 140 8.66 -30.41 -24.29
N PRO K 141 7.42 -30.43 -24.80
CA PRO K 141 7.17 -29.84 -26.10
C PRO K 141 7.39 -28.34 -26.07
N PRO K 142 7.84 -27.70 -27.18
CA PRO K 142 7.99 -26.24 -27.21
C PRO K 142 6.74 -25.51 -26.68
N ALA K 143 5.55 -25.98 -27.06
CA ALA K 143 4.30 -25.32 -26.62
C ALA K 143 4.31 -25.17 -25.09
N TYR K 144 4.71 -26.22 -24.37
CA TYR K 144 4.81 -26.12 -22.89
C TYR K 144 6.00 -25.26 -22.51
N VAL K 145 7.15 -25.41 -23.19
CA VAL K 145 8.33 -24.65 -22.78
C VAL K 145 8.04 -23.16 -22.83
N LYS K 146 7.29 -22.71 -23.83
CA LYS K 146 7.03 -21.28 -23.98
C LYS K 146 6.21 -20.71 -22.82
N THR K 147 5.53 -21.55 -22.04
CA THR K 147 4.77 -21.04 -20.91
C THR K 147 5.64 -20.79 -19.67
N PHE K 148 6.90 -21.16 -19.71
CA PHE K 148 7.82 -20.96 -18.59
C PHE K 148 8.72 -19.76 -18.84
N GLN K 149 9.03 -19.03 -17.79
CA GLN K 149 10.02 -17.95 -17.91
C GLN K 149 11.42 -18.51 -18.12
N GLY K 150 11.77 -19.58 -17.41
CA GLY K 150 13.10 -20.13 -17.49
C GLY K 150 14.07 -19.44 -16.56
N PRO K 151 15.37 -19.67 -16.78
CA PRO K 151 16.36 -19.04 -15.92
C PRO K 151 16.29 -17.53 -16.04
N PRO K 152 16.58 -16.81 -14.95
CA PRO K 152 16.46 -15.34 -15.00
C PRO K 152 17.33 -14.69 -16.05
N HIS K 153 18.57 -15.16 -16.20
CA HIS K 153 19.48 -14.47 -17.14
C HIS K 153 19.99 -15.48 -18.15
N GLY K 154 20.53 -16.60 -17.66
CA GLY K 154 21.12 -17.59 -18.58
C GLY K 154 22.62 -17.44 -18.62
N ILE K 155 23.30 -18.21 -19.46
CA ILE K 155 24.76 -18.21 -19.51
C ILE K 155 25.27 -16.96 -20.22
N GLN K 156 24.73 -16.64 -21.39
CA GLN K 156 25.28 -15.53 -22.15
C GLN K 156 25.05 -14.20 -21.46
N VAL K 157 23.86 -14.01 -20.91
CA VAL K 157 23.57 -12.75 -20.16
C VAL K 157 24.46 -12.70 -18.92
N GLU K 158 24.68 -13.85 -18.27
CA GLU K 158 25.59 -13.86 -17.09
C GLU K 158 26.98 -13.38 -17.53
N ARG K 159 27.53 -13.97 -18.59
CA ARG K 159 28.87 -13.60 -19.08
C ARG K 159 28.91 -12.09 -19.40
N ASP K 160 27.87 -11.58 -20.06
CA ASP K 160 27.86 -10.16 -20.42
C ASP K 160 27.82 -9.27 -19.17
N LYS K 161 27.02 -9.67 -18.18
CA LYS K 161 26.89 -8.86 -16.94
C LYS K 161 28.20 -8.88 -16.16
N LEU K 162 28.84 -10.05 -16.07
CA LEU K 162 30.09 -10.19 -15.34
C LEU K 162 31.31 -9.81 -16.16
N ASN K 163 31.15 -9.65 -17.48
CA ASN K 163 32.27 -9.21 -18.36
C ASN K 163 33.41 -10.24 -18.31
N LYS K 164 33.09 -11.53 -18.22
CA LYS K 164 34.08 -12.59 -18.20
C LYS K 164 33.81 -13.53 -19.38
N TYR K 165 34.82 -13.69 -20.24
CA TYR K 165 34.66 -14.45 -21.47
C TYR K 165 35.82 -15.41 -21.64
N GLY K 166 35.55 -16.51 -22.34
CA GLY K 166 36.60 -17.39 -22.80
C GLY K 166 37.19 -18.31 -21.76
N ARG K 167 36.56 -18.44 -20.59
CA ARG K 167 37.12 -19.27 -19.54
C ARG K 167 36.00 -19.67 -18.59
N GLY K 168 36.24 -20.78 -17.89
CA GLY K 168 35.31 -21.17 -16.85
C GLY K 168 35.37 -20.25 -15.64
N LEU K 169 34.31 -20.27 -14.86
CA LEU K 169 34.25 -19.49 -13.64
C LEU K 169 34.74 -20.32 -12.46
N LEU K 170 35.19 -19.63 -11.43
CA LEU K 170 35.79 -20.27 -10.26
C LEU K 170 35.04 -19.84 -9.00
N GLY K 171 34.83 -20.80 -8.10
CA GLY K 171 34.14 -20.52 -6.85
C GLY K 171 34.71 -21.34 -5.71
N CYS K 172 34.46 -20.86 -4.50
CA CYS K 172 34.90 -21.54 -3.30
C CYS K 172 33.76 -21.57 -2.28
N THR K 173 33.72 -22.64 -1.48
CA THR K 173 32.71 -22.72 -0.39
C THR K 173 33.41 -22.32 0.90
N ILE K 174 32.99 -21.22 1.53
CA ILE K 174 33.68 -20.72 2.75
C ILE K 174 33.70 -21.82 3.81
N LYS K 175 34.89 -22.16 4.32
CA LYS K 175 35.03 -23.24 5.32
C LYS K 175 35.79 -22.71 6.54
N PRO K 176 35.32 -22.92 7.78
CA PRO K 176 34.54 -24.10 8.16
C PRO K 176 33.06 -24.02 7.77
N LYS K 177 32.39 -25.17 7.67
CA LYS K 177 30.97 -25.19 7.24
C LYS K 177 30.12 -24.30 8.17
N LEU K 178 30.24 -24.49 9.49
CA LEU K 178 29.38 -23.75 10.44
C LEU K 178 30.19 -23.26 11.64
N GLY K 179 29.59 -22.42 12.49
CA GLY K 179 30.26 -21.91 13.70
C GLY K 179 30.92 -20.56 13.48
N LEU K 180 31.23 -20.22 12.22
CA LEU K 180 31.96 -18.96 11.94
C LEU K 180 31.02 -17.76 12.16
N SER K 181 31.53 -16.67 12.73
CA SER K 181 30.72 -15.44 12.90
C SER K 181 30.60 -14.73 11.55
N ALA K 182 29.59 -13.88 11.39
CA ALA K 182 29.38 -13.12 10.13
C ALA K 182 30.65 -12.35 9.78
N LYS K 183 31.28 -11.72 10.76
CA LYS K 183 32.54 -10.96 10.52
C LYS K 183 33.60 -11.91 9.95
N ASN K 184 33.83 -13.05 10.60
CA ASN K 184 34.87 -13.98 10.14
C ASN K 184 34.48 -14.60 8.80
N TYR K 185 33.18 -14.82 8.60
CA TYR K 185 32.71 -15.34 7.28
C TYR K 185 33.07 -14.30 6.21
N GLY K 186 32.77 -13.03 6.46
CA GLY K 186 33.12 -12.00 5.50
C GLY K 186 34.60 -11.89 5.27
N ARG K 187 35.39 -12.06 6.32
CA ARG K 187 36.88 -11.99 6.19
C ARG K 187 37.33 -13.12 5.25
N ALA K 188 36.82 -14.34 5.46
CA ALA K 188 37.18 -15.45 4.61
C ALA K 188 36.75 -15.20 3.17
N VAL K 189 35.56 -14.63 2.98
CA VAL K 189 35.07 -14.32 1.63
C VAL K 189 36.02 -13.34 0.95
N TYR K 190 36.39 -12.27 1.65
CA TYR K 190 37.27 -11.27 1.06
C TYR K 190 38.63 -11.85 0.73
N GLU K 191 39.17 -12.67 1.63
CA GLU K 191 40.49 -13.25 1.39
C GLU K 191 40.47 -14.17 0.17
N CYS K 192 39.41 -14.97 0.03
CA CYS K 192 39.35 -15.92 -1.12
C CYS K 192 39.09 -15.16 -2.42
N LEU K 193 38.24 -14.13 -2.38
CA LEU K 193 37.87 -13.41 -3.64
C LEU K 193 39.06 -12.58 -4.14
N ARG K 194 39.81 -11.94 -3.23
CA ARG K 194 40.93 -11.04 -3.65
C ARG K 194 42.01 -11.85 -4.38
N GLY K 195 42.07 -13.17 -4.13
CA GLY K 195 43.09 -14.02 -4.76
C GLY K 195 42.90 -14.16 -6.25
N GLY K 196 41.65 -14.04 -6.73
CA GLY K 196 41.35 -14.19 -8.16
C GLY K 196 40.12 -15.04 -8.42
N LEU K 197 39.50 -15.56 -7.35
CA LEU K 197 38.26 -16.36 -7.52
C LEU K 197 37.13 -15.43 -7.97
N ASP K 198 36.23 -15.92 -8.81
CA ASP K 198 35.11 -15.09 -9.33
C ASP K 198 33.94 -15.14 -8.35
N PHE K 199 33.82 -16.23 -7.59
CA PHE K 199 32.68 -16.39 -6.70
C PHE K 199 33.11 -17.04 -5.40
N THR K 200 32.33 -16.76 -4.35
CA THR K 200 32.32 -17.56 -3.14
C THR K 200 30.87 -17.89 -2.84
N LYS K 201 30.64 -18.83 -1.92
CA LYS K 201 29.25 -19.26 -1.67
C LYS K 201 29.03 -19.59 -0.19
N ASP K 202 27.80 -19.42 0.31
CA ASP K 202 27.50 -19.83 1.70
C ASP K 202 27.41 -21.36 1.71
N ASP K 203 27.64 -21.99 2.86
CA ASP K 203 27.49 -23.46 2.94
C ASP K 203 26.00 -23.80 2.74
N GLU K 204 25.70 -25.00 2.25
CA GLU K 204 24.32 -25.35 1.93
C GLU K 204 23.42 -25.27 3.15
N ASN K 205 23.95 -25.55 4.35
CA ASN K 205 23.15 -25.54 5.56
C ASN K 205 23.23 -24.21 6.30
N VAL K 206 23.88 -23.21 5.73
CA VAL K 206 23.98 -21.88 6.33
C VAL K 206 22.85 -21.04 5.78
N ASN K 207 21.80 -20.86 6.60
CA ASN K 207 20.67 -19.99 6.20
C ASN K 207 20.59 -18.85 7.22
N SER K 208 20.27 -19.17 8.48
CA SER K 208 20.16 -18.18 9.54
C SER K 208 20.18 -18.93 10.86
N GLN K 209 21.26 -18.75 11.61
CA GLN K 209 21.42 -19.55 12.86
C GLN K 209 21.80 -18.63 14.01
N PRO K 210 21.67 -19.04 15.30
CA PRO K 210 22.12 -18.21 16.42
C PRO K 210 23.56 -17.75 16.26
N PHE K 211 24.43 -18.59 15.69
CA PHE K 211 25.87 -18.25 15.55
C PHE K 211 26.06 -17.17 14.49
N MET K 212 25.20 -17.16 13.46
CA MET K 212 25.38 -16.18 12.36
C MET K 212 24.01 -15.88 11.73
N ARG K 213 23.38 -14.78 12.16
CA ARG K 213 22.13 -14.37 11.55
C ARG K 213 22.36 -13.95 10.11
N TRP K 214 21.30 -14.01 9.31
CA TRP K 214 21.47 -13.86 7.86
C TRP K 214 21.77 -12.42 7.46
N ARG K 215 21.20 -11.43 8.14
CA ARG K 215 21.42 -10.05 7.72
C ARG K 215 22.82 -9.58 8.05
N ASP K 216 23.37 -10.00 9.19
CA ASP K 216 24.77 -9.70 9.49
C ASP K 216 25.68 -10.30 8.44
N ARG K 217 25.44 -11.54 8.06
CA ARG K 217 26.24 -12.18 7.03
C ARG K 217 26.12 -11.45 5.70
N PHE K 218 24.91 -11.04 5.33
CA PHE K 218 24.73 -10.33 4.08
C PHE K 218 25.52 -9.02 4.07
N LEU K 219 25.47 -8.27 5.17
CA LEU K 219 26.19 -7.00 5.23
C LEU K 219 27.71 -7.20 5.17
N PHE K 220 28.23 -8.14 5.96
CA PHE K 220 29.68 -8.34 5.98
C PHE K 220 30.17 -8.90 4.63
N VAL K 221 29.39 -9.79 4.01
CA VAL K 221 29.75 -10.31 2.70
C VAL K 221 29.70 -9.21 1.66
N ALA K 222 28.75 -8.29 1.76
CA ALA K 222 28.71 -7.17 0.83
C ALA K 222 29.95 -6.30 0.97
N GLU K 223 30.35 -6.01 2.20
CA GLU K 223 31.58 -5.24 2.40
C GLU K 223 32.79 -5.97 1.82
N ALA K 224 32.86 -7.29 2.04
CA ALA K 224 33.98 -8.07 1.52
C ALA K 224 33.98 -8.08 -0.01
N ILE K 225 32.82 -8.26 -0.62
CA ILE K 225 32.71 -8.27 -2.08
C ILE K 225 33.18 -6.94 -2.65
N TYR K 226 32.75 -5.83 -2.04
CA TYR K 226 33.13 -4.52 -2.57
C TYR K 226 34.62 -4.24 -2.36
N LYS K 227 35.18 -4.67 -1.22
CA LYS K 227 36.61 -4.50 -1.01
C LYS K 227 37.41 -5.29 -2.04
N SER K 228 37.03 -6.54 -2.29
CA SER K 228 37.75 -7.35 -3.26
C SER K 228 37.61 -6.79 -4.67
N GLN K 229 36.42 -6.27 -5.01
CA GLN K 229 36.24 -5.63 -6.31
C GLN K 229 37.15 -4.43 -6.46
N ALA K 230 37.21 -3.57 -5.45
CA ALA K 230 38.07 -2.39 -5.54
C ALA K 230 39.53 -2.79 -5.65
N GLU K 231 39.93 -3.84 -4.93
CA GLU K 231 41.34 -4.22 -4.92
C GLU K 231 41.75 -4.83 -6.27
N THR K 232 40.96 -5.76 -6.79
CA THR K 232 41.38 -6.47 -8.00
C THR K 232 40.92 -5.78 -9.28
N GLY K 233 39.84 -5.02 -9.23
CA GLY K 233 39.30 -4.41 -10.44
C GLY K 233 38.40 -5.30 -11.26
N GLU K 234 38.18 -6.53 -10.82
CA GLU K 234 37.26 -7.45 -11.48
C GLU K 234 35.97 -7.53 -10.71
N ILE K 235 34.87 -7.80 -11.42
CA ILE K 235 33.58 -7.94 -10.76
C ILE K 235 33.56 -9.24 -9.96
N LYS K 236 33.17 -9.12 -8.70
CA LYS K 236 33.17 -10.31 -7.81
C LYS K 236 31.73 -10.59 -7.37
N GLY K 237 31.53 -11.71 -6.68
CA GLY K 237 30.22 -12.11 -6.21
C GLY K 237 30.30 -13.20 -5.17
N HIS K 238 29.20 -13.36 -4.45
CA HIS K 238 29.08 -14.40 -3.43
C HIS K 238 27.66 -14.95 -3.45
N TYR K 239 27.55 -16.28 -3.54
CA TYR K 239 26.21 -16.93 -3.58
C TYR K 239 25.56 -16.81 -2.19
N LEU K 240 24.78 -15.75 -1.97
CA LEU K 240 24.11 -15.53 -0.67
C LEU K 240 22.91 -16.48 -0.57
N ASN K 241 22.84 -17.29 0.51
CA ASN K 241 21.76 -18.30 0.62
C ASN K 241 20.44 -17.62 1.01
N ALA K 242 19.45 -17.64 0.12
CA ALA K 242 18.15 -17.09 0.43
C ALA K 242 17.17 -18.15 0.91
N THR K 243 17.59 -19.41 0.98
CA THR K 243 16.70 -20.49 1.37
C THR K 243 16.17 -20.27 2.79
N ALA K 244 14.86 -20.30 2.94
CA ALA K 244 14.24 -19.91 4.20
C ALA K 244 13.02 -20.78 4.46
N ALA K 245 12.40 -20.56 5.63
CA ALA K 245 11.22 -21.36 6.02
C ALA K 245 10.00 -20.96 5.21
N THR K 246 9.74 -19.65 5.07
CA THR K 246 8.52 -19.18 4.36
C THR K 246 8.92 -18.40 3.12
N ALA K 247 8.06 -18.41 2.10
CA ALA K 247 8.36 -17.69 0.85
C ALA K 247 8.57 -16.21 1.17
N GLU K 248 7.82 -15.69 2.16
CA GLU K 248 7.97 -14.29 2.52
C GLU K 248 9.37 -14.00 3.03
N GLU K 249 9.90 -14.86 3.88
CA GLU K 249 11.26 -14.68 4.40
C GLU K 249 12.29 -14.80 3.28
N MET K 250 12.10 -15.74 2.37
CA MET K 250 13.01 -15.91 1.24
C MET K 250 13.03 -14.68 0.35
N LEU K 251 11.84 -14.13 0.06
CA LEU K 251 11.77 -12.91 -0.72
C LEU K 251 12.36 -11.72 0.03
N LYS K 252 12.24 -11.69 1.36
CA LYS K 252 12.88 -10.63 2.13
C LYS K 252 14.40 -10.71 2.02
N ARG K 253 14.96 -11.91 2.08
CA ARG K 253 16.40 -12.06 1.93
C ARG K 253 16.86 -11.67 0.53
N ALA K 254 16.09 -12.06 -0.49
CA ALA K 254 16.40 -11.62 -1.85
C ALA K 254 16.33 -10.11 -1.96
N GLU K 255 15.36 -9.50 -1.29
CA GLU K 255 15.21 -8.05 -1.31
C GLU K 255 16.40 -7.36 -0.65
N CYS K 256 16.89 -7.93 0.46
CA CYS K 256 18.09 -7.38 1.09
C CYS K 256 19.29 -7.46 0.15
N ALA K 257 19.45 -8.60 -0.54
CA ALA K 257 20.53 -8.73 -1.50
C ALA K 257 20.41 -7.70 -2.62
N LYS K 258 19.18 -7.48 -3.09
CA LYS K 258 18.96 -6.46 -4.12
C LYS K 258 19.29 -5.07 -3.60
N ASP K 259 18.97 -4.79 -2.34
CA ASP K 259 19.21 -3.44 -1.76
C ASP K 259 20.71 -3.22 -1.53
N LEU K 260 21.48 -4.29 -1.29
CA LEU K 260 22.92 -4.14 -1.16
C LEU K 260 23.63 -3.99 -2.51
N GLY K 261 22.95 -4.29 -3.62
CA GLY K 261 23.57 -4.22 -4.92
C GLY K 261 24.47 -5.38 -5.27
N VAL K 262 24.49 -6.43 -4.46
CA VAL K 262 25.33 -7.59 -4.69
C VAL K 262 24.81 -8.36 -5.89
N PRO K 263 25.64 -9.13 -6.59
CA PRO K 263 25.21 -9.71 -7.86
C PRO K 263 24.31 -10.95 -7.80
N ILE K 264 24.48 -11.85 -6.83
CA ILE K 264 23.94 -13.20 -6.96
C ILE K 264 23.48 -13.74 -5.61
N ILE K 265 22.45 -14.59 -5.64
CA ILE K 265 21.96 -15.32 -4.48
C ILE K 265 21.90 -16.82 -4.82
N MET K 266 21.53 -17.61 -3.82
CA MET K 266 21.53 -19.06 -3.89
C MET K 266 20.20 -19.59 -3.37
N HIS K 267 19.81 -20.77 -3.85
CA HIS K 267 18.59 -21.43 -3.40
C HIS K 267 18.74 -22.93 -3.46
N ASP K 268 18.09 -23.62 -2.52
CA ASP K 268 18.02 -25.08 -2.47
C ASP K 268 16.65 -25.49 -3.00
N TYR K 269 16.58 -25.84 -4.29
CA TYR K 269 15.27 -26.02 -4.91
C TYR K 269 14.61 -27.34 -4.55
N LEU K 270 15.40 -28.38 -4.28
CA LEU K 270 14.78 -29.72 -4.02
C LEU K 270 14.29 -29.78 -2.56
N THR K 271 14.79 -28.88 -1.69
CA THR K 271 14.33 -28.85 -0.28
C THR K 271 13.35 -27.69 -0.09
N GLY K 272 13.62 -26.54 -0.72
CA GLY K 272 12.69 -25.40 -0.64
C GLY K 272 11.42 -25.66 -1.43
N GLY K 273 11.55 -26.33 -2.58
CA GLY K 273 10.37 -26.68 -3.40
C GLY K 273 10.35 -25.91 -4.71
N PHE K 274 9.68 -26.47 -5.73
CA PHE K 274 9.61 -25.81 -7.06
C PHE K 274 8.81 -24.51 -6.95
N THR K 275 7.75 -24.51 -6.13
CA THR K 275 6.90 -23.31 -5.98
C THR K 275 7.75 -22.15 -5.44
N ALA K 276 8.55 -22.40 -4.40
CA ALA K 276 9.44 -21.37 -3.85
C ALA K 276 10.49 -20.98 -4.89
N ASN K 277 11.06 -21.95 -5.59
CA ASN K 277 12.11 -21.67 -6.60
C ASN K 277 11.53 -20.78 -7.69
N THR K 278 10.35 -21.12 -8.20
CA THR K 278 9.77 -20.34 -9.29
C THR K 278 9.51 -18.91 -8.86
N SER K 279 9.05 -18.71 -7.62
CA SER K 279 8.89 -17.36 -7.10
C SER K 279 10.22 -16.62 -7.07
N LEU K 280 11.28 -17.29 -6.60
CA LEU K 280 12.58 -16.64 -6.53
C LEU K 280 13.12 -16.32 -7.92
N ALA K 281 12.92 -17.22 -8.88
CA ALA K 281 13.40 -16.98 -10.24
C ALA K 281 12.66 -15.82 -10.88
N HIS K 282 11.34 -15.73 -10.68
CA HIS K 282 10.61 -14.57 -11.18
C HIS K 282 11.11 -13.28 -10.55
N TYR K 283 11.35 -13.30 -9.24
CA TYR K 283 11.88 -12.12 -8.56
C TYR K 283 13.24 -11.73 -9.12
N CYS K 284 14.11 -12.72 -9.34
CA CYS K 284 15.46 -12.43 -9.84
C CYS K 284 15.42 -11.86 -11.24
N ARG K 285 14.52 -12.37 -12.09
CA ARG K 285 14.35 -11.77 -13.41
C ARG K 285 13.85 -10.33 -13.28
N ASP K 286 12.90 -10.08 -12.37
CA ASP K 286 12.36 -8.74 -12.23
C ASP K 286 13.39 -7.75 -11.73
N ASN K 287 14.32 -8.18 -10.86
CA ASN K 287 15.20 -7.24 -10.19
C ASN K 287 16.66 -7.36 -10.63
N GLY K 288 16.93 -8.14 -11.66
CA GLY K 288 18.28 -8.27 -12.19
C GLY K 288 19.27 -8.94 -11.27
N LEU K 289 18.88 -10.04 -10.64
CA LEU K 289 19.77 -10.82 -9.77
C LEU K 289 20.05 -12.17 -10.40
N LEU K 290 21.29 -12.63 -10.23
CA LEU K 290 21.65 -13.98 -10.70
C LEU K 290 21.17 -14.97 -9.63
N LEU K 291 20.95 -16.22 -10.01
CA LEU K 291 20.40 -17.24 -9.11
C LEU K 291 21.19 -18.53 -9.26
N HIS K 292 21.94 -18.89 -8.21
CA HIS K 292 22.65 -20.16 -8.15
C HIS K 292 21.78 -21.19 -7.43
N ILE K 293 21.71 -22.39 -8.00
CA ILE K 293 20.83 -23.44 -7.50
C ILE K 293 21.67 -24.58 -6.98
N HIS K 294 21.43 -24.98 -5.74
CA HIS K 294 22.09 -26.13 -5.13
C HIS K 294 21.09 -27.26 -5.00
N ARG K 295 21.55 -28.47 -5.34
CA ARG K 295 20.67 -29.64 -5.39
C ARG K 295 20.80 -30.46 -4.11
N ALA K 296 20.40 -29.87 -3.01
CA ALA K 296 20.38 -30.60 -1.74
C ALA K 296 19.29 -31.68 -1.77
N MET K 297 19.61 -32.84 -1.18
CA MET K 297 18.61 -33.96 -1.09
C MET K 297 18.39 -34.61 -2.45
N HIS K 298 19.29 -34.41 -3.41
CA HIS K 298 19.10 -34.98 -4.77
C HIS K 298 19.34 -36.49 -4.75
N ALA K 299 20.39 -36.94 -4.04
CA ALA K 299 20.75 -38.38 -4.02
C ALA K 299 19.62 -39.21 -3.41
N VAL K 300 18.76 -38.58 -2.61
CA VAL K 300 17.60 -39.32 -2.02
C VAL K 300 16.67 -39.72 -3.17
N ILE K 301 16.77 -39.08 -4.34
CA ILE K 301 15.84 -39.38 -5.46
C ILE K 301 16.57 -39.88 -6.71
N ASP K 302 17.84 -39.49 -6.91
CA ASP K 302 18.52 -39.84 -8.19
C ASP K 302 19.74 -40.75 -7.99
N ARG K 303 19.84 -41.48 -6.88
CA ARG K 303 21.08 -42.28 -6.66
C ARG K 303 20.88 -43.71 -7.16
N GLN K 304 19.82 -44.39 -6.71
CA GLN K 304 19.63 -45.79 -7.07
C GLN K 304 19.22 -45.92 -8.53
N ARG K 305 19.85 -46.87 -9.23
CA ARG K 305 19.61 -47.07 -10.65
C ARG K 305 18.22 -47.63 -10.93
N ASN K 306 17.63 -48.37 -9.98
CA ASN K 306 16.33 -49.05 -10.27
C ASN K 306 15.13 -48.20 -9.86
N HIS K 307 15.29 -47.32 -8.88
CA HIS K 307 14.15 -46.56 -8.38
C HIS K 307 14.50 -45.08 -8.34
N GLY K 308 13.49 -44.23 -8.59
CA GLY K 308 13.66 -42.80 -8.46
C GLY K 308 13.53 -42.02 -9.74
N ILE K 309 14.04 -40.79 -9.74
CA ILE K 309 14.02 -39.91 -10.91
C ILE K 309 15.46 -39.57 -11.24
N HIS K 310 15.85 -39.79 -12.50
CA HIS K 310 17.22 -39.49 -12.91
C HIS K 310 17.49 -38.00 -12.83
N PHE K 311 18.73 -37.65 -12.46
CA PHE K 311 19.08 -36.21 -12.27
C PHE K 311 18.75 -35.39 -13.52
N ARG K 312 18.84 -35.99 -14.70
CA ARG K 312 18.61 -35.20 -15.95
C ARG K 312 17.19 -34.61 -15.93
N VAL K 313 16.21 -35.35 -15.41
CA VAL K 313 14.81 -34.85 -15.32
C VAL K 313 14.78 -33.70 -14.31
N LEU K 314 15.49 -33.85 -13.19
CA LEU K 314 15.55 -32.77 -12.17
C LEU K 314 16.25 -31.54 -12.76
N ALA K 315 17.28 -31.76 -13.60
CA ALA K 315 17.99 -30.64 -14.24
C ALA K 315 17.06 -29.92 -15.22
N LYS K 316 16.24 -30.67 -15.97
CA LYS K 316 15.28 -30.06 -16.92
C LYS K 316 14.18 -29.33 -16.14
N ALA K 317 13.74 -29.89 -15.01
CA ALA K 317 12.75 -29.20 -14.18
C ALA K 317 13.32 -27.91 -13.61
N LEU K 318 14.62 -27.93 -13.27
CA LEU K 318 15.28 -26.72 -12.73
C LEU K 318 15.36 -25.66 -13.84
N ARG K 319 15.78 -26.08 -15.05
CA ARG K 319 15.89 -25.12 -16.15
C ARG K 319 14.54 -24.51 -16.47
N LEU K 320 13.47 -25.31 -16.42
CA LEU K 320 12.14 -24.76 -16.62
C LEU K 320 11.77 -23.79 -15.49
N SER K 321 11.94 -24.22 -14.25
CA SER K 321 11.57 -23.38 -13.12
C SER K 321 12.42 -22.12 -13.06
N GLY K 322 13.71 -22.25 -13.32
CA GLY K 322 14.60 -21.11 -13.30
C GLY K 322 15.83 -21.28 -12.44
N GLY K 323 17.00 -21.09 -13.03
CA GLY K 323 18.24 -21.06 -12.31
C GLY K 323 19.41 -20.76 -13.23
N ASP K 324 20.26 -19.81 -12.85
CA ASP K 324 21.39 -19.47 -13.70
C ASP K 324 22.52 -20.47 -13.56
N HIS K 325 22.76 -20.96 -12.36
CA HIS K 325 23.72 -22.03 -12.10
C HIS K 325 22.99 -23.20 -11.48
N LEU K 326 23.54 -24.40 -11.70
CA LEU K 326 22.96 -25.61 -11.06
C LEU K 326 24.10 -26.57 -10.74
N HIS K 327 24.39 -26.76 -9.45
CA HIS K 327 25.41 -27.71 -9.03
C HIS K 327 25.12 -29.06 -9.66
N SER K 328 26.01 -29.50 -10.56
CA SER K 328 25.69 -30.61 -11.44
C SER K 328 26.57 -31.84 -11.26
N GLY K 329 27.63 -31.77 -10.48
CA GLY K 329 28.48 -32.93 -10.32
C GLY K 329 29.51 -32.72 -9.24
N THR K 330 30.10 -33.84 -8.78
CA THR K 330 31.18 -33.78 -7.76
C THR K 330 32.47 -34.30 -8.39
N VAL K 331 33.63 -33.80 -7.95
CA VAL K 331 34.93 -34.17 -8.56
C VAL K 331 35.80 -34.92 -7.54
N VAL K 332 35.19 -35.63 -6.60
CA VAL K 332 35.97 -36.44 -5.62
C VAL K 332 37.00 -37.26 -6.40
N GLY K 333 38.30 -37.00 -6.19
CA GLY K 333 39.30 -37.68 -6.98
C GLY K 333 39.27 -37.22 -8.42
N LYS K 334 38.18 -37.56 -9.11
CA LYS K 334 37.96 -37.10 -10.51
C LYS K 334 36.47 -36.87 -10.70
N LEU K 335 36.05 -36.32 -11.84
CA LEU K 335 34.59 -36.17 -12.08
C LEU K 335 33.94 -37.56 -11.93
N GLU K 336 33.02 -37.69 -10.97
CA GLU K 336 32.40 -39.03 -10.70
C GLU K 336 31.22 -39.26 -11.65
N GLY K 337 30.81 -40.53 -11.82
CA GLY K 337 29.68 -40.85 -12.70
C GLY K 337 30.11 -41.07 -14.13
N GLU K 338 29.33 -41.84 -14.91
CA GLU K 338 29.66 -42.05 -16.35
C GLU K 338 29.83 -40.70 -17.03
N ARG K 339 30.94 -40.51 -17.75
CA ARG K 339 31.20 -39.23 -18.46
C ARG K 339 30.07 -38.95 -19.43
N GLU K 340 29.66 -39.94 -20.22
CA GLU K 340 28.62 -39.72 -21.27
C GLU K 340 27.33 -39.23 -20.61
N VAL K 341 26.93 -39.84 -19.49
CA VAL K 341 25.69 -39.42 -18.78
C VAL K 341 25.87 -37.95 -18.34
N THR K 342 27.01 -37.62 -17.75
CA THR K 342 27.28 -36.23 -17.31
C THR K 342 27.19 -35.30 -18.52
N LEU K 343 27.90 -35.65 -19.60
CA LEU K 343 27.90 -34.82 -20.83
C LEU K 343 26.45 -34.67 -21.32
N GLY K 344 25.68 -35.76 -21.29
CA GLY K 344 24.28 -35.71 -21.75
C GLY K 344 23.48 -34.67 -20.98
N PHE K 345 23.50 -34.71 -19.65
CA PHE K 345 22.65 -33.79 -18.86
C PHE K 345 23.26 -32.38 -18.89
N VAL K 346 24.58 -32.29 -19.09
CA VAL K 346 25.21 -30.94 -19.24
C VAL K 346 24.73 -30.34 -20.55
N ASP K 347 24.73 -31.13 -21.63
CA ASP K 347 24.20 -30.62 -22.89
C ASP K 347 22.71 -30.32 -22.79
N LEU K 348 21.98 -31.17 -22.05
CA LEU K 348 20.54 -30.95 -21.89
C LEU K 348 20.27 -29.65 -21.15
N MET K 349 21.10 -29.32 -20.17
CA MET K 349 20.91 -28.09 -19.41
C MET K 349 21.60 -26.88 -20.00
N ARG K 350 22.40 -27.05 -21.05
CA ARG K 350 23.13 -25.95 -21.66
C ARG K 350 22.63 -25.59 -23.05
N ASP K 351 22.56 -26.55 -23.96
CA ASP K 351 22.30 -26.28 -25.36
C ASP K 351 20.83 -25.92 -25.60
N ASP K 352 20.55 -25.45 -26.82
CA ASP K 352 19.16 -25.08 -27.18
C ASP K 352 18.46 -26.28 -27.85
N TYR K 353 19.24 -27.16 -28.49
CA TYR K 353 18.62 -28.29 -29.24
C TYR K 353 19.47 -29.54 -29.03
N ILE K 354 18.93 -30.51 -28.29
CA ILE K 354 19.68 -31.76 -27.99
C ILE K 354 18.98 -32.92 -28.69
N GLU K 355 19.65 -33.55 -29.67
CA GLU K 355 19.05 -34.68 -30.42
C GLU K 355 19.08 -35.95 -29.56
N LYS K 356 18.17 -36.89 -29.81
CA LYS K 356 18.11 -38.16 -29.03
C LYS K 356 19.45 -38.89 -29.13
N ASP K 357 20.02 -39.28 -27.99
CA ASP K 357 21.30 -40.05 -27.96
C ASP K 357 21.25 -41.03 -26.79
N ARG K 358 20.88 -42.29 -27.05
CA ARG K 358 20.73 -43.27 -25.94
C ARG K 358 22.09 -43.56 -25.30
N SER K 359 23.17 -43.37 -26.04
CA SER K 359 24.53 -43.59 -25.48
C SER K 359 24.76 -42.64 -24.29
N ARG K 360 24.27 -41.41 -24.39
CA ARG K 360 24.49 -40.40 -23.31
C ARG K 360 23.24 -40.29 -22.44
N GLY K 361 22.22 -41.10 -22.69
CA GLY K 361 21.02 -41.12 -21.83
C GLY K 361 19.94 -40.17 -22.30
N ILE K 362 20.09 -39.61 -23.51
CA ILE K 362 19.03 -38.73 -24.07
C ILE K 362 17.99 -39.63 -24.75
N TYR K 363 16.82 -39.80 -24.13
CA TYR K 363 15.78 -40.71 -24.67
C TYR K 363 14.91 -39.96 -25.68
N PHE K 364 14.98 -38.63 -25.69
CA PHE K 364 14.12 -37.82 -26.58
C PHE K 364 14.84 -36.57 -27.08
N THR K 365 14.51 -36.12 -28.31
CA THR K 365 15.05 -34.85 -28.79
C THR K 365 14.38 -33.72 -28.01
N GLN K 366 15.19 -32.83 -27.47
CA GLN K 366 14.71 -31.74 -26.63
C GLN K 366 14.96 -30.41 -27.32
N ASP K 367 13.88 -29.75 -27.74
CA ASP K 367 13.95 -28.40 -28.28
C ASP K 367 13.60 -27.43 -27.15
N TRP K 368 14.49 -26.47 -26.90
CA TRP K 368 14.32 -25.53 -25.82
C TRP K 368 13.75 -24.20 -26.28
N VAL K 369 13.48 -24.05 -27.58
CA VAL K 369 12.97 -22.83 -28.23
C VAL K 369 13.47 -21.57 -27.54
N SER K 370 14.79 -21.40 -27.49
CA SER K 370 15.46 -20.19 -27.07
C SER K 370 15.30 -19.88 -25.59
N LEU K 371 14.97 -20.88 -24.79
CA LEU K 371 15.01 -20.72 -23.34
C LEU K 371 16.47 -20.55 -22.89
N PRO K 372 16.75 -19.63 -21.97
CA PRO K 372 18.14 -19.44 -21.54
C PRO K 372 18.72 -20.71 -20.93
N GLY K 373 19.99 -20.96 -21.23
CA GLY K 373 20.65 -22.12 -20.69
C GLY K 373 21.10 -21.93 -19.25
N THR K 374 21.34 -23.05 -18.59
CA THR K 374 21.80 -23.08 -17.20
C THR K 374 23.26 -23.49 -17.17
N MET K 375 24.06 -22.78 -16.38
CA MET K 375 25.49 -23.07 -16.30
C MET K 375 25.73 -24.20 -15.31
N PRO K 376 26.32 -25.31 -15.73
CA PRO K 376 26.63 -26.38 -14.78
C PRO K 376 27.77 -26.00 -13.86
N VAL K 377 27.63 -26.39 -12.58
CA VAL K 377 28.67 -26.09 -11.57
C VAL K 377 29.23 -27.41 -11.03
N ALA K 378 30.49 -27.73 -11.34
CA ALA K 378 31.14 -28.93 -10.84
C ALA K 378 31.91 -28.56 -9.58
N SER K 379 31.54 -29.21 -8.46
CA SER K 379 32.16 -28.85 -7.16
C SER K 379 32.93 -30.04 -6.59
N GLY K 380 33.52 -29.86 -5.40
CA GLY K 380 34.24 -30.96 -4.74
C GLY K 380 35.72 -30.70 -4.64
N GLY K 381 36.53 -31.77 -4.63
CA GLY K 381 37.96 -31.65 -4.49
C GLY K 381 38.67 -31.38 -5.80
N ILE K 382 38.55 -30.15 -6.31
CA ILE K 382 39.21 -29.78 -7.59
C ILE K 382 40.69 -29.46 -7.31
N HIS K 383 41.56 -30.47 -7.40
CA HIS K 383 42.96 -30.23 -7.18
C HIS K 383 43.59 -29.58 -8.41
N VAL K 384 44.74 -28.94 -8.21
CA VAL K 384 45.32 -28.12 -9.26
C VAL K 384 45.67 -28.96 -10.49
N TRP K 385 46.28 -30.12 -10.29
CA TRP K 385 46.64 -30.97 -11.41
C TRP K 385 45.44 -31.66 -12.05
N HIS K 386 44.25 -31.56 -11.46
CA HIS K 386 43.05 -32.11 -12.07
C HIS K 386 42.27 -31.07 -12.88
N MET K 387 42.72 -29.83 -12.88
CA MET K 387 42.06 -28.80 -13.68
C MET K 387 42.03 -29.09 -15.18
N PRO K 388 43.11 -29.58 -15.81
CA PRO K 388 43.02 -29.84 -17.27
C PRO K 388 41.91 -30.80 -17.65
N ALA K 389 41.69 -31.85 -16.87
CA ALA K 389 40.66 -32.82 -17.20
C ALA K 389 39.28 -32.18 -17.19
N LEU K 390 38.99 -31.39 -16.14
CA LEU K 390 37.67 -30.76 -16.06
C LEU K 390 37.50 -29.66 -17.10
N VAL K 391 38.57 -28.94 -17.42
CA VAL K 391 38.48 -27.94 -18.48
C VAL K 391 38.19 -28.61 -19.82
N GLU K 392 38.82 -29.76 -20.07
CA GLU K 392 38.52 -30.49 -21.30
C GLU K 392 37.09 -31.01 -21.32
N ILE K 393 36.62 -31.55 -20.19
CA ILE K 393 35.26 -32.18 -20.16
C ILE K 393 34.16 -31.12 -20.25
N PHE K 394 34.32 -29.99 -19.54
CA PHE K 394 33.24 -29.02 -19.46
C PHE K 394 33.38 -27.88 -20.45
N GLY K 395 34.60 -27.45 -20.74
CA GLY K 395 34.80 -26.30 -21.61
C GLY K 395 34.80 -24.99 -20.85
N ASP K 396 34.34 -23.93 -21.49
CA ASP K 396 34.32 -22.62 -20.86
C ASP K 396 33.02 -22.32 -20.13
N ASP K 397 31.92 -22.92 -20.54
CA ASP K 397 30.61 -22.59 -19.98
C ASP K 397 30.30 -23.46 -18.77
N ALA K 398 31.13 -23.31 -17.73
CA ALA K 398 30.92 -24.03 -16.48
C ALA K 398 31.65 -23.30 -15.37
N CYS K 399 31.20 -23.55 -14.15
CA CYS K 399 31.85 -23.03 -12.95
C CYS K 399 32.45 -24.18 -12.17
N LEU K 400 33.77 -24.09 -11.96
CA LEU K 400 34.49 -25.10 -11.14
C LEU K 400 34.47 -24.59 -9.70
N GLN K 401 33.98 -25.40 -8.78
CA GLN K 401 33.80 -24.99 -7.40
C GLN K 401 34.76 -25.75 -6.48
N PHE K 402 35.50 -25.01 -5.67
CA PHE K 402 36.40 -25.61 -4.69
C PHE K 402 35.66 -25.73 -3.34
N GLY K 403 34.70 -26.65 -3.34
CA GLY K 403 33.88 -26.88 -2.16
C GLY K 403 34.63 -27.40 -0.97
N GLY K 404 35.87 -27.87 -1.18
CA GLY K 404 36.72 -28.22 -0.06
C GLY K 404 37.23 -27.04 0.72
N GLY K 405 36.95 -25.81 0.26
CA GLY K 405 37.43 -24.64 0.96
C GLY K 405 38.89 -24.32 0.71
N THR K 406 39.50 -25.04 -0.24
CA THR K 406 40.94 -24.89 -0.54
C THR K 406 41.74 -25.07 0.75
N LEU K 407 42.44 -24.01 1.20
CA LEU K 407 43.22 -24.05 2.47
C LEU K 407 44.42 -25.00 2.38
N GLY K 408 44.53 -25.77 1.30
CA GLY K 408 45.67 -26.65 1.13
C GLY K 408 46.93 -25.93 0.74
N HIS K 409 46.81 -24.66 0.35
CA HIS K 409 48.00 -23.85 -0.02
C HIS K 409 48.69 -23.37 1.26
N PRO K 410 49.97 -23.70 1.50
CA PRO K 410 50.65 -23.32 2.75
C PRO K 410 50.70 -21.82 3.01
N TRP K 411 50.56 -20.99 1.97
CA TRP K 411 50.72 -19.56 2.16
C TRP K 411 49.46 -18.91 2.70
N GLY K 412 48.30 -19.26 2.16
CA GLY K 412 47.06 -18.70 2.64
C GLY K 412 45.92 -18.94 1.65
N ASN K 413 44.78 -18.34 1.96
CA ASN K 413 43.60 -18.46 1.11
C ASN K 413 43.79 -17.71 -0.20
N ALA K 414 44.24 -16.46 -0.11
CA ALA K 414 44.42 -15.61 -1.32
C ALA K 414 45.41 -16.23 -2.31
N PRO K 415 46.67 -16.61 -1.93
CA PRO K 415 47.59 -17.25 -2.89
C PRO K 415 47.03 -18.57 -3.45
N GLY K 416 46.31 -19.33 -2.62
CA GLY K 416 45.69 -20.58 -3.12
C GLY K 416 44.68 -20.26 -4.21
N ALA K 417 43.88 -19.22 -4.02
CA ALA K 417 42.91 -18.80 -5.05
C ALA K 417 43.68 -18.39 -6.31
N ALA K 418 44.77 -17.64 -6.14
CA ALA K 418 45.59 -17.18 -7.30
C ALA K 418 46.14 -18.40 -8.04
N ALA K 419 46.70 -19.36 -7.31
CA ALA K 419 47.25 -20.58 -7.94
C ALA K 419 46.15 -21.22 -8.79
N ASN K 420 44.96 -21.40 -8.22
CA ASN K 420 43.83 -22.01 -8.97
C ASN K 420 43.55 -21.16 -10.21
N ARG K 421 43.46 -19.84 -10.06
CA ARG K 421 43.16 -19.01 -11.22
C ARG K 421 44.26 -19.11 -12.28
N VAL K 422 45.52 -19.14 -11.84
CA VAL K 422 46.62 -19.28 -12.78
C VAL K 422 46.55 -20.61 -13.50
N ALA K 423 46.24 -21.68 -12.78
CA ALA K 423 46.14 -23.00 -13.40
C ALA K 423 45.01 -23.04 -14.41
N LEU K 424 43.85 -22.49 -14.05
CA LEU K 424 42.73 -22.50 -14.99
C LEU K 424 43.05 -21.69 -16.24
N GLU K 425 43.64 -20.51 -16.07
CA GLU K 425 43.96 -19.69 -17.23
C GLU K 425 45.01 -20.36 -18.11
N ALA K 426 46.02 -21.00 -17.50
CA ALA K 426 47.03 -21.70 -18.28
C ALA K 426 46.44 -22.86 -19.06
N CYS K 427 45.54 -23.62 -18.42
CA CYS K 427 44.89 -24.73 -19.13
C CYS K 427 44.04 -24.21 -20.29
N THR K 428 43.30 -23.12 -20.05
CA THR K 428 42.49 -22.55 -21.12
C THR K 428 43.34 -22.07 -22.28
N GLN K 429 44.46 -21.39 -21.97
CA GLN K 429 45.34 -20.92 -23.03
C GLN K 429 45.93 -22.08 -23.81
N ALA K 430 46.33 -23.15 -23.13
CA ALA K 430 46.86 -24.32 -23.82
C ALA K 430 45.80 -24.95 -24.72
N ARG K 431 44.56 -25.06 -24.23
CA ARG K 431 43.50 -25.63 -25.05
C ARG K 431 43.22 -24.78 -26.27
N ASN K 432 43.27 -23.45 -26.12
CA ASN K 432 43.04 -22.58 -27.25
C ASN K 432 44.14 -22.68 -28.30
N GLU K 433 45.34 -23.11 -27.91
CA GLU K 433 46.45 -23.23 -28.86
C GLU K 433 46.40 -24.51 -29.67
N GLY K 434 45.46 -25.41 -29.39
CA GLY K 434 45.39 -26.68 -30.06
C GLY K 434 45.99 -27.85 -29.31
N ARG K 435 46.39 -27.64 -28.06
CA ARG K 435 46.94 -28.72 -27.26
C ARG K 435 45.85 -29.71 -26.85
N ASP K 436 46.26 -30.96 -26.63
CA ASP K 436 45.37 -32.01 -26.16
C ASP K 436 45.50 -32.08 -24.64
N LEU K 437 44.51 -31.53 -23.92
CA LEU K 437 44.64 -31.39 -22.47
C LEU K 437 44.74 -32.74 -21.78
N ALA K 438 43.96 -33.72 -22.24
CA ALA K 438 43.97 -35.04 -21.61
C ALA K 438 45.34 -35.71 -21.70
N ARG K 439 46.21 -35.26 -22.60
CA ARG K 439 47.54 -35.83 -22.74
C ARG K 439 48.66 -34.92 -22.26
N GLU K 440 48.44 -33.60 -22.20
CA GLU K 440 49.50 -32.66 -21.83
C GLU K 440 49.12 -31.80 -20.64
N GLY K 441 48.16 -32.25 -19.82
CA GLY K 441 47.75 -31.45 -18.67
C GLY K 441 48.88 -31.25 -17.67
N GLY K 442 49.62 -32.32 -17.39
CA GLY K 442 50.75 -32.19 -16.48
C GLY K 442 51.83 -31.27 -17.02
N ASP K 443 52.12 -31.37 -18.31
CA ASP K 443 53.11 -30.48 -18.91
C ASP K 443 52.67 -29.02 -18.82
N VAL K 444 51.39 -28.75 -19.10
CA VAL K 444 50.88 -27.39 -19.02
C VAL K 444 50.94 -26.87 -17.58
N ILE K 445 50.56 -27.73 -16.62
CA ILE K 445 50.60 -27.31 -15.22
C ILE K 445 52.03 -27.00 -14.79
N ARG K 446 52.97 -27.85 -15.18
CA ARG K 446 54.39 -27.64 -14.82
C ARG K 446 54.87 -26.32 -15.45
N ALA K 447 54.57 -26.11 -16.73
CA ALA K 447 55.05 -24.92 -17.42
C ALA K 447 54.49 -23.66 -16.77
N ALA K 448 53.23 -23.71 -16.34
CA ALA K 448 52.63 -22.56 -15.63
C ALA K 448 53.33 -22.39 -14.28
N CYS K 449 53.63 -23.50 -13.61
CA CYS K 449 54.27 -23.45 -12.30
C CYS K 449 55.68 -22.89 -12.39
N LYS K 450 56.32 -23.03 -13.55
CA LYS K 450 57.72 -22.57 -13.72
C LYS K 450 57.81 -21.06 -13.48
N TRP K 451 56.73 -20.32 -13.74
CA TRP K 451 56.77 -18.83 -13.61
C TRP K 451 55.84 -18.34 -12.49
N SER K 452 55.04 -19.22 -11.89
CA SER K 452 54.09 -18.79 -10.87
C SER K 452 54.56 -19.26 -9.50
N PRO K 453 55.09 -18.36 -8.66
CA PRO K 453 55.44 -18.77 -7.30
C PRO K 453 54.26 -19.28 -6.50
N GLU K 454 53.07 -18.71 -6.71
CA GLU K 454 51.89 -19.16 -5.99
C GLU K 454 51.52 -20.58 -6.39
N LEU K 455 51.58 -20.89 -7.69
CA LEU K 455 51.31 -22.24 -8.14
C LEU K 455 52.41 -23.22 -7.75
N ALA K 456 53.64 -22.72 -7.57
CA ALA K 456 54.72 -23.59 -7.14
C ALA K 456 54.46 -24.18 -5.76
N ALA K 457 53.97 -23.34 -4.83
CA ALA K 457 53.60 -23.84 -3.51
C ALA K 457 52.33 -24.66 -3.53
N ALA K 458 51.56 -24.58 -4.62
CA ALA K 458 50.31 -25.35 -4.74
C ALA K 458 50.59 -26.69 -5.43
N CYS K 459 51.47 -26.71 -6.42
CA CYS K 459 51.76 -27.92 -7.18
C CYS K 459 52.51 -28.94 -6.33
N GLU K 460 53.10 -28.53 -5.21
CA GLU K 460 53.78 -29.48 -4.34
C GLU K 460 52.79 -30.17 -3.42
N GLN L 45 54.22 -16.63 1.49
CA GLN L 45 54.19 -15.31 0.80
C GLN L 45 52.79 -14.72 0.91
N VAL L 46 52.65 -13.41 0.68
CA VAL L 46 51.34 -12.75 0.86
C VAL L 46 50.91 -12.06 -0.44
N TRP L 47 49.74 -12.42 -0.97
CA TRP L 47 49.21 -11.74 -2.18
C TRP L 47 49.19 -10.23 -1.92
N THR L 48 49.86 -9.45 -2.76
CA THR L 48 49.95 -7.98 -2.52
C THR L 48 48.62 -7.31 -2.84
N PRO L 49 48.04 -6.46 -1.96
CA PRO L 49 46.81 -5.74 -2.29
C PRO L 49 47.13 -4.33 -2.84
N LEU L 50 48.41 -4.06 -3.11
CA LEU L 50 48.82 -2.71 -3.57
C LEU L 50 49.16 -2.75 -5.06
N ASN L 51 48.52 -1.91 -5.87
CA ASN L 51 48.82 -1.83 -7.32
C ASN L 51 48.83 -3.25 -7.91
N ASN L 52 47.77 -4.03 -7.65
CA ASN L 52 47.68 -5.40 -8.24
C ASN L 52 46.33 -5.52 -8.95
N LYS L 53 46.11 -4.70 -9.99
CA LYS L 53 44.83 -4.75 -10.75
C LYS L 53 44.89 -5.86 -11.79
N PHE L 54 43.73 -6.41 -12.18
CA PHE L 54 43.69 -7.47 -13.17
C PHE L 54 42.56 -7.22 -14.15
N PHE L 55 42.66 -7.82 -15.33
CA PHE L 55 41.67 -7.55 -16.41
C PHE L 55 41.05 -8.85 -16.92
N GLU L 56 40.45 -9.65 -16.04
CA GLU L 56 39.71 -10.87 -16.45
C GLU L 56 40.57 -11.92 -17.15
N THR L 57 40.14 -12.40 -18.33
CA THR L 57 40.82 -13.54 -19.00
C THR L 57 42.31 -13.33 -19.30
N PHE L 58 43.13 -14.36 -19.01
CA PHE L 58 44.55 -14.39 -19.32
C PHE L 58 45.31 -13.27 -18.64
N SER L 59 44.69 -12.55 -17.70
CA SER L 59 45.37 -11.47 -16.99
C SER L 59 46.33 -11.98 -15.93
N TYR L 60 46.16 -13.23 -15.48
CA TYR L 60 47.02 -13.81 -14.45
C TYR L 60 48.19 -14.58 -15.04
N LEU L 61 48.29 -14.67 -16.35
CA LEU L 61 49.47 -15.21 -17.01
C LEU L 61 50.48 -14.10 -17.26
N PRO L 62 51.78 -14.40 -17.50
CA PRO L 62 52.74 -13.35 -17.86
C PRO L 62 52.29 -12.63 -19.14
N PRO L 63 52.72 -11.38 -19.39
CA PRO L 63 52.28 -10.62 -20.56
C PRO L 63 52.49 -11.47 -21.83
N MET L 64 51.47 -11.56 -22.68
CA MET L 64 51.55 -12.45 -23.87
C MET L 64 52.44 -11.82 -24.94
N THR L 65 53.27 -12.63 -25.62
CA THR L 65 54.11 -12.12 -26.69
C THR L 65 53.31 -12.02 -27.98
N ASP L 66 53.96 -11.55 -29.04
CA ASP L 66 53.28 -11.42 -30.33
C ASP L 66 52.83 -12.77 -30.86
N ALA L 67 53.67 -13.80 -30.71
CA ALA L 67 53.28 -15.13 -31.18
C ALA L 67 52.10 -15.68 -30.39
N GLU L 68 52.07 -15.45 -29.08
CA GLU L 68 50.95 -15.95 -28.28
C GLU L 68 49.65 -15.23 -28.62
N ILE L 69 49.74 -13.91 -28.79
CA ILE L 69 48.53 -13.13 -29.21
C ILE L 69 48.08 -13.69 -30.56
N SER L 70 49.03 -13.89 -31.48
CA SER L 70 48.68 -14.39 -32.81
C SER L 70 47.99 -15.73 -32.72
N ARG L 71 48.47 -16.64 -31.86
CA ARG L 71 47.84 -17.94 -31.72
C ARG L 71 46.44 -17.82 -31.14
N GLN L 72 46.25 -16.91 -30.18
CA GLN L 72 44.91 -16.70 -29.62
C GLN L 72 43.96 -16.15 -30.68
N VAL L 73 44.42 -15.20 -31.49
CA VAL L 73 43.58 -14.66 -32.55
C VAL L 73 43.27 -15.72 -33.59
N ASP L 74 44.24 -16.58 -33.90
CA ASP L 74 43.98 -17.69 -34.81
C ASP L 74 42.96 -18.65 -34.25
N TYR L 75 42.98 -18.88 -32.93
CA TYR L 75 41.96 -19.71 -32.31
C TYR L 75 40.59 -19.07 -32.46
N ILE L 76 40.50 -17.75 -32.24
CA ILE L 76 39.23 -17.05 -32.40
C ILE L 76 38.73 -17.16 -33.84
N VAL L 77 39.63 -16.97 -34.80
CA VAL L 77 39.25 -17.01 -36.21
C VAL L 77 38.83 -18.42 -36.62
N SER L 78 39.53 -19.43 -36.08
CA SER L 78 39.24 -20.84 -36.44
C SER L 78 37.81 -21.19 -36.07
N ASN L 79 37.33 -20.73 -34.92
CA ASN L 79 35.98 -21.05 -34.48
C ASN L 79 34.92 -20.39 -35.33
N GLY L 80 35.30 -19.48 -36.23
CA GLY L 80 34.34 -18.74 -37.02
C GLY L 80 33.98 -17.39 -36.45
N TRP L 81 34.72 -16.90 -35.47
CA TRP L 81 34.38 -15.67 -34.77
C TRP L 81 35.21 -14.50 -35.31
N THR L 82 34.74 -13.30 -35.01
CA THR L 82 35.37 -12.08 -35.50
C THR L 82 36.19 -11.44 -34.37
N PRO L 83 37.49 -11.20 -34.57
CA PRO L 83 38.26 -10.50 -33.55
C PRO L 83 38.28 -8.99 -33.78
N CYS L 84 38.24 -8.25 -32.68
CA CYS L 84 38.34 -6.79 -32.70
C CYS L 84 39.18 -6.35 -31.51
N LEU L 85 39.44 -5.05 -31.48
CA LEU L 85 40.34 -4.51 -30.42
C LEU L 85 39.61 -3.45 -29.58
N GLU L 86 39.74 -3.57 -28.26
CA GLU L 86 39.18 -2.55 -27.35
C GLU L 86 40.35 -1.88 -26.64
N PHE L 87 40.21 -0.61 -26.28
CA PHE L 87 41.26 0.12 -25.58
C PHE L 87 40.62 1.10 -24.61
N ALA L 88 41.33 1.36 -23.52
CA ALA L 88 40.88 2.34 -22.53
C ALA L 88 42.07 2.84 -21.75
N GLY L 89 42.08 4.13 -21.46
CA GLY L 89 43.09 4.69 -20.59
C GLY L 89 42.86 4.29 -19.15
N ALA L 90 43.82 4.68 -18.30
CA ALA L 90 43.77 4.24 -16.91
C ALA L 90 42.58 4.81 -16.16
N GLU L 91 42.05 5.94 -16.61
CA GLU L 91 40.91 6.55 -15.93
C GLU L 91 39.60 5.83 -16.19
N SER L 92 39.51 5.05 -17.27
CA SER L 92 38.28 4.34 -17.60
C SER L 92 38.55 2.88 -17.90
N ALA L 93 39.52 2.28 -17.23
CA ALA L 93 39.87 0.88 -17.44
C ALA L 93 39.28 -0.05 -16.40
N TYR L 94 39.23 0.37 -15.14
CA TYR L 94 38.74 -0.45 -14.05
C TYR L 94 37.26 -0.18 -13.79
N THR L 95 36.57 -1.19 -13.26
CA THR L 95 35.17 -1.04 -12.93
C THR L 95 34.98 -0.01 -11.82
N SER L 96 33.86 0.69 -11.88
CA SER L 96 33.58 1.77 -10.93
C SER L 96 32.08 1.93 -10.76
N ASN L 97 31.70 2.64 -9.70
CA ASN L 97 30.31 2.92 -9.38
C ASN L 97 30.01 4.42 -9.49
N GLU L 98 30.56 5.08 -10.50
CA GLU L 98 30.45 6.53 -10.56
C GLU L 98 29.02 6.97 -10.88
N ASN L 99 28.32 6.22 -11.72
CA ASN L 99 26.98 6.59 -12.16
C ASN L 99 25.88 5.98 -11.31
N CYS L 100 26.22 5.17 -10.31
CA CYS L 100 25.21 4.62 -9.41
C CYS L 100 24.50 5.68 -8.61
N VAL L 101 25.08 6.89 -8.51
CA VAL L 101 24.45 7.99 -7.81
C VAL L 101 23.16 8.44 -8.49
N ARG L 102 22.98 8.13 -9.77
CA ARG L 102 21.80 8.54 -10.52
C ARG L 102 20.67 7.52 -10.48
N MET L 103 20.85 6.42 -9.76
CA MET L 103 19.92 5.31 -9.83
C MET L 103 19.21 5.06 -8.51
N GLN L 104 18.02 4.50 -8.64
CA GLN L 104 17.23 4.17 -7.43
C GLN L 104 16.88 2.69 -7.53
N ASN L 105 16.01 2.22 -6.64
CA ASN L 105 15.54 0.84 -6.62
C ASN L 105 16.68 -0.15 -6.39
N THR L 106 17.57 -0.30 -7.36
CA THR L 106 18.69 -1.21 -7.22
C THR L 106 19.78 -0.83 -8.21
N THR L 107 21.00 -1.29 -7.91
CA THR L 107 22.12 -1.18 -8.83
C THR L 107 22.74 -2.55 -9.12
N CYS L 108 21.99 -3.61 -8.88
CA CYS L 108 22.51 -4.97 -9.07
C CYS L 108 22.94 -5.19 -10.51
N LEU L 109 24.14 -5.74 -10.69
CA LEU L 109 24.68 -6.10 -12.04
C LEU L 109 24.98 -4.84 -12.88
N TYR L 110 25.00 -3.66 -12.28
CA TYR L 110 25.43 -2.47 -13.00
C TYR L 110 26.82 -2.07 -12.53
N TYR L 111 27.74 -1.94 -13.47
CA TYR L 111 29.08 -1.47 -13.19
C TYR L 111 29.54 -0.60 -14.35
N ASP L 112 30.27 0.45 -14.04
CA ASP L 112 30.81 1.34 -15.05
C ASP L 112 32.12 0.78 -15.60
N ASN L 113 32.49 1.28 -16.77
CA ASN L 113 33.71 0.92 -17.49
C ASN L 113 33.73 -0.53 -17.93
N ARG L 114 32.59 -1.22 -17.93
CA ARG L 114 32.54 -2.54 -18.56
C ARG L 114 32.76 -2.42 -20.05
N TYR L 115 32.22 -1.37 -20.66
CA TYR L 115 32.47 -1.06 -22.06
C TYR L 115 33.80 -0.34 -22.21
N TRP L 116 34.63 -0.81 -23.12
CA TRP L 116 35.79 -0.06 -23.58
C TRP L 116 35.45 0.56 -24.93
N THR L 117 36.47 1.15 -25.57
CA THR L 117 36.25 1.82 -26.87
C THR L 117 36.75 0.92 -28.00
N MET L 118 35.95 0.73 -29.05
CA MET L 118 36.34 -0.13 -30.18
C MET L 118 37.46 0.53 -30.98
N TRP L 119 38.42 -0.26 -31.46
CA TRP L 119 39.56 0.30 -32.24
C TRP L 119 39.34 0.03 -33.73
N CYS L 126 39.99 -7.62 -39.60
CA CYS L 126 39.53 -8.74 -38.79
C CYS L 126 39.43 -10.02 -39.62
N THR L 127 40.57 -10.47 -40.13
CA THR L 127 40.63 -11.65 -40.98
C THR L 127 41.54 -12.74 -40.45
N ASP L 128 42.65 -12.39 -39.81
CA ASP L 128 43.63 -13.37 -39.37
C ASP L 128 44.46 -12.77 -38.23
N GLY L 129 45.39 -13.58 -37.72
CA GLY L 129 46.20 -13.14 -36.61
C GLY L 129 47.14 -11.99 -36.96
N GLY L 130 47.72 -12.03 -38.15
CA GLY L 130 48.66 -10.98 -38.53
C GLY L 130 48.03 -9.61 -38.60
N GLN L 131 46.82 -9.53 -39.16
CA GLN L 131 46.15 -8.23 -39.26
C GLN L 131 45.80 -7.68 -37.88
N VAL L 132 45.33 -8.54 -36.98
CA VAL L 132 45.00 -8.09 -35.63
C VAL L 132 46.27 -7.68 -34.89
N LEU L 133 47.38 -8.37 -35.13
CA LEU L 133 48.64 -7.96 -34.53
C LEU L 133 49.08 -6.59 -35.04
N ARG L 134 48.95 -6.37 -36.35
CA ARG L 134 49.29 -5.05 -36.91
C ARG L 134 48.42 -3.97 -36.30
N GLU L 135 47.13 -4.25 -36.13
CA GLU L 135 46.24 -3.30 -35.48
C GLU L 135 46.61 -3.09 -34.01
N VAL L 136 47.12 -4.13 -33.35
CA VAL L 136 47.57 -3.99 -31.97
C VAL L 136 48.76 -3.02 -31.89
N GLN L 137 49.72 -3.18 -32.79
CA GLN L 137 50.83 -2.22 -32.85
C GLN L 137 50.36 -0.82 -33.18
N ALA L 138 49.40 -0.69 -34.11
CA ALA L 138 48.88 0.62 -34.44
C ALA L 138 48.20 1.28 -33.24
N CYS L 139 47.41 0.51 -32.49
CA CYS L 139 46.75 1.04 -31.31
C CYS L 139 47.78 1.41 -30.24
N ARG L 140 48.83 0.60 -30.10
CA ARG L 140 49.89 0.91 -29.16
C ARG L 140 50.55 2.24 -29.50
N ARG L 141 50.86 2.45 -30.78
CA ARG L 141 51.48 3.71 -31.18
C ARG L 141 50.53 4.89 -30.97
N ALA L 142 49.26 4.72 -31.32
CA ALA L 142 48.31 5.83 -31.22
C ALA L 142 47.99 6.18 -29.77
N PHE L 143 47.81 5.13 -28.95
CA PHE L 143 47.47 5.34 -27.51
C PHE L 143 48.45 4.53 -26.65
N PRO L 144 49.66 5.06 -26.35
CA PRO L 144 50.67 4.31 -25.60
C PRO L 144 50.31 4.10 -24.12
N ASP L 145 49.44 4.95 -23.57
CA ASP L 145 49.08 4.86 -22.13
C ASP L 145 47.72 4.18 -21.97
N ALA L 146 47.34 3.30 -22.90
CA ALA L 146 46.01 2.68 -22.86
C ALA L 146 46.12 1.15 -22.84
N TYR L 147 45.27 0.48 -22.03
CA TYR L 147 45.24 -1.00 -22.04
C TYR L 147 44.53 -1.44 -23.33
N ILE L 148 45.05 -2.47 -24.00
CA ILE L 148 44.38 -2.99 -25.24
C ILE L 148 43.78 -4.35 -24.93
N ARG L 149 42.55 -4.60 -25.39
CA ARG L 149 41.86 -5.89 -25.12
C ARG L 149 41.35 -6.48 -26.43
N VAL L 150 41.65 -7.75 -26.69
CA VAL L 150 41.17 -8.44 -27.88
C VAL L 150 39.81 -9.05 -27.55
N VAL L 151 38.81 -8.73 -28.35
CA VAL L 151 37.46 -9.24 -28.14
C VAL L 151 37.08 -10.13 -29.32
N GLY L 152 36.21 -11.09 -29.05
CA GLY L 152 35.71 -11.99 -30.07
C GLY L 152 34.19 -11.91 -30.13
N PHE L 153 33.66 -11.97 -31.35
CA PHE L 153 32.19 -11.85 -31.55
C PHE L 153 31.70 -13.00 -32.43
N ASP L 154 30.78 -13.82 -31.93
CA ASP L 154 30.17 -14.88 -32.78
C ASP L 154 29.24 -14.19 -33.77
N PRO L 155 29.47 -14.29 -35.10
CA PRO L 155 28.66 -13.57 -36.08
C PRO L 155 27.24 -14.13 -36.22
N VAL L 156 27.04 -15.39 -35.85
CA VAL L 156 25.70 -16.04 -36.00
C VAL L 156 24.84 -15.67 -34.79
N ARG L 157 25.34 -15.93 -33.58
CA ARG L 157 24.55 -15.68 -32.35
C ARG L 157 24.55 -14.18 -32.04
N GLN L 158 25.44 -13.41 -32.68
CA GLN L 158 25.54 -11.95 -32.40
C GLN L 158 25.78 -11.75 -30.90
N VAL L 159 26.73 -12.48 -30.32
CA VAL L 159 27.06 -12.33 -28.88
C VAL L 159 28.58 -12.23 -28.73
N GLN L 160 29.07 -11.60 -27.66
CA GLN L 160 30.54 -11.58 -27.45
C GLN L 160 30.97 -12.93 -26.88
N VAL L 161 31.99 -13.55 -27.48
CA VAL L 161 32.44 -14.87 -27.05
C VAL L 161 33.85 -14.86 -26.48
N SER L 162 34.57 -13.76 -26.67
CA SER L 162 35.99 -13.70 -26.22
C SER L 162 36.34 -12.32 -25.69
N GLY L 163 37.33 -12.22 -24.81
CA GLY L 163 37.76 -10.93 -24.25
C GLY L 163 38.98 -11.08 -23.35
N PHE L 164 40.17 -10.86 -23.90
CA PHE L 164 41.43 -11.00 -23.11
C PHE L 164 42.35 -9.78 -23.33
N LEU L 165 42.98 -9.30 -22.27
CA LEU L 165 43.90 -8.14 -22.36
C LEU L 165 45.18 -8.58 -23.08
N VAL L 166 45.72 -7.72 -23.95
CA VAL L 166 46.95 -8.07 -24.72
C VAL L 166 48.00 -6.98 -24.51
N ASN L 167 47.66 -5.90 -23.80
CA ASN L 167 48.61 -4.78 -23.62
C ASN L 167 48.40 -4.07 -22.29
N ARG L 168 49.48 -3.82 -21.55
CA ARG L 168 49.38 -3.05 -20.27
C ARG L 168 50.33 -1.85 -20.39
N PRO L 169 49.84 -0.59 -20.32
CA PRO L 169 50.71 0.57 -20.54
C PRO L 169 51.87 0.60 -19.54
N ALA L 170 53.10 0.66 -20.04
CA ALA L 170 54.28 0.73 -19.14
C ALA L 170 54.16 1.94 -18.22
N SER L 171 53.65 3.05 -18.75
CA SER L 171 53.51 4.31 -17.95
C SER L 171 52.66 4.04 -16.70
N VAL L 172 51.55 3.32 -16.85
CA VAL L 172 50.65 3.09 -15.68
C VAL L 172 51.26 1.99 -14.80
N ARG L 173 51.15 2.14 -13.48
CA ARG L 173 51.75 1.16 -12.54
C ARG L 173 50.68 0.68 -11.56
N ASP L 174 49.47 0.43 -12.06
CA ASP L 174 48.35 -0.04 -11.21
C ASP L 174 48.34 -1.57 -11.18
N TYR L 175 49.32 -2.20 -11.82
CA TYR L 175 49.34 -3.69 -11.90
C TYR L 175 50.72 -4.21 -11.47
N GLN L 176 50.78 -5.47 -11.05
CA GLN L 176 52.07 -6.08 -10.62
C GLN L 176 52.59 -7.01 -11.73
N GLY L 177 53.72 -7.69 -11.47
CA GLY L 177 54.27 -8.66 -12.44
C GLY L 177 54.16 -10.07 -11.88
N PRO L 178 54.31 -11.13 -12.69
CA PRO L 178 54.11 -12.50 -12.20
C PRO L 178 54.86 -12.80 -10.89
N SER L 179 56.05 -12.21 -10.70
CA SER L 179 56.86 -12.49 -9.49
C SER L 179 56.57 -11.47 -8.38
N THR L 180 56.02 -10.31 -8.73
CA THR L 180 55.77 -9.24 -7.72
C THR L 180 54.34 -9.31 -7.20
N ARG L 181 53.57 -10.31 -7.65
CA ARG L 181 52.15 -10.48 -7.21
C ARG L 181 52.13 -10.95 -5.75
N SER L 182 53.21 -11.59 -5.28
CA SER L 182 53.29 -12.03 -3.86
C SER L 182 54.50 -11.38 -3.19
N VAL L 183 54.35 -10.93 -1.94
CA VAL L 183 55.45 -10.24 -1.21
C VAL L 183 55.64 -10.90 0.16
N LEU M 22 -3.11 -29.57 51.23
CA LEU M 22 -2.85 -28.55 50.23
C LEU M 22 -2.60 -29.18 48.86
N THR M 23 -3.51 -28.91 47.93
CA THR M 23 -3.35 -29.45 46.58
C THR M 23 -2.26 -28.73 45.79
N TYR M 24 -1.83 -27.57 46.25
CA TYR M 24 -0.90 -26.72 45.52
C TYR M 24 0.50 -26.69 46.12
N TYR M 25 0.71 -27.35 47.25
CA TYR M 25 2.04 -27.52 47.83
C TYR M 25 2.41 -28.99 47.66
N THR M 26 3.38 -29.27 46.80
CA THR M 26 3.80 -30.62 46.48
C THR M 26 5.31 -30.73 46.66
N PRO M 27 5.77 -30.90 47.90
CA PRO M 27 7.23 -30.94 48.15
C PRO M 27 7.93 -32.11 47.50
N ASP M 28 7.21 -33.13 47.04
CA ASP M 28 7.82 -34.26 46.35
C ASP M 28 7.84 -34.07 44.84
N TYR M 29 7.35 -32.94 44.33
CA TYR M 29 7.29 -32.74 42.90
C TYR M 29 8.68 -32.41 42.35
N GLN M 30 9.00 -33.03 41.20
CA GLN M 30 10.25 -32.76 40.52
C GLN M 30 9.97 -31.87 39.32
N PRO M 31 10.47 -30.64 39.27
CA PRO M 31 10.14 -29.75 38.16
C PRO M 31 10.60 -30.32 36.83
N LYS M 32 9.77 -30.11 35.80
CA LYS M 32 10.05 -30.61 34.48
C LYS M 32 11.10 -29.75 33.78
N ASP M 33 11.63 -30.25 32.66
CA ASP M 33 12.67 -29.49 31.91
C ASP M 33 12.03 -28.29 31.19
N THR M 34 10.70 -28.27 31.11
CA THR M 34 10.02 -27.19 30.42
C THR M 34 9.26 -26.26 31.36
N ASP M 35 9.31 -26.51 32.66
CA ASP M 35 8.63 -25.64 33.62
C ASP M 35 9.32 -24.29 33.73
N ILE M 36 8.52 -23.25 33.91
CA ILE M 36 9.02 -21.94 34.29
C ILE M 36 9.02 -21.89 35.81
N LEU M 37 10.17 -21.60 36.41
CA LEU M 37 10.33 -21.65 37.85
C LEU M 37 10.54 -20.24 38.39
N ALA M 38 9.87 -19.94 39.50
CA ALA M 38 10.00 -18.66 40.19
C ALA M 38 10.43 -18.92 41.62
N ALA M 39 11.28 -18.05 42.15
CA ALA M 39 11.72 -18.12 43.54
C ALA M 39 11.23 -16.87 44.23
N PHE M 40 10.19 -17.02 45.04
CA PHE M 40 9.58 -15.91 45.76
C PHE M 40 10.13 -15.83 47.18
N ARG M 41 10.55 -14.64 47.58
CA ARG M 41 10.89 -14.37 48.97
C ARG M 41 9.66 -13.75 49.62
N MET M 42 9.03 -14.52 50.51
CA MET M 42 7.75 -14.05 51.09
C MET M 42 7.78 -14.02 52.62
N THR M 43 7.13 -13.02 53.20
CA THR M 43 6.97 -12.92 54.65
C THR M 43 5.49 -13.01 54.97
N PRO M 44 5.00 -14.18 55.40
CA PRO M 44 3.56 -14.30 55.69
C PRO M 44 3.17 -13.60 56.97
N GLN M 45 1.88 -13.29 57.06
CA GLN M 45 1.35 -12.68 58.27
C GLN M 45 1.47 -13.68 59.43
N PRO M 46 1.63 -13.18 60.66
CA PRO M 46 1.75 -14.10 61.80
C PRO M 46 0.52 -14.99 61.94
N GLY M 47 0.76 -16.26 62.23
CA GLY M 47 -0.27 -17.26 62.28
C GLY M 47 -0.44 -18.04 60.99
N VAL M 48 0.05 -17.53 59.87
CA VAL M 48 -0.03 -18.21 58.58
C VAL M 48 1.22 -19.07 58.44
N PRO M 49 1.10 -20.39 58.35
CA PRO M 49 2.29 -21.22 58.14
C PRO M 49 2.88 -20.97 56.76
N PRO M 50 4.20 -21.14 56.61
CA PRO M 50 4.81 -20.91 55.30
C PRO M 50 4.26 -21.80 54.19
N GLU M 51 3.88 -23.03 54.54
CA GLU M 51 3.35 -23.98 53.54
C GLU M 51 2.05 -23.42 52.95
N GLU M 52 1.18 -22.86 53.81
CA GLU M 52 -0.07 -22.29 53.35
C GLU M 52 0.16 -21.09 52.44
N ALA M 53 1.12 -20.24 52.78
CA ALA M 53 1.40 -19.07 51.96
C ALA M 53 1.97 -19.46 50.60
N GLY M 54 2.90 -20.41 50.57
CA GLY M 54 3.40 -20.90 49.30
C GLY M 54 2.31 -21.54 48.47
N ALA M 55 1.40 -22.27 49.12
CA ALA M 55 0.27 -22.87 48.38
C ALA M 55 -0.56 -21.76 47.73
N ALA M 56 -0.79 -20.66 48.45
CA ALA M 56 -1.61 -19.55 47.91
C ALA M 56 -0.94 -18.93 46.68
N VAL M 57 0.37 -18.64 46.78
CA VAL M 57 1.12 -18.05 45.63
C VAL M 57 1.04 -19.03 44.45
N ALA M 58 1.22 -20.33 44.72
CA ALA M 58 1.15 -21.34 43.65
C ALA M 58 -0.24 -21.32 43.01
N ALA M 59 -1.30 -21.22 43.82
CA ALA M 59 -2.69 -21.21 43.30
C ALA M 59 -2.92 -19.93 42.50
N ARG M 79 -3.38 -29.61 35.91
CA ARG M 79 -2.58 -29.72 34.67
C ARG M 79 -1.98 -28.35 34.34
N TYR M 80 -2.75 -27.27 34.55
CA TYR M 80 -2.27 -25.90 34.27
C TYR M 80 -2.13 -25.14 35.59
N LYS M 81 -2.05 -25.87 36.70
CA LYS M 81 -1.99 -25.21 38.02
C LYS M 81 -0.54 -24.98 38.42
N GLY M 82 -0.21 -23.79 38.92
CA GLY M 82 1.14 -23.56 39.44
C GLY M 82 1.26 -24.27 40.78
N ARG M 83 2.43 -24.82 41.10
CA ARG M 83 2.52 -25.58 42.33
C ARG M 83 3.80 -25.20 43.07
N CYS M 84 3.71 -25.16 44.39
CA CYS M 84 4.86 -24.90 45.25
C CYS M 84 5.53 -26.25 45.52
N TYR M 85 6.76 -26.42 45.03
CA TYR M 85 7.44 -27.73 45.16
C TYR M 85 8.56 -27.66 46.21
N ASP M 86 8.93 -26.45 46.65
CA ASP M 86 10.03 -26.32 47.59
C ASP M 86 9.86 -25.04 48.40
N ILE M 87 10.11 -25.14 49.69
CA ILE M 87 10.11 -23.99 50.58
C ILE M 87 11.33 -24.10 51.49
N GLU M 88 12.15 -23.04 51.50
CA GLU M 88 13.32 -23.02 52.40
C GLU M 88 13.24 -21.75 53.25
N PRO M 89 13.47 -21.81 54.58
CA PRO M 89 13.51 -20.59 55.39
C PRO M 89 14.77 -19.80 55.11
N VAL M 90 14.66 -18.48 55.31
CA VAL M 90 15.79 -17.57 55.12
C VAL M 90 16.57 -17.52 56.43
N PRO M 91 17.83 -17.97 56.45
CA PRO M 91 18.63 -17.92 57.68
C PRO M 91 19.18 -16.52 57.91
N GLY M 92 18.60 -15.81 58.87
CA GLY M 92 19.02 -14.44 59.13
C GLY M 92 17.86 -13.48 59.24
N GLU M 93 16.70 -13.88 58.73
CA GLU M 93 15.49 -13.07 58.77
C GLU M 93 14.37 -13.87 59.43
N GLU M 94 13.58 -13.20 60.26
CA GLU M 94 12.50 -13.87 60.97
C GLU M 94 11.28 -14.02 60.07
N ASN M 95 10.67 -15.20 60.11
CA ASN M 95 9.47 -15.51 59.33
C ASN M 95 9.65 -15.19 57.85
N GLN M 96 10.80 -15.56 57.30
CA GLN M 96 11.10 -15.32 55.89
C GLN M 96 11.44 -16.63 55.21
N TYR M 97 10.75 -16.91 54.11
CA TYR M 97 10.94 -18.15 53.37
C TYR M 97 11.09 -17.85 51.90
N ILE M 98 11.80 -18.74 51.21
CA ILE M 98 11.89 -18.73 49.75
C ILE M 98 10.97 -19.82 49.22
N ALA M 99 9.99 -19.42 48.42
CA ALA M 99 9.01 -20.39 47.87
C ALA M 99 9.31 -20.63 46.39
N TYR M 100 9.50 -21.88 45.99
CA TYR M 100 9.82 -22.22 44.58
C TYR M 100 8.54 -22.67 43.88
N ILE M 101 8.14 -21.97 42.82
CA ILE M 101 6.87 -22.30 42.11
C ILE M 101 7.19 -22.84 40.72
N ALA M 102 6.46 -23.87 40.28
CA ALA M 102 6.65 -24.45 38.95
C ALA M 102 5.41 -24.20 38.12
N TYR M 103 5.58 -23.54 36.98
CA TYR M 103 4.48 -23.27 36.07
C TYR M 103 4.64 -24.10 34.81
N PRO M 104 3.57 -24.75 34.33
CA PRO M 104 3.68 -25.49 33.07
C PRO M 104 3.94 -24.56 31.90
N LEU M 105 4.66 -25.09 30.90
CA LEU M 105 5.03 -24.29 29.74
C LEU M 105 3.81 -23.85 28.94
N ASP M 106 2.72 -24.62 28.98
CA ASP M 106 1.49 -24.34 28.20
C ASP M 106 0.79 -23.08 28.69
N LEU M 107 1.20 -22.53 29.84
CA LEU M 107 0.48 -21.41 30.43
C LEU M 107 0.75 -20.09 29.73
N PHE M 108 1.85 -19.98 29.00
CA PHE M 108 2.32 -18.70 28.51
C PHE M 108 2.26 -18.62 26.99
N GLU M 109 2.19 -17.38 26.51
CA GLU M 109 2.17 -17.13 25.05
C GLU M 109 3.61 -17.08 24.55
N GLU M 110 3.90 -17.73 23.42
CA GLU M 110 5.23 -17.78 22.87
C GLU M 110 5.76 -16.38 22.59
N GLY M 111 6.99 -16.12 23.04
CA GLY M 111 7.67 -14.87 22.75
C GLY M 111 7.00 -13.64 23.30
N SER M 112 6.35 -13.74 24.46
CA SER M 112 5.60 -12.62 25.04
C SER M 112 6.06 -12.41 26.48
N VAL M 113 6.92 -11.42 26.69
CA VAL M 113 7.31 -11.02 28.04
C VAL M 113 6.11 -10.44 28.78
N THR M 114 5.25 -9.71 28.06
CA THR M 114 4.04 -9.15 28.67
C THR M 114 3.21 -10.24 29.33
N ASN M 115 2.96 -11.33 28.60
CA ASN M 115 2.14 -12.44 29.14
C ASN M 115 2.88 -13.09 30.33
N LEU M 116 4.18 -13.29 30.20
CA LEU M 116 4.93 -13.92 31.28
C LEU M 116 4.77 -13.11 32.58
N PHE M 117 4.93 -11.79 32.49
CA PHE M 117 4.76 -10.96 33.68
C PHE M 117 3.32 -10.92 34.15
N THR M 118 2.36 -10.95 33.23
CA THR M 118 0.96 -11.01 33.62
C THR M 118 0.66 -12.29 34.40
N SER M 119 1.22 -13.42 33.95
CA SER M 119 0.93 -14.68 34.60
C SER M 119 1.63 -14.78 35.95
N ILE M 120 2.91 -14.44 36.00
CA ILE M 120 3.69 -14.69 37.22
C ILE M 120 3.36 -13.68 38.30
N VAL M 121 3.41 -12.39 37.95
CA VAL M 121 3.24 -11.34 39.00
C VAL M 121 2.03 -10.46 38.71
N GLY M 122 1.04 -10.96 37.98
CA GLY M 122 -0.19 -10.18 37.69
C GLY M 122 -0.90 -9.75 38.96
N ASN M 123 -1.51 -10.68 39.68
CA ASN M 123 -2.14 -10.33 40.95
C ASN M 123 -1.70 -11.35 41.99
N VAL M 124 -0.49 -11.14 42.52
CA VAL M 124 -0.01 -11.93 43.66
C VAL M 124 0.61 -11.07 44.74
N PHE M 125 0.95 -9.83 44.40
CA PHE M 125 1.56 -8.90 45.41
C PHE M 125 0.46 -8.26 46.24
N GLY M 126 -0.81 -8.46 45.88
CA GLY M 126 -1.94 -7.95 46.62
C GLY M 126 -2.59 -8.95 47.56
N PHE M 127 -1.95 -10.08 47.84
CA PHE M 127 -2.51 -11.04 48.77
C PHE M 127 -2.38 -10.54 50.20
N LYS M 128 -3.50 -10.54 50.92
CA LYS M 128 -3.51 -10.04 52.33
C LYS M 128 -2.72 -11.00 53.22
N ALA M 129 -2.67 -12.30 52.86
CA ALA M 129 -2.00 -13.27 53.71
C ALA M 129 -0.49 -13.08 53.75
N LEU M 130 0.07 -12.23 52.91
CA LEU M 130 1.50 -12.01 52.84
C LEU M 130 1.80 -10.59 53.30
N ARG M 131 2.62 -10.48 54.35
CA ARG M 131 3.08 -9.16 54.78
C ARG M 131 3.94 -8.52 53.71
N ALA M 132 4.86 -9.28 53.12
CA ALA M 132 5.69 -8.79 52.04
C ALA M 132 5.98 -9.95 51.08
N LEU M 133 6.18 -9.61 49.81
CA LEU M 133 6.47 -10.60 48.79
C LEU M 133 7.46 -10.02 47.79
N ARG M 134 8.48 -10.81 47.43
CA ARG M 134 9.51 -10.33 46.50
C ARG M 134 9.94 -11.44 45.53
N LEU M 135 9.71 -11.25 44.23
CA LEU M 135 10.18 -12.19 43.24
C LEU M 135 11.69 -12.02 43.08
N GLU M 136 12.44 -13.09 43.35
CA GLU M 136 13.89 -13.03 43.34
C GLU M 136 14.50 -13.50 42.04
N ASP M 137 13.99 -14.58 41.46
CA ASP M 137 14.60 -15.15 40.27
C ASP M 137 13.54 -15.85 39.44
N LEU M 138 13.87 -16.08 38.17
CA LEU M 138 13.06 -16.87 37.26
C LEU M 138 13.95 -17.89 36.55
N ARG M 139 13.38 -19.03 36.24
CA ARG M 139 14.04 -20.02 35.39
C ARG M 139 13.26 -20.11 34.09
N ILE M 140 13.84 -19.60 33.01
CA ILE M 140 13.24 -19.67 31.69
C ILE M 140 13.75 -20.94 31.01
N PRO M 141 12.90 -21.94 30.79
CA PRO M 141 13.37 -23.16 30.13
C PRO M 141 13.80 -22.88 28.71
N PRO M 142 14.80 -23.59 28.14
CA PRO M 142 15.18 -23.39 26.73
C PRO M 142 13.98 -23.40 25.79
N ALA M 143 13.03 -24.31 26.01
CA ALA M 143 11.84 -24.42 25.14
C ALA M 143 11.18 -23.04 25.02
N TYR M 144 11.02 -22.33 26.14
CA TYR M 144 10.45 -20.96 26.09
C TYR M 144 11.45 -19.99 25.48
N VAL M 145 12.74 -20.10 25.84
CA VAL M 145 13.71 -19.14 25.33
C VAL M 145 13.72 -19.14 23.81
N LYS M 146 13.60 -20.33 23.21
CA LYS M 146 13.67 -20.43 21.76
C LYS M 146 12.52 -19.71 21.06
N THR M 147 11.43 -19.40 21.76
CA THR M 147 10.32 -18.67 21.14
C THR M 147 10.56 -17.17 21.09
N PHE M 148 11.62 -16.67 21.69
CA PHE M 148 11.94 -15.25 21.70
C PHE M 148 13.04 -14.95 20.69
N GLN M 149 12.94 -13.78 20.05
CA GLN M 149 14.04 -13.33 19.19
C GLN M 149 15.27 -12.96 20.01
N GLY M 150 15.08 -12.29 21.13
CA GLY M 150 16.18 -11.83 21.93
C GLY M 150 16.72 -10.49 21.47
N PRO M 151 17.91 -10.12 21.93
CA PRO M 151 18.48 -8.85 21.52
C PRO M 151 18.73 -8.83 20.03
N PRO M 152 18.61 -7.67 19.40
CA PRO M 152 18.76 -7.61 17.94
C PRO M 152 20.11 -8.07 17.44
N HIS M 153 21.18 -7.71 18.14
CA HIS M 153 22.52 -8.06 17.62
C HIS M 153 23.26 -8.84 18.69
N GLY M 154 23.33 -8.29 19.90
CA GLY M 154 24.10 -8.93 20.97
C GLY M 154 25.46 -8.28 21.12
N ILE M 155 26.31 -8.82 21.99
CA ILE M 155 27.61 -8.20 22.27
C ILE M 155 28.59 -8.47 21.13
N GLN M 156 28.70 -9.71 20.68
CA GLN M 156 29.72 -10.04 19.68
C GLN M 156 29.41 -9.37 18.35
N VAL M 157 28.15 -9.40 17.94
CA VAL M 157 27.76 -8.74 16.67
C VAL M 157 27.98 -7.23 16.82
N GLU M 158 27.69 -6.67 17.99
CA GLU M 158 27.93 -5.22 18.21
C GLU M 158 29.42 -4.93 18.00
N ARG M 159 30.30 -5.70 18.66
CA ARG M 159 31.75 -5.49 18.55
C ARG M 159 32.18 -5.59 17.07
N ASP M 160 31.66 -6.59 16.35
CA ASP M 160 32.05 -6.76 14.95
C ASP M 160 31.58 -5.58 14.10
N LYS M 161 30.36 -5.10 14.35
CA LYS M 161 29.81 -3.97 13.55
C LYS M 161 30.60 -2.70 13.85
N LEU M 162 30.93 -2.46 15.12
CA LEU M 162 31.66 -1.25 15.52
C LEU M 162 33.16 -1.40 15.37
N ASN M 163 33.65 -2.63 15.15
CA ASN M 163 35.10 -2.87 14.92
C ASN M 163 35.92 -2.42 16.15
N LYS M 164 35.38 -2.62 17.35
CA LYS M 164 36.07 -2.28 18.59
C LYS M 164 36.22 -3.54 19.43
N TYR M 165 37.47 -3.88 19.76
CA TYR M 165 37.77 -5.12 20.46
C TYR M 165 38.70 -4.86 21.62
N GLY M 166 38.61 -5.72 22.64
CA GLY M 166 39.59 -5.74 23.69
C GLY M 166 39.47 -4.65 24.73
N ARG M 167 38.38 -3.92 24.75
CA ARG M 167 38.24 -2.82 25.70
C ARG M 167 36.77 -2.52 25.90
N GLY M 168 36.47 -1.90 27.04
CA GLY M 168 35.12 -1.44 27.27
C GLY M 168 34.77 -0.25 26.40
N LEU M 169 33.48 -0.03 26.23
CA LEU M 169 33.00 1.11 25.48
C LEU M 169 32.75 2.29 26.41
N LEU M 170 32.78 3.49 25.84
CA LEU M 170 32.66 4.72 26.61
C LEU M 170 31.49 5.55 26.07
N GLY M 171 30.74 6.16 26.99
CA GLY M 171 29.62 6.98 26.60
C GLY M 171 29.46 8.16 27.54
N CYS M 172 28.76 9.18 27.05
CA CYS M 172 28.48 10.38 27.83
C CYS M 172 27.01 10.76 27.65
N THR M 173 26.43 11.34 28.71
CA THR M 173 25.04 11.86 28.61
C THR M 173 25.12 13.36 28.38
N ILE M 174 24.64 13.85 27.24
CA ILE M 174 24.77 15.29 26.90
C ILE M 174 24.12 16.13 28.01
N LYS M 175 24.87 17.07 28.58
CA LYS M 175 24.36 17.90 29.69
C LYS M 175 24.55 19.38 29.34
N PRO M 176 23.53 20.26 29.48
CA PRO M 176 22.49 20.12 30.50
C PRO M 176 21.39 19.11 30.12
N LYS M 177 20.66 18.60 31.12
CA LYS M 177 19.61 17.59 30.85
C LYS M 177 18.59 18.13 29.83
N LEU M 178 18.06 19.33 30.07
CA LEU M 178 16.99 19.87 29.19
C LEU M 178 17.23 21.35 28.89
N GLY M 179 16.45 21.93 27.97
CA GLY M 179 16.57 23.35 27.63
C GLY M 179 17.46 23.60 26.43
N LEU M 180 18.37 22.67 26.13
CA LEU M 180 19.33 22.87 25.03
C LEU M 180 18.62 22.77 23.67
N SER M 181 18.98 23.63 22.72
CA SER M 181 18.39 23.54 21.35
C SER M 181 19.02 22.37 20.61
N ALA M 182 18.34 21.87 19.58
CA ALA M 182 18.86 20.73 18.77
C ALA M 182 20.27 21.06 18.25
N LYS M 183 20.47 22.30 17.78
CA LYS M 183 21.81 22.72 17.27
C LYS M 183 22.84 22.58 18.39
N ASN M 184 22.55 23.15 19.57
CA ASN M 184 23.52 23.09 20.67
C ASN M 184 23.70 21.67 21.18
N TYR M 185 22.61 20.89 21.14
CA TYR M 185 22.72 19.46 21.53
C TYR M 185 23.70 18.77 20.56
N GLY M 186 23.52 19.00 19.26
CA GLY M 186 24.44 18.41 18.29
C GLY M 186 25.87 18.87 18.47
N ARG M 187 26.04 20.15 18.81
CA ARG M 187 27.41 20.70 19.03
C ARG M 187 28.05 19.96 20.21
N ALA M 188 27.31 19.78 21.30
CA ALA M 188 27.84 19.06 22.45
C ALA M 188 28.16 17.61 22.09
N VAL M 189 27.30 16.98 21.30
CA VAL M 189 27.55 15.60 20.88
C VAL M 189 28.85 15.52 20.09
N TYR M 190 29.03 16.42 19.12
CA TYR M 190 30.23 16.40 18.30
C TYR M 190 31.47 16.65 19.13
N GLU M 191 31.40 17.60 20.05
CA GLU M 191 32.56 17.92 20.87
C GLU M 191 32.95 16.74 21.75
N CYS M 192 31.97 16.05 22.32
CA CYS M 192 32.28 14.90 23.22
C CYS M 192 32.77 13.71 22.40
N LEU M 193 32.18 13.47 21.22
CA LEU M 193 32.56 12.27 20.42
C LEU M 193 33.96 12.44 19.83
N ARG M 194 34.30 13.64 19.36
CA ARG M 194 35.62 13.88 18.69
C ARG M 194 36.76 13.63 19.68
N GLY M 195 36.49 13.73 20.98
CA GLY M 195 37.53 13.54 22.00
C GLY M 195 38.02 12.11 22.07
N GLY M 196 37.17 11.14 21.71
CA GLY M 196 37.55 9.72 21.77
C GLY M 196 36.45 8.85 22.35
N LEU M 197 35.34 9.46 22.77
CA LEU M 197 34.19 8.68 23.30
C LEU M 197 33.57 7.87 22.16
N ASP M 198 33.09 6.67 22.46
CA ASP M 198 32.49 5.79 21.42
C ASP M 198 31.01 6.14 21.26
N PHE M 199 30.37 6.64 22.32
CA PHE M 199 28.94 6.91 22.27
C PHE M 199 28.61 8.18 23.02
N THR M 200 27.50 8.80 22.62
CA THR M 200 26.81 9.79 23.42
C THR M 200 25.35 9.36 23.47
N LYS M 201 24.57 9.98 24.37
CA LYS M 201 23.17 9.54 24.52
C LYS M 201 22.24 10.72 24.84
N ASP M 202 20.98 10.63 24.44
CA ASP M 202 20.00 11.69 24.81
C ASP M 202 19.67 11.49 26.30
N ASP M 203 19.24 12.55 26.98
CA ASP M 203 18.83 12.40 28.40
C ASP M 203 17.57 11.52 28.44
N GLU M 204 17.34 10.82 29.55
CA GLU M 204 16.22 9.89 29.62
C GLU M 204 14.88 10.58 29.39
N ASN M 205 14.75 11.84 29.78
CA ASN M 205 13.50 12.56 29.64
C ASN M 205 13.44 13.40 28.37
N VAL M 206 14.45 13.28 27.51
CA VAL M 206 14.47 14.00 26.24
C VAL M 206 13.87 13.10 25.18
N ASN M 207 12.61 13.38 24.82
CA ASN M 207 11.94 12.62 23.74
C ASN M 207 11.59 13.60 22.63
N SER M 208 10.68 14.54 22.90
CA SER M 208 10.26 15.54 21.93
C SER M 208 9.55 16.65 22.69
N GLN M 209 10.18 17.83 22.75
CA GLN M 209 9.62 18.91 23.58
C GLN M 209 9.57 20.20 22.78
N PRO M 210 8.80 21.24 23.19
CA PRO M 210 8.81 22.53 22.48
C PRO M 210 10.22 23.08 22.30
N PHE M 211 11.10 22.87 23.29
CA PHE M 211 12.48 23.44 23.23
C PHE M 211 13.30 22.69 22.18
N MET M 212 13.03 21.39 21.99
CA MET M 212 13.85 20.59 21.04
C MET M 212 12.99 19.46 20.46
N ARG M 213 12.43 19.67 19.28
CA ARG M 213 11.68 18.62 18.62
C ARG M 213 12.61 17.49 18.22
N TRP M 214 12.04 16.30 18.05
CA TRP M 214 12.88 15.11 17.91
C TRP M 214 13.56 15.03 16.55
N ARG M 215 12.91 15.48 15.49
CA ARG M 215 13.53 15.36 14.17
C ARG M 215 14.68 16.33 13.98
N ASP M 216 14.56 17.55 14.52
CA ASP M 216 15.69 18.47 14.50
C ASP M 216 16.88 17.88 15.25
N ARG M 217 16.64 17.29 16.41
CA ARG M 217 17.71 16.67 17.17
C ARG M 217 18.33 15.51 16.40
N PHE M 218 17.51 14.70 15.76
CA PHE M 218 18.04 13.57 15.00
C PHE M 218 18.94 14.06 13.88
N LEU M 219 18.53 15.09 13.15
CA LEU M 219 19.33 15.62 12.05
C LEU M 219 20.65 16.22 12.54
N PHE M 220 20.59 17.05 13.58
CA PHE M 220 21.81 17.68 14.06
C PHE M 220 22.77 16.66 14.67
N VAL M 221 22.23 15.65 15.38
CA VAL M 221 23.06 14.61 15.93
C VAL M 221 23.67 13.76 14.82
N ALA M 222 22.95 13.54 13.74
CA ALA M 222 23.52 12.81 12.61
C ALA M 222 24.68 13.57 12.00
N GLU M 223 24.52 14.88 11.82
CA GLU M 223 25.62 15.69 11.31
C GLU M 223 26.82 15.63 12.25
N ALA M 224 26.57 15.72 13.56
CA ALA M 224 27.67 15.67 14.53
C ALA M 224 28.37 14.32 14.51
N ILE M 225 27.60 13.23 14.44
CA ILE M 225 28.17 11.89 14.40
C ILE M 225 29.06 11.75 13.18
N TYR M 226 28.59 12.20 12.02
CA TYR M 226 29.38 12.04 10.81
C TYR M 226 30.62 12.92 10.82
N LYS M 227 30.52 14.14 11.37
CA LYS M 227 31.70 14.99 11.49
C LYS M 227 32.74 14.34 12.40
N SER M 228 32.32 13.82 13.54
CA SER M 228 33.27 13.19 14.46
C SER M 228 33.88 11.93 13.85
N GLN M 229 33.08 11.17 13.11
CA GLN M 229 33.62 10.00 12.42
C GLN M 229 34.69 10.39 11.42
N ALA M 230 34.42 11.40 10.60
CA ALA M 230 35.40 11.84 9.61
C ALA M 230 36.66 12.35 10.28
N GLU M 231 36.51 13.07 11.40
CA GLU M 231 37.67 13.65 12.05
C GLU M 231 38.55 12.59 12.70
N THR M 232 37.95 11.66 13.45
CA THR M 232 38.75 10.70 14.20
C THR M 232 39.06 9.43 13.42
N GLY M 233 38.21 9.06 12.46
CA GLY M 233 38.39 7.83 11.73
C GLY M 233 37.84 6.60 12.41
N GLU M 234 37.25 6.75 13.59
CA GLU M 234 36.60 5.66 14.30
C GLU M 234 35.09 5.77 14.14
N ILE M 235 34.42 4.62 14.18
CA ILE M 235 32.97 4.60 14.08
C ILE M 235 32.38 5.16 15.37
N LYS M 236 31.47 6.12 15.20
CA LYS M 236 30.87 6.79 16.38
C LYS M 236 29.36 6.52 16.39
N GLY M 237 28.69 6.91 17.46
CA GLY M 237 27.27 6.69 17.61
C GLY M 237 26.68 7.55 18.71
N HIS M 238 25.37 7.68 18.68
CA HIS M 238 24.62 8.42 19.69
C HIS M 238 23.31 7.70 19.95
N TYR M 239 23.03 7.43 21.24
CA TYR M 239 21.77 6.74 21.61
C TYR M 239 20.59 7.68 21.40
N LEU M 240 19.98 7.64 20.21
CA LEU M 240 18.82 8.53 19.89
C LEU M 240 17.58 7.99 20.60
N ASN M 241 16.90 8.81 21.39
CA ASN M 241 15.73 8.33 22.17
C ASN M 241 14.52 8.16 21.26
N ALA M 242 14.05 6.92 21.08
CA ALA M 242 12.87 6.67 20.29
C ALA M 242 11.61 6.56 21.15
N THR M 243 11.75 6.66 22.47
CA THR M 243 10.61 6.50 23.37
C THR M 243 9.54 7.54 23.07
N ALA M 244 8.32 7.08 22.85
CA ALA M 244 7.26 7.97 22.37
C ALA M 244 5.94 7.56 22.99
N ALA M 245 4.90 8.35 22.69
CA ALA M 245 3.55 8.09 23.25
C ALA M 245 2.92 6.87 22.60
N THR M 246 2.98 6.76 21.27
CA THR M 246 2.31 5.64 20.55
C THR M 246 3.36 4.79 19.84
N ALA M 247 3.07 3.50 19.67
CA ALA M 247 4.03 2.60 18.99
C ALA M 247 4.30 3.15 17.58
N GLU M 248 3.28 3.74 16.95
CA GLU M 248 3.47 4.28 15.61
C GLU M 248 4.51 5.39 15.61
N GLU M 249 4.44 6.30 16.58
CA GLU M 249 5.42 7.37 16.67
C GLU M 249 6.82 6.83 16.97
N MET M 250 6.91 5.83 17.83
CA MET M 250 8.20 5.22 18.15
C MET M 250 8.82 4.57 16.93
N LEU M 251 8.01 3.84 16.16
CA LEU M 251 8.51 3.24 14.92
C LEU M 251 8.87 4.30 13.89
N LYS M 252 8.16 5.43 13.87
CA LYS M 252 8.54 6.51 12.97
C LYS M 252 9.90 7.09 13.33
N ARG M 253 10.17 7.27 14.62
CA ARG M 253 11.47 7.77 15.04
C ARG M 253 12.58 6.76 14.72
N ALA M 254 12.31 5.47 14.94
CA ALA M 254 13.27 4.45 14.54
C ALA M 254 13.52 4.47 13.04
N GLU M 255 12.45 4.71 12.27
CA GLU M 255 12.57 4.79 10.81
C GLU M 255 13.42 5.97 10.39
N CYS M 256 13.25 7.11 11.06
CA CYS M 256 14.10 8.26 10.76
C CYS M 256 15.56 7.95 11.06
N ALA M 257 15.83 7.30 12.20
CA ALA M 257 17.19 6.92 12.51
C ALA M 257 17.77 5.98 11.46
N LYS M 258 16.95 5.03 10.99
CA LYS M 258 17.39 4.13 9.93
C LYS M 258 17.67 4.88 8.64
N ASP M 259 16.86 5.89 8.33
CA ASP M 259 17.02 6.67 7.07
C ASP M 259 18.26 7.56 7.15
N LEU M 260 18.64 8.00 8.34
CA LEU M 260 19.88 8.77 8.48
C LEU M 260 21.14 7.90 8.44
N GLY M 261 21.01 6.59 8.59
CA GLY M 261 22.16 5.71 8.61
C GLY M 261 22.92 5.68 9.91
N VAL M 262 22.39 6.30 10.96
CA VAL M 262 23.04 6.36 12.26
C VAL M 262 23.01 4.96 12.89
N PRO M 263 23.92 4.64 13.79
CA PRO M 263 24.04 3.25 14.25
C PRO M 263 23.02 2.77 15.29
N ILE M 264 22.59 3.61 16.23
CA ILE M 264 21.95 3.11 17.44
C ILE M 264 20.84 4.05 17.91
N ILE M 265 19.82 3.46 18.55
CA ILE M 265 18.74 4.20 19.19
C ILE M 265 18.59 3.72 20.64
N MET M 266 17.68 4.36 21.36
CA MET M 266 17.48 4.13 22.79
C MET M 266 15.99 3.95 23.07
N HIS M 267 15.68 3.22 24.14
CA HIS M 267 14.30 3.02 24.55
C HIS M 267 14.21 2.87 26.06
N ASP M 268 13.10 3.34 26.62
CA ASP M 268 12.78 3.18 28.04
C ASP M 268 11.76 2.06 28.17
N TYR M 269 12.23 0.86 28.47
CA TYR M 269 11.34 -0.30 28.38
C TYR M 269 10.38 -0.42 29.55
N LEU M 270 10.78 0.05 30.74
CA LEU M 270 9.90 -0.12 31.93
C LEU M 270 8.80 0.95 31.93
N THR M 271 8.98 2.02 31.16
CA THR M 271 7.94 3.08 31.07
C THR M 271 7.19 2.94 29.74
N GLY M 272 7.90 2.62 28.66
CA GLY M 272 7.24 2.39 27.36
C GLY M 272 6.45 1.10 27.36
N GLY M 273 6.97 0.07 28.01
CA GLY M 273 6.26 -1.23 28.11
C GLY M 273 6.97 -2.32 27.32
N PHE M 274 6.77 -3.58 27.72
CA PHE M 274 7.43 -4.72 27.04
C PHE M 274 6.89 -4.85 25.61
N THR M 275 5.59 -4.59 25.42
CA THR M 275 4.97 -4.71 24.08
C THR M 275 5.65 -3.73 23.12
N ALA M 276 5.83 -2.48 23.54
CA ALA M 276 6.52 -1.47 22.71
C ALA M 276 7.98 -1.88 22.51
N ASN M 277 8.64 -2.35 23.56
CA ASN M 277 10.07 -2.75 23.47
C ASN M 277 10.21 -3.89 22.46
N THR M 278 9.36 -4.91 22.55
CA THR M 278 9.48 -6.06 21.66
C THR M 278 9.29 -5.63 20.21
N SER M 279 8.35 -4.72 19.95
CA SER M 279 8.20 -4.19 18.61
C SER M 279 9.46 -3.49 18.14
N LEU M 280 10.06 -2.67 19.01
CA LEU M 280 11.27 -1.95 18.63
C LEU M 280 12.43 -2.90 18.39
N ALA M 281 12.55 -3.95 19.21
CA ALA M 281 13.63 -4.91 19.04
C ALA M 281 13.47 -5.70 17.75
N HIS M 282 12.24 -6.08 17.41
CA HIS M 282 12.02 -6.75 16.13
C HIS M 282 12.38 -5.82 14.97
N TYR M 283 11.98 -4.55 15.06
CA TYR M 283 12.33 -3.59 14.02
C TYR M 283 13.84 -3.44 13.89
N CYS M 284 14.54 -3.34 15.02
CA CYS M 284 15.98 -3.15 14.99
C CYS M 284 16.69 -4.35 14.40
N ARG M 285 16.22 -5.56 14.70
CA ARG M 285 16.77 -6.74 14.06
C ARG M 285 16.51 -6.72 12.55
N ASP M 286 15.30 -6.30 12.14
CA ASP M 286 14.98 -6.26 10.72
C ASP M 286 15.81 -5.25 9.96
N ASN M 287 16.16 -4.13 10.58
CA ASN M 287 16.78 -3.03 9.84
C ASN M 287 18.22 -2.78 10.23
N GLY M 288 18.81 -3.66 11.03
CA GLY M 288 20.21 -3.53 11.41
C GLY M 288 20.54 -2.34 12.28
N LEU M 289 19.74 -2.07 13.29
CA LEU M 289 19.99 -1.00 14.24
C LEU M 289 20.30 -1.58 15.61
N LEU M 290 21.24 -0.92 16.30
CA LEU M 290 21.54 -1.32 17.69
C LEU M 290 20.47 -0.69 18.59
N LEU M 291 20.24 -1.25 19.77
CA LEU M 291 19.19 -0.81 20.68
C LEU M 291 19.73 -0.72 22.10
N HIS M 292 19.85 0.50 22.61
CA HIS M 292 20.23 0.73 23.99
C HIS M 292 18.98 0.87 24.85
N ILE M 293 18.98 0.21 26.01
CA ILE M 293 17.81 0.16 26.87
C ILE M 293 18.12 0.86 28.17
N HIS M 294 17.28 1.82 28.54
CA HIS M 294 17.38 2.53 29.80
C HIS M 294 16.27 2.08 30.73
N ARG M 295 16.63 1.85 31.99
CA ARG M 295 15.70 1.29 32.97
C ARG M 295 15.09 2.40 33.83
N ALA M 296 14.32 3.27 33.19
CA ALA M 296 13.60 4.30 33.92
C ALA M 296 12.50 3.67 34.77
N MET M 297 12.31 4.22 35.99
CA MET M 297 11.21 3.74 36.89
C MET M 297 11.54 2.35 37.46
N HIS M 298 12.80 1.93 37.42
CA HIS M 298 13.17 0.58 37.92
C HIS M 298 13.12 0.55 39.44
N ALA M 299 13.63 1.60 40.10
CA ALA M 299 13.70 1.62 41.58
C ALA M 299 12.31 1.56 42.19
N VAL M 300 11.29 1.97 41.42
CA VAL M 300 9.89 1.88 41.93
C VAL M 300 9.54 0.40 42.13
N ILE M 301 10.26 -0.52 41.50
CA ILE M 301 9.92 -1.97 41.58
C ILE M 301 11.05 -2.80 42.19
N ASP M 302 12.31 -2.37 42.05
CA ASP M 302 13.43 -3.24 42.50
C ASP M 302 14.26 -2.62 43.63
N ARG M 303 13.72 -1.66 44.39
CA ARG M 303 14.57 -1.00 45.42
C ARG M 303 14.39 -1.68 46.77
N GLN M 304 13.15 -1.84 47.24
CA GLN M 304 12.92 -2.39 48.57
C GLN M 304 13.21 -3.89 48.59
N ARG M 305 13.93 -4.31 49.63
CA ARG M 305 14.34 -5.71 49.75
C ARG M 305 13.16 -6.64 50.03
N ASN M 306 12.09 -6.14 50.65
CA ASN M 306 10.98 -7.04 51.07
C ASN M 306 9.88 -7.13 50.01
N HIS M 307 9.71 -6.10 49.19
CA HIS M 307 8.62 -6.08 48.24
C HIS M 307 9.14 -5.73 46.86
N GLY M 308 8.51 -6.31 45.83
CA GLY M 308 8.84 -5.96 44.46
C GLY M 308 9.44 -7.09 43.64
N ILE M 309 10.08 -6.72 42.53
CA ILE M 309 10.74 -7.68 41.64
C ILE M 309 12.21 -7.29 41.58
N HIS M 310 13.09 -8.26 41.84
CA HIS M 310 14.52 -7.99 41.81
C HIS M 310 14.96 -7.62 40.40
N PHE M 311 15.93 -6.71 40.30
CA PHE M 311 16.39 -6.23 38.97
C PHE M 311 16.81 -7.40 38.07
N ARG M 312 17.33 -8.48 38.66
CA ARG M 312 17.83 -9.60 37.81
C ARG M 312 16.68 -10.15 36.96
N VAL M 313 15.47 -10.20 37.51
CA VAL M 313 14.28 -10.70 36.74
C VAL M 313 13.98 -9.70 35.63
N LEU M 314 14.07 -8.41 35.93
CA LEU M 314 13.82 -7.35 34.91
C LEU M 314 14.91 -7.44 33.83
N ALA M 315 16.15 -7.73 34.23
CA ALA M 315 17.25 -7.88 33.25
C ALA M 315 17.00 -9.08 32.35
N LYS M 316 16.51 -10.19 32.91
CA LYS M 316 16.21 -11.40 32.10
C LYS M 316 15.01 -11.12 31.19
N ALA M 317 14.01 -10.38 31.68
CA ALA M 317 12.89 -10.00 30.83
C ALA M 317 13.33 -9.10 29.69
N LEU M 318 14.30 -8.22 29.96
CA LEU M 318 14.83 -7.33 28.91
C LEU M 318 15.58 -8.17 27.87
N ARG M 319 16.44 -9.09 28.33
CA ARG M 319 17.19 -9.92 27.39
C ARG M 319 16.26 -10.75 26.53
N LEU M 320 15.18 -11.26 27.10
CA LEU M 320 14.19 -11.98 26.30
C LEU M 320 13.51 -11.04 25.30
N SER M 321 13.02 -9.90 25.78
CA SER M 321 12.31 -8.98 24.91
C SER M 321 13.23 -8.40 23.85
N GLY M 322 14.46 -8.07 24.21
CA GLY M 322 15.41 -7.54 23.26
C GLY M 322 16.06 -6.24 23.68
N GLY M 323 17.39 -6.23 23.71
CA GLY M 323 18.15 -5.02 23.94
C GLY M 323 19.64 -5.28 23.86
N ASP M 324 20.36 -4.47 23.10
CA ASP M 324 21.80 -4.68 22.96
C ASP M 324 22.56 -4.17 24.17
N HIS M 325 22.13 -3.03 24.72
CA HIS M 325 22.68 -2.50 25.96
C HIS M 325 21.56 -2.39 26.98
N LEU M 326 21.95 -2.47 28.25
CA LEU M 326 20.96 -2.29 29.34
C LEU M 326 21.64 -1.59 30.52
N HIS M 327 21.27 -0.34 30.79
CA HIS M 327 21.81 0.39 31.92
C HIS M 327 21.63 -0.45 33.18
N SER M 328 22.75 -0.90 33.76
CA SER M 328 22.70 -1.94 34.78
C SER M 328 23.19 -1.52 36.15
N GLY M 329 23.76 -0.34 36.30
CA GLY M 329 24.24 0.05 37.60
C GLY M 329 24.68 1.50 37.63
N THR M 330 24.80 2.04 38.85
CA THR M 330 25.28 3.44 39.02
C THR M 330 26.62 3.40 39.76
N VAL M 331 27.50 4.38 39.50
CA VAL M 331 28.86 4.36 40.11
C VAL M 331 29.04 5.58 41.03
N VAL M 332 27.95 6.07 41.63
CA VAL M 332 28.05 7.20 42.60
C VAL M 332 29.17 6.88 43.59
N GLY M 333 30.26 7.67 43.58
CA GLY M 333 31.38 7.36 44.44
C GLY M 333 32.09 6.11 43.94
N LYS M 334 31.40 4.97 44.06
CA LYS M 334 31.93 3.69 43.53
C LYS M 334 30.75 2.86 43.02
N LEU M 335 30.99 1.72 42.37
CA LEU M 335 29.85 0.88 41.94
C LEU M 335 28.99 0.58 43.17
N GLU M 336 27.73 0.99 43.15
CA GLU M 336 26.85 0.82 44.34
C GLU M 336 26.20 -0.57 44.32
N GLY M 337 25.72 -1.04 45.48
CA GLY M 337 25.08 -2.37 45.57
C GLY M 337 26.09 -3.47 45.84
N GLU M 338 25.64 -4.59 46.42
CA GLU M 338 26.55 -5.75 46.67
C GLU M 338 27.23 -6.13 45.36
N ARG M 339 28.56 -6.25 45.37
CA ARG M 339 29.32 -6.62 44.15
C ARG M 339 28.82 -7.97 43.64
N GLU M 340 28.67 -8.96 44.51
CA GLU M 340 28.28 -10.32 44.08
C GLU M 340 26.93 -10.27 43.36
N VAL M 341 25.97 -9.52 43.90
CA VAL M 341 24.63 -9.39 43.26
C VAL M 341 24.82 -8.77 41.87
N THR M 342 25.60 -7.70 41.78
CA THR M 342 25.86 -7.04 40.48
C THR M 342 26.49 -8.06 39.52
N LEU M 343 27.55 -8.74 39.98
CA LEU M 343 28.25 -9.75 39.14
C LEU M 343 27.23 -10.80 38.70
N GLY M 344 26.37 -11.23 39.62
CA GLY M 344 25.36 -12.27 39.30
C GLY M 344 24.48 -11.84 38.13
N PHE M 345 23.88 -10.65 38.21
CA PHE M 345 22.93 -10.24 37.15
C PHE M 345 23.70 -9.83 35.89
N VAL M 346 24.97 -9.42 36.05
CA VAL M 346 25.80 -9.11 34.85
C VAL M 346 26.08 -10.44 34.14
N ASP M 347 26.45 -11.48 34.89
CA ASP M 347 26.65 -12.77 34.26
C ASP M 347 25.35 -13.31 33.68
N LEU M 348 24.23 -13.09 34.39
CA LEU M 348 22.94 -13.57 33.89
C LEU M 348 22.57 -12.88 32.59
N MET M 349 22.91 -11.61 32.44
CA MET M 349 22.58 -10.88 31.21
C MET M 349 23.66 -10.98 30.14
N ARG M 350 24.81 -11.57 30.45
CA ARG M 350 25.91 -11.67 29.50
C ARG M 350 26.17 -13.08 29.02
N ASP M 351 26.36 -14.03 29.93
CA ASP M 351 26.83 -15.36 29.58
C ASP M 351 25.72 -16.19 28.95
N ASP M 352 26.11 -17.35 28.40
CA ASP M 352 25.12 -18.26 27.77
C ASP M 352 24.63 -19.29 28.79
N TYR M 353 25.46 -19.60 29.79
CA TYR M 353 25.07 -20.66 30.76
C TYR M 353 25.51 -20.23 32.16
N ILE M 354 24.55 -19.92 33.02
CA ILE M 354 24.86 -19.45 34.40
C ILE M 354 24.38 -20.51 35.39
N GLU M 355 25.30 -21.14 36.11
CA GLU M 355 24.95 -22.20 37.09
C GLU M 355 24.37 -21.55 38.36
N LYS M 356 23.54 -22.29 39.10
CA LYS M 356 22.92 -21.76 40.35
C LYS M 356 24.02 -21.31 41.32
N ASP M 357 23.92 -20.09 41.84
CA ASP M 357 24.91 -19.59 42.84
C ASP M 357 24.17 -18.67 43.82
N ARG M 358 23.75 -19.19 44.98
CA ARG M 358 22.95 -18.38 45.93
C ARG M 358 23.80 -17.24 46.50
N SER M 359 25.11 -17.39 46.50
CA SER M 359 26.01 -16.31 47.00
C SER M 359 25.82 -15.05 46.13
N ARG M 360 25.63 -15.23 44.83
CA ARG M 360 25.50 -14.07 43.90
C ARG M 360 24.02 -13.83 43.57
N GLY M 361 23.12 -14.60 44.16
CA GLY M 361 21.67 -14.38 43.97
C GLY M 361 21.10 -15.18 42.81
N ILE M 362 21.88 -16.12 42.27
CA ILE M 362 21.36 -17.00 41.19
C ILE M 362 20.61 -18.17 41.86
N TYR M 363 19.27 -18.16 41.81
CA TYR M 363 18.47 -19.20 42.49
C TYR M 363 18.29 -20.40 41.56
N PHE M 364 18.58 -20.24 40.27
CA PHE M 364 18.36 -21.33 39.29
C PHE M 364 19.43 -21.33 38.20
N THR M 365 19.78 -22.50 37.67
CA THR M 365 20.67 -22.55 36.52
C THR M 365 19.92 -22.05 35.30
N GLN M 366 20.52 -21.10 34.59
CA GLN M 366 19.89 -20.45 33.45
C GLN M 366 20.65 -20.82 32.18
N ASP M 367 20.01 -21.60 31.31
CA ASP M 367 20.53 -21.90 29.99
C ASP M 367 19.87 -20.96 28.99
N TRP M 368 20.69 -20.24 28.23
CA TRP M 368 20.19 -19.25 27.29
C TRP M 368 20.13 -19.78 25.87
N VAL M 369 20.51 -21.04 25.64
CA VAL M 369 20.56 -21.70 24.34
C VAL M 369 20.89 -20.73 23.21
N SER M 370 22.05 -20.09 23.31
CA SER M 370 22.64 -19.28 22.25
C SER M 370 21.87 -18.01 21.95
N LEU M 371 21.04 -17.54 22.88
CA LEU M 371 20.45 -16.23 22.76
C LEU M 371 21.54 -15.16 22.89
N PRO M 372 21.51 -14.12 22.06
CA PRO M 372 22.55 -13.09 22.14
C PRO M 372 22.57 -12.42 23.52
N GLY M 373 23.78 -12.15 24.00
CA GLY M 373 23.92 -11.50 25.28
C GLY M 373 23.69 -10.00 25.21
N THR M 374 23.40 -9.42 26.37
CA THR M 374 23.17 -7.99 26.51
C THR M 374 24.37 -7.36 27.20
N MET M 375 24.81 -6.22 26.67
CA MET M 375 25.98 -5.55 27.23
C MET M 375 25.55 -4.68 28.41
N PRO M 376 26.08 -4.90 29.61
CA PRO M 376 25.73 -4.03 30.73
C PRO M 376 26.37 -2.66 30.60
N VAL M 377 25.60 -1.64 30.98
CA VAL M 377 26.09 -0.23 30.91
C VAL M 377 26.11 0.36 32.32
N ALA M 378 27.31 0.60 32.88
CA ALA M 378 27.46 1.21 34.19
C ALA M 378 27.61 2.72 34.01
N SER M 379 26.66 3.47 34.59
CA SER M 379 26.67 4.94 34.39
C SER M 379 26.88 5.67 35.71
N GLY M 380 26.88 7.00 35.67
CA GLY M 380 27.03 7.79 36.91
C GLY M 380 28.32 8.58 36.94
N GLY M 381 28.84 8.84 38.14
CA GLY M 381 30.05 9.60 38.30
C GLY M 381 31.32 8.78 38.15
N ILE M 382 31.65 8.41 36.91
CA ILE M 382 32.87 7.61 36.65
C ILE M 382 34.08 8.56 36.64
N HIS M 383 34.72 8.76 37.78
CA HIS M 383 35.88 9.61 37.83
C HIS M 383 37.10 8.86 37.29
N VAL M 384 38.12 9.62 36.89
CA VAL M 384 39.24 9.04 36.18
C VAL M 384 39.97 8.01 37.04
N TRP M 385 40.23 8.35 38.31
CA TRP M 385 40.92 7.41 39.18
C TRP M 385 40.05 6.23 39.61
N HIS M 386 38.76 6.24 39.29
CA HIS M 386 37.90 5.10 39.59
C HIS M 386 37.76 4.15 38.41
N MET M 387 38.35 4.48 37.27
CA MET M 387 38.31 3.58 36.13
C MET M 387 38.93 2.21 36.37
N PRO M 388 40.08 2.07 37.05
CA PRO M 388 40.63 0.72 37.26
C PRO M 388 39.69 -0.23 37.98
N ALA M 389 38.96 0.26 38.98
CA ALA M 389 38.04 -0.59 39.72
C ALA M 389 36.94 -1.13 38.82
N LEU M 390 36.34 -0.26 38.01
CA LEU M 390 35.25 -0.70 37.14
C LEU M 390 35.76 -1.59 36.01
N VAL M 391 36.96 -1.32 35.51
CA VAL M 391 37.53 -2.20 34.49
C VAL M 391 37.78 -3.58 35.07
N GLU M 392 38.26 -3.65 36.30
CA GLU M 392 38.45 -4.95 36.94
C GLU M 392 37.12 -5.67 37.17
N ILE M 393 36.11 -4.93 37.64
CA ILE M 393 34.80 -5.57 37.99
C ILE M 393 34.05 -6.03 36.73
N PHE M 394 34.05 -5.22 35.67
CA PHE M 394 33.23 -5.52 34.51
C PHE M 394 33.99 -6.22 33.40
N GLY M 395 35.26 -5.87 33.21
CA GLY M 395 36.02 -6.44 32.11
C GLY M 395 35.89 -5.63 30.83
N ASP M 396 35.95 -6.29 29.69
CA ASP M 396 35.86 -5.60 28.42
C ASP M 396 34.44 -5.50 27.88
N ASP M 397 33.57 -6.43 28.25
CA ASP M 397 32.22 -6.47 27.68
C ASP M 397 31.25 -5.62 28.51
N ALA M 398 31.53 -4.32 28.54
CA ALA M 398 30.65 -3.38 29.23
C ALA M 398 30.89 -1.99 28.67
N CYS M 399 29.90 -1.13 28.86
CA CYS M 399 30.00 0.28 28.50
C CYS M 399 29.99 1.11 29.76
N LEU M 400 31.05 1.91 29.93
CA LEU M 400 31.14 2.84 31.07
C LEU M 400 30.55 4.16 30.60
N GLN M 401 29.56 4.69 31.33
CA GLN M 401 28.84 5.88 30.91
C GLN M 401 29.14 7.03 31.86
N PHE M 402 29.53 8.17 31.29
CA PHE M 402 29.76 9.38 32.08
C PHE M 402 28.48 10.22 32.08
N GLY M 403 27.49 9.71 32.79
CA GLY M 403 26.19 10.36 32.88
C GLY M 403 26.22 11.70 33.56
N GLY M 404 27.32 12.01 34.26
CA GLY M 404 27.49 13.34 34.80
C GLY M 404 27.77 14.39 33.75
N GLY M 405 27.94 14.00 32.48
CA GLY M 405 28.23 14.95 31.44
C GLY M 405 29.67 15.43 31.40
N THR M 406 30.52 14.77 32.21
CA THR M 406 31.94 15.17 32.33
C THR M 406 32.02 16.65 32.69
N LEU M 407 32.60 17.47 31.80
CA LEU M 407 32.69 18.95 32.01
C LEU M 407 33.62 19.30 33.18
N GLY M 408 34.10 18.31 33.93
CA GLY M 408 35.02 18.58 35.01
C GLY M 408 36.42 18.88 34.55
N HIS M 409 36.69 18.61 33.27
CA HIS M 409 38.04 18.89 32.69
C HIS M 409 38.13 20.39 32.38
N PRO M 410 39.09 21.14 32.95
CA PRO M 410 39.17 22.60 32.74
C PRO M 410 39.34 23.00 31.29
N TRP M 411 39.83 22.11 30.43
CA TRP M 411 40.12 22.50 29.06
C TRP M 411 38.87 22.48 28.18
N GLY M 412 38.05 21.44 28.30
CA GLY M 412 36.84 21.38 27.51
C GLY M 412 36.26 19.97 27.51
N ASN M 413 35.21 19.81 26.70
CA ASN M 413 34.56 18.51 26.58
C ASN M 413 35.45 17.50 25.86
N ALA M 414 36.01 17.92 24.71
CA ALA M 414 36.85 17.01 23.89
C ALA M 414 38.07 16.52 24.67
N PRO M 415 38.93 17.37 25.30
CA PRO M 415 40.07 16.87 26.08
C PRO M 415 39.63 15.99 27.26
N GLY M 416 38.50 16.31 27.88
CA GLY M 416 37.98 15.46 28.97
C GLY M 416 37.65 14.07 28.45
N ALA M 417 37.03 13.99 27.27
CA ALA M 417 36.73 12.68 26.65
C ALA M 417 38.05 11.95 26.37
N ALA M 418 39.04 12.67 25.85
CA ALA M 418 40.36 12.07 25.54
C ALA M 418 40.98 11.52 26.83
N ALA M 419 40.98 12.32 27.90
CA ALA M 419 41.55 11.88 29.18
C ALA M 419 40.88 10.56 29.58
N ASN M 420 39.55 10.52 29.53
CA ASN M 420 38.81 9.29 29.90
C ASN M 420 39.27 8.13 28.99
N ARG M 421 39.33 8.37 27.68
CA ARG M 421 39.74 7.30 26.78
C ARG M 421 41.17 6.84 27.07
N VAL M 422 42.07 7.78 27.35
CA VAL M 422 43.44 7.43 27.69
C VAL M 422 43.49 6.61 28.96
N ALA M 423 42.71 7.02 29.97
CA ALA M 423 42.69 6.27 31.23
C ALA M 423 42.17 4.86 31.03
N LEU M 424 41.08 4.72 30.27
CA LEU M 424 40.52 3.39 30.05
C LEU M 424 41.51 2.51 29.29
N GLU M 425 42.15 3.04 28.25
CA GLU M 425 43.09 2.24 27.49
C GLU M 425 44.30 1.87 28.32
N ALA M 426 44.79 2.79 29.16
CA ALA M 426 45.92 2.47 30.02
C ALA M 426 45.58 1.39 31.03
N CYS M 427 44.38 1.47 31.62
CA CYS M 427 43.95 0.43 32.56
C CYS M 427 43.82 -0.91 31.87
N THR M 428 43.25 -0.93 30.66
CA THR M 428 43.12 -2.18 29.92
C THR M 428 44.48 -2.76 29.60
N GLN M 429 45.42 -1.92 29.15
CA GLN M 429 46.75 -2.41 28.84
C GLN M 429 47.44 -2.98 30.07
N ALA M 430 47.30 -2.30 31.22
CA ALA M 430 47.89 -2.81 32.46
C ALA M 430 47.27 -4.14 32.85
N ARG M 431 45.95 -4.27 32.73
CA ARG M 431 45.31 -5.53 33.07
C ARG M 431 45.76 -6.65 32.15
N ASN M 432 45.95 -6.35 30.86
CA ASN M 432 46.42 -7.38 29.94
C ASN M 432 47.84 -7.83 30.23
N GLU M 433 48.64 -6.99 30.89
CA GLU M 433 50.03 -7.35 31.21
C GLU M 433 50.14 -8.23 32.44
N GLY M 434 49.05 -8.49 33.14
CA GLY M 434 49.09 -9.27 34.36
C GLY M 434 49.08 -8.44 35.63
N ARG M 435 48.88 -7.14 35.53
CA ARG M 435 48.82 -6.28 36.71
C ARG M 435 47.52 -6.52 37.48
N ASP M 436 47.57 -6.28 38.79
CA ASP M 436 46.40 -6.36 39.66
C ASP M 436 45.82 -4.96 39.78
N LEU M 437 44.71 -4.71 39.07
CA LEU M 437 44.18 -3.36 38.98
C LEU M 437 43.73 -2.84 40.35
N ALA M 438 43.10 -3.70 41.14
CA ALA M 438 42.61 -3.28 42.45
C ALA M 438 43.73 -2.81 43.38
N ARG M 439 44.98 -3.18 43.08
CA ARG M 439 46.12 -2.77 43.89
C ARG M 439 47.01 -1.74 43.23
N GLU M 440 47.02 -1.65 41.90
CA GLU M 440 47.92 -0.75 41.19
C GLU M 440 47.18 0.23 40.29
N GLY M 441 45.90 0.48 40.56
CA GLY M 441 45.15 1.40 39.73
C GLY M 441 45.70 2.81 39.77
N GLY M 442 46.05 3.29 40.96
CA GLY M 442 46.64 4.62 41.08
C GLY M 442 47.97 4.72 40.37
N ASP M 443 48.81 3.69 40.50
CA ASP M 443 50.09 3.70 39.80
C ASP M 443 49.90 3.74 38.29
N VAL M 444 48.96 2.95 37.78
CA VAL M 444 48.70 2.93 36.34
C VAL M 444 48.18 4.28 35.87
N ILE M 445 47.27 4.87 36.66
CA ILE M 445 46.72 6.18 36.29
C ILE M 445 47.83 7.23 36.26
N ARG M 446 48.68 7.22 37.28
CA ARG M 446 49.79 8.21 37.35
C ARG M 446 50.72 8.00 36.14
N ALA M 447 51.08 6.74 35.85
CA ALA M 447 52.01 6.48 34.76
C ALA M 447 51.43 6.94 33.43
N ALA M 448 50.12 6.75 33.24
CA ALA M 448 49.46 7.23 32.01
C ALA M 448 49.47 8.77 32.01
N CYS M 449 49.25 9.38 33.17
CA CYS M 449 49.22 10.83 33.26
C CYS M 449 50.58 11.44 32.99
N LYS M 450 51.65 10.68 33.23
CA LYS M 450 53.02 11.21 33.04
C LYS M 450 53.23 11.63 31.58
N TRP M 451 52.53 10.99 30.64
CA TRP M 451 52.76 11.28 29.20
C TRP M 451 51.51 11.91 28.56
N SER M 452 50.39 11.99 29.28
CA SER M 452 49.17 12.51 28.69
C SER M 452 48.87 13.89 29.27
N PRO M 453 49.10 14.97 28.51
CA PRO M 453 48.71 16.30 29.01
C PRO M 453 47.22 16.41 29.29
N GLU M 454 46.38 15.76 28.50
CA GLU M 454 44.94 15.83 28.72
C GLU M 454 44.57 15.16 30.04
N LEU M 455 45.17 13.99 30.33
CA LEU M 455 44.92 13.33 31.59
C LEU M 455 45.54 14.06 32.77
N ALA M 456 46.61 14.83 32.53
CA ALA M 456 47.22 15.60 33.60
C ALA M 456 46.26 16.65 34.15
N ALA M 457 45.55 17.34 33.25
CA ALA M 457 44.54 18.29 33.70
C ALA M 457 43.30 17.62 34.25
N ALA M 458 43.15 16.32 34.01
CA ALA M 458 41.98 15.57 34.52
C ALA M 458 42.31 14.95 35.87
N CYS M 459 43.54 14.45 36.04
CA CYS M 459 43.95 13.79 37.27
C CYS M 459 44.05 14.75 38.44
N GLU M 460 44.12 16.06 38.17
CA GLU M 460 44.15 17.05 39.25
C GLU M 460 42.75 17.35 39.75
N GLN N 45 43.96 23.79 26.85
CA GLN N 45 44.46 23.30 25.54
C GLN N 45 43.28 22.84 24.68
N VAL N 46 43.48 22.71 23.37
CA VAL N 46 42.36 22.36 22.47
C VAL N 46 42.70 21.08 21.68
N TRP N 47 41.85 20.04 21.80
CA TRP N 47 42.06 18.80 21.01
C TRP N 47 42.17 19.19 19.52
N THR N 48 43.27 18.82 18.87
CA THR N 48 43.48 19.24 17.46
C THR N 48 42.57 18.42 16.53
N PRO N 49 41.80 19.03 15.61
CA PRO N 49 41.00 18.28 14.65
C PRO N 49 41.75 18.09 13.33
N LEU N 50 43.04 18.45 13.30
CA LEU N 50 43.83 18.36 12.05
C LEU N 50 44.81 17.19 12.12
N ASN N 51 44.75 16.27 11.15
CA ASN N 51 45.69 15.12 11.11
C ASN N 51 45.75 14.44 12.49
N ASN N 52 44.58 14.12 13.05
CA ASN N 52 44.54 13.42 14.37
C ASN N 52 43.67 12.17 14.21
N LYS N 53 44.09 11.23 13.34
CA LYS N 53 43.31 9.98 13.13
C LYS N 53 43.66 8.96 14.21
N PHE N 54 42.73 8.04 14.51
CA PHE N 54 42.98 7.03 15.52
C PHE N 54 42.48 5.69 15.04
N PHE N 55 43.02 4.61 15.63
CA PHE N 55 42.69 3.25 15.15
C PHE N 55 42.17 2.37 16.29
N GLU N 56 41.12 2.81 16.98
CA GLU N 56 40.45 1.98 18.03
C GLU N 56 41.36 1.63 19.20
N THR N 57 41.45 0.35 19.57
CA THR N 57 42.16 -0.08 20.81
C THR N 57 43.63 0.35 20.89
N PHE N 58 44.05 0.85 22.06
CA PHE N 58 45.43 1.22 22.35
C PHE N 58 45.97 2.28 21.42
N SER N 59 45.11 2.92 20.61
CA SER N 59 45.56 3.96 19.70
C SER N 59 45.81 5.29 20.41
N TYR N 60 45.26 5.48 21.61
CA TYR N 60 45.44 6.70 22.36
C TYR N 60 46.61 6.62 23.34
N LEU N 61 47.29 5.50 23.42
CA LEU N 61 48.53 5.38 24.16
C LEU N 61 49.71 5.73 23.26
N PRO N 62 50.91 6.06 23.81
CA PRO N 62 52.08 6.28 22.96
C PRO N 62 52.39 5.03 22.14
N PRO N 63 53.08 5.13 20.99
CA PRO N 63 53.37 3.97 20.13
C PRO N 63 53.99 2.85 20.98
N MET N 64 53.47 1.63 20.86
CA MET N 64 53.95 0.52 21.72
C MET N 64 55.32 0.02 21.25
N THR N 65 56.22 -0.29 22.19
CA THR N 65 57.53 -0.81 21.84
C THR N 65 57.44 -2.31 21.56
N ASP N 66 58.57 -2.90 21.20
CA ASP N 66 58.59 -4.33 20.92
C ASP N 66 58.22 -5.16 22.14
N ALA N 67 58.72 -4.77 23.31
CA ALA N 67 58.38 -5.49 24.53
C ALA N 67 56.89 -5.38 24.86
N GLU N 68 56.30 -4.20 24.66
CA GLU N 68 54.88 -4.05 24.94
C GLU N 68 54.02 -4.85 23.98
N ILE N 69 54.39 -4.83 22.70
CA ILE N 69 53.65 -5.65 21.70
C ILE N 69 53.78 -7.11 22.13
N SER N 70 55.00 -7.53 22.49
CA SER N 70 55.22 -8.91 22.89
C SER N 70 54.36 -9.29 24.07
N ARG N 71 54.25 -8.41 25.07
CA ARG N 71 53.41 -8.70 26.23
C ARG N 71 51.94 -8.79 25.85
N GLN N 72 51.48 -7.93 24.94
CA GLN N 72 50.09 -8.02 24.49
C GLN N 72 49.83 -9.32 23.74
N VAL N 73 50.77 -9.73 22.89
CA VAL N 73 50.61 -10.99 22.17
C VAL N 73 50.64 -12.18 23.13
N ASP N 74 51.49 -12.10 24.15
CA ASP N 74 51.51 -13.15 25.17
C ASP N 74 50.20 -13.20 25.93
N TYR N 75 49.58 -12.05 26.18
CA TYR N 75 48.26 -12.05 26.81
C TYR N 75 47.23 -12.71 25.91
N ILE N 76 47.28 -12.43 24.61
CA ILE N 76 46.35 -13.06 23.68
C ILE N 76 46.55 -14.57 23.66
N VAL N 77 47.82 -15.01 23.62
CA VAL N 77 48.12 -16.44 23.56
C VAL N 77 47.71 -17.13 24.85
N SER N 78 47.92 -16.45 25.99
CA SER N 78 47.60 -17.05 27.31
C SER N 78 46.12 -17.40 27.39
N ASN N 79 45.24 -16.53 26.86
CA ASN N 79 43.81 -16.79 26.93
C ASN N 79 43.39 -17.95 26.05
N GLY N 80 44.28 -18.47 25.22
CA GLY N 80 43.93 -19.53 24.29
C GLY N 80 43.57 -19.05 22.91
N TRP N 81 43.84 -17.79 22.58
CA TRP N 81 43.43 -17.18 21.33
C TRP N 81 44.59 -17.16 20.33
N THR N 82 44.24 -16.99 19.07
CA THR N 82 45.21 -17.00 17.99
C THR N 82 45.52 -15.58 17.54
N PRO N 83 46.78 -15.15 17.55
CA PRO N 83 47.10 -13.82 17.03
C PRO N 83 47.47 -13.86 15.56
N CYS N 84 47.05 -12.81 14.84
CA CYS N 84 47.38 -12.64 13.43
C CYS N 84 47.65 -11.16 13.18
N LEU N 85 48.07 -10.86 11.96
CA LEU N 85 48.46 -9.48 11.62
C LEU N 85 47.61 -8.94 10.47
N GLU N 86 47.10 -7.72 10.63
CA GLU N 86 46.35 -7.06 9.54
C GLU N 86 47.16 -5.83 9.12
N PHE N 87 47.09 -5.44 7.86
CA PHE N 87 47.79 -4.26 7.37
C PHE N 87 46.95 -3.59 6.30
N ALA N 88 47.11 -2.27 6.20
CA ALA N 88 46.43 -1.50 5.18
C ALA N 88 47.19 -0.21 4.93
N GLY N 89 47.28 0.18 3.67
CA GLY N 89 47.85 1.47 3.33
C GLY N 89 46.92 2.60 3.71
N ALA N 90 47.43 3.83 3.53
CA ALA N 90 46.68 5.01 3.98
C ALA N 90 45.39 5.19 3.20
N GLU N 91 45.32 4.67 1.98
CA GLU N 91 44.11 4.83 1.18
C GLU N 91 42.96 3.93 1.63
N SER N 92 43.26 2.85 2.35
CA SER N 92 42.21 1.94 2.81
C SER N 92 42.35 1.63 4.29
N ALA N 93 42.79 2.61 5.08
CA ALA N 93 42.97 2.42 6.51
C ALA N 93 41.82 2.99 7.33
N TYR N 94 41.27 4.12 6.93
CA TYR N 94 40.21 4.79 7.67
C TYR N 94 38.85 4.38 7.12
N THR N 95 37.83 4.44 7.98
CA THR N 95 36.48 4.13 7.58
C THR N 95 35.97 5.13 6.55
N SER N 96 35.13 4.66 5.64
CA SER N 96 34.63 5.50 4.55
C SER N 96 33.26 4.99 4.11
N ASN N 97 32.57 5.83 3.35
CA ASN N 97 31.26 5.52 2.82
C ASN N 97 31.28 5.46 1.29
N GLU N 98 32.34 4.88 0.73
CA GLU N 98 32.50 4.93 -0.72
C GLU N 98 31.48 4.04 -1.44
N ASN N 99 31.13 2.91 -0.85
CA ASN N 99 30.22 1.96 -1.48
C ASN N 99 28.76 2.17 -1.08
N CYS N 100 28.47 3.12 -0.20
CA CYS N 100 27.09 3.39 0.17
C CYS N 100 26.28 3.91 -1.00
N VAL N 101 26.93 4.38 -2.07
CA VAL N 101 26.24 4.84 -3.26
C VAL N 101 25.50 3.70 -3.96
N ARG N 102 25.88 2.46 -3.72
CA ARG N 102 25.26 1.31 -4.36
C ARG N 102 24.09 0.74 -3.58
N MET N 103 23.73 1.33 -2.45
CA MET N 103 22.78 0.73 -1.54
C MET N 103 21.51 1.56 -1.41
N GLN N 104 20.43 0.86 -1.10
CA GLN N 104 19.14 1.55 -0.90
C GLN N 104 18.64 1.14 0.48
N ASN N 105 17.39 1.50 0.79
CA ASN N 105 16.74 1.16 2.05
C ASN N 105 17.47 1.76 3.25
N THR N 106 18.67 1.28 3.55
CA THR N 106 19.43 1.81 4.67
C THR N 106 20.91 1.47 4.48
N THR N 107 21.77 2.22 5.17
CA THR N 107 23.18 1.91 5.27
C THR N 107 23.63 1.79 6.72
N CYS N 108 22.69 1.55 7.63
CA CYS N 108 23.01 1.47 9.05
C CYS N 108 24.01 0.36 9.32
N LEU N 109 25.05 0.69 10.10
CA LEU N 109 26.09 -0.31 10.52
C LEU N 109 26.94 -0.80 9.33
N TYR N 110 26.87 -0.12 8.19
CA TYR N 110 27.77 -0.44 7.09
C TYR N 110 28.83 0.63 6.98
N TYR N 111 30.10 0.22 7.00
CA TYR N 111 31.22 1.12 6.81
C TYR N 111 32.29 0.38 6.03
N ASP N 112 32.95 1.12 5.14
CA ASP N 112 34.03 0.55 4.35
C ASP N 112 35.34 0.57 5.14
N ASN N 113 36.28 -0.25 4.70
CA ASN N 113 37.61 -0.37 5.28
C ASN N 113 37.60 -0.91 6.70
N ARG N 114 36.49 -1.48 7.15
CA ARG N 114 36.52 -2.21 8.42
C ARG N 114 37.42 -3.43 8.31
N TYR N 115 37.40 -4.10 7.17
CA TYR N 115 38.31 -5.20 6.89
C TYR N 115 39.66 -4.66 6.43
N TRP N 116 40.73 -5.15 7.04
CA TRP N 116 42.07 -4.95 6.52
C TRP N 116 42.50 -6.24 5.81
N THR N 117 43.77 -6.29 5.42
CA THR N 117 44.29 -7.48 4.70
C THR N 117 45.10 -8.35 5.65
N MET N 118 44.84 -9.65 5.67
CA MET N 118 45.57 -10.58 6.57
C MET N 118 47.02 -10.71 6.11
N TRP N 119 47.95 -10.81 7.06
CA TRP N 119 49.39 -10.92 6.73
C TRP N 119 49.84 -12.37 6.91
N CYS N 126 51.85 -18.11 14.42
CA CYS N 126 50.90 -17.71 15.45
C CYS N 126 50.99 -18.63 16.67
N THR N 127 52.15 -18.63 17.32
CA THR N 127 52.39 -19.48 18.47
C THR N 127 52.77 -18.72 19.73
N ASP N 128 53.50 -17.61 19.61
CA ASP N 128 54.00 -16.89 20.77
C ASP N 128 54.29 -15.45 20.37
N GLY N 129 54.74 -14.66 21.36
CA GLY N 129 55.01 -13.26 21.10
C GLY N 129 56.17 -13.03 20.15
N GLY N 130 57.22 -13.84 20.28
CA GLY N 130 58.40 -13.65 19.42
C GLY N 130 58.09 -13.85 17.96
N GLN N 131 57.31 -14.88 17.63
CA GLN N 131 56.98 -15.12 16.23
C GLN N 131 56.13 -13.99 15.65
N VAL N 132 55.17 -13.50 16.41
CA VAL N 132 54.34 -12.39 15.93
C VAL N 132 55.17 -11.13 15.80
N LEU N 133 56.14 -10.92 16.68
CA LEU N 133 57.03 -9.78 16.54
C LEU N 133 57.88 -9.90 15.27
N ARG N 134 58.40 -11.10 15.00
CA ARG N 134 59.17 -11.29 13.76
C ARG N 134 58.30 -11.02 12.55
N GLU N 135 57.05 -11.48 12.57
CA GLU N 135 56.13 -11.19 11.48
C GLU N 135 55.81 -9.71 11.38
N VAL N 136 55.79 -9.00 12.51
CA VAL N 136 55.57 -7.56 12.48
C VAL N 136 56.72 -6.86 11.77
N GLN N 137 57.96 -7.24 12.09
CA GLN N 137 59.11 -6.69 11.37
C GLN N 137 59.08 -7.06 9.89
N ALA N 138 58.69 -8.29 9.56
CA ALA N 138 58.60 -8.68 8.17
C ALA N 138 57.56 -7.85 7.42
N CYS N 139 56.40 -7.62 8.03
CA CYS N 139 55.37 -6.81 7.41
C CYS N 139 55.84 -5.36 7.26
N ARG N 140 56.56 -4.85 8.27
CA ARG N 140 57.11 -3.50 8.19
C ARG N 140 58.06 -3.37 7.00
N ARG N 141 58.95 -4.35 6.83
CA ARG N 141 59.87 -4.29 5.71
C ARG N 141 59.14 -4.39 4.38
N ALA N 142 58.17 -5.30 4.28
CA ALA N 142 57.47 -5.52 3.01
C ALA N 142 56.59 -4.33 2.64
N PHE N 143 55.88 -3.79 3.65
CA PHE N 143 54.96 -2.65 3.40
C PHE N 143 55.29 -1.53 4.41
N PRO N 144 56.29 -0.67 4.13
CA PRO N 144 56.70 0.37 5.07
C PRO N 144 55.68 1.49 5.24
N ASP N 145 54.80 1.68 4.25
CA ASP N 145 53.81 2.80 4.30
C ASP N 145 52.44 2.26 4.71
N ALA N 146 52.40 1.16 5.47
CA ALA N 146 51.11 0.55 5.83
C ALA N 146 50.94 0.45 7.35
N TYR N 147 49.73 0.71 7.86
CA TYR N 147 49.47 0.53 9.30
C TYR N 147 49.36 -0.97 9.57
N ILE N 148 49.96 -1.44 10.67
CA ILE N 148 49.85 -2.89 11.02
C ILE N 148 48.97 -3.03 12.25
N ARG N 149 48.06 -4.02 12.24
CA ARG N 149 47.13 -4.23 13.38
C ARG N 149 47.19 -5.69 13.84
N VAL N 150 47.36 -5.91 15.14
CA VAL N 150 47.37 -7.26 15.70
C VAL N 150 45.94 -7.65 16.04
N VAL N 151 45.48 -8.76 15.51
CA VAL N 151 44.12 -9.24 15.76
C VAL N 151 44.18 -10.55 16.53
N GLY N 152 43.15 -10.79 17.31
CA GLY N 152 43.03 -12.02 18.07
C GLY N 152 41.75 -12.75 17.70
N PHE N 153 41.84 -14.08 17.63
CA PHE N 153 40.66 -14.89 17.23
C PHE N 153 40.45 -16.03 18.24
N ASP N 154 39.28 -16.09 18.87
CA ASP N 154 38.97 -17.22 19.78
C ASP N 154 38.72 -18.45 18.91
N PRO N 155 39.52 -19.53 19.02
CA PRO N 155 39.38 -20.69 18.13
C PRO N 155 38.11 -21.51 18.41
N VAL N 156 37.56 -21.40 19.62
CA VAL N 156 36.36 -22.20 19.99
C VAL N 156 35.10 -21.47 19.48
N ARG N 157 34.94 -20.20 19.86
CA ARG N 157 33.73 -19.43 19.48
C ARG N 157 33.84 -19.00 18.02
N GLN N 158 35.03 -19.08 17.43
CA GLN N 158 35.23 -18.64 16.02
C GLN N 158 34.78 -17.18 15.89
N VAL N 159 35.23 -16.31 16.81
CA VAL N 159 34.87 -14.86 16.76
C VAL N 159 36.15 -14.06 16.95
N GLN N 160 36.19 -12.81 16.45
CA GLN N 160 37.39 -11.96 16.72
C GLN N 160 37.27 -11.42 18.14
N VAL N 161 38.34 -11.55 18.94
CA VAL N 161 38.32 -11.11 20.32
C VAL N 161 39.30 -9.98 20.60
N SER N 162 40.19 -9.70 19.66
CA SER N 162 41.23 -8.66 19.88
C SER N 162 41.52 -7.89 18.60
N GLY N 163 42.00 -6.65 18.72
CA GLY N 163 42.33 -5.83 17.55
C GLY N 163 42.95 -4.51 17.95
N PHE N 164 44.28 -4.43 17.95
CA PHE N 164 45.00 -3.18 18.35
C PHE N 164 46.10 -2.85 17.33
N LEU N 165 46.24 -1.55 17.00
CA LEU N 165 47.28 -1.11 16.04
C LEU N 165 48.65 -1.21 16.70
N VAL N 166 49.66 -1.66 15.95
CA VAL N 166 51.03 -1.83 16.52
C VAL N 166 52.04 -1.06 15.65
N ASN N 167 51.59 -0.47 14.55
CA ASN N 167 52.52 0.23 13.63
C ASN N 167 51.83 1.40 12.92
N ARG N 168 52.48 2.57 12.90
CA ARG N 168 51.93 3.75 12.15
C ARG N 168 53.01 4.18 11.16
N PRO N 169 52.76 4.17 9.83
CA PRO N 169 53.81 4.48 8.85
C PRO N 169 54.36 5.89 9.06
N ALA N 170 55.68 6.01 9.24
CA ALA N 170 56.31 7.33 9.42
C ALA N 170 55.98 8.23 8.22
N SER N 171 55.96 7.65 7.02
CA SER N 171 55.68 8.43 5.78
C SER N 171 54.31 9.14 5.90
N VAL N 172 53.30 8.43 6.39
CA VAL N 172 51.93 9.03 6.47
C VAL N 172 51.89 9.97 7.68
N ARG N 173 51.21 11.12 7.54
CA ARG N 173 51.14 12.12 8.64
C ARG N 173 49.68 12.45 8.92
N ASP N 174 48.81 11.44 8.92
CA ASP N 174 47.36 11.66 9.18
C ASP N 174 47.09 11.51 10.68
N TYR N 175 48.14 11.31 11.48
CA TYR N 175 47.95 11.08 12.93
C TYR N 175 48.87 12.03 13.72
N GLN N 176 48.53 12.30 14.98
CA GLN N 176 49.36 13.19 15.84
C GLN N 176 50.17 12.35 16.83
N GLY N 177 50.93 13.00 17.72
CA GLY N 177 51.69 12.28 18.76
C GLY N 177 51.11 12.59 20.13
N PRO N 178 51.44 11.82 21.19
CA PRO N 178 50.82 12.02 22.50
C PRO N 178 50.82 13.48 22.97
N SER N 179 51.87 14.24 22.62
CA SER N 179 51.98 15.66 23.08
C SER N 179 51.38 16.61 22.04
N THR N 180 51.24 16.19 20.79
CA THR N 180 50.75 17.08 19.71
C THR N 180 49.24 16.89 19.51
N ARG N 181 48.61 16.05 20.34
CA ARG N 181 47.15 15.80 20.24
C ARG N 181 46.38 17.03 20.72
N SER N 182 47.01 17.85 21.57
CA SER N 182 46.35 19.10 22.05
C SER N 182 47.20 20.32 21.66
N VAL N 183 46.58 21.41 21.22
CA VAL N 183 47.32 22.61 20.77
C VAL N 183 46.74 23.85 21.48
N LEU O 22 -31.05 40.97 29.43
CA LEU O 22 -30.20 40.30 28.47
C LEU O 22 -29.46 39.13 29.10
N THR O 23 -29.78 37.92 28.64
CA THR O 23 -29.11 36.73 29.18
C THR O 23 -27.68 36.60 28.67
N TYR O 24 -27.32 37.34 27.62
CA TYR O 24 -26.03 37.18 26.95
C TYR O 24 -25.09 38.35 27.20
N TYR O 25 -25.53 39.37 27.91
CA TYR O 25 -24.67 40.46 28.35
C TYR O 25 -24.51 40.33 29.86
N THR O 26 -23.31 39.96 30.31
CA THR O 26 -23.01 39.72 31.71
C THR O 26 -21.79 40.55 32.11
N PRO O 27 -21.99 41.84 32.39
CA PRO O 27 -20.84 42.70 32.71
C PRO O 27 -20.11 42.31 33.98
N ASP O 28 -20.70 41.49 34.84
CA ASP O 28 -20.03 41.02 36.05
C ASP O 28 -19.29 39.70 35.84
N TYR O 29 -19.31 39.16 34.63
CA TYR O 29 -18.66 37.87 34.39
C TYR O 29 -17.14 38.04 34.33
N GLN O 30 -16.44 37.11 34.97
CA GLN O 30 -14.99 37.08 34.93
C GLN O 30 -14.54 35.98 33.99
N PRO O 31 -13.88 36.30 32.88
CA PRO O 31 -13.51 35.26 31.91
C PRO O 31 -12.59 34.21 32.53
N LYS O 32 -12.81 32.96 32.15
CA LYS O 32 -12.04 31.85 32.67
C LYS O 32 -10.66 31.80 32.02
N ASP O 33 -9.77 30.98 32.58
CA ASP O 33 -8.40 30.86 32.03
C ASP O 33 -8.43 30.07 30.71
N THR O 34 -9.54 29.40 30.43
CA THR O 34 -9.65 28.59 29.22
C THR O 34 -10.59 29.19 28.19
N ASP O 35 -11.19 30.35 28.46
CA ASP O 35 -12.08 30.98 27.50
C ASP O 35 -11.31 31.53 26.31
N ILE O 36 -11.92 31.46 25.14
CA ILE O 36 -11.44 32.16 23.95
C ILE O 36 -12.13 33.52 23.94
N LEU O 37 -11.35 34.59 23.89
CA LEU O 37 -11.88 35.94 24.00
C LEU O 37 -11.72 36.65 22.66
N ALA O 38 -12.76 37.37 22.27
CA ALA O 38 -12.76 38.18 21.05
C ALA O 38 -13.08 39.61 21.41
N ALA O 39 -12.44 40.55 20.74
CA ALA O 39 -12.70 41.97 20.92
C ALA O 39 -13.25 42.51 19.61
N PHE O 40 -14.56 42.75 19.58
CA PHE O 40 -15.24 43.23 18.38
C PHE O 40 -15.39 44.74 18.44
N ARG O 41 -15.01 45.42 17.37
CA ARG O 41 -15.32 46.84 17.19
C ARG O 41 -16.58 46.93 16.36
N MET O 42 -17.67 47.35 17.01
CA MET O 42 -18.98 47.34 16.31
C MET O 42 -19.65 48.71 16.32
N THR O 43 -20.32 49.06 15.22
CA THR O 43 -21.10 50.28 15.12
C THR O 43 -22.56 49.89 14.93
N PRO O 44 -23.38 49.93 15.99
CA PRO O 44 -24.79 49.52 15.84
C PRO O 44 -25.60 50.57 15.10
N GLN O 45 -26.72 50.11 14.55
CA GLN O 45 -27.64 51.01 13.88
C GLN O 45 -28.23 51.99 14.90
N PRO O 46 -28.57 53.20 14.47
CA PRO O 46 -29.14 54.17 15.42
C PRO O 46 -30.42 53.64 16.05
N GLY O 47 -30.55 53.88 17.35
CA GLY O 47 -31.64 53.35 18.13
C GLY O 47 -31.33 52.05 18.84
N VAL O 48 -30.29 51.34 18.41
CA VAL O 48 -29.89 50.09 19.04
C VAL O 48 -28.87 50.41 20.12
N PRO O 49 -29.15 50.14 21.39
CA PRO O 49 -28.15 50.40 22.42
C PRO O 49 -26.96 49.48 22.27
N PRO O 50 -25.76 49.91 22.69
CA PRO O 50 -24.59 49.03 22.55
C PRO O 50 -24.72 47.72 23.30
N GLU O 51 -25.40 47.73 24.44
CA GLU O 51 -25.56 46.49 25.25
C GLU O 51 -26.34 45.46 24.44
N GLU O 52 -27.40 45.88 23.74
CA GLU O 52 -28.19 44.98 22.93
C GLU O 52 -27.37 44.40 21.77
N ALA O 53 -26.55 45.22 21.14
CA ALA O 53 -25.74 44.74 20.02
C ALA O 53 -24.68 43.75 20.49
N GLY O 54 -24.01 44.05 21.60
CA GLY O 54 -23.07 43.08 22.15
C GLY O 54 -23.74 41.78 22.55
N ALA O 55 -24.96 41.89 23.10
CA ALA O 55 -25.70 40.66 23.46
C ALA O 55 -25.94 39.82 22.20
N ALA O 56 -26.30 40.47 21.09
CA ALA O 56 -26.59 39.75 19.83
C ALA O 56 -25.33 39.03 19.33
N VAL O 57 -24.19 39.73 19.29
CA VAL O 57 -22.91 39.11 18.85
C VAL O 57 -22.60 37.92 19.76
N ALA O 58 -22.77 38.09 21.07
CA ALA O 58 -22.51 37.00 22.03
C ALA O 58 -23.43 35.82 21.73
N ALA O 59 -24.71 36.09 21.44
CA ALA O 59 -25.68 35.00 21.16
C ALA O 59 -25.31 34.32 19.84
N ARG O 79 -24.27 27.24 29.11
CA ARG O 79 -23.01 26.48 29.35
C ARG O 79 -22.11 26.59 28.12
N TYR O 80 -22.71 26.55 26.91
CA TYR O 80 -21.94 26.67 25.66
C TYR O 80 -22.30 27.99 24.96
N LYS O 81 -22.85 28.92 25.72
CA LYS O 81 -23.31 30.20 25.11
C LYS O 81 -22.18 31.22 25.17
N GLY O 82 -21.93 31.94 24.08
CA GLY O 82 -20.95 33.03 24.12
C GLY O 82 -21.57 34.20 24.87
N ARG O 83 -20.80 34.95 25.65
CA ARG O 83 -21.40 36.01 26.43
C ARG O 83 -20.56 37.26 26.33
N CYS O 84 -21.24 38.40 26.29
CA CYS O 84 -20.59 39.70 26.28
C CYS O 84 -20.34 40.11 27.73
N TYR O 85 -19.07 40.19 28.13
CA TYR O 85 -18.76 40.49 29.55
C TYR O 85 -18.25 41.93 29.72
N ASP O 86 -17.93 42.60 28.61
CA ASP O 86 -17.37 43.95 28.72
C ASP O 86 -17.69 44.72 27.45
N ILE O 87 -18.08 45.98 27.62
CA ILE O 87 -18.30 46.90 26.51
C ILE O 87 -17.67 48.23 26.87
N GLU O 88 -16.79 48.72 25.99
CA GLU O 88 -16.17 50.04 26.22
C GLU O 88 -16.43 50.90 24.98
N PRO O 89 -16.84 52.17 25.10
CA PRO O 89 -16.99 53.04 23.93
C PRO O 89 -15.63 53.45 23.39
N VAL O 90 -15.59 53.71 22.09
CA VAL O 90 -14.37 54.14 21.40
C VAL O 90 -14.29 55.67 21.54
N PRO O 91 -13.28 56.20 22.22
CA PRO O 91 -13.13 57.66 22.35
C PRO O 91 -12.53 58.24 21.08
N GLY O 92 -13.35 58.91 20.29
CA GLY O 92 -12.88 59.48 19.04
C GLY O 92 -13.79 59.16 17.87
N GLU O 93 -14.64 58.15 18.03
CA GLU O 93 -15.58 57.74 17.00
C GLU O 93 -16.99 57.73 17.59
N GLU O 94 -17.95 58.20 16.79
CA GLU O 94 -19.33 58.27 17.25
C GLU O 94 -20.00 56.90 17.15
N ASN O 95 -20.75 56.54 18.19
CA ASN O 95 -21.50 55.28 18.25
C ASN O 95 -20.60 54.08 17.93
N GLN O 96 -19.41 54.06 18.51
CA GLN O 96 -18.46 52.98 18.30
C GLN O 96 -18.06 52.38 19.64
N TYR O 97 -18.20 51.07 19.75
CA TYR O 97 -17.91 50.36 20.99
C TYR O 97 -17.05 49.14 20.71
N ILE O 98 -16.26 48.76 21.70
CA ILE O 98 -15.51 47.52 21.67
C ILE O 98 -16.24 46.52 22.55
N ALA O 99 -16.67 45.41 21.96
CA ALA O 99 -17.43 44.37 22.71
C ALA O 99 -16.53 43.16 22.97
N TYR O 100 -16.38 42.77 24.23
CA TYR O 100 -15.51 41.62 24.59
C TYR O 100 -16.38 40.38 24.78
N ILE O 101 -16.12 39.32 23.98
CA ILE O 101 -16.97 38.09 24.05
C ILE O 101 -16.14 36.94 24.61
N ALA O 102 -16.74 36.11 25.48
CA ALA O 102 -16.06 34.97 26.05
C ALA O 102 -16.72 33.70 25.56
N TYR O 103 -15.94 32.83 24.92
CA TYR O 103 -16.44 31.56 24.42
C TYR O 103 -15.85 30.42 25.24
N PRO O 104 -16.67 29.45 25.66
CA PRO O 104 -16.13 28.30 26.38
C PRO O 104 -15.20 27.47 25.50
N LEU O 105 -14.21 26.86 26.13
CA LEU O 105 -13.22 26.07 25.40
C LEU O 105 -13.84 24.86 24.72
N ASP O 106 -14.95 24.34 25.26
CA ASP O 106 -15.61 23.12 24.73
C ASP O 106 -16.25 23.38 23.37
N LEU O 107 -16.32 24.63 22.93
CA LEU O 107 -17.04 24.96 21.71
C LEU O 107 -16.27 24.61 20.45
N PHE O 108 -14.95 24.45 20.54
CA PHE O 108 -14.11 24.37 19.36
C PHE O 108 -13.45 23.00 19.25
N GLU O 109 -13.09 22.67 18.00
CA GLU O 109 -12.39 21.39 17.73
C GLU O 109 -10.90 21.60 17.95
N GLU O 110 -10.24 20.66 18.61
CA GLU O 110 -8.83 20.76 18.92
C GLU O 110 -8.01 20.90 17.64
N GLY O 111 -7.10 21.88 17.63
CA GLY O 111 -6.17 22.05 16.53
C GLY O 111 -6.81 22.38 15.20
N SER O 112 -7.92 23.11 15.20
CA SER O 112 -8.66 23.40 13.97
C SER O 112 -8.89 24.91 13.88
N VAL O 113 -8.07 25.58 13.08
CA VAL O 113 -8.29 27.00 12.79
C VAL O 113 -9.57 27.18 12.00
N THR O 114 -9.88 26.24 11.11
CA THR O 114 -11.12 26.29 10.34
C THR O 114 -12.33 26.39 11.26
N ASN O 115 -12.39 25.51 12.27
CA ASN O 115 -13.54 25.52 13.20
C ASN O 115 -13.54 26.83 14.00
N LEU O 116 -12.38 27.28 14.46
CA LEU O 116 -12.33 28.51 15.23
C LEU O 116 -12.93 29.67 14.44
N PHE O 117 -12.53 29.80 13.18
CA PHE O 117 -13.09 30.88 12.36
C PHE O 117 -14.56 30.65 12.04
N THR O 118 -14.98 29.39 11.87
CA THR O 118 -16.39 29.13 11.66
C THR O 118 -17.22 29.53 12.87
N SER O 119 -16.70 29.26 14.08
CA SER O 119 -17.47 29.58 15.28
C SER O 119 -17.49 31.09 15.54
N ILE O 120 -16.34 31.75 15.45
CA ILE O 120 -16.25 33.14 15.88
C ILE O 120 -16.87 34.06 14.84
N VAL O 121 -16.46 33.91 13.58
CA VAL O 121 -16.92 34.88 12.54
C VAL O 121 -17.70 34.18 11.43
N GLY O 122 -18.31 33.03 11.72
CA GLY O 122 -19.13 32.31 10.71
C GLY O 122 -20.25 33.16 10.17
N ASN O 123 -21.28 33.44 10.98
CA ASN O 123 -22.35 34.31 10.55
C ASN O 123 -22.60 35.33 11.65
N VAL O 124 -21.76 36.37 11.69
CA VAL O 124 -21.99 37.50 12.58
C VAL O 124 -21.81 38.84 11.88
N PHE O 125 -21.15 38.82 10.72
CA PHE O 125 -20.93 40.08 9.95
C PHE O 125 -22.17 40.40 9.13
N GLY O 126 -23.14 39.48 9.06
CA GLY O 126 -24.39 39.69 8.36
C GLY O 126 -25.55 40.13 9.23
N PHE O 127 -25.30 40.54 10.47
CA PHE O 127 -26.38 41.02 11.33
C PHE O 127 -26.84 42.40 10.88
N LYS O 128 -28.15 42.54 10.69
CA LYS O 128 -28.72 43.84 10.22
C LYS O 128 -28.60 44.88 11.34
N ALA O 129 -28.60 44.45 12.61
CA ALA O 129 -28.56 45.40 13.71
C ALA O 129 -27.24 46.13 13.82
N LEU O 130 -26.22 45.72 13.07
CA LEU O 130 -24.90 46.32 13.13
C LEU O 130 -24.62 47.03 11.81
N ARG O 131 -24.37 48.33 11.88
CA ARG O 131 -23.95 49.05 10.68
C ARG O 131 -22.60 48.55 10.20
N ALA O 132 -21.65 48.36 11.11
CA ALA O 132 -20.35 47.82 10.77
C ALA O 132 -19.85 46.99 11.94
N LEU O 133 -19.03 45.98 11.63
CA LEU O 133 -18.47 45.09 12.64
C LEU O 133 -17.05 44.72 12.23
N ARG O 134 -16.13 44.77 13.20
CA ARG O 134 -14.72 44.46 12.91
C ARG O 134 -14.09 43.66 14.06
N LEU O 135 -13.66 42.43 13.81
CA LEU O 135 -12.94 41.66 14.80
C LEU O 135 -11.52 42.22 14.92
N GLU O 136 -11.16 42.66 16.12
CA GLU O 136 -9.88 43.32 16.34
C GLU O 136 -8.83 42.39 16.90
N ASP O 137 -9.19 41.52 17.85
CA ASP O 137 -8.21 40.68 18.50
C ASP O 137 -8.86 39.40 18.97
N LEU O 138 -8.04 38.39 19.23
CA LEU O 138 -8.45 37.13 19.83
C LEU O 138 -7.51 36.80 20.98
N ARG O 139 -8.05 36.14 21.99
CA ARG O 139 -7.25 35.57 23.07
C ARG O 139 -7.35 34.06 22.98
N ILE O 140 -6.26 33.42 22.57
CA ILE O 140 -6.19 31.96 22.50
C ILE O 140 -5.64 31.45 23.82
N PRO O 141 -6.45 30.78 24.64
CA PRO O 141 -5.93 30.28 25.91
C PRO O 141 -4.86 29.23 25.69
N PRO O 142 -3.84 29.10 26.57
CA PRO O 142 -2.83 28.04 26.42
C PRO O 142 -3.45 26.66 26.18
N ALA O 143 -4.53 26.34 26.90
CA ALA O 143 -5.18 25.01 26.75
C ALA O 143 -5.48 24.76 25.27
N TYR O 144 -6.01 25.76 24.57
CA TYR O 144 -6.27 25.62 23.11
C TYR O 144 -4.95 25.62 22.34
N VAL O 145 -4.01 26.51 22.70
CA VAL O 145 -2.77 26.59 21.94
C VAL O 145 -2.07 25.24 21.91
N LYS O 146 -2.09 24.52 23.04
CA LYS O 146 -1.38 23.25 23.12
C LYS O 146 -1.94 22.20 22.18
N THR O 147 -3.17 22.38 21.68
CA THR O 147 -3.74 21.41 20.74
C THR O 147 -3.26 21.62 19.31
N PHE O 148 -2.53 22.69 19.04
CA PHE O 148 -2.02 22.99 17.70
C PHE O 148 -0.55 22.62 17.61
N GLN O 149 -0.15 22.12 16.43
CA GLN O 149 1.27 21.90 16.19
C GLN O 149 2.04 23.21 16.07
N GLY O 150 1.47 24.19 15.40
CA GLY O 150 2.14 25.45 15.18
C GLY O 150 3.04 25.42 13.96
N PRO O 151 3.93 26.40 13.84
CA PRO O 151 4.82 26.44 12.69
C PRO O 151 5.72 25.23 12.69
N PRO O 152 6.10 24.72 11.51
CA PRO O 152 6.91 23.50 11.46
C PRO O 152 8.24 23.61 12.17
N HIS O 153 8.91 24.75 12.03
CA HIS O 153 10.27 24.85 12.62
C HIS O 153 10.29 26.06 13.56
N GLY O 154 9.89 27.22 13.05
CA GLY O 154 9.97 28.44 13.85
C GLY O 154 11.19 29.26 13.48
N ILE O 155 11.45 30.35 14.19
CA ILE O 155 12.55 31.24 13.84
C ILE O 155 13.89 30.64 14.27
N GLN O 156 13.98 30.16 15.50
CA GLN O 156 15.28 29.70 16.00
C GLN O 156 15.73 28.45 15.26
N VAL O 157 14.82 27.51 15.04
CA VAL O 157 15.17 26.27 14.28
C VAL O 157 15.54 26.67 12.85
N GLU O 158 14.83 27.65 12.27
CA GLU O 158 15.18 28.10 10.90
C GLU O 158 16.63 28.61 10.90
N ARG O 159 16.96 29.51 11.84
CA ARG O 159 18.33 30.08 11.91
C ARG O 159 19.35 28.95 12.06
N ASP O 160 19.07 27.96 12.93
CA ASP O 160 20.02 26.88 13.14
C ASP O 160 20.20 26.04 11.88
N LYS O 161 19.10 25.77 11.17
CA LYS O 161 19.17 24.94 9.95
C LYS O 161 19.93 25.70 8.85
N LEU O 162 19.66 27.00 8.71
CA LEU O 162 20.32 27.79 7.68
C LEU O 162 21.68 28.32 8.11
N ASN O 163 22.01 28.21 9.40
CA ASN O 163 23.34 28.64 9.92
C ASN O 163 23.56 30.14 9.66
N LYS O 164 22.50 30.94 9.78
CA LYS O 164 22.59 32.38 9.60
C LYS O 164 22.13 33.06 10.88
N TYR O 165 23.02 33.88 11.46
CA TYR O 165 22.76 34.50 12.75
C TYR O 165 23.08 35.99 12.70
N GLY O 166 22.40 36.75 13.54
CA GLY O 166 22.76 38.13 13.78
C GLY O 166 22.36 39.11 12.71
N ARG O 167 21.51 38.73 11.78
CA ARG O 167 21.14 39.62 10.69
C ARG O 167 19.81 39.17 10.11
N GLY O 168 19.13 40.11 9.47
CA GLY O 168 17.92 39.77 8.77
C GLY O 168 18.20 38.97 7.51
N LEU O 169 17.19 38.25 7.04
CA LEU O 169 17.30 37.50 5.82
C LEU O 169 16.85 38.34 4.63
N LEU O 170 17.33 37.98 3.45
CA LEU O 170 17.08 38.73 2.23
C LEU O 170 16.44 37.83 1.18
N GLY O 171 15.47 38.37 0.46
CA GLY O 171 14.79 37.61 -0.57
C GLY O 171 14.41 38.50 -1.74
N CYS O 172 14.19 37.86 -2.89
CA CYS O 172 13.79 38.55 -4.10
C CYS O 172 12.65 37.79 -4.76
N THR O 173 11.76 38.52 -5.42
CA THR O 173 10.67 37.87 -6.20
C THR O 173 11.09 37.86 -7.67
N ILE O 174 11.28 36.68 -8.26
CA ILE O 174 11.78 36.59 -9.65
C ILE O 174 10.84 37.37 -10.58
N LYS O 175 11.39 38.32 -11.35
CA LYS O 175 10.56 39.17 -12.23
C LYS O 175 11.13 39.10 -13.66
N PRO O 176 10.33 38.86 -14.72
CA PRO O 176 8.92 39.29 -14.76
C PRO O 176 7.97 38.34 -14.00
N LYS O 177 6.79 38.85 -13.62
CA LYS O 177 5.84 38.04 -12.83
C LYS O 177 5.50 36.75 -13.58
N LEU O 178 5.12 36.84 -14.86
CA LEU O 178 4.68 35.64 -15.61
C LEU O 178 5.27 35.64 -17.02
N GLY O 179 5.11 34.53 -17.76
CA GLY O 179 5.59 34.44 -19.14
C GLY O 179 6.97 33.80 -19.23
N LEU O 180 7.74 33.83 -18.15
CA LEU O 180 9.13 33.31 -18.19
C LEU O 180 9.11 31.78 -18.25
N SER O 181 10.00 31.17 -19.04
CA SER O 181 10.10 29.70 -19.10
C SER O 181 10.80 29.18 -17.84
N ALA O 182 10.60 27.91 -17.50
CA ALA O 182 11.24 27.32 -16.30
C ALA O 182 12.76 27.50 -16.36
N LYS O 183 13.35 27.32 -17.55
CA LYS O 183 14.82 27.51 -17.71
C LYS O 183 15.19 28.95 -17.35
N ASN O 184 14.49 29.92 -17.94
CA ASN O 184 14.82 31.33 -17.68
C ASN O 184 14.51 31.71 -16.24
N TYR O 185 13.45 31.11 -15.68
CA TYR O 185 13.14 31.35 -14.25
C TYR O 185 14.32 30.85 -13.40
N GLY O 186 14.80 29.64 -13.69
CA GLY O 186 15.95 29.13 -12.95
C GLY O 186 17.19 29.97 -13.13
N ARG O 187 17.39 30.49 -14.34
CA ARG O 187 18.58 31.36 -14.61
C ARG O 187 18.48 32.61 -13.73
N ALA O 188 17.30 33.23 -13.69
CA ALA O 188 17.12 34.41 -12.85
C ALA O 188 17.33 34.08 -11.37
N VAL O 189 16.84 32.93 -10.93
CA VAL O 189 17.02 32.51 -9.55
C VAL O 189 18.51 32.38 -9.22
N TYR O 190 19.25 31.70 -10.10
CA TYR O 190 20.67 31.50 -9.86
C TYR O 190 21.42 32.82 -9.85
N GLU O 191 21.09 33.72 -10.78
CA GLU O 191 21.77 35.01 -10.84
C GLU O 191 21.53 35.82 -9.59
N CYS O 192 20.29 35.82 -9.10
CA CYS O 192 19.96 36.63 -7.90
C CYS O 192 20.58 36.00 -6.65
N LEU O 193 20.57 34.66 -6.55
CA LEU O 193 21.06 34.00 -5.31
C LEU O 193 22.59 34.11 -5.22
N ARG O 194 23.29 33.98 -6.35
CA ARG O 194 24.79 34.00 -6.33
C ARG O 194 25.30 35.36 -5.85
N GLY O 195 24.47 36.40 -5.98
CA GLY O 195 24.88 37.77 -5.57
C GLY O 195 25.05 37.89 -4.06
N GLY O 196 24.31 37.09 -3.29
CA GLY O 196 24.39 37.15 -1.82
C GLY O 196 23.02 37.09 -1.17
N LEU O 197 21.95 37.03 -1.97
CA LEU O 197 20.58 36.90 -1.42
C LEU O 197 20.43 35.52 -0.77
N ASP O 198 19.68 35.44 0.32
CA ASP O 198 19.49 34.16 1.05
C ASP O 198 18.32 33.39 0.41
N PHE O 199 17.36 34.10 -0.18
CA PHE O 199 16.18 33.45 -0.72
C PHE O 199 15.76 34.10 -2.02
N THR O 200 15.07 33.31 -2.84
CA THR O 200 14.26 33.82 -3.93
C THR O 200 12.89 33.18 -3.80
N LYS O 201 11.90 33.68 -4.54
CA LYS O 201 10.53 33.15 -4.37
C LYS O 201 9.77 33.15 -5.71
N ASP O 202 8.83 32.21 -5.87
CA ASP O 202 7.98 32.23 -7.09
C ASP O 202 6.98 33.37 -6.93
N ASP O 203 6.47 33.91 -8.04
CA ASP O 203 5.43 34.96 -7.94
C ASP O 203 4.17 34.33 -7.33
N GLU O 204 3.35 35.14 -6.66
CA GLU O 204 2.18 34.62 -5.96
C GLU O 204 1.23 33.88 -6.91
N ASN O 205 1.14 34.31 -8.15
CA ASN O 205 0.24 33.70 -9.11
C ASN O 205 0.91 32.63 -9.97
N VAL O 206 2.16 32.30 -9.68
CA VAL O 206 2.88 31.27 -10.40
C VAL O 206 2.69 29.96 -9.65
N ASN O 207 1.80 29.11 -10.18
CA ASN O 207 1.59 27.77 -9.59
C ASN O 207 1.95 26.73 -10.64
N SER O 208 1.19 26.67 -11.73
CA SER O 208 1.43 25.72 -12.81
C SER O 208 0.64 26.20 -14.02
N GLN O 209 1.36 26.65 -15.06
CA GLN O 209 0.66 27.26 -16.21
C GLN O 209 1.20 26.65 -17.50
N PRO O 210 0.50 26.79 -18.66
CA PRO O 210 1.05 26.30 -19.94
C PRO O 210 2.46 26.84 -20.20
N PHE O 211 2.73 28.08 -19.81
CA PHE O 211 4.06 28.70 -20.10
C PHE O 211 5.14 28.06 -19.24
N MET O 212 4.78 27.63 -18.01
CA MET O 212 5.80 27.07 -17.09
C MET O 212 5.13 26.05 -16.16
N ARG O 213 5.22 24.78 -16.50
CA ARG O 213 4.69 23.74 -15.62
C ARG O 213 5.51 23.68 -14.35
N TRP O 214 4.89 23.15 -13.29
CA TRP O 214 5.49 23.28 -11.96
C TRP O 214 6.70 22.37 -11.78
N ARG O 215 6.69 21.17 -12.37
CA ARG O 215 7.82 20.26 -12.16
C ARG O 215 9.06 20.72 -12.89
N ASP O 216 8.91 21.28 -14.10
CA ASP O 216 10.06 21.86 -14.78
C ASP O 216 10.66 22.99 -13.96
N ARG O 217 9.81 23.86 -13.41
CA ARG O 217 10.30 24.95 -12.57
C ARG O 217 11.00 24.42 -11.34
N PHE O 218 10.45 23.38 -10.71
CA PHE O 218 11.09 22.83 -9.51
C PHE O 218 12.47 22.29 -9.84
N LEU O 219 12.60 21.57 -10.95
CA LEU O 219 13.90 21.01 -11.33
C LEU O 219 14.93 22.09 -11.66
N PHE O 220 14.53 23.08 -12.46
CA PHE O 220 15.48 24.12 -12.83
C PHE O 220 15.87 24.98 -11.63
N VAL O 221 14.91 25.26 -10.74
CA VAL O 221 15.21 26.01 -9.54
C VAL O 221 16.11 25.22 -8.61
N ALA O 222 15.94 23.90 -8.55
CA ALA O 222 16.84 23.07 -7.75
C ALA O 222 18.26 23.13 -8.28
N GLU O 223 18.41 23.05 -9.61
CA GLU O 223 19.74 23.18 -10.20
C GLU O 223 20.35 24.54 -9.89
N ALA O 224 19.55 25.59 -10.00
CA ALA O 224 20.06 26.93 -9.72
C ALA O 224 20.45 27.09 -8.26
N ILE O 225 19.63 26.57 -7.34
CA ILE O 225 19.93 26.65 -5.92
C ILE O 225 21.25 25.94 -5.62
N TYR O 226 21.44 24.75 -6.19
CA TYR O 226 22.66 24.02 -5.90
C TYR O 226 23.89 24.67 -6.53
N LYS O 227 23.74 25.24 -7.72
CA LYS O 227 24.85 25.97 -8.33
C LYS O 227 25.24 27.18 -7.47
N SER O 228 24.26 27.95 -7.02
CA SER O 228 24.57 29.12 -6.20
C SER O 228 25.18 28.72 -4.86
N GLN O 229 24.70 27.61 -4.28
CA GLN O 229 25.30 27.12 -3.04
C GLN O 229 26.75 26.75 -3.24
N ALA O 230 27.05 26.01 -4.30
CA ALA O 230 28.44 25.61 -4.56
C ALA O 230 29.31 26.84 -4.81
N GLU O 231 28.78 27.83 -5.51
CA GLU O 231 29.59 29.00 -5.84
C GLU O 231 29.89 29.86 -4.62
N THR O 232 28.87 30.15 -3.82
CA THR O 232 29.07 31.07 -2.70
C THR O 232 29.49 30.38 -1.41
N GLY O 233 29.13 29.10 -1.24
CA GLY O 233 29.42 28.41 -0.01
C GLY O 233 28.42 28.65 1.11
N GLU O 234 27.39 29.44 0.87
CA GLU O 234 26.33 29.66 1.83
C GLU O 234 25.10 28.86 1.43
N ILE O 235 24.31 28.46 2.43
CA ILE O 235 23.08 27.72 2.16
C ILE O 235 22.07 28.66 1.52
N LYS O 236 21.51 28.21 0.40
CA LYS O 236 20.55 29.06 -0.35
C LYS O 236 19.18 28.37 -0.37
N GLY O 237 18.17 29.07 -0.87
CA GLY O 237 16.83 28.54 -0.93
C GLY O 237 15.94 29.35 -1.85
N HIS O 238 14.83 28.75 -2.24
CA HIS O 238 13.84 29.39 -3.09
C HIS O 238 12.45 28.96 -2.64
N TYR O 239 11.58 29.94 -2.40
CA TYR O 239 10.18 29.65 -1.96
C TYR O 239 9.41 29.02 -3.12
N LEU O 240 9.43 27.69 -3.22
CA LEU O 240 8.70 27.00 -4.32
C LEU O 240 7.20 27.00 -4.01
N ASN O 241 6.37 27.50 -4.94
CA ASN O 241 4.92 27.62 -4.68
C ASN O 241 4.25 26.24 -4.76
N ALA O 242 3.73 25.73 -3.64
CA ALA O 242 3.01 24.48 -3.64
C ALA O 242 1.51 24.67 -3.76
N THR O 243 1.03 25.91 -3.81
CA THR O 243 -0.40 26.18 -3.85
C THR O 243 -1.03 25.56 -5.08
N ALA O 244 -2.07 24.77 -4.88
CA ALA O 244 -2.63 23.96 -5.96
C ALA O 244 -4.13 23.87 -5.80
N ALA O 245 -4.78 23.23 -6.78
CA ALA O 245 -6.25 23.10 -6.78
C ALA O 245 -6.70 22.10 -5.71
N THR O 246 -6.06 20.94 -5.63
CA THR O 246 -6.50 19.89 -4.67
C THR O 246 -5.39 19.64 -3.65
N ALA O 247 -5.77 19.21 -2.44
CA ALA O 247 -4.77 18.94 -1.39
C ALA O 247 -3.80 17.87 -1.90
N GLU O 248 -4.31 16.93 -2.69
CA GLU O 248 -3.44 15.88 -3.21
C GLU O 248 -2.34 16.45 -4.10
N GLU O 249 -2.70 17.37 -4.98
CA GLU O 249 -1.72 18.01 -5.84
C GLU O 249 -0.72 18.84 -5.04
N MET O 250 -1.20 19.55 -4.02
CA MET O 250 -0.32 20.34 -3.16
C MET O 250 0.68 19.46 -2.43
N LEU O 251 0.20 18.34 -1.89
CA LEU O 251 1.11 17.40 -1.23
C LEU O 251 2.07 16.77 -2.22
N LYS O 252 1.65 16.54 -3.46
CA LYS O 252 2.57 16.02 -4.47
C LYS O 252 3.68 17.02 -4.77
N ARG O 253 3.35 18.31 -4.86
CA ARG O 253 4.38 19.31 -5.09
C ARG O 253 5.33 19.42 -3.89
N ALA O 254 4.79 19.35 -2.68
CA ALA O 254 5.64 19.32 -1.50
C ALA O 254 6.55 18.10 -1.51
N GLU O 255 6.01 16.96 -1.96
CA GLU O 255 6.79 15.74 -2.04
C GLU O 255 7.92 15.85 -3.04
N CYS O 256 7.66 16.50 -4.19
CA CYS O 256 8.72 16.74 -5.15
C CYS O 256 9.81 17.62 -4.56
N ALA O 257 9.42 18.68 -3.85
CA ALA O 257 10.40 19.54 -3.20
C ALA O 257 11.23 18.76 -2.20
N LYS O 258 10.58 17.87 -1.43
CA LYS O 258 11.30 17.04 -0.48
C LYS O 258 12.27 16.09 -1.19
N ASP O 259 11.86 15.56 -2.34
CA ASP O 259 12.71 14.59 -3.10
C ASP O 259 13.91 15.31 -3.74
N LEU O 260 13.76 16.59 -4.07
CA LEU O 260 14.89 17.35 -4.57
C LEU O 260 15.87 17.78 -3.48
N GLY O 261 15.48 17.71 -2.22
CA GLY O 261 16.34 18.15 -1.14
C GLY O 261 16.39 19.65 -0.93
N VAL O 262 15.55 20.41 -1.62
CA VAL O 262 15.53 21.86 -1.52
C VAL O 262 14.99 22.25 -0.15
N PRO O 263 15.32 23.43 0.36
CA PRO O 263 14.98 23.74 1.75
C PRO O 263 13.54 24.16 2.05
N ILE O 264 12.87 24.89 1.17
CA ILE O 264 11.67 25.64 1.56
C ILE O 264 10.64 25.65 0.43
N ILE O 265 9.36 25.71 0.82
CA ILE O 265 8.25 25.87 -0.10
C ILE O 265 7.37 27.04 0.37
N MET O 266 6.35 27.34 -0.42
CA MET O 266 5.48 28.49 -0.20
C MET O 266 4.02 28.06 -0.31
N HIS O 267 3.14 28.80 0.37
CA HIS O 267 1.71 28.51 0.31
C HIS O 267 0.92 29.80 0.46
N ASP O 268 -0.24 29.86 -0.20
CA ASP O 268 -1.19 30.96 -0.08
C ASP O 268 -2.32 30.49 0.83
N TYR O 269 -2.24 30.84 2.10
CA TYR O 269 -3.17 30.25 3.07
C TYR O 269 -4.57 30.85 3.02
N LEU O 270 -4.68 32.12 2.66
CA LEU O 270 -6.03 32.77 2.68
C LEU O 270 -6.81 32.39 1.42
N THR O 271 -6.13 31.91 0.38
CA THR O 271 -6.83 31.47 -0.85
C THR O 271 -6.90 29.94 -0.89
N GLY O 272 -5.83 29.26 -0.46
CA GLY O 272 -5.85 27.79 -0.39
C GLY O 272 -6.75 27.29 0.72
N GLY O 273 -6.76 28.01 1.85
CA GLY O 273 -7.63 27.63 2.98
C GLY O 273 -6.83 27.13 4.18
N PHE O 274 -7.40 27.26 5.38
CA PHE O 274 -6.69 26.82 6.62
C PHE O 274 -6.53 25.30 6.61
N THR O 275 -7.54 24.59 6.10
CA THR O 275 -7.48 23.10 6.07
C THR O 275 -6.29 22.67 5.22
N ALA O 276 -6.12 23.26 4.04
CA ALA O 276 -4.97 22.92 3.16
C ALA O 276 -3.67 23.36 3.84
N ASN O 277 -3.66 24.55 4.46
CA ASN O 277 -2.43 25.06 5.12
C ASN O 277 -2.03 24.10 6.25
N THR O 278 -2.98 23.69 7.09
CA THR O 278 -2.64 22.82 8.21
C THR O 278 -2.08 21.50 7.73
N SER O 279 -2.64 20.96 6.65
CA SER O 279 -2.06 19.74 6.07
C SER O 279 -0.63 19.97 5.62
N LEU O 280 -0.37 21.09 4.95
CA LEU O 280 0.97 21.37 4.47
C LEU O 280 1.94 21.59 5.63
N ALA O 281 1.49 22.26 6.69
CA ALA O 281 2.36 22.49 7.84
C ALA O 281 2.69 21.18 8.56
N HIS O 282 1.71 20.28 8.69
CA HIS O 282 2.00 18.97 9.27
C HIS O 282 2.99 18.20 8.41
N TYR O 283 2.80 18.25 7.09
CA TYR O 283 3.75 17.59 6.19
C TYR O 283 5.15 18.15 6.33
N CYS O 284 5.25 19.48 6.40
CA CYS O 284 6.56 20.13 6.49
C CYS O 284 7.26 19.79 7.79
N ARG O 285 6.51 19.72 8.90
CA ARG O 285 7.09 19.26 10.15
C ARG O 285 7.56 17.81 10.04
N ASP O 286 6.76 16.96 9.39
CA ASP O 286 7.14 15.55 9.26
C ASP O 286 8.38 15.35 8.41
N ASN O 287 8.58 16.17 7.39
CA ASN O 287 9.64 15.91 6.42
C ASN O 287 10.76 16.94 6.46
N GLY O 288 10.77 17.81 7.46
CA GLY O 288 11.84 18.78 7.61
C GLY O 288 11.92 19.83 6.52
N LEU O 289 10.80 20.41 6.12
CA LEU O 289 10.76 21.47 5.14
C LEU O 289 10.31 22.77 5.80
N LEU O 290 10.91 23.87 5.35
CA LEU O 290 10.48 25.21 5.82
C LEU O 290 9.23 25.58 5.02
N LEU O 291 8.40 26.48 5.55
CA LEU O 291 7.13 26.86 4.93
C LEU O 291 6.97 28.38 4.97
N HIS O 292 7.03 29.01 3.81
CA HIS O 292 6.77 30.44 3.69
C HIS O 292 5.31 30.64 3.32
N ILE O 293 4.67 31.60 3.99
CA ILE O 293 3.25 31.84 3.84
C ILE O 293 3.04 33.21 3.23
N HIS O 294 2.29 33.26 2.14
CA HIS O 294 1.92 34.50 1.49
C HIS O 294 0.44 34.79 1.73
N ARG O 295 0.14 36.04 2.05
CA ARG O 295 -1.21 36.43 2.44
C ARG O 295 -1.96 37.05 1.25
N ALA O 296 -2.19 36.22 0.24
CA ALA O 296 -2.99 36.66 -0.90
C ALA O 296 -4.45 36.86 -0.48
N MET O 297 -5.08 37.91 -1.03
CA MET O 297 -6.53 38.17 -0.75
C MET O 297 -6.74 38.69 0.68
N HIS O 298 -5.68 39.17 1.34
CA HIS O 298 -5.81 39.62 2.75
C HIS O 298 -6.56 40.96 2.80
N ALA O 299 -6.24 41.89 1.88
CA ALA O 299 -6.86 43.23 1.90
C ALA O 299 -8.36 43.14 1.71
N VAL O 300 -8.84 42.05 1.09
CA VAL O 300 -10.31 41.87 0.92
C VAL O 300 -10.95 41.73 2.31
N ILE O 301 -10.17 41.39 3.34
CA ILE O 301 -10.75 41.15 4.69
C ILE O 301 -10.17 42.11 5.74
N ASP O 302 -8.94 42.60 5.55
CA ASP O 302 -8.31 43.41 6.63
C ASP O 302 -8.00 44.85 6.21
N ARG O 303 -8.66 45.38 5.18
CA ARG O 303 -8.29 46.74 4.72
C ARG O 303 -9.18 47.80 5.38
N GLN O 304 -10.50 47.64 5.30
CA GLN O 304 -11.40 48.66 5.83
C GLN O 304 -11.40 48.66 7.35
N ARG O 305 -11.32 49.85 7.93
CA ARG O 305 -11.25 50.00 9.38
C ARG O 305 -12.55 49.62 10.07
N ASN O 306 -13.70 49.73 9.39
CA ASN O 306 -15.00 49.51 10.06
C ASN O 306 -15.48 48.07 9.92
N HIS O 307 -15.09 47.38 8.85
CA HIS O 307 -15.61 46.04 8.60
C HIS O 307 -14.46 45.09 8.34
N GLY O 308 -14.63 43.84 8.76
CA GLY O 308 -13.66 42.80 8.45
C GLY O 308 -12.94 42.22 9.66
N ILE O 309 -11.81 41.57 9.41
CA ILE O 309 -10.99 40.98 10.45
C ILE O 309 -9.61 41.61 10.36
N HIS O 310 -9.12 42.14 11.48
CA HIS O 310 -7.81 42.78 11.49
C HIS O 310 -6.72 41.77 11.19
N PHE O 311 -5.68 42.21 10.48
CA PHE O 311 -4.59 41.28 10.07
C PHE O 311 -4.00 40.54 11.28
N ARG O 312 -3.99 41.17 12.45
CA ARG O 312 -3.35 40.54 13.63
C ARG O 312 -4.05 39.21 13.93
N VAL O 313 -5.37 39.15 13.76
CA VAL O 313 -6.14 37.88 14.00
C VAL O 313 -5.73 36.86 12.94
N LEU O 314 -5.58 37.30 11.69
CA LEU O 314 -5.15 36.40 10.59
C LEU O 314 -3.72 35.91 10.86
N ALA O 315 -2.87 36.79 11.40
CA ALA O 315 -1.48 36.40 11.74
C ALA O 315 -1.48 35.36 12.86
N LYS O 316 -2.35 35.52 13.85
CA LYS O 316 -2.44 34.54 14.97
C LYS O 316 -3.02 33.22 14.44
N ALA O 317 -4.00 33.30 13.54
CA ALA O 317 -4.53 32.08 12.93
C ALA O 317 -3.47 31.36 12.11
N LEU O 318 -2.60 32.13 11.44
CA LEU O 318 -1.51 31.52 10.64
C LEU O 318 -0.52 30.85 11.59
N ARG O 319 -0.13 31.54 12.68
CA ARG O 319 0.82 30.97 13.61
C ARG O 319 0.27 29.68 14.23
N LEU O 320 -1.02 29.65 14.53
CA LEU O 320 -1.63 28.42 15.03
C LEU O 320 -1.61 27.33 13.96
N SER O 321 -2.08 27.66 12.76
CA SER O 321 -2.14 26.67 11.69
C SER O 321 -0.76 26.20 11.28
N GLY O 322 0.20 27.11 11.20
CA GLY O 322 1.55 26.75 10.85
C GLY O 322 2.14 27.56 9.71
N GLY O 323 3.28 28.18 9.95
CA GLY O 323 4.04 28.83 8.92
C GLY O 323 5.34 29.40 9.47
N ASP O 324 6.45 29.14 8.79
CA ASP O 324 7.73 29.63 9.28
C ASP O 324 7.93 31.10 8.94
N HIS O 325 7.48 31.53 7.76
CA HIS O 325 7.48 32.92 7.37
C HIS O 325 6.06 33.34 7.06
N LEU O 326 5.79 34.65 7.25
CA LEU O 326 4.46 35.19 6.90
C LEU O 326 4.63 36.61 6.37
N HIS O 327 4.39 36.81 5.07
CA HIS O 327 4.46 38.15 4.48
C HIS O 327 3.59 39.09 5.30
N SER O 328 4.22 40.06 5.97
CA SER O 328 3.54 40.82 7.00
C SER O 328 3.41 42.30 6.71
N GLY O 329 4.03 42.82 5.67
CA GLY O 329 3.91 44.25 5.40
C GLY O 329 4.52 44.62 4.07
N THR O 330 4.16 45.81 3.58
CA THR O 330 4.73 46.32 2.31
C THR O 330 5.55 47.57 2.62
N VAL O 331 6.60 47.84 1.83
CA VAL O 331 7.51 48.99 2.12
C VAL O 331 7.43 50.01 0.98
N VAL O 332 6.29 50.11 0.30
CA VAL O 332 6.12 51.14 -0.77
C VAL O 332 6.59 52.49 -0.22
N GLY O 333 7.67 53.05 -0.78
CA GLY O 333 8.21 54.27 -0.25
C GLY O 333 8.85 54.02 1.11
N LYS O 334 8.01 53.69 2.10
CA LYS O 334 8.50 53.33 3.45
C LYS O 334 7.57 52.25 4.01
N LEU O 335 7.90 51.66 5.17
CA LEU O 335 6.97 50.68 5.77
C LEU O 335 5.59 51.36 5.92
N GLU O 336 4.57 50.83 5.27
CA GLU O 336 3.23 51.46 5.29
C GLU O 336 2.45 51.01 6.53
N GLY O 337 1.42 51.78 6.92
CA GLY O 337 0.61 51.43 8.10
C GLY O 337 1.18 52.01 9.38
N GLU O 338 0.33 52.20 10.41
CA GLU O 338 0.83 52.71 11.72
C GLU O 338 1.96 51.80 12.20
N ARG O 339 3.10 52.40 12.58
CA ARG O 339 4.26 51.61 13.07
C ARG O 339 3.84 50.79 14.28
N GLU O 340 3.14 51.40 15.24
CA GLU O 340 2.78 50.70 16.49
C GLU O 340 1.94 49.45 16.16
N VAL O 341 0.97 49.59 15.25
CA VAL O 341 0.12 48.43 14.85
C VAL O 341 1.03 47.34 14.25
N THR O 342 1.92 47.73 13.35
CA THR O 342 2.86 46.75 12.73
C THR O 342 3.67 46.09 13.84
N LEU O 343 4.29 46.89 14.72
CA LEU O 343 5.12 46.34 15.82
C LEU O 343 4.26 45.39 16.65
N GLY O 344 3.01 45.78 16.93
CA GLY O 344 2.11 44.93 17.74
C GLY O 344 1.94 43.56 17.12
N PHE O 345 1.58 43.48 15.84
CA PHE O 345 1.30 42.15 15.23
C PHE O 345 2.62 41.43 14.95
N VAL O 346 3.72 42.17 14.80
CA VAL O 346 5.05 41.52 14.64
C VAL O 346 5.41 40.86 15.98
N ASP O 347 5.21 41.59 17.08
CA ASP O 347 5.46 40.98 18.38
C ASP O 347 4.50 39.82 18.65
N LEU O 348 3.24 39.98 18.23
CA LEU O 348 2.26 38.92 18.44
C LEU O 348 2.65 37.65 17.67
N MET O 349 3.22 37.81 16.48
CA MET O 349 3.62 36.66 15.68
C MET O 349 5.04 36.18 15.96
N ARG O 350 5.81 36.90 16.77
CA ARG O 350 7.19 36.53 17.06
C ARG O 350 7.41 36.07 18.49
N ASP O 351 7.00 36.87 19.47
CA ASP O 351 7.35 36.63 20.86
C ASP O 351 6.53 35.49 21.45
N ASP O 352 6.93 35.04 22.65
CA ASP O 352 6.21 33.94 23.33
C ASP O 352 5.14 34.53 24.27
N TYR O 353 5.36 35.74 24.76
CA TYR O 353 4.41 36.33 25.74
C TYR O 353 4.22 37.81 25.43
N ILE O 354 3.03 38.18 24.96
CA ILE O 354 2.75 39.60 24.59
C ILE O 354 1.70 40.14 25.56
N GLU O 355 2.08 41.13 26.37
CA GLU O 355 1.14 41.74 27.36
C GLU O 355 0.16 42.66 26.63
N LYS O 356 -1.03 42.88 27.22
CA LYS O 356 -2.05 43.76 26.60
C LYS O 356 -1.47 45.16 26.39
N ASP O 357 -1.59 45.72 25.18
CA ASP O 357 -1.11 47.09 24.90
C ASP O 357 -2.05 47.73 23.88
N ARG O 358 -3.03 48.52 24.33
CA ARG O 358 -4.04 49.09 23.40
C ARG O 358 -3.37 50.09 22.46
N SER O 359 -2.25 50.68 22.86
CA SER O 359 -1.52 51.63 21.98
C SER O 359 -1.08 50.92 20.69
N ARG O 360 -0.67 49.65 20.81
CA ARG O 360 -0.17 48.90 19.62
C ARG O 360 -1.28 47.96 19.10
N GLY O 361 -2.46 48.01 19.69
CA GLY O 361 -3.60 47.21 19.19
C GLY O 361 -3.70 45.84 19.84
N ILE O 362 -2.93 45.61 20.91
CA ILE O 362 -3.03 44.32 21.64
C ILE O 362 -4.17 44.45 22.65
N TYR O 363 -5.32 43.81 22.39
CA TYR O 363 -6.51 43.95 23.27
C TYR O 363 -6.43 42.91 24.39
N PHE O 364 -5.56 41.91 24.26
CA PHE O 364 -5.48 40.84 25.27
C PHE O 364 -4.05 40.33 25.45
N THR O 365 -3.69 39.91 26.66
CA THR O 365 -2.39 39.28 26.86
C THR O 365 -2.40 37.90 26.20
N GLN O 366 -1.40 37.64 25.37
CA GLN O 366 -1.32 36.41 24.59
C GLN O 366 -0.13 35.58 25.07
N ASP O 367 -0.42 34.45 25.69
CA ASP O 367 0.59 33.48 26.07
C ASP O 367 0.62 32.41 24.99
N TRP O 368 1.81 32.17 24.43
CA TRP O 368 1.96 31.22 23.34
C TRP O 368 2.48 29.86 23.82
N VAL O 369 2.71 29.70 25.12
CA VAL O 369 3.24 28.50 25.76
C VAL O 369 4.21 27.74 24.85
N SER O 370 5.28 28.42 24.44
CA SER O 370 6.41 27.82 23.75
C SER O 370 6.09 27.34 22.35
N LEU O 371 5.01 27.86 21.75
CA LEU O 371 4.77 27.62 20.34
C LEU O 371 5.83 28.34 19.51
N PRO O 372 6.35 27.71 18.46
CA PRO O 372 7.40 28.36 17.65
C PRO O 372 6.89 29.65 17.03
N GLY O 373 7.77 30.66 17.01
CA GLY O 373 7.41 31.92 16.42
C GLY O 373 7.48 31.91 14.91
N THR O 374 6.80 32.88 14.31
CA THR O 374 6.76 33.05 12.86
C THR O 374 7.60 34.26 12.49
N MET O 375 8.41 34.11 11.45
CA MET O 375 9.28 35.21 11.02
C MET O 375 8.51 36.16 10.11
N PRO O 376 8.39 37.43 10.45
CA PRO O 376 7.71 38.37 9.56
C PRO O 376 8.55 38.68 8.34
N VAL O 377 7.87 38.79 7.19
CA VAL O 377 8.56 39.10 5.91
C VAL O 377 8.02 40.42 5.36
N ALA O 378 8.86 41.47 5.36
CA ALA O 378 8.48 42.76 4.82
C ALA O 378 8.94 42.84 3.37
N SER O 379 7.97 43.01 2.46
CA SER O 379 8.31 42.98 1.01
C SER O 379 8.01 44.33 0.36
N GLY O 380 8.24 44.45 -0.94
CA GLY O 380 7.93 45.69 -1.66
C GLY O 380 9.17 46.39 -2.19
N GLY O 381 9.12 47.71 -2.31
CA GLY O 381 10.23 48.47 -2.82
C GLY O 381 11.27 48.83 -1.78
N ILE O 382 12.07 47.82 -1.38
CA ILE O 382 13.13 48.05 -0.36
C ILE O 382 14.34 48.68 -1.05
N HIS O 383 14.40 50.02 -1.10
CA HIS O 383 15.54 50.66 -1.71
C HIS O 383 16.73 50.65 -0.75
N VAL O 384 17.93 50.84 -1.31
CA VAL O 384 19.14 50.63 -0.54
C VAL O 384 19.21 51.62 0.64
N TRP O 385 18.91 52.89 0.38
CA TRP O 385 18.97 53.88 1.45
C TRP O 385 17.81 53.74 2.45
N HIS O 386 16.83 52.89 2.19
CA HIS O 386 15.76 52.64 3.13
C HIS O 386 16.02 51.44 4.02
N MET O 387 17.12 50.72 3.79
CA MET O 387 17.46 49.59 4.64
C MET O 387 17.66 49.94 6.11
N PRO O 388 18.33 51.05 6.48
CA PRO O 388 18.50 51.32 7.92
C PRO O 388 17.19 51.44 8.68
N ALA O 389 16.18 52.06 8.08
CA ALA O 389 14.90 52.22 8.75
C ALA O 389 14.26 50.87 9.05
N LEU O 390 14.25 49.97 8.06
CA LEU O 390 13.62 48.68 8.27
C LEU O 390 14.44 47.81 9.21
N VAL O 391 15.77 47.92 9.17
CA VAL O 391 16.59 47.17 10.12
C VAL O 391 16.32 47.65 11.54
N GLU O 392 16.15 48.96 11.73
CA GLU O 392 15.81 49.47 13.05
C GLU O 392 14.43 49.01 13.50
N ILE O 393 13.45 49.04 12.59
CA ILE O 393 12.05 48.70 12.97
C ILE O 393 11.90 47.20 13.25
N PHE O 394 12.51 46.35 12.43
CA PHE O 394 12.28 44.92 12.55
C PHE O 394 13.34 44.19 13.36
N GLY O 395 14.59 44.63 13.26
CA GLY O 395 15.67 43.93 13.95
C GLY O 395 16.27 42.83 13.10
N ASP O 396 16.75 41.76 13.74
CA ASP O 396 17.36 40.67 13.02
C ASP O 396 16.38 39.57 12.63
N ASP O 397 15.30 39.41 13.38
CA ASP O 397 14.38 38.30 13.15
C ASP O 397 13.29 38.68 12.14
N ALA O 398 13.73 38.98 10.92
CA ALA O 398 12.80 39.29 9.84
C ALA O 398 13.50 39.06 8.52
N CYS O 399 12.68 38.88 7.48
CA CYS O 399 13.17 38.75 6.11
C CYS O 399 12.71 39.96 5.32
N LEU O 400 13.69 40.66 4.74
CA LEU O 400 13.40 41.82 3.87
C LEU O 400 13.31 41.27 2.45
N GLN O 401 12.20 41.54 1.76
CA GLN O 401 11.96 40.97 0.44
C GLN O 401 11.97 42.06 -0.61
N PHE O 402 12.76 41.86 -1.67
CA PHE O 402 12.80 42.79 -2.79
C PHE O 402 11.82 42.31 -3.86
N GLY O 403 10.53 42.45 -3.54
CA GLY O 403 9.47 42.01 -4.42
C GLY O 403 9.40 42.78 -5.72
N GLY O 404 10.09 43.92 -5.79
CA GLY O 404 10.22 44.61 -7.06
C GLY O 404 11.11 43.92 -8.06
N GLY O 405 11.77 42.84 -7.66
CA GLY O 405 12.66 42.14 -8.56
C GLY O 405 14.01 42.79 -8.75
N THR O 406 14.28 43.82 -7.93
CA THR O 406 15.53 44.62 -8.03
C THR O 406 15.68 45.13 -9.47
N LEU O 407 16.72 44.68 -10.18
CA LEU O 407 16.95 45.06 -11.61
C LEU O 407 17.28 46.55 -11.75
N GLY O 408 17.19 47.32 -10.67
CA GLY O 408 17.55 48.72 -10.73
C GLY O 408 19.03 48.97 -10.76
N HIS O 409 19.81 47.93 -10.47
CA HIS O 409 21.29 48.06 -10.50
C HIS O 409 21.76 47.97 -11.96
N PRO O 410 22.46 48.99 -12.49
CA PRO O 410 22.86 48.99 -13.92
C PRO O 410 23.75 47.83 -14.31
N TRP O 411 24.42 47.19 -13.35
CA TRP O 411 25.37 46.14 -13.71
C TRP O 411 24.68 44.80 -13.95
N GLY O 412 23.74 44.42 -13.09
CA GLY O 412 23.03 43.18 -13.28
C GLY O 412 22.30 42.76 -12.01
N ASN O 413 21.73 41.56 -12.07
CA ASN O 413 21.00 41.03 -10.92
C ASN O 413 21.95 40.67 -9.78
N ALA O 414 23.03 39.95 -10.10
CA ALA O 414 24.00 39.50 -9.06
C ALA O 414 24.62 40.68 -8.33
N PRO O 415 25.22 41.71 -8.98
CA PRO O 415 25.78 42.87 -8.26
C PRO O 415 24.70 43.62 -7.45
N GLY O 416 23.48 43.71 -7.97
CA GLY O 416 22.39 44.35 -7.22
C GLY O 416 22.12 43.60 -5.93
N ALA O 417 22.10 42.27 -6.00
CA ALA O 417 21.91 41.43 -4.79
C ALA O 417 23.07 41.70 -3.82
N ALA O 418 24.30 41.76 -4.34
CA ALA O 418 25.49 42.01 -3.50
C ALA O 418 25.36 43.37 -2.81
N ALA O 419 25.00 44.40 -3.59
CA ALA O 419 24.83 45.76 -3.01
C ALA O 419 23.85 45.67 -1.84
N ASN O 420 22.70 45.02 -2.06
CA ASN O 420 21.68 44.89 -0.99
C ASN O 420 22.32 44.17 0.22
N ARG O 421 23.01 43.05 -0.03
CA ARG O 421 23.61 42.32 1.08
C ARG O 421 24.64 43.18 1.82
N VAL O 422 25.46 43.92 1.07
CA VAL O 422 26.44 44.79 1.68
C VAL O 422 25.77 45.86 2.52
N ALA O 423 24.69 46.45 2.00
CA ALA O 423 23.97 47.48 2.75
C ALA O 423 23.38 46.92 4.03
N LEU O 424 22.75 45.75 3.94
CA LEU O 424 22.15 45.15 5.13
C LEU O 424 23.22 44.83 6.17
N GLU O 425 24.34 44.25 5.75
CA GLU O 425 25.38 43.91 6.70
C GLU O 425 26.00 45.15 7.32
N ALA O 426 26.19 46.22 6.53
CA ALA O 426 26.73 47.45 7.08
C ALA O 426 25.79 48.08 8.09
N CYS O 427 24.48 48.08 7.80
CA CYS O 427 23.51 48.61 8.75
C CYS O 427 23.50 47.79 10.02
N THR O 428 23.55 46.46 9.91
CA THR O 428 23.57 45.62 11.09
C THR O 428 24.81 45.87 11.92
N GLN O 429 25.97 46.00 11.27
CA GLN O 429 27.20 46.25 12.00
C GLN O 429 27.14 47.60 12.72
N ALA O 430 26.60 48.62 12.05
CA ALA O 430 26.47 49.93 12.69
C ALA O 430 25.53 49.86 13.88
N ARG O 431 24.41 49.15 13.75
CA ARG O 431 23.49 49.03 14.87
C ARG O 431 24.12 48.30 16.04
N ASN O 432 24.93 47.28 15.76
CA ASN O 432 25.60 46.54 16.83
C ASN O 432 26.63 47.40 17.56
N GLU O 433 27.16 48.43 16.91
CA GLU O 433 28.16 49.30 17.53
C GLU O 433 27.56 50.35 18.44
N GLY O 434 26.24 50.45 18.50
CA GLY O 434 25.58 51.48 19.29
C GLY O 434 25.13 52.68 18.51
N ARG O 435 25.22 52.65 17.19
CA ARG O 435 24.76 53.76 16.36
C ARG O 435 23.23 53.83 16.36
N ASP O 436 22.72 55.04 16.15
CA ASP O 436 21.29 55.28 16.03
C ASP O 436 20.94 55.28 14.54
N LEU O 437 20.35 54.19 14.07
CA LEU O 437 20.14 54.02 12.64
C LEU O 437 19.21 55.07 12.07
N ALA O 438 18.15 55.42 12.81
CA ALA O 438 17.19 56.40 12.33
C ALA O 438 17.82 57.77 12.10
N ARG O 439 18.99 58.03 12.70
CA ARG O 439 19.68 59.30 12.54
C ARG O 439 20.93 59.22 11.68
N GLU O 440 21.56 58.05 11.58
CA GLU O 440 22.82 57.93 10.85
C GLU O 440 22.75 56.90 9.73
N GLY O 441 21.55 56.59 9.24
CA GLY O 441 21.42 55.61 8.17
C GLY O 441 22.12 56.04 6.90
N GLY O 442 21.95 57.32 6.52
CA GLY O 442 22.63 57.83 5.34
C GLY O 442 24.14 57.80 5.47
N ASP O 443 24.64 58.17 6.65
CA ASP O 443 26.08 58.13 6.88
C ASP O 443 26.62 56.71 6.77
N VAL O 444 25.90 55.75 7.36
CA VAL O 444 26.33 54.36 7.30
C VAL O 444 26.31 53.86 5.86
N ILE O 445 25.25 54.20 5.12
CA ILE O 445 25.16 53.77 3.72
C ILE O 445 26.31 54.35 2.90
N ARG O 446 26.58 55.64 3.10
CA ARG O 446 27.68 56.30 2.35
C ARG O 446 29.01 55.63 2.71
N ALA O 447 29.25 55.40 4.01
CA ALA O 447 30.52 54.80 4.42
C ALA O 447 30.70 53.41 3.83
N ALA O 448 29.61 52.65 3.76
CA ALA O 448 29.68 51.31 3.14
C ALA O 448 29.94 51.47 1.63
N CYS O 449 29.32 52.47 1.01
CA CYS O 449 29.48 52.69 -0.42
C CYS O 449 30.90 53.12 -0.76
N LYS O 450 31.60 53.74 0.20
CA LYS O 450 32.97 54.24 -0.06
C LYS O 450 33.89 53.08 -0.45
N TRP O 451 33.61 51.86 0.01
CA TRP O 451 34.52 50.71 -0.25
C TRP O 451 33.82 49.65 -1.12
N SER O 452 32.53 49.81 -1.40
CA SER O 452 31.81 48.79 -2.17
C SER O 452 31.51 49.31 -3.57
N PRO O 453 32.23 48.86 -4.60
CA PRO O 453 31.88 49.28 -5.97
C PRO O 453 30.47 48.88 -6.36
N GLU O 454 29.99 47.72 -5.90
CA GLU O 454 28.65 47.29 -6.24
C GLU O 454 27.60 48.21 -5.63
N LEU O 455 27.81 48.61 -4.36
CA LEU O 455 26.90 49.55 -3.73
C LEU O 455 27.03 50.96 -4.31
N ALA O 456 28.19 51.30 -4.86
CA ALA O 456 28.36 52.61 -5.48
C ALA O 456 27.44 52.78 -6.68
N ALA O 457 27.34 51.74 -7.51
CA ALA O 457 26.42 51.78 -8.63
C ALA O 457 24.97 51.65 -8.20
N ALA O 458 24.73 51.23 -6.96
CA ALA O 458 23.35 51.09 -6.45
C ALA O 458 22.93 52.36 -5.74
N CYS O 459 23.84 53.00 -5.01
CA CYS O 459 23.52 54.21 -4.26
C CYS O 459 23.23 55.40 -5.16
N GLU O 460 23.62 55.34 -6.43
CA GLU O 460 23.32 56.40 -7.38
C GLU O 460 21.92 56.26 -7.93
N GLN P 45 29.95 46.02 -14.27
CA GLN P 45 30.91 45.03 -13.72
C GLN P 45 30.20 43.71 -13.52
N VAL P 46 30.95 42.61 -13.38
CA VAL P 46 30.33 41.26 -13.27
C VAL P 46 30.77 40.59 -11.96
N TRP P 47 29.82 40.20 -11.11
CA TRP P 47 30.16 39.46 -9.87
C TRP P 47 31.00 38.24 -10.26
N THR P 48 32.20 38.11 -9.69
CA THR P 48 33.09 36.98 -10.10
C THR P 48 32.60 35.67 -9.49
N PRO P 49 32.45 34.57 -10.26
CA PRO P 49 32.06 33.28 -9.69
C PRO P 49 33.30 32.43 -9.38
N LEU P 50 34.49 33.01 -9.49
CA LEU P 50 35.74 32.24 -9.28
C LEU P 50 36.37 32.62 -7.93
N ASN P 51 36.62 31.64 -7.07
CA ASN P 51 37.27 31.91 -5.76
C ASN P 51 36.58 33.07 -5.05
N ASN P 52 35.24 33.03 -4.95
CA ASN P 52 34.49 34.09 -4.25
C ASN P 52 33.60 33.44 -3.19
N LYS P 53 34.21 32.76 -2.20
CA LYS P 53 33.43 32.08 -1.13
C LYS P 53 33.07 33.09 -0.04
N PHE P 54 31.97 32.84 0.69
CA PHE P 54 31.56 33.75 1.74
C PHE P 54 31.13 32.95 2.95
N PHE P 55 31.15 33.60 4.12
CA PHE P 55 30.86 32.87 5.39
C PHE P 55 29.74 33.56 6.18
N GLU P 56 28.57 33.75 5.55
CA GLU P 56 27.38 34.30 6.26
C GLU P 56 27.57 35.72 6.81
N THR P 57 27.28 35.94 8.09
CA THR P 57 27.26 37.31 8.67
C THR P 57 28.57 38.09 8.53
N PHE P 58 28.48 39.37 8.14
CA PHE P 58 29.62 40.29 8.06
C PHE P 58 30.69 39.81 7.10
N SER P 59 30.41 38.78 6.29
CA SER P 59 31.39 38.28 5.34
C SER P 59 31.51 39.16 4.10
N TYR P 60 30.51 40.00 3.83
CA TYR P 60 30.51 40.89 2.68
C TYR P 60 31.08 42.27 3.01
N LEU P 61 31.44 42.52 4.24
CA LEU P 61 32.17 43.72 4.61
C LEU P 61 33.67 43.49 4.48
N PRO P 62 34.52 44.54 4.40
CA PRO P 62 35.97 44.33 4.39
C PRO P 62 36.42 43.61 5.67
N PRO P 63 37.56 42.91 5.67
CA PRO P 63 38.02 42.15 6.85
C PRO P 63 37.98 43.07 8.09
N MET P 64 37.39 42.59 9.19
CA MET P 64 37.23 43.46 10.38
C MET P 64 38.57 43.60 11.12
N THR P 65 38.86 44.80 11.63
CA THR P 65 40.09 45.03 12.38
C THR P 65 39.89 44.57 13.83
N ASP P 66 40.95 44.71 14.62
CA ASP P 66 40.86 44.30 16.02
C ASP P 66 39.84 45.13 16.79
N ALA P 67 39.81 46.44 16.52
CA ALA P 67 38.83 47.30 17.19
C ALA P 67 37.40 46.93 16.80
N GLU P 68 37.16 46.62 15.53
CA GLU P 68 35.81 46.25 15.11
C GLU P 68 35.37 44.92 15.70
N ILE P 69 36.30 43.95 15.73
CA ILE P 69 35.97 42.65 16.37
C ILE P 69 35.65 42.94 17.84
N SER P 70 36.49 43.75 18.50
CA SER P 70 36.27 44.06 19.90
C SER P 70 34.91 44.69 20.13
N ARG P 71 34.50 45.61 19.26
CA ARG P 71 33.19 46.24 19.41
C ARG P 71 32.07 45.23 19.21
N GLN P 72 32.22 44.31 18.26
CA GLN P 72 31.20 43.29 18.07
C GLN P 72 31.11 42.36 19.27
N VAL P 73 32.25 41.99 19.84
CA VAL P 73 32.23 41.13 21.03
C VAL P 73 31.63 41.88 22.22
N ASP P 74 31.91 43.17 22.34
CA ASP P 74 31.28 43.98 23.38
C ASP P 74 29.79 44.05 23.19
N TYR P 75 29.32 44.13 21.95
CA TYR P 75 27.88 44.10 21.71
C TYR P 75 27.28 42.77 22.14
N ILE P 76 27.96 41.67 21.85
CA ILE P 76 27.48 40.36 22.27
C ILE P 76 27.42 40.27 23.79
N VAL P 77 28.47 40.75 24.46
CA VAL P 77 28.53 40.68 25.92
C VAL P 77 27.47 41.58 26.55
N SER P 78 27.23 42.75 25.94
CA SER P 78 26.25 43.72 26.49
C SER P 78 24.87 43.08 26.56
N ASN P 79 24.49 42.32 25.52
CA ASN P 79 23.17 41.70 25.50
C ASN P 79 23.01 40.61 26.54
N GLY P 80 24.08 40.22 27.21
CA GLY P 80 24.03 39.13 28.16
C GLY P 80 24.43 37.79 27.59
N TRP P 81 25.02 37.77 26.40
CA TRP P 81 25.34 36.52 25.70
C TRP P 81 26.81 36.17 25.89
N THR P 82 27.12 34.89 25.63
CA THR P 82 28.46 34.37 25.80
C THR P 82 29.16 34.27 24.45
N PRO P 83 30.32 34.89 24.27
CA PRO P 83 31.07 34.71 23.02
C PRO P 83 32.06 33.55 23.10
N CYS P 84 32.19 32.84 21.98
CA CYS P 84 33.16 31.76 21.85
C CYS P 84 33.74 31.82 20.45
N LEU P 85 34.72 30.95 20.21
CA LEU P 85 35.44 30.97 18.92
C LEU P 85 35.32 29.62 18.21
N GLU P 86 34.99 29.67 16.92
CA GLU P 86 34.95 28.44 16.09
C GLU P 86 36.04 28.57 15.04
N PHE P 87 36.63 27.44 14.62
CA PHE P 87 37.66 27.45 13.59
C PHE P 87 37.53 26.19 12.74
N ALA P 88 37.92 26.32 11.48
CA ALA P 88 37.93 25.18 10.57
C ALA P 88 38.91 25.45 9.44
N GLY P 89 39.64 24.40 9.05
CA GLY P 89 40.50 24.50 7.89
C GLY P 89 39.70 24.55 6.61
N ALA P 90 40.42 24.75 5.50
CA ALA P 90 39.76 24.93 4.21
C ALA P 90 39.01 23.69 3.77
N GLU P 91 39.43 22.51 4.24
CA GLU P 91 38.77 21.27 3.83
C GLU P 91 37.41 21.08 4.50
N SER P 92 37.17 21.72 5.63
CA SER P 92 35.89 21.56 6.33
C SER P 92 35.28 22.92 6.69
N ALA P 93 35.47 23.91 5.83
CA ALA P 93 34.93 25.24 6.08
C ALA P 93 33.65 25.52 5.31
N TYR P 94 33.54 25.04 4.09
CA TYR P 94 32.38 25.29 3.24
C TYR P 94 31.37 24.15 3.37
N THR P 95 30.10 24.47 3.13
CA THR P 95 29.06 23.47 3.17
C THR P 95 29.25 22.44 2.07
N SER P 96 28.85 21.20 2.35
CA SER P 96 29.05 20.11 1.41
C SER P 96 27.98 19.05 1.63
N ASN P 97 27.85 18.16 0.66
CA ASN P 97 26.91 17.06 0.69
C ASN P 97 27.61 15.72 0.73
N GLU P 98 28.71 15.62 1.49
CA GLU P 98 29.52 14.41 1.45
C GLU P 98 28.81 13.23 2.11
N ASN P 99 28.05 13.48 3.16
CA ASN P 99 27.39 12.40 3.90
C ASN P 99 25.97 12.12 3.43
N CYS P 100 25.46 12.88 2.46
CA CYS P 100 24.14 12.62 1.92
C CYS P 100 24.05 11.26 1.24
N VAL P 101 25.19 10.66 0.88
CA VAL P 101 25.20 9.34 0.28
C VAL P 101 24.70 8.27 1.23
N ARG P 102 24.71 8.52 2.53
CA ARG P 102 24.28 7.55 3.52
C ARG P 102 22.80 7.66 3.87
N MET P 103 22.07 8.57 3.24
CA MET P 103 20.72 8.89 3.67
C MET P 103 19.69 8.52 2.60
N GLN P 104 18.49 8.24 3.09
CA GLN P 104 17.38 7.93 2.17
C GLN P 104 16.24 8.88 2.51
N ASN P 105 15.07 8.64 1.92
CA ASN P 105 13.87 9.44 2.15
C ASN P 105 14.06 10.88 1.72
N THR P 106 14.88 11.64 2.43
CA THR P 106 15.12 13.03 2.08
C THR P 106 16.44 13.47 2.70
N THR P 107 17.00 14.55 2.15
CA THR P 107 18.14 15.25 2.72
C THR P 107 17.84 16.72 2.95
N CYS P 108 16.57 17.09 3.03
CA CYS P 108 16.18 18.48 3.20
C CYS P 108 16.75 19.05 4.49
N LEU P 109 17.36 20.23 4.38
CA LEU P 109 17.90 20.96 5.57
C LEU P 109 19.11 20.25 6.19
N TYR P 110 19.69 19.26 5.49
CA TYR P 110 20.93 18.66 5.96
C TYR P 110 22.08 19.15 5.11
N TYR P 111 23.10 19.69 5.76
CA TYR P 111 24.32 20.11 5.09
C TYR P 111 25.49 19.82 6.00
N ASP P 112 26.60 19.42 5.39
CA ASP P 112 27.81 19.14 6.14
C ASP P 112 28.60 20.42 6.39
N ASN P 113 29.49 20.36 7.37
CA ASN P 113 30.37 21.46 7.75
C ASN P 113 29.62 22.66 8.32
N ARG P 114 28.34 22.50 8.67
CA ARG P 114 27.67 23.57 9.41
C ARG P 114 28.30 23.75 10.78
N TYR P 115 28.70 22.64 11.41
CA TYR P 115 29.45 22.69 12.66
C TYR P 115 30.93 22.94 12.39
N TRP P 116 31.50 23.91 13.08
CA TRP P 116 32.94 24.07 13.14
C TRP P 116 33.43 23.49 14.47
N THR P 117 34.71 23.72 14.76
CA THR P 117 35.31 23.17 16.01
C THR P 117 35.43 24.29 17.04
N MET P 118 34.99 24.04 18.27
CA MET P 118 35.06 25.08 19.34
C MET P 118 36.52 25.30 19.74
N TRP P 119 36.87 26.55 20.03
CA TRP P 119 38.27 26.88 20.42
C TRP P 119 38.34 27.10 21.93
N CYS P 126 35.71 34.05 28.10
CA CYS P 126 34.47 34.58 27.54
C CYS P 126 33.84 35.60 28.49
N THR P 127 34.55 36.70 28.73
CA THR P 127 34.10 37.75 29.63
C THR P 127 33.97 39.12 28.99
N ASP P 128 34.85 39.45 28.03
CA ASP P 128 34.87 40.79 27.45
C ASP P 128 35.54 40.72 26.08
N GLY P 129 35.62 41.87 25.42
CA GLY P 129 36.19 41.91 24.09
C GLY P 129 37.68 41.62 24.07
N GLY P 130 38.41 42.11 25.07
CA GLY P 130 39.86 41.90 25.09
C GLY P 130 40.24 40.43 25.20
N GLN P 131 39.54 39.68 26.05
CA GLN P 131 39.85 38.26 26.19
C GLN P 131 39.56 37.49 24.91
N VAL P 132 38.45 37.79 24.26
CA VAL P 132 38.12 37.12 23.00
C VAL P 132 39.12 37.50 21.92
N LEU P 133 39.59 38.75 21.92
CA LEU P 133 40.63 39.13 20.97
C LEU P 133 41.92 38.38 21.23
N ARG P 134 42.31 38.24 22.50
CA ARG P 134 43.51 37.47 22.82
C ARG P 134 43.36 36.02 22.35
N GLU P 135 42.18 35.45 22.57
CA GLU P 135 41.93 34.09 22.08
C GLU P 135 41.93 34.02 20.57
N VAL P 136 41.51 35.08 19.89
CA VAL P 136 41.57 35.11 18.43
C VAL P 136 43.02 35.07 17.95
N GLN P 137 43.88 35.87 18.58
CA GLN P 137 45.31 35.81 18.24
C GLN P 137 45.90 34.43 18.57
N ALA P 138 45.51 33.85 19.69
CA ALA P 138 46.02 32.52 20.04
C ALA P 138 45.59 31.48 19.00
N CYS P 139 44.33 31.53 18.57
CA CYS P 139 43.85 30.60 17.55
C CYS P 139 44.55 30.84 16.22
N ARG P 140 44.81 32.11 15.88
CA ARG P 140 45.54 32.43 14.67
C ARG P 140 46.94 31.81 14.70
N ARG P 141 47.64 31.95 15.82
CA ARG P 141 48.97 31.37 15.92
C ARG P 141 48.92 29.86 15.86
N ALA P 142 47.97 29.23 16.55
CA ALA P 142 47.91 27.78 16.61
C ALA P 142 47.50 27.18 15.27
N PHE P 143 46.51 27.80 14.62
CA PHE P 143 46.00 27.31 13.32
C PHE P 143 46.01 28.46 12.30
N PRO P 144 47.16 28.75 11.65
CA PRO P 144 47.25 29.89 10.73
C PRO P 144 46.46 29.70 9.43
N ASP P 145 46.19 28.45 9.05
CA ASP P 145 45.48 28.17 7.77
C ASP P 145 44.00 27.85 8.04
N ALA P 146 43.44 28.40 9.12
CA ALA P 146 42.05 28.08 9.48
C ALA P 146 41.19 29.34 9.58
N TYR P 147 39.94 29.28 9.10
CA TYR P 147 39.02 30.42 9.25
C TYR P 147 38.56 30.45 10.71
N ILE P 148 38.50 31.64 11.31
CA ILE P 148 38.01 31.76 12.72
C ILE P 148 36.64 32.45 12.71
N ARG P 149 35.70 31.92 13.50
CA ARG P 149 34.33 32.50 13.55
C ARG P 149 33.93 32.78 15.00
N VAL P 150 33.45 33.99 15.28
CA VAL P 150 32.98 34.34 16.62
C VAL P 150 31.51 33.97 16.73
N VAL P 151 31.17 33.17 17.72
CA VAL P 151 29.80 32.73 17.93
C VAL P 151 29.28 33.31 19.24
N GLY P 152 27.97 33.51 19.29
CA GLY P 152 27.32 34.01 20.49
C GLY P 152 26.26 33.02 20.96
N PHE P 153 26.15 32.86 22.28
CA PHE P 153 25.17 31.89 22.83
C PHE P 153 24.34 32.57 23.93
N ASP P 154 23.02 32.60 23.77
CA ASP P 154 22.15 33.15 24.84
C ASP P 154 22.13 32.13 25.98
N PRO P 155 22.60 32.48 27.20
CA PRO P 155 22.69 31.50 28.29
C PRO P 155 21.32 31.10 28.85
N VAL P 156 20.31 31.93 28.66
CA VAL P 156 18.96 31.63 29.22
C VAL P 156 18.21 30.71 28.25
N ARG P 157 18.10 31.11 26.99
CA ARG P 157 17.34 30.31 25.98
C ARG P 157 18.18 29.10 25.55
N GLN P 158 19.48 29.10 25.85
CA GLN P 158 20.37 27.99 25.43
C GLN P 158 20.28 27.83 23.91
N VAL P 159 20.39 28.94 23.17
CA VAL P 159 20.34 28.88 21.67
C VAL P 159 21.50 29.71 21.13
N GLN P 160 21.96 29.42 19.90
CA GLN P 160 23.03 30.28 19.31
C GLN P 160 22.36 31.55 18.79
N VAL P 161 22.91 32.72 19.14
CA VAL P 161 22.33 33.99 18.73
C VAL P 161 23.24 34.80 17.82
N SER P 162 24.49 34.38 17.69
CA SER P 162 25.47 35.17 16.88
C SER P 162 26.43 34.23 16.16
N GLY P 163 27.00 34.70 15.04
CA GLY P 163 27.96 33.88 14.27
C GLY P 163 28.53 34.67 13.10
N PHE P 164 29.71 35.27 13.29
CA PHE P 164 30.36 36.07 12.21
C PHE P 164 31.84 35.69 12.07
N LEU P 165 32.33 35.60 10.82
CA LEU P 165 33.75 35.25 10.57
C LEU P 165 34.63 36.45 10.95
N VAL P 166 35.78 36.18 11.57
CA VAL P 166 36.69 37.28 12.01
C VAL P 166 38.09 37.04 11.44
N ASN P 167 38.30 35.92 10.75
CA ASN P 167 39.65 35.60 10.22
C ASN P 167 39.56 34.79 8.93
N ARG P 168 40.33 35.18 7.90
CA ARG P 168 40.39 34.41 6.63
C ARG P 168 41.86 34.05 6.40
N PRO P 169 42.25 32.75 6.33
CA PRO P 169 43.66 32.39 6.21
C PRO P 169 44.28 32.97 4.94
N ALA P 170 45.36 33.73 5.08
CA ALA P 170 46.05 34.32 3.91
C ALA P 170 46.46 33.19 2.94
N SER P 171 46.89 32.06 3.48
CA SER P 171 47.34 30.92 2.64
C SER P 171 46.21 30.50 1.68
N VAL P 172 44.99 30.39 2.19
CA VAL P 172 43.86 29.92 1.34
C VAL P 172 43.41 31.07 0.43
N ARG P 173 43.07 30.76 -0.83
CA ARG P 173 42.67 31.82 -1.80
C ARG P 173 41.32 31.45 -2.40
N ASP P 174 40.40 30.96 -1.58
CA ASP P 174 39.05 30.56 -2.07
C ASP P 174 38.10 31.76 -1.95
N TYR P 175 38.62 32.91 -1.54
CA TYR P 175 37.75 34.10 -1.32
C TYR P 175 38.34 35.32 -2.05
N GLN P 176 37.51 36.31 -2.36
CA GLN P 176 37.98 37.54 -3.05
C GLN P 176 38.10 38.68 -2.05
N GLY P 177 38.47 39.88 -2.53
CA GLY P 177 38.54 41.07 -1.66
C GLY P 177 37.45 42.06 -2.04
N PRO P 178 37.12 43.07 -1.19
CA PRO P 178 36.01 43.98 -1.48
C PRO P 178 36.04 44.56 -2.91
N SER P 179 37.24 44.78 -3.46
CA SER P 179 37.36 45.39 -4.82
C SER P 179 37.47 44.31 -5.90
N THR P 180 37.85 43.09 -5.53
CA THR P 180 38.05 42.01 -6.53
C THR P 180 36.80 41.15 -6.63
N ARG P 181 35.74 41.50 -5.91
CA ARG P 181 34.46 40.73 -5.95
C ARG P 181 33.77 40.96 -7.30
N SER P 182 34.06 42.07 -7.96
CA SER P 182 33.48 42.33 -9.31
C SER P 182 34.60 42.51 -10.35
N VAL P 183 34.43 41.94 -11.54
CA VAL P 183 35.48 42.01 -12.59
C VAL P 183 34.85 42.51 -13.91
#